data_7DXD
#
_entry.id   7DXD
#
loop_
_entity.id
_entity.type
_entity.pdbx_description
1 polymer 'Short transient receptor potential channel 3'
2 non-polymer 'CHOLESTEROL HEMISUCCINATE'
3 non-polymer 'ZINC ION'
4 non-polymer 'CALCIUM ION'
#
_entity_poly.entity_id   1
_entity_poly.type   'polypeptide(L)'
_entity_poly.pdbx_seq_one_letter_code
;MREKGRRQAVRGPAFMFNDRGTSLTAEEERFLDAAEYGNIPVVRKMLEESKTLNVNCVDYMGQNALQLAVGNEHLEVTEL
LLKKENLARIGDALLLAISKGYVRIVEAILNHPGFAASKRLTLSPCEQELQDDDFYAYDEDGTRFSPDITPIILAAHCQK
YEVVHMLLMKGARIERPHDYFCKCGDCMEKQRHDSFSHSRSRINAYKGLASPAYLSLSSEDPVLTALELSNELAKLANIE
KEFKNDYRKLSMQCKDFVVGVLDLCRDSEEVEAILNGDLESAEPLEVHRHKASLSRVKLAIKYEVKKFVAHPNCQQQLLT
IWYENLSGLREQTIAIKCLVVLVVALGLPFLAIGYWIAPCSRLGKILRSPFMKFVAHAASFIIFLGLLVFNASDRFEGIT
TLPNITVTDYPKQIFRVKTTQFTWTEMLIMVWVLGMMWSECKELWLEGPREYILQLWNVLDFGMLSIFIAAFTARFLAFL
QATKAQQYVDSYVQESDLSEVTLPPEIQYFTYARDKWLPSDPQIISEGLYAIAVVLSFSRIAYILPANESFGPLQISLGR
TVKDIFKFMVLFIMVFFAFMIGMFILYSYYLGAKVNAAFTTVEESFKTLFWSIFGLSEVTSVVLKYDHKFIENIGYVLYG
IYNVTMVVVLLNMLIAMINSSYQEIEDDSDVEWKFARSKLWLSYFDDGKTLPPPFSLVPSPKSFVYFIMRIVNFPKCRRR
RLQKDIEMGMGNSKSRLNLFTQSNSRVFESHSFNSILNQPTRYQQIMKRLIKRYVLKAQVDKENDEVNEGELKEIKQDIS
SLRYELLEDKSQATEELAILIHKLSEKLNPSMLRCE
;
_entity_poly.pdbx_strand_id   A,B,C,D
#
loop_
_chem_comp.id
_chem_comp.type
_chem_comp.name
_chem_comp.formula
CA non-polymer 'CALCIUM ION' 'Ca 2'
Y01 non-polymer 'CHOLESTEROL HEMISUCCINATE' 'C31 H50 O4'
ZN non-polymer 'ZINC ION' 'Zn 2'
#
# COMPACT_ATOMS: atom_id res chain seq x y z
N GLY A 12 -6.51 49.44 -0.73
CA GLY A 12 -7.05 48.21 -0.17
C GLY A 12 -6.01 47.11 -0.08
N PRO A 13 -5.73 46.45 -1.21
CA PRO A 13 -4.70 45.41 -1.21
C PRO A 13 -3.32 46.04 -1.07
N ALA A 14 -2.52 45.51 -0.15
CA ALA A 14 -1.20 46.07 0.08
C ALA A 14 -0.19 45.55 -0.94
N PHE A 15 -0.60 45.55 -2.22
CA PHE A 15 0.26 45.37 -3.37
C PHE A 15 -0.51 45.74 -4.62
N MET A 16 0.06 46.61 -5.47
CA MET A 16 -0.59 47.07 -6.69
C MET A 16 0.25 46.64 -7.88
N PHE A 17 -0.34 45.83 -8.77
CA PHE A 17 0.36 45.25 -9.90
C PHE A 17 0.03 45.92 -11.22
N ASN A 18 -0.80 46.96 -11.23
CA ASN A 18 -1.14 47.65 -12.47
C ASN A 18 -0.36 48.96 -12.60
N THR A 22 -5.07 56.30 -9.07
CA THR A 22 -5.54 56.36 -10.45
C THR A 22 -5.81 54.97 -11.00
N SER A 23 -6.97 54.78 -11.62
CA SER A 23 -7.32 53.49 -12.19
C SER A 23 -7.81 53.65 -13.62
N LEU A 24 -6.87 53.99 -14.51
CA LEU A 24 -7.13 54.16 -15.93
C LEU A 24 -8.25 55.15 -16.24
N THR A 25 -9.12 54.76 -17.16
CA THR A 25 -10.25 55.57 -17.59
C THR A 25 -11.43 54.66 -17.91
N ALA A 26 -12.64 55.23 -17.89
CA ALA A 26 -13.85 54.48 -18.21
C ALA A 26 -13.69 53.81 -19.58
N GLU A 27 -13.20 54.58 -20.55
CA GLU A 27 -12.99 54.07 -21.90
C GLU A 27 -11.92 52.99 -21.91
N GLU A 28 -10.85 53.17 -21.15
CA GLU A 28 -9.80 52.15 -21.10
C GLU A 28 -10.31 50.87 -20.44
N GLU A 29 -11.13 51.00 -19.39
CA GLU A 29 -11.72 49.83 -18.76
C GLU A 29 -12.64 49.08 -19.72
N ARG A 30 -13.43 49.83 -20.48
CA ARG A 30 -14.31 49.24 -21.48
C ARG A 30 -13.50 48.53 -22.57
N PHE A 31 -12.39 49.13 -22.98
CA PHE A 31 -11.54 48.52 -24.00
C PHE A 31 -10.87 47.26 -23.49
N LEU A 32 -10.43 47.26 -22.23
CA LEU A 32 -9.83 46.06 -21.66
C LEU A 32 -10.87 44.95 -21.51
N ASP A 33 -12.10 45.31 -21.13
CA ASP A 33 -13.18 44.33 -21.09
C ASP A 33 -13.44 43.74 -22.47
N ALA A 34 -13.44 44.59 -23.51
CA ALA A 34 -13.70 44.11 -24.86
C ALA A 34 -12.55 43.23 -25.37
N ALA A 35 -11.32 43.57 -24.98
CA ALA A 35 -10.17 42.79 -25.44
C ALA A 35 -10.09 41.44 -24.73
N GLU A 36 -10.40 41.41 -23.43
CA GLU A 36 -10.29 40.16 -22.68
C GLU A 36 -11.39 39.19 -23.07
N TYR A 37 -12.62 39.67 -23.22
CA TYR A 37 -13.77 38.82 -23.48
C TYR A 37 -14.10 38.71 -24.98
N GLY A 38 -13.17 39.11 -25.83
CA GLY A 38 -13.31 38.85 -27.26
C GLY A 38 -14.42 39.60 -27.96
N ASN A 39 -14.67 40.85 -27.58
CA ASN A 39 -15.69 41.67 -28.24
C ASN A 39 -15.04 42.34 -29.45
N ILE A 40 -14.94 41.56 -30.52
CA ILE A 40 -14.22 42.02 -31.72
C ILE A 40 -14.76 43.33 -32.29
N PRO A 41 -16.06 43.50 -32.49
CA PRO A 41 -16.54 44.78 -33.06
C PRO A 41 -16.15 45.99 -32.23
N VAL A 42 -16.23 45.88 -30.91
CA VAL A 42 -15.92 47.02 -30.05
C VAL A 42 -14.44 47.35 -30.12
N VAL A 43 -13.56 46.34 -30.09
CA VAL A 43 -12.14 46.61 -30.15
C VAL A 43 -11.76 47.20 -31.51
N ARG A 44 -12.40 46.73 -32.58
CA ARG A 44 -12.11 47.29 -33.90
C ARG A 44 -12.55 48.75 -33.97
N LYS A 45 -13.77 49.04 -33.51
CA LYS A 45 -14.27 50.41 -33.48
C LYS A 45 -13.33 51.32 -32.70
N MET A 46 -12.92 50.89 -31.52
CA MET A 46 -12.06 51.72 -30.69
C MET A 46 -10.69 51.93 -31.34
N LEU A 47 -10.05 50.85 -31.79
CA LEU A 47 -8.76 51.00 -32.46
C LEU A 47 -8.86 51.89 -33.68
N GLU A 48 -10.03 51.94 -34.32
CA GLU A 48 -10.17 52.78 -35.51
C GLU A 48 -10.35 54.25 -35.14
N GLU A 49 -11.24 54.57 -34.19
CA GLU A 49 -11.69 55.94 -34.07
C GLU A 49 -11.72 56.46 -32.64
N SER A 50 -11.00 55.84 -31.70
CA SER A 50 -10.99 56.37 -30.34
C SER A 50 -10.16 57.65 -30.25
N LYS A 51 -8.88 57.57 -30.55
CA LYS A 51 -7.97 58.71 -30.66
C LYS A 51 -7.64 59.35 -29.32
N THR A 52 -8.30 58.92 -28.26
CA THR A 52 -7.91 59.27 -26.90
C THR A 52 -7.36 58.08 -26.14
N LEU A 53 -7.78 56.87 -26.50
CA LEU A 53 -7.34 55.66 -25.86
C LEU A 53 -5.94 55.27 -26.32
N ASN A 54 -5.17 54.70 -25.41
CA ASN A 54 -3.87 54.13 -25.72
C ASN A 54 -3.96 52.62 -25.59
N VAL A 55 -3.40 51.91 -26.57
CA VAL A 55 -3.51 50.46 -26.61
C VAL A 55 -2.74 49.79 -25.49
N ASN A 56 -1.84 50.52 -24.82
CA ASN A 56 -1.01 49.96 -23.77
C ASN A 56 -1.62 50.15 -22.38
N CYS A 57 -2.92 50.43 -22.29
CA CYS A 57 -3.59 50.43 -21.00
C CYS A 57 -3.54 49.03 -20.39
N VAL A 58 -3.62 48.98 -19.07
CA VAL A 58 -3.16 47.82 -18.30
C VAL A 58 -4.26 47.30 -17.40
N ASP A 59 -4.39 45.97 -17.36
CA ASP A 59 -5.32 45.27 -16.47
C ASP A 59 -4.87 45.44 -15.01
N TYR A 60 -5.69 44.94 -14.09
CA TYR A 60 -5.31 44.97 -12.67
C TYR A 60 -4.13 44.06 -12.36
N MET A 61 -3.85 43.09 -13.25
CA MET A 61 -2.73 42.17 -13.07
C MET A 61 -1.50 42.56 -13.86
N GLY A 62 -1.47 43.77 -14.41
CA GLY A 62 -0.35 44.17 -15.25
C GLY A 62 -0.38 43.59 -16.65
N GLN A 63 -1.56 43.49 -17.26
CA GLN A 63 -1.75 42.85 -18.55
C GLN A 63 -2.36 43.84 -19.52
N ASN A 64 -1.62 44.19 -20.57
CA ASN A 64 -2.17 45.08 -21.59
C ASN A 64 -3.13 44.31 -22.49
N ALA A 65 -3.71 45.00 -23.47
CA ALA A 65 -4.75 44.42 -24.30
C ALA A 65 -4.26 43.20 -25.06
N LEU A 66 -3.02 43.26 -25.57
CA LEU A 66 -2.50 42.14 -26.34
C LEU A 66 -2.35 40.89 -25.48
N GLN A 67 -1.84 41.05 -24.25
CA GLN A 67 -1.70 39.90 -23.36
C GLN A 67 -3.05 39.33 -22.98
N LEU A 68 -4.04 40.18 -22.74
CA LEU A 68 -5.38 39.70 -22.42
C LEU A 68 -5.98 38.93 -23.59
N ALA A 69 -5.82 39.45 -24.81
CA ALA A 69 -6.38 38.78 -25.99
C ALA A 69 -5.69 37.44 -26.23
N VAL A 70 -4.37 37.39 -26.05
CA VAL A 70 -3.66 36.13 -26.28
C VAL A 70 -3.98 35.11 -25.20
N GLY A 71 -4.11 35.56 -23.95
CA GLY A 71 -4.39 34.65 -22.84
C GLY A 71 -5.76 34.00 -22.90
N ASN A 72 -6.70 34.60 -23.63
CA ASN A 72 -8.04 34.04 -23.79
C ASN A 72 -8.28 33.48 -25.18
N GLU A 73 -7.23 33.41 -26.02
CA GLU A 73 -7.31 32.82 -27.34
C GLU A 73 -8.33 33.54 -28.22
N HIS A 74 -8.19 34.85 -28.32
CA HIS A 74 -9.00 35.67 -29.22
C HIS A 74 -8.12 36.02 -30.42
N LEU A 75 -8.14 35.16 -31.43
CA LEU A 75 -7.23 35.31 -32.56
C LEU A 75 -7.56 36.56 -33.38
N GLU A 76 -8.85 36.85 -33.57
CA GLU A 76 -9.22 38.03 -34.36
C GLU A 76 -8.86 39.31 -33.61
N VAL A 77 -9.10 39.36 -32.30
CA VAL A 77 -8.68 40.51 -31.51
C VAL A 77 -7.16 40.65 -31.55
N THR A 78 -6.44 39.52 -31.52
CA THR A 78 -4.99 39.55 -31.61
C THR A 78 -4.54 40.13 -32.95
N GLU A 79 -5.16 39.71 -34.05
CA GLU A 79 -4.80 40.25 -35.36
C GLU A 79 -5.11 41.74 -35.44
N LEU A 80 -6.22 42.17 -34.84
CA LEU A 80 -6.54 43.59 -34.82
C LEU A 80 -5.52 44.38 -34.03
N LEU A 81 -5.07 43.83 -32.90
CA LEU A 81 -4.11 44.56 -32.07
C LEU A 81 -2.73 44.60 -32.70
N LEU A 82 -2.34 43.52 -33.39
CA LEU A 82 -1.00 43.45 -33.97
C LEU A 82 -0.80 44.49 -35.06
N LYS A 83 -1.88 44.91 -35.72
CA LYS A 83 -1.77 45.94 -36.74
C LYS A 83 -1.60 47.34 -36.15
N LYS A 84 -1.86 47.51 -34.86
CA LYS A 84 -1.72 48.81 -34.21
C LYS A 84 -0.24 49.08 -33.96
N GLU A 85 0.30 50.10 -34.62
CA GLU A 85 1.69 50.47 -34.41
C GLU A 85 1.92 50.83 -32.94
N ASN A 86 3.20 50.75 -32.54
CA ASN A 86 3.66 51.03 -31.17
C ASN A 86 2.88 50.25 -30.11
N LEU A 87 2.36 49.07 -30.46
CA LEU A 87 1.79 48.17 -29.46
C LEU A 87 2.92 47.47 -28.71
N ALA A 88 2.78 47.37 -27.40
CA ALA A 88 3.83 46.82 -26.54
C ALA A 88 3.52 45.38 -26.16
N ARG A 89 4.49 44.76 -25.48
CA ARG A 89 4.36 43.41 -24.91
C ARG A 89 4.12 42.37 -25.99
N ILE A 90 4.86 42.47 -27.09
CA ILE A 90 4.70 41.52 -28.18
C ILE A 90 5.52 40.25 -27.94
N GLY A 91 6.75 40.40 -27.44
CA GLY A 91 7.56 39.23 -27.14
C GLY A 91 6.93 38.33 -26.09
N ASP A 92 6.42 38.95 -25.02
CA ASP A 92 5.71 38.16 -24.02
C ASP A 92 4.41 37.59 -24.56
N ALA A 93 3.76 38.29 -25.49
CA ALA A 93 2.59 37.71 -26.13
C ALA A 93 2.95 36.42 -26.86
N LEU A 94 4.07 36.44 -27.60
CA LEU A 94 4.53 35.22 -28.26
C LEU A 94 4.83 34.14 -27.24
N LEU A 95 5.52 34.49 -26.15
CA LEU A 95 5.88 33.49 -25.15
C LEU A 95 4.63 32.88 -24.52
N LEU A 96 3.63 33.69 -24.21
CA LEU A 96 2.40 33.19 -23.61
C LEU A 96 1.63 32.30 -24.58
N ALA A 97 1.53 32.71 -25.85
CA ALA A 97 0.85 31.90 -26.84
C ALA A 97 1.56 30.57 -27.04
N ILE A 98 2.89 30.57 -26.98
CA ILE A 98 3.65 29.33 -27.08
C ILE A 98 3.39 28.44 -25.86
N SER A 99 3.37 29.04 -24.67
CA SER A 99 3.11 28.27 -23.46
C SER A 99 1.74 27.60 -23.50
N LYS A 100 0.72 28.34 -23.94
CA LYS A 100 -0.62 27.77 -24.02
C LYS A 100 -0.84 26.92 -25.26
N GLY A 101 0.12 26.90 -26.20
CA GLY A 101 -0.01 26.08 -27.37
C GLY A 101 -0.96 26.59 -28.43
N TYR A 102 -1.22 27.90 -28.46
CA TYR A 102 -2.12 28.48 -29.45
C TYR A 102 -1.35 28.67 -30.75
N VAL A 103 -1.40 27.65 -31.61
CA VAL A 103 -0.56 27.62 -32.80
C VAL A 103 -0.86 28.79 -33.73
N ARG A 104 -2.14 29.08 -33.94
CA ARG A 104 -2.52 30.14 -34.87
C ARG A 104 -2.13 31.52 -34.35
N ILE A 105 -2.30 31.74 -33.04
CA ILE A 105 -1.88 33.01 -32.46
C ILE A 105 -0.36 33.15 -32.51
N VAL A 106 0.36 32.04 -32.32
CA VAL A 106 1.81 32.07 -32.47
C VAL A 106 2.19 32.46 -33.90
N GLU A 107 1.52 31.88 -34.88
CA GLU A 107 1.79 32.23 -36.28
C GLU A 107 1.50 33.70 -36.55
N ALA A 108 0.40 34.21 -35.99
CA ALA A 108 0.05 35.62 -36.20
C ALA A 108 1.09 36.53 -35.56
N ILE A 109 1.58 36.19 -34.37
CA ILE A 109 2.56 37.03 -33.70
C ILE A 109 3.90 36.97 -34.43
N LEU A 110 4.28 35.80 -34.93
CA LEU A 110 5.56 35.66 -35.63
C LEU A 110 5.61 36.44 -36.93
N ASN A 111 4.46 36.74 -37.54
CA ASN A 111 4.43 37.53 -38.76
C ASN A 111 4.51 39.03 -38.50
N HIS A 112 4.65 39.44 -37.24
CA HIS A 112 4.79 40.84 -36.89
C HIS A 112 6.19 41.34 -37.23
N PRO A 113 6.33 42.61 -37.60
CA PRO A 113 7.67 43.17 -37.89
C PRO A 113 8.68 42.97 -36.78
N GLY A 114 8.24 42.84 -35.52
CA GLY A 114 9.17 42.63 -34.43
C GLY A 114 9.97 41.34 -34.55
N PHE A 115 9.38 40.32 -35.16
CA PHE A 115 10.06 39.05 -35.37
C PHE A 115 10.49 38.82 -36.81
N ALA A 116 9.77 39.39 -37.78
CA ALA A 116 10.09 39.19 -39.19
C ALA A 116 11.41 39.88 -39.54
N ALA A 117 11.54 41.16 -39.19
CA ALA A 117 12.75 41.90 -39.53
C ALA A 117 13.93 41.49 -38.64
N SER A 118 13.73 41.50 -37.33
CA SER A 118 14.81 41.17 -36.42
C SER A 118 15.08 39.66 -36.42
N LYS A 119 16.17 39.28 -35.74
CA LYS A 119 16.59 37.89 -35.62
C LYS A 119 16.37 37.39 -34.18
N ARG A 120 15.24 37.77 -33.59
CA ARG A 120 14.99 37.46 -32.18
C ARG A 120 15.04 35.96 -31.92
N LEU A 121 14.51 35.15 -32.83
CA LEU A 121 14.41 33.72 -32.59
C LEU A 121 15.73 33.00 -32.79
N THR A 122 16.61 33.52 -33.66
CA THR A 122 17.85 32.83 -33.96
C THR A 122 18.91 33.08 -32.90
N LEU A 123 19.03 34.32 -32.41
CA LEU A 123 20.08 34.66 -31.45
C LEU A 123 19.87 33.93 -30.14
N SER A 124 20.98 33.64 -29.46
CA SER A 124 20.96 32.84 -28.25
C SER A 124 20.28 33.59 -27.10
N PRO A 125 19.90 32.89 -26.03
CA PRO A 125 19.39 33.60 -24.85
C PRO A 125 20.37 34.60 -24.27
N CYS A 126 21.67 34.28 -24.31
CA CYS A 126 22.67 35.20 -23.77
C CYS A 126 22.80 36.45 -24.64
N GLU A 127 22.69 36.29 -25.97
CA GLU A 127 22.74 37.46 -26.86
C GLU A 127 21.51 38.33 -26.69
N GLN A 128 20.35 37.73 -26.41
CA GLN A 128 19.16 38.52 -26.08
C GLN A 128 19.34 39.22 -24.73
N GLU A 129 20.01 38.56 -23.78
CA GLU A 129 20.15 39.10 -22.43
C GLU A 129 21.20 40.21 -22.36
N LEU A 130 22.18 40.21 -23.27
CA LEU A 130 23.21 41.24 -23.22
C LEU A 130 22.63 42.62 -23.50
N GLN A 131 21.75 42.71 -24.49
CA GLN A 131 20.97 43.93 -24.70
C GLN A 131 19.79 43.94 -23.74
N ASP A 132 19.57 45.07 -23.07
CA ASP A 132 18.42 45.12 -22.18
C ASP A 132 17.14 44.95 -22.99
N ASP A 133 16.80 45.96 -23.79
CA ASP A 133 15.86 45.86 -24.92
C ASP A 133 14.46 45.44 -24.49
N ASP A 134 14.31 44.97 -23.26
CA ASP A 134 13.04 44.60 -22.63
C ASP A 134 12.03 44.02 -23.61
N PHE A 135 12.45 43.08 -24.45
CA PHE A 135 11.55 42.58 -25.50
C PHE A 135 10.57 41.55 -24.94
N TYR A 136 11.05 40.60 -24.15
CA TYR A 136 10.20 39.59 -23.56
C TYR A 136 9.68 39.99 -22.18
N ALA A 137 9.92 41.22 -21.76
CA ALA A 137 9.33 41.72 -20.53
C ALA A 137 7.85 42.00 -20.74
N TYR A 138 7.02 41.60 -19.77
CA TYR A 138 5.59 41.78 -19.84
C TYR A 138 5.07 42.91 -18.96
N ASP A 139 5.89 43.42 -18.06
CA ASP A 139 5.46 44.50 -17.16
C ASP A 139 6.63 45.48 -17.02
N GLU A 140 6.55 46.34 -16.02
CA GLU A 140 7.60 47.33 -15.80
C GLU A 140 8.95 46.68 -15.51
N ASP A 141 8.95 45.50 -14.88
CA ASP A 141 10.18 44.92 -14.36
C ASP A 141 10.00 43.40 -14.27
N GLY A 142 10.61 42.68 -15.21
CA GLY A 142 10.64 41.24 -15.17
C GLY A 142 10.03 40.60 -16.42
N THR A 143 10.23 39.29 -16.51
CA THR A 143 9.70 38.47 -17.58
C THR A 143 8.81 37.38 -17.01
N ARG A 144 7.87 36.90 -17.82
CA ARG A 144 6.88 35.94 -17.33
C ARG A 144 7.53 34.63 -16.94
N PHE A 145 8.36 34.07 -17.80
CA PHE A 145 9.14 32.88 -17.51
C PHE A 145 10.58 33.30 -17.24
N SER A 146 11.44 32.32 -17.00
CA SER A 146 12.84 32.60 -16.70
C SER A 146 13.47 33.37 -17.86
N PRO A 147 14.34 34.35 -17.58
CA PRO A 147 14.91 35.16 -18.67
C PRO A 147 15.69 34.33 -19.69
N ASP A 148 16.21 33.18 -19.30
CA ASP A 148 16.94 32.33 -20.23
C ASP A 148 16.03 31.48 -21.10
N ILE A 149 14.76 31.35 -20.74
CA ILE A 149 13.82 30.51 -21.48
C ILE A 149 13.43 31.26 -22.76
N THR A 150 14.02 30.86 -23.87
CA THR A 150 13.70 31.42 -25.17
C THR A 150 12.44 30.77 -25.73
N PRO A 151 11.86 31.32 -26.80
CA PRO A 151 10.68 30.67 -27.40
C PRO A 151 10.86 29.19 -27.71
N ILE A 152 12.01 28.80 -28.26
CA ILE A 152 12.23 27.39 -28.60
C ILE A 152 12.31 26.53 -27.34
N ILE A 153 13.00 27.04 -26.30
CA ILE A 153 13.11 26.28 -25.05
C ILE A 153 11.75 26.13 -24.40
N LEU A 154 10.93 27.20 -24.42
CA LEU A 154 9.60 27.12 -23.84
C LEU A 154 8.71 26.14 -24.60
N ALA A 155 8.76 26.20 -25.94
CA ALA A 155 7.98 25.26 -26.74
C ALA A 155 8.40 23.82 -26.46
N ALA A 156 9.70 23.59 -26.30
CA ALA A 156 10.17 22.24 -25.96
C ALA A 156 9.68 21.82 -24.58
N HIS A 157 9.71 22.75 -23.61
CA HIS A 157 9.19 22.47 -22.29
C HIS A 157 7.74 22.01 -22.36
N CYS A 158 6.89 22.79 -23.03
CA CYS A 158 5.47 22.45 -23.13
C CYS A 158 5.21 21.29 -24.08
N GLN A 159 6.21 20.87 -24.87
CA GLN A 159 6.09 19.79 -25.83
C GLN A 159 5.00 20.09 -26.86
N LYS A 160 5.00 21.33 -27.36
CA LYS A 160 4.14 21.74 -28.46
C LYS A 160 4.85 21.36 -29.76
N TYR A 161 4.48 20.20 -30.31
CA TYR A 161 5.20 19.66 -31.46
C TYR A 161 5.17 20.62 -32.64
N GLU A 162 3.99 21.16 -32.95
CA GLU A 162 3.88 22.06 -34.10
C GLU A 162 4.62 23.37 -33.83
N VAL A 163 4.57 23.89 -32.61
CA VAL A 163 5.28 25.12 -32.30
C VAL A 163 6.78 24.89 -32.34
N VAL A 164 7.25 23.75 -31.83
CA VAL A 164 8.67 23.42 -31.91
C VAL A 164 9.11 23.32 -33.37
N HIS A 165 8.29 22.69 -34.21
CA HIS A 165 8.64 22.59 -35.63
C HIS A 165 8.68 23.96 -36.28
N MET A 166 7.71 24.82 -35.98
CA MET A 166 7.70 26.18 -36.52
C MET A 166 8.97 26.92 -36.13
N LEU A 167 9.33 26.89 -34.85
CA LEU A 167 10.51 27.62 -34.40
C LEU A 167 11.78 27.04 -34.98
N LEU A 168 11.84 25.72 -35.16
CA LEU A 168 13.00 25.11 -35.81
C LEU A 168 13.11 25.56 -37.26
N MET A 169 11.97 25.72 -37.94
CA MET A 169 11.99 26.23 -39.31
C MET A 169 12.61 27.62 -39.37
N LYS A 170 12.43 28.42 -38.33
CA LYS A 170 12.94 29.79 -38.29
C LYS A 170 14.40 29.88 -37.88
N GLY A 171 15.02 28.76 -37.49
CA GLY A 171 16.42 28.74 -37.12
C GLY A 171 16.70 28.68 -35.64
N ALA A 172 15.68 28.54 -34.80
CA ALA A 172 15.89 28.49 -33.36
C ALA A 172 16.37 27.11 -32.93
N ARG A 173 17.41 27.08 -32.10
CA ARG A 173 17.98 25.83 -31.59
C ARG A 173 18.32 25.99 -30.12
N ILE A 174 18.18 24.90 -29.36
CA ILE A 174 18.55 24.91 -27.95
C ILE A 174 20.06 24.78 -27.83
N GLU A 175 20.61 25.34 -26.75
CA GLU A 175 22.01 25.77 -26.74
C GLU A 175 23.01 24.67 -26.40
N ARG A 176 22.58 23.55 -25.80
CA ARG A 176 23.52 22.51 -25.36
C ARG A 176 24.51 23.07 -24.34
N PRO A 177 24.08 23.27 -23.09
CA PRO A 177 24.95 23.90 -22.09
C PRO A 177 26.33 23.25 -22.02
N HIS A 178 27.32 24.06 -21.62
CA HIS A 178 28.68 23.59 -21.52
C HIS A 178 28.82 22.56 -20.40
N ASP A 179 30.01 21.94 -20.35
CA ASP A 179 30.30 20.96 -19.32
C ASP A 179 30.16 21.58 -17.93
N TYR A 180 29.88 20.74 -16.94
CA TYR A 180 29.72 21.22 -15.58
C TYR A 180 31.02 21.86 -15.07
N PHE A 181 32.12 21.10 -15.13
CA PHE A 181 33.43 21.62 -14.71
C PHE A 181 34.07 22.36 -15.88
N CYS A 182 33.50 23.53 -16.18
CA CYS A 182 33.94 24.35 -17.29
C CYS A 182 34.74 25.54 -16.78
N LYS A 183 35.78 25.91 -17.53
CA LYS A 183 36.69 26.98 -17.12
C LYS A 183 36.68 28.17 -18.06
N CYS A 184 35.86 28.17 -19.11
CA CYS A 184 35.87 29.28 -20.06
C CYS A 184 35.32 30.55 -19.41
N GLY A 185 35.63 31.69 -20.04
CA GLY A 185 35.31 32.97 -19.45
C GLY A 185 33.82 33.17 -19.21
N ASP A 186 32.99 32.69 -20.15
CA ASP A 186 31.54 32.86 -20.01
C ASP A 186 31.01 32.08 -18.82
N CYS A 187 31.37 30.80 -18.71
CA CYS A 187 30.91 30.00 -17.58
C CYS A 187 31.49 30.52 -16.27
N MET A 188 32.73 30.98 -16.30
CA MET A 188 33.34 31.54 -15.09
C MET A 188 32.59 32.78 -14.61
N GLU A 189 32.27 33.69 -15.53
CA GLU A 189 31.56 34.90 -15.14
C GLU A 189 30.13 34.59 -14.70
N LYS A 190 29.47 33.66 -15.37
CA LYS A 190 28.12 33.26 -14.96
C LYS A 190 28.14 32.65 -13.57
N GLN A 191 29.14 31.81 -13.27
CA GLN A 191 29.19 31.13 -11.98
C GLN A 191 29.57 32.09 -10.87
N ARG A 192 30.47 33.05 -11.14
CA ARG A 192 30.83 34.01 -10.11
C ARG A 192 29.71 35.01 -9.87
N HIS A 193 28.98 35.38 -10.92
CA HIS A 193 27.92 36.38 -10.78
C HIS A 193 26.82 35.91 -9.86
N ASP A 194 26.13 34.83 -10.23
CA ASP A 194 24.97 34.37 -9.47
C ASP A 194 25.14 32.96 -8.93
N SER A 195 25.45 31.98 -9.78
CA SER A 195 25.70 30.59 -9.43
C SER A 195 24.44 29.84 -9.04
N PHE A 196 23.32 30.55 -8.90
CA PHE A 196 22.00 29.93 -8.78
C PHE A 196 21.14 30.15 -9.99
N SER A 197 21.13 31.37 -10.54
CA SER A 197 20.57 31.59 -11.86
C SER A 197 21.29 30.73 -12.90
N HIS A 198 22.59 30.49 -12.70
CA HIS A 198 23.36 29.69 -13.65
C HIS A 198 22.88 28.24 -13.66
N SER A 199 22.79 27.62 -12.48
CA SER A 199 22.35 26.23 -12.41
C SER A 199 20.90 26.07 -12.85
N ARG A 200 20.05 27.02 -12.48
CA ARG A 200 18.66 26.98 -12.91
C ARG A 200 18.55 27.13 -14.43
N SER A 201 19.41 27.97 -15.02
CA SER A 201 19.42 28.10 -16.47
C SER A 201 19.89 26.81 -17.13
N ARG A 202 20.89 26.15 -16.55
CA ARG A 202 21.33 24.86 -17.06
C ARG A 202 20.19 23.84 -17.01
N ILE A 203 19.46 23.82 -15.90
CA ILE A 203 18.34 22.88 -15.77
C ILE A 203 17.25 23.21 -16.78
N ASN A 204 17.01 24.49 -17.04
CA ASN A 204 16.01 24.87 -18.04
C ASN A 204 16.43 24.40 -19.43
N ALA A 205 17.70 24.62 -19.79
CA ALA A 205 18.16 24.20 -21.11
C ALA A 205 18.12 22.69 -21.25
N TYR A 206 18.40 21.95 -20.18
CA TYR A 206 18.31 20.49 -20.25
C TYR A 206 16.87 20.01 -20.28
N LYS A 207 15.97 20.71 -19.58
CA LYS A 207 14.56 20.40 -19.67
C LYS A 207 14.03 20.62 -21.08
N GLY A 208 14.60 21.59 -21.79
CA GLY A 208 14.25 21.78 -23.19
C GLY A 208 14.84 20.69 -24.07
N LEU A 209 16.10 20.35 -23.84
CA LEU A 209 16.76 19.33 -24.66
C LEU A 209 16.16 17.94 -24.46
N ALA A 210 15.78 17.62 -23.22
CA ALA A 210 15.32 16.28 -22.88
C ALA A 210 13.86 16.04 -23.21
N SER A 211 13.18 16.97 -23.86
CA SER A 211 11.77 16.76 -24.14
C SER A 211 11.59 15.92 -25.39
N PRO A 212 10.57 15.06 -25.45
CA PRO A 212 10.39 14.22 -26.64
C PRO A 212 10.12 15.02 -27.91
N ALA A 213 9.47 16.17 -27.81
CA ALA A 213 9.19 16.97 -29.00
C ALA A 213 10.48 17.44 -29.66
N TYR A 214 11.34 18.10 -28.88
CA TYR A 214 12.61 18.59 -29.41
C TYR A 214 13.51 17.45 -29.84
N LEU A 215 13.57 16.38 -29.03
CA LEU A 215 14.37 15.22 -29.39
C LEU A 215 13.96 14.66 -30.75
N SER A 216 12.65 14.51 -30.98
CA SER A 216 12.19 13.91 -32.22
C SER A 216 12.38 14.83 -33.41
N LEU A 217 12.08 16.13 -33.23
CA LEU A 217 12.08 17.05 -34.37
C LEU A 217 13.44 17.65 -34.69
N SER A 218 14.40 17.60 -33.77
CA SER A 218 15.61 18.40 -33.93
C SER A 218 16.76 17.64 -34.60
N SER A 219 17.01 16.39 -34.21
CA SER A 219 18.23 15.70 -34.58
C SER A 219 17.96 14.63 -35.64
N GLU A 220 19.06 14.13 -36.23
CA GLU A 220 18.96 13.09 -37.25
C GLU A 220 18.61 11.74 -36.64
N ASP A 221 19.31 11.36 -35.57
CA ASP A 221 19.10 10.09 -34.87
C ASP A 221 18.64 10.41 -33.46
N PRO A 222 17.33 10.60 -33.25
CA PRO A 222 16.86 10.99 -31.92
C PRO A 222 17.10 9.94 -30.83
N VAL A 223 17.19 8.65 -31.18
CA VAL A 223 17.33 7.64 -30.14
C VAL A 223 18.77 7.60 -29.61
N LEU A 224 19.76 7.80 -30.50
CA LEU A 224 21.15 7.90 -30.06
C LEU A 224 21.35 9.15 -29.20
N THR A 225 20.83 10.29 -29.68
CA THR A 225 20.87 11.52 -28.90
C THR A 225 20.21 11.32 -27.54
N ALA A 226 19.07 10.63 -27.50
CA ALA A 226 18.36 10.44 -26.25
C ALA A 226 19.14 9.56 -25.28
N LEU A 227 19.77 8.49 -25.79
CA LEU A 227 20.61 7.65 -24.93
C LEU A 227 21.78 8.43 -24.35
N GLU A 228 22.52 9.14 -25.22
CA GLU A 228 23.67 9.90 -24.75
C GLU A 228 23.26 10.98 -23.76
N LEU A 229 22.16 11.70 -24.05
CA LEU A 229 21.68 12.73 -23.14
C LEU A 229 21.15 12.15 -21.84
N SER A 230 20.60 10.93 -21.88
CA SER A 230 20.16 10.27 -20.66
C SER A 230 21.33 9.97 -19.76
N ASN A 231 22.41 9.44 -20.32
CA ASN A 231 23.62 9.21 -19.52
C ASN A 231 24.18 10.54 -19.00
N GLU A 232 24.14 11.58 -19.85
CA GLU A 232 24.60 12.90 -19.46
C GLU A 232 23.85 13.41 -18.23
N LEU A 233 22.52 13.34 -18.27
CA LEU A 233 21.71 13.81 -17.15
C LEU A 233 21.85 12.92 -15.93
N ALA A 234 22.06 11.62 -16.13
CA ALA A 234 22.29 10.72 -15.00
C ALA A 234 23.57 11.09 -14.27
N LYS A 235 24.61 11.48 -15.01
CA LYS A 235 25.85 11.94 -14.37
C LYS A 235 25.64 13.31 -13.71
N LEU A 236 24.90 14.20 -14.37
CA LEU A 236 24.60 15.50 -13.80
C LEU A 236 23.87 15.36 -12.46
N ALA A 237 22.99 14.37 -12.35
CA ALA A 237 22.26 14.15 -11.10
C ALA A 237 23.22 13.81 -9.96
N ASN A 238 24.26 13.04 -10.24
CA ASN A 238 25.23 12.71 -9.21
C ASN A 238 26.13 13.90 -8.88
N ILE A 239 26.54 14.66 -9.89
CA ILE A 239 27.46 15.77 -9.65
C ILE A 239 26.76 16.88 -8.86
N GLU A 240 25.56 17.26 -9.27
CA GLU A 240 24.80 18.35 -8.66
C GLU A 240 23.66 17.73 -7.85
N LYS A 241 23.91 17.53 -6.55
CA LYS A 241 22.99 16.76 -5.71
C LYS A 241 21.80 17.58 -5.21
N GLU A 242 21.92 18.90 -5.13
CA GLU A 242 20.79 19.70 -4.65
C GLU A 242 19.63 19.66 -5.63
N PHE A 243 19.91 19.61 -6.93
CA PHE A 243 18.88 19.44 -7.95
C PHE A 243 18.85 18.02 -8.50
N LYS A 244 19.12 17.05 -7.64
CA LYS A 244 19.19 15.65 -8.05
C LYS A 244 17.87 15.19 -8.69
N ASN A 245 16.74 15.57 -8.08
CA ASN A 245 15.44 15.12 -8.57
C ASN A 245 15.17 15.61 -9.98
N ASP A 246 15.51 16.86 -10.28
CA ASP A 246 15.24 17.42 -11.60
C ASP A 246 16.00 16.69 -12.69
N TYR A 247 17.31 16.53 -12.51
CA TYR A 247 18.11 15.81 -13.49
C TYR A 247 17.67 14.36 -13.61
N ARG A 248 17.27 13.75 -12.49
CA ARG A 248 16.77 12.38 -12.54
C ARG A 248 15.51 12.28 -13.38
N LYS A 249 14.58 13.21 -13.19
CA LYS A 249 13.34 13.22 -13.99
C LYS A 249 13.65 13.42 -15.47
N LEU A 250 14.58 14.32 -15.79
CA LEU A 250 14.91 14.56 -17.19
C LEU A 250 15.55 13.34 -17.83
N SER A 251 16.46 12.68 -17.11
CA SER A 251 17.05 11.44 -17.61
C SER A 251 15.99 10.37 -17.82
N MET A 252 15.01 10.29 -16.92
CA MET A 252 13.91 9.35 -17.12
C MET A 252 13.10 9.70 -18.36
N GLN A 253 12.87 10.99 -18.59
CA GLN A 253 12.21 11.43 -19.82
C GLN A 253 12.93 10.89 -21.05
N CYS A 254 14.25 11.06 -21.09
CA CYS A 254 15.03 10.56 -22.22
C CYS A 254 14.89 9.04 -22.35
N LYS A 255 15.03 8.32 -21.22
CA LYS A 255 14.92 6.86 -21.23
C LYS A 255 13.60 6.41 -21.85
N ASP A 256 12.48 6.93 -21.33
CA ASP A 256 11.20 6.47 -21.84
C ASP A 256 10.89 7.02 -23.22
N PHE A 257 11.57 8.09 -23.66
CA PHE A 257 11.50 8.45 -25.07
C PHE A 257 12.08 7.34 -25.94
N VAL A 258 13.28 6.86 -25.58
CA VAL A 258 13.87 5.76 -26.34
C VAL A 258 12.95 4.54 -26.30
N VAL A 259 12.39 4.26 -25.13
CA VAL A 259 11.50 3.10 -24.99
C VAL A 259 10.27 3.25 -25.87
N GLY A 260 9.68 4.45 -25.91
CA GLY A 260 8.52 4.67 -26.75
C GLY A 260 8.82 4.59 -28.23
N VAL A 261 10.01 5.02 -28.64
CA VAL A 261 10.40 4.88 -30.04
C VAL A 261 10.55 3.40 -30.40
N LEU A 262 11.18 2.63 -29.51
CA LEU A 262 11.27 1.19 -29.75
C LEU A 262 9.90 0.52 -29.76
N ASP A 263 8.95 1.04 -28.98
CA ASP A 263 7.64 0.44 -28.85
C ASP A 263 6.83 0.47 -30.13
N LEU A 264 7.20 1.31 -31.10
CA LEU A 264 6.39 1.51 -32.29
C LEU A 264 6.75 0.59 -33.45
N CYS A 265 7.81 -0.20 -33.35
CA CYS A 265 8.27 -1.00 -34.46
C CYS A 265 7.23 -2.05 -34.84
N ARG A 266 7.06 -2.27 -36.14
CA ARG A 266 6.04 -3.18 -36.65
C ARG A 266 6.58 -4.33 -37.49
N ASP A 267 7.85 -4.30 -37.88
CA ASP A 267 8.48 -5.44 -38.55
C ASP A 267 9.95 -5.50 -38.16
N SER A 268 10.62 -6.55 -38.62
CA SER A 268 11.97 -6.83 -38.16
C SER A 268 12.99 -5.81 -38.65
N GLU A 269 12.75 -5.19 -39.81
CA GLU A 269 13.70 -4.20 -40.31
C GLU A 269 13.78 -2.99 -39.39
N GLU A 270 12.63 -2.50 -38.94
CA GLU A 270 12.61 -1.37 -38.02
C GLU A 270 13.21 -1.74 -36.67
N VAL A 271 12.95 -2.95 -36.20
CA VAL A 271 13.53 -3.40 -34.93
C VAL A 271 15.05 -3.46 -35.05
N GLU A 272 15.56 -3.94 -36.18
CA GLU A 272 17.00 -3.95 -36.40
C GLU A 272 17.56 -2.54 -36.44
N ALA A 273 16.88 -1.63 -37.13
CA ALA A 273 17.35 -0.25 -37.20
C ALA A 273 17.39 0.41 -35.84
N ILE A 274 16.46 0.04 -34.96
CA ILE A 274 16.44 0.62 -33.62
C ILE A 274 17.50 -0.02 -32.73
N LEU A 275 17.67 -1.35 -32.81
CA LEU A 275 18.56 -2.06 -31.89
C LEU A 275 20.00 -2.12 -32.37
N ASN A 276 20.23 -2.37 -33.65
CA ASN A 276 21.59 -2.48 -34.18
C ASN A 276 22.25 -1.14 -34.45
N GLY A 277 21.63 -0.04 -34.06
CA GLY A 277 22.11 1.26 -34.51
C GLY A 277 21.90 1.40 -36.01
N ASP A 278 22.88 1.98 -36.68
CA ASP A 278 22.82 2.08 -38.13
C ASP A 278 22.96 0.71 -38.78
N ALA A 292 25.03 -9.18 -36.48
CA ALA A 292 24.23 -8.04 -36.03
C ALA A 292 24.73 -7.54 -34.68
N SER A 293 25.63 -6.56 -34.71
CA SER A 293 26.16 -5.97 -33.48
C SER A 293 25.09 -5.09 -32.85
N LEU A 294 24.52 -5.55 -31.74
CA LEU A 294 23.44 -4.82 -31.07
C LEU A 294 24.00 -3.61 -30.33
N SER A 295 24.45 -2.60 -31.07
CA SER A 295 25.11 -1.46 -30.47
C SER A 295 24.19 -0.72 -29.50
N ARG A 296 22.94 -0.48 -29.90
CA ARG A 296 22.02 0.26 -29.05
C ARG A 296 21.61 -0.55 -27.82
N VAL A 297 21.54 -1.88 -27.94
CA VAL A 297 21.26 -2.70 -26.77
C VAL A 297 22.42 -2.65 -25.80
N LYS A 298 23.65 -2.71 -26.30
CA LYS A 298 24.82 -2.51 -25.46
C LYS A 298 24.78 -1.15 -24.76
N LEU A 299 24.41 -0.10 -25.50
CA LEU A 299 24.35 1.24 -24.92
C LEU A 299 23.26 1.33 -23.85
N ALA A 300 22.13 0.67 -24.07
CA ALA A 300 21.04 0.72 -23.10
C ALA A 300 21.40 -0.04 -21.84
N ILE A 301 22.10 -1.17 -21.96
CA ILE A 301 22.54 -1.90 -20.78
C ILE A 301 23.64 -1.11 -20.06
N LYS A 302 24.49 -0.42 -20.81
CA LYS A 302 25.56 0.36 -20.20
C LYS A 302 25.00 1.57 -19.46
N TYR A 303 24.00 2.23 -20.03
CA TYR A 303 23.37 3.39 -19.41
C TYR A 303 22.17 3.03 -18.56
N GLU A 304 21.85 1.73 -18.43
CA GLU A 304 20.77 1.24 -17.57
C GLU A 304 19.42 1.79 -18.01
N VAL A 305 19.15 1.72 -19.31
CA VAL A 305 17.79 1.97 -19.83
C VAL A 305 17.10 0.62 -19.83
N LYS A 306 16.55 0.25 -18.65
CA LYS A 306 16.10 -1.11 -18.43
C LYS A 306 14.81 -1.41 -19.20
N LYS A 307 13.91 -0.44 -19.29
CA LYS A 307 12.67 -0.66 -20.01
C LYS A 307 12.92 -0.86 -21.51
N PHE A 308 13.98 -0.23 -22.04
CA PHE A 308 14.32 -0.43 -23.44
C PHE A 308 14.76 -1.86 -23.71
N VAL A 309 15.65 -2.39 -22.86
CA VAL A 309 16.15 -3.74 -23.07
C VAL A 309 15.08 -4.78 -22.75
N ALA A 310 14.31 -4.55 -21.69
CA ALA A 310 13.27 -5.48 -21.28
C ALA A 310 12.00 -5.38 -22.11
N HIS A 311 12.00 -4.57 -23.16
CA HIS A 311 10.81 -4.41 -23.98
C HIS A 311 10.62 -5.65 -24.85
N PRO A 312 9.37 -6.07 -25.09
CA PRO A 312 9.15 -7.33 -25.84
C PRO A 312 9.82 -7.40 -27.20
N ASN A 313 9.98 -6.27 -27.91
CA ASN A 313 10.62 -6.30 -29.22
C ASN A 313 12.10 -6.64 -29.10
N CYS A 314 12.83 -5.86 -28.30
CA CYS A 314 14.22 -6.19 -28.02
C CYS A 314 14.36 -7.58 -27.44
N GLN A 315 13.39 -7.98 -26.61
CA GLN A 315 13.45 -9.30 -25.98
C GLN A 315 13.34 -10.41 -27.02
N GLN A 316 12.41 -10.29 -27.97
CA GLN A 316 12.28 -11.34 -28.98
C GLN A 316 13.47 -11.34 -29.94
N GLN A 317 14.06 -10.18 -30.22
CA GLN A 317 15.28 -10.16 -31.01
C GLN A 317 16.41 -10.91 -30.31
N LEU A 318 16.67 -10.54 -29.04
CA LEU A 318 17.69 -11.23 -28.27
C LEU A 318 17.40 -12.72 -28.15
N LEU A 319 16.11 -13.08 -28.07
CA LEU A 319 15.74 -14.49 -27.91
C LEU A 319 16.00 -15.27 -29.20
N THR A 320 15.68 -14.67 -30.36
CA THR A 320 16.01 -15.33 -31.62
C THR A 320 17.52 -15.49 -31.79
N ILE A 321 18.30 -14.53 -31.29
CA ILE A 321 19.75 -14.72 -31.34
C ILE A 321 20.18 -15.79 -30.33
N TRP A 322 19.45 -15.94 -29.23
CA TRP A 322 19.84 -16.87 -28.18
C TRP A 322 19.70 -18.31 -28.63
N TYR A 323 18.58 -18.66 -29.29
CA TYR A 323 18.41 -19.98 -29.88
C TYR A 323 18.71 -19.91 -31.38
N GLU A 324 20.00 -19.84 -31.69
CA GLU A 324 20.40 -19.68 -33.08
C GLU A 324 20.05 -20.89 -33.93
N ASN A 325 20.64 -22.04 -33.62
CA ASN A 325 20.42 -23.27 -34.38
C ASN A 325 19.54 -24.28 -33.66
N LEU A 326 19.04 -23.94 -32.47
CA LEU A 326 18.20 -24.85 -31.69
C LEU A 326 16.73 -24.54 -31.99
N SER A 327 16.31 -24.95 -33.19
CA SER A 327 14.99 -24.58 -33.70
C SER A 327 13.87 -25.13 -32.82
N GLY A 328 13.85 -26.45 -32.62
CA GLY A 328 12.80 -27.04 -31.79
C GLY A 328 12.98 -26.74 -30.32
N LEU A 329 14.23 -26.75 -29.84
CA LEU A 329 14.53 -26.54 -28.44
C LEU A 329 13.95 -25.22 -27.90
N ARG A 330 13.63 -24.28 -28.79
CA ARG A 330 13.06 -23.02 -28.36
C ARG A 330 11.73 -23.20 -27.62
N GLU A 331 11.00 -24.27 -27.93
CA GLU A 331 9.65 -24.45 -27.40
C GLU A 331 9.53 -25.57 -26.38
N GLN A 332 10.62 -26.27 -26.06
CA GLN A 332 10.53 -27.43 -25.18
C GLN A 332 10.19 -27.01 -23.75
N THR A 333 9.61 -27.94 -23.01
CA THR A 333 9.36 -27.74 -21.59
C THR A 333 10.68 -27.69 -20.83
N ILE A 334 10.61 -27.19 -19.59
CA ILE A 334 11.82 -27.06 -18.78
C ILE A 334 12.42 -28.42 -18.46
N ALA A 335 11.59 -29.47 -18.39
CA ALA A 335 12.11 -30.80 -18.11
C ALA A 335 13.03 -31.28 -19.23
N ILE A 336 12.68 -31.02 -20.49
CA ILE A 336 13.51 -31.44 -21.61
C ILE A 336 14.83 -30.67 -21.59
N LYS A 337 14.81 -29.41 -21.19
CA LYS A 337 16.05 -28.65 -21.12
C LYS A 337 16.91 -29.10 -19.95
N CYS A 338 16.31 -29.51 -18.83
CA CYS A 338 17.09 -30.15 -17.78
C CYS A 338 17.71 -31.45 -18.29
N LEU A 339 16.96 -32.18 -19.10
CA LEU A 339 17.49 -33.41 -19.71
C LEU A 339 18.72 -33.11 -20.55
N VAL A 340 18.64 -32.10 -21.42
CA VAL A 340 19.79 -31.79 -22.28
C VAL A 340 20.93 -31.21 -21.46
N VAL A 341 20.64 -30.50 -20.37
CA VAL A 341 21.68 -30.05 -19.46
C VAL A 341 22.45 -31.25 -18.90
N LEU A 342 21.71 -32.24 -18.42
CA LEU A 342 22.36 -33.45 -17.88
C LEU A 342 23.14 -34.17 -18.97
N VAL A 343 22.60 -34.24 -20.18
CA VAL A 343 23.29 -34.94 -21.27
C VAL A 343 24.58 -34.24 -21.62
N VAL A 344 24.59 -32.91 -21.61
CA VAL A 344 25.84 -32.18 -21.83
C VAL A 344 26.82 -32.43 -20.69
N ALA A 345 26.34 -32.44 -19.45
CA ALA A 345 27.20 -32.76 -18.32
C ALA A 345 27.85 -34.14 -18.49
N LEU A 346 27.09 -35.09 -19.03
CA LEU A 346 27.63 -36.45 -19.21
C LEU A 346 28.63 -36.50 -20.36
N GLY A 347 28.25 -36.00 -21.53
CA GLY A 347 29.06 -36.10 -22.72
C GLY A 347 30.05 -34.98 -22.97
N LEU A 348 30.25 -34.09 -22.00
CA LEU A 348 31.20 -33.00 -22.18
C LEU A 348 32.61 -33.46 -22.57
N PRO A 349 33.18 -34.53 -21.99
CA PRO A 349 34.46 -35.03 -22.53
C PRO A 349 34.36 -35.41 -24.00
N PHE A 350 33.36 -36.22 -24.37
CA PHE A 350 33.20 -36.61 -25.75
C PHE A 350 32.88 -35.40 -26.64
N LEU A 351 32.12 -34.44 -26.12
CA LEU A 351 31.79 -33.26 -26.92
C LEU A 351 33.04 -32.41 -27.20
N ALA A 352 33.90 -32.24 -26.21
CA ALA A 352 35.15 -31.51 -26.44
C ALA A 352 36.07 -32.27 -27.39
N ILE A 353 36.14 -33.61 -27.22
CA ILE A 353 36.95 -34.43 -28.12
C ILE A 353 36.46 -34.28 -29.56
N GLY A 354 35.14 -34.31 -29.76
CA GLY A 354 34.60 -34.16 -31.10
C GLY A 354 34.76 -32.76 -31.65
N TYR A 355 34.68 -31.74 -30.80
CA TYR A 355 34.95 -30.38 -31.24
C TYR A 355 36.39 -30.25 -31.73
N TRP A 356 37.33 -30.90 -31.06
CA TRP A 356 38.71 -30.90 -31.55
C TRP A 356 38.86 -31.73 -32.81
N ILE A 357 38.10 -32.82 -32.93
CA ILE A 357 38.26 -33.72 -34.07
C ILE A 357 37.51 -33.20 -35.29
N ALA A 358 36.19 -33.06 -35.18
CA ALA A 358 35.34 -32.56 -36.25
C ALA A 358 34.90 -31.14 -35.90
N PRO A 359 35.66 -30.13 -36.31
CA PRO A 359 35.36 -28.75 -35.89
C PRO A 359 34.13 -28.17 -36.58
N CYS A 360 33.88 -28.59 -37.82
CA CYS A 360 32.76 -28.10 -38.61
C CYS A 360 31.89 -29.28 -39.05
N SER A 361 30.69 -29.35 -38.52
CA SER A 361 29.72 -30.41 -38.82
C SER A 361 28.39 -29.99 -38.21
N ARG A 362 27.42 -30.91 -38.24
CA ARG A 362 26.20 -30.73 -37.45
C ARG A 362 26.55 -30.53 -35.98
N LEU A 363 27.43 -31.38 -35.45
CA LEU A 363 27.92 -31.24 -34.08
C LEU A 363 28.59 -29.89 -33.88
N GLY A 364 29.42 -29.46 -34.84
CA GLY A 364 30.10 -28.19 -34.71
C GLY A 364 29.14 -27.00 -34.73
N LYS A 365 28.12 -27.06 -35.60
CA LYS A 365 27.15 -25.98 -35.65
C LYS A 365 26.31 -25.92 -34.38
N ILE A 366 25.90 -27.07 -33.86
CA ILE A 366 25.12 -27.08 -32.63
C ILE A 366 25.96 -26.62 -31.45
N LEU A 367 27.25 -26.98 -31.43
CA LEU A 367 28.12 -26.62 -30.31
C LEU A 367 28.43 -25.13 -30.25
N ARG A 368 28.34 -24.41 -31.37
CA ARG A 368 28.62 -22.98 -31.39
C ARG A 368 27.41 -22.12 -31.07
N SER A 369 26.23 -22.72 -30.80
CA SER A 369 25.08 -21.88 -30.49
C SER A 369 25.21 -21.32 -29.07
N PRO A 370 24.73 -20.09 -28.83
CA PRO A 370 24.95 -19.47 -27.51
C PRO A 370 24.31 -20.23 -26.36
N PHE A 371 23.10 -20.75 -26.55
CA PHE A 371 22.44 -21.48 -25.47
C PHE A 371 23.22 -22.75 -25.13
N MET A 372 23.77 -23.43 -26.14
CA MET A 372 24.57 -24.60 -25.87
C MET A 372 25.89 -24.24 -25.20
N LYS A 373 26.46 -23.08 -25.53
CA LYS A 373 27.64 -22.61 -24.81
C LYS A 373 27.31 -22.40 -23.33
N PHE A 374 26.16 -21.79 -23.04
CA PHE A 374 25.79 -21.53 -21.66
C PHE A 374 25.52 -22.82 -20.91
N VAL A 375 24.86 -23.78 -21.55
CA VAL A 375 24.61 -25.05 -20.87
C VAL A 375 25.93 -25.80 -20.67
N ALA A 376 26.88 -25.67 -21.60
CA ALA A 376 28.19 -26.26 -21.40
C ALA A 376 28.89 -25.64 -20.20
N HIS A 377 28.80 -24.32 -20.04
CA HIS A 377 29.38 -23.67 -18.86
C HIS A 377 28.73 -24.15 -17.58
N ALA A 378 27.39 -24.22 -17.57
CA ALA A 378 26.68 -24.69 -16.39
C ALA A 378 27.05 -26.13 -16.05
N ALA A 379 27.15 -26.98 -17.07
CA ALA A 379 27.50 -28.38 -16.84
C ALA A 379 28.93 -28.51 -16.34
N SER A 380 29.84 -27.69 -16.85
CA SER A 380 31.21 -27.66 -16.34
C SER A 380 31.21 -27.31 -14.86
N PHE A 381 30.49 -26.26 -14.47
CA PHE A 381 30.47 -25.86 -13.07
C PHE A 381 29.85 -26.94 -12.19
N ILE A 382 28.82 -27.63 -12.70
CA ILE A 382 28.20 -28.68 -11.91
C ILE A 382 29.14 -29.86 -11.75
N ILE A 383 29.90 -30.18 -12.80
CA ILE A 383 30.94 -31.20 -12.68
C ILE A 383 31.99 -30.78 -11.66
N PHE A 384 32.28 -29.49 -11.60
CA PHE A 384 33.24 -28.98 -10.61
C PHE A 384 32.72 -29.18 -9.19
N LEU A 385 31.46 -28.84 -8.95
CA LEU A 385 30.87 -29.07 -7.63
C LEU A 385 30.82 -30.55 -7.29
N GLY A 386 30.49 -31.38 -8.28
CA GLY A 386 30.47 -32.82 -8.06
C GLY A 386 31.84 -33.38 -7.71
N LEU A 387 32.88 -32.84 -8.34
CA LEU A 387 34.24 -33.22 -7.97
C LEU A 387 34.57 -32.77 -6.56
N LEU A 388 34.21 -31.54 -6.21
CA LEU A 388 34.43 -31.07 -4.84
C LEU A 388 33.77 -31.99 -3.81
N VAL A 389 32.56 -32.47 -4.11
CA VAL A 389 31.85 -33.33 -3.16
C VAL A 389 32.48 -34.72 -3.13
N PHE A 390 32.58 -35.37 -4.30
CA PHE A 390 33.10 -36.73 -4.41
C PHE A 390 34.55 -36.84 -3.93
N ASN A 391 35.30 -35.73 -3.95
CA ASN A 391 36.63 -35.76 -3.35
C ASN A 391 36.54 -36.03 -1.85
N ALA A 392 35.45 -35.59 -1.21
CA ALA A 392 35.20 -35.85 0.20
C ALA A 392 34.50 -37.18 0.44
N SER A 393 34.44 -38.05 -0.56
CA SER A 393 33.90 -39.39 -0.35
C SER A 393 34.86 -40.20 0.54
N ASP A 394 34.41 -41.40 0.90
CA ASP A 394 34.98 -42.29 1.91
C ASP A 394 35.02 -41.66 3.29
N ARG A 395 34.45 -40.46 3.47
CA ARG A 395 34.27 -39.88 4.79
C ARG A 395 32.83 -39.47 5.03
N PHE A 396 31.91 -39.84 4.13
CA PHE A 396 30.50 -39.48 4.29
C PHE A 396 29.92 -40.03 5.58
N GLU A 397 30.35 -41.23 5.99
CA GLU A 397 29.90 -41.85 7.22
C GLU A 397 30.90 -41.72 8.35
N GLY A 398 31.92 -40.88 8.19
CA GLY A 398 32.89 -40.64 9.24
C GLY A 398 34.24 -41.24 8.91
N ILE A 399 35.29 -40.65 9.49
CA ILE A 399 36.64 -41.17 9.30
C ILE A 399 36.75 -42.52 9.99
N THR A 400 37.59 -43.39 9.42
CA THR A 400 37.67 -44.77 9.91
C THR A 400 38.63 -44.89 11.10
N THR A 401 39.79 -44.26 11.03
CA THR A 401 40.78 -44.33 12.08
C THR A 401 40.74 -43.05 12.92
N LEU A 402 41.00 -43.21 14.22
CA LEU A 402 41.02 -42.07 15.12
C LEU A 402 42.20 -41.16 14.80
N PRO A 403 42.09 -39.87 15.11
CA PRO A 403 43.20 -38.94 14.82
C PRO A 403 44.49 -39.29 15.55
N ASN A 404 44.44 -40.13 16.58
CA ASN A 404 45.63 -40.52 17.32
C ASN A 404 46.46 -41.58 16.59
N ILE A 405 45.84 -42.36 15.72
CA ILE A 405 46.50 -43.50 15.08
C ILE A 405 47.09 -43.08 13.75
N THR A 406 48.26 -43.61 13.43
CA THR A 406 48.92 -43.37 12.15
C THR A 406 48.98 -44.66 11.36
N VAL A 407 48.44 -44.65 10.15
CA VAL A 407 48.41 -45.80 9.27
C VAL A 407 49.16 -45.45 7.99
N THR A 408 50.04 -46.35 7.56
CA THR A 408 50.84 -46.15 6.36
C THR A 408 50.83 -47.42 5.52
N ASP A 409 50.97 -47.23 4.20
CA ASP A 409 50.93 -48.36 3.28
C ASP A 409 52.16 -49.25 3.44
N TYR A 410 53.35 -48.68 3.28
CA TYR A 410 54.58 -49.43 3.48
C TYR A 410 55.40 -48.79 4.59
N PRO A 411 56.13 -49.60 5.37
CA PRO A 411 56.73 -49.08 6.61
C PRO A 411 57.73 -47.97 6.40
N LYS A 412 58.46 -47.96 5.28
CA LYS A 412 59.52 -46.98 5.09
C LYS A 412 59.00 -45.56 4.89
N GLN A 413 57.72 -45.40 4.57
CA GLN A 413 57.22 -44.09 4.19
C GLN A 413 56.85 -43.26 5.42
N ILE A 414 56.93 -41.94 5.25
CA ILE A 414 56.52 -41.00 6.29
C ILE A 414 55.01 -40.80 6.22
N PHE A 415 54.37 -40.70 7.38
CA PHE A 415 52.93 -40.57 7.43
C PHE A 415 52.43 -39.30 6.76
N ARG A 416 53.23 -38.23 6.81
CA ARG A 416 52.81 -36.98 6.19
C ARG A 416 52.79 -37.08 4.67
N VAL A 417 53.66 -37.90 4.09
CA VAL A 417 53.58 -38.17 2.65
C VAL A 417 52.25 -38.83 2.31
N LYS A 418 51.81 -39.75 3.16
CA LYS A 418 50.52 -40.40 2.96
C LYS A 418 49.37 -39.42 3.14
N THR A 419 49.52 -38.46 4.07
CA THR A 419 48.44 -37.54 4.37
C THR A 419 48.30 -36.42 3.35
N THR A 420 49.41 -35.94 2.79
CA THR A 420 49.40 -34.73 1.97
C THR A 420 49.50 -34.99 0.48
N GLN A 421 49.55 -36.24 0.05
CA GLN A 421 49.69 -36.52 -1.37
C GLN A 421 48.41 -36.14 -2.13
N PHE A 422 48.59 -35.75 -3.39
CA PHE A 422 47.48 -35.28 -4.22
C PHE A 422 46.78 -36.47 -4.85
N THR A 423 45.49 -36.65 -4.54
CA THR A 423 44.69 -37.62 -5.25
C THR A 423 44.30 -37.09 -6.62
N TRP A 424 43.74 -37.97 -7.44
CA TRP A 424 43.47 -37.62 -8.84
C TRP A 424 42.39 -36.54 -8.95
N THR A 425 41.28 -36.70 -8.21
CA THR A 425 40.23 -35.69 -8.24
C THR A 425 40.74 -34.35 -7.74
N GLU A 426 41.68 -34.36 -6.80
CA GLU A 426 42.24 -33.10 -6.31
C GLU A 426 43.08 -32.42 -7.39
N MET A 427 43.85 -33.19 -8.16
CA MET A 427 44.59 -32.58 -9.26
C MET A 427 43.66 -32.08 -10.36
N LEU A 428 42.53 -32.78 -10.57
CA LEU A 428 41.52 -32.27 -11.49
C LEU A 428 40.99 -30.92 -11.03
N ILE A 429 40.67 -30.82 -9.73
CA ILE A 429 40.24 -29.54 -9.16
C ILE A 429 41.34 -28.49 -9.34
N MET A 430 42.60 -28.89 -9.20
CA MET A 430 43.71 -27.94 -9.29
C MET A 430 43.82 -27.34 -10.69
N VAL A 431 43.90 -28.21 -11.70
CA VAL A 431 43.99 -27.71 -13.08
C VAL A 431 42.71 -26.95 -13.45
N TRP A 432 41.58 -27.33 -12.85
CA TRP A 432 40.34 -26.59 -13.04
C TRP A 432 40.47 -25.16 -12.53
N VAL A 433 40.99 -25.00 -11.31
CA VAL A 433 41.18 -23.67 -10.74
C VAL A 433 42.17 -22.87 -11.56
N LEU A 434 43.21 -23.54 -12.07
CA LEU A 434 44.17 -22.83 -12.93
C LEU A 434 43.50 -22.32 -14.20
N GLY A 435 42.63 -23.12 -14.81
CA GLY A 435 41.92 -22.66 -15.99
C GLY A 435 40.98 -21.50 -15.70
N MET A 436 40.21 -21.61 -14.61
CA MET A 436 39.32 -20.52 -14.24
C MET A 436 40.09 -19.24 -13.95
N MET A 437 41.25 -19.37 -13.30
CA MET A 437 42.08 -18.21 -13.01
C MET A 437 42.65 -17.61 -14.29
N TRP A 438 42.99 -18.45 -15.26
CA TRP A 438 43.46 -17.94 -16.55
C TRP A 438 42.37 -17.13 -17.24
N SER A 439 41.14 -17.65 -17.24
CA SER A 439 40.03 -16.91 -17.85
C SER A 439 39.79 -15.60 -17.13
N GLU A 440 39.79 -15.61 -15.80
CA GLU A 440 39.53 -14.40 -15.04
C GLU A 440 40.63 -13.37 -15.24
N CYS A 441 41.89 -13.81 -15.28
CA CYS A 441 42.98 -12.88 -15.53
C CYS A 441 42.96 -12.34 -16.96
N LYS A 442 42.50 -13.15 -17.92
CA LYS A 442 42.34 -12.64 -19.29
C LYS A 442 41.30 -11.52 -19.32
N GLU A 443 40.15 -11.74 -18.68
CA GLU A 443 39.14 -10.69 -18.64
C GLU A 443 39.61 -9.47 -17.85
N LEU A 444 40.43 -9.68 -16.81
CA LEU A 444 41.01 -8.57 -16.08
C LEU A 444 41.94 -7.76 -16.96
N TRP A 445 42.80 -8.43 -17.73
CA TRP A 445 43.72 -7.74 -18.62
C TRP A 445 42.97 -7.00 -19.73
N LEU A 446 41.85 -7.56 -20.18
CA LEU A 446 41.07 -6.91 -21.22
C LEU A 446 40.36 -5.66 -20.68
N GLU A 447 39.55 -5.84 -19.63
CA GLU A 447 38.74 -4.73 -19.12
C GLU A 447 39.55 -3.72 -18.32
N GLY A 448 40.69 -4.12 -17.77
CA GLY A 448 41.48 -3.23 -16.95
C GLY A 448 41.08 -3.29 -15.49
N PRO A 449 42.06 -3.15 -14.59
CA PRO A 449 41.75 -3.32 -13.15
C PRO A 449 40.69 -2.36 -12.63
N ARG A 450 40.69 -1.11 -13.09
CA ARG A 450 39.74 -0.12 -12.58
C ARG A 450 38.30 -0.56 -12.84
N GLU A 451 37.99 -0.90 -14.09
CA GLU A 451 36.65 -1.36 -14.42
C GLU A 451 36.39 -2.77 -13.87
N TYR A 452 37.45 -3.56 -13.72
CA TYR A 452 37.29 -4.94 -13.26
C TYR A 452 36.87 -4.98 -11.79
N ILE A 453 37.39 -4.06 -10.97
CA ILE A 453 37.08 -4.08 -9.54
C ILE A 453 35.69 -3.53 -9.24
N LEU A 454 35.11 -2.73 -10.15
CA LEU A 454 33.85 -2.07 -9.88
C LEU A 454 32.74 -3.07 -9.53
N GLN A 455 32.59 -4.12 -10.35
CA GLN A 455 31.59 -5.13 -10.06
C GLN A 455 32.02 -5.95 -8.84
N LEU A 456 31.20 -5.92 -7.78
CA LEU A 456 31.57 -6.60 -6.54
C LEU A 456 31.57 -8.12 -6.71
N TRP A 457 30.68 -8.65 -7.55
CA TRP A 457 30.63 -10.09 -7.74
C TRP A 457 31.88 -10.61 -8.42
N ASN A 458 32.46 -9.82 -9.33
CA ASN A 458 33.73 -10.21 -9.94
C ASN A 458 34.84 -10.24 -8.90
N VAL A 459 34.80 -9.31 -7.93
CA VAL A 459 35.75 -9.33 -6.83
C VAL A 459 35.58 -10.61 -6.00
N LEU A 460 34.33 -10.98 -5.74
CA LEU A 460 34.07 -12.22 -5.01
C LEU A 460 34.65 -13.43 -5.74
N ASP A 461 34.44 -13.49 -7.06
CA ASP A 461 34.95 -14.61 -7.85
C ASP A 461 36.47 -14.66 -7.82
N PHE A 462 37.12 -13.51 -8.00
CA PHE A 462 38.58 -13.44 -7.92
C PHE A 462 39.09 -13.91 -6.57
N GLY A 463 38.44 -13.47 -5.49
CA GLY A 463 38.85 -13.91 -4.16
C GLY A 463 38.70 -15.40 -3.97
N MET A 464 37.58 -15.96 -4.45
CA MET A 464 37.37 -17.40 -4.33
C MET A 464 38.46 -18.19 -5.04
N LEU A 465 38.80 -17.79 -6.28
CA LEU A 465 39.84 -18.48 -7.02
C LEU A 465 41.18 -18.37 -6.31
N SER A 466 41.52 -17.17 -5.84
CA SER A 466 42.78 -17.00 -5.11
C SER A 466 42.83 -17.83 -3.84
N ILE A 467 41.68 -18.02 -3.18
CA ILE A 467 41.66 -18.80 -1.94
C ILE A 467 41.86 -20.28 -2.23
N PHE A 468 41.24 -20.79 -3.31
CA PHE A 468 41.54 -22.15 -3.74
C PHE A 468 43.04 -22.33 -3.99
N ILE A 469 43.63 -21.36 -4.70
CA ILE A 469 45.07 -21.42 -4.98
C ILE A 469 45.87 -21.43 -3.68
N ALA A 470 45.48 -20.61 -2.71
CA ALA A 470 46.22 -20.54 -1.46
C ALA A 470 46.13 -21.85 -0.68
N ALA A 471 44.94 -22.45 -0.65
CA ALA A 471 44.78 -23.74 0.02
C ALA A 471 45.69 -24.79 -0.60
N PHE A 472 45.70 -24.86 -1.94
CA PHE A 472 46.55 -25.87 -2.58
C PHE A 472 48.03 -25.56 -2.40
N THR A 473 48.41 -24.29 -2.33
CA THR A 473 49.81 -23.94 -2.10
C THR A 473 50.26 -24.35 -0.70
N ALA A 474 49.43 -24.11 0.31
CA ALA A 474 49.76 -24.56 1.66
C ALA A 474 49.86 -26.08 1.72
N ARG A 475 48.92 -26.77 1.06
CA ARG A 475 48.99 -28.23 0.99
C ARG A 475 50.29 -28.69 0.35
N PHE A 476 50.73 -28.01 -0.71
CA PHE A 476 51.95 -28.41 -1.40
C PHE A 476 53.19 -28.13 -0.57
N LEU A 477 53.18 -27.05 0.23
CA LEU A 477 54.32 -26.82 1.12
C LEU A 477 54.39 -27.89 2.20
N ALA A 478 53.23 -28.24 2.79
CA ALA A 478 53.19 -29.36 3.72
C ALA A 478 53.73 -30.63 3.08
N PHE A 479 53.34 -30.89 1.82
CA PHE A 479 53.81 -32.10 1.15
C PHE A 479 55.28 -32.03 0.80
N LEU A 480 55.82 -30.84 0.55
CA LEU A 480 57.25 -30.72 0.30
C LEU A 480 58.05 -31.03 1.55
N GLN A 481 57.63 -30.47 2.69
CA GLN A 481 58.26 -30.86 3.96
C GLN A 481 58.09 -32.35 4.21
N ALA A 482 56.94 -32.91 3.86
CA ALA A 482 56.68 -34.34 4.04
C ALA A 482 57.63 -35.19 3.21
N THR A 483 57.75 -34.89 1.91
CA THR A 483 58.61 -35.68 1.05
C THR A 483 60.09 -35.46 1.34
N LYS A 484 60.46 -34.29 1.89
CA LYS A 484 61.85 -34.08 2.31
C LYS A 484 62.19 -34.87 3.56
N ALA A 485 61.30 -34.87 4.56
CA ALA A 485 61.49 -35.74 5.71
C ALA A 485 61.49 -37.21 5.30
N GLN A 486 60.65 -37.56 4.33
CA GLN A 486 60.63 -38.92 3.80
C GLN A 486 61.95 -39.28 3.14
N GLN A 487 62.50 -38.35 2.35
CA GLN A 487 63.79 -38.58 1.72
C GLN A 487 64.88 -38.76 2.76
N TYR A 488 64.86 -37.93 3.81
CA TYR A 488 65.83 -38.09 4.89
C TYR A 488 65.71 -39.46 5.54
N VAL A 489 64.48 -39.86 5.88
CA VAL A 489 64.27 -41.14 6.57
C VAL A 489 64.73 -42.30 5.69
N ASP A 490 64.32 -42.29 4.42
CA ASP A 490 64.67 -43.38 3.53
C ASP A 490 66.17 -43.39 3.20
N SER A 491 66.83 -42.23 3.27
CA SER A 491 68.22 -42.14 2.88
C SER A 491 69.16 -42.54 4.01
N TYR A 492 68.95 -41.99 5.21
CA TYR A 492 69.96 -42.09 6.26
C TYR A 492 69.74 -43.21 7.25
N VAL A 493 68.49 -43.55 7.58
CA VAL A 493 68.24 -44.57 8.59
C VAL A 493 67.77 -45.84 7.92
N GLN A 494 68.12 -46.97 8.53
CA GLN A 494 67.79 -48.30 8.01
C GLN A 494 67.17 -49.11 9.13
N GLU A 495 65.96 -49.63 8.88
CA GLU A 495 65.25 -50.47 9.84
C GLU A 495 64.03 -51.05 9.14
N SER A 496 63.33 -51.93 9.86
CA SER A 496 62.10 -52.51 9.33
C SER A 496 60.92 -51.57 9.50
N ASP A 497 60.65 -51.16 10.73
CA ASP A 497 59.57 -50.24 11.05
C ASP A 497 60.13 -48.93 11.58
N LEU A 498 59.47 -47.82 11.22
CA LEU A 498 59.95 -46.51 11.64
C LEU A 498 59.68 -46.26 13.11
N SER A 499 58.62 -46.87 13.67
CA SER A 499 58.22 -46.56 15.04
C SER A 499 59.32 -46.90 16.04
N GLU A 500 60.02 -48.02 15.82
CA GLU A 500 61.08 -48.42 16.74
C GLU A 500 62.27 -47.48 16.69
N VAL A 501 62.47 -46.75 15.61
CA VAL A 501 63.63 -45.90 15.45
C VAL A 501 63.42 -44.57 16.16
N THR A 502 64.50 -44.02 16.69
CA THR A 502 64.52 -42.65 17.19
C THR A 502 65.19 -41.76 16.15
N LEU A 503 64.53 -40.66 15.81
CA LEU A 503 64.96 -39.78 14.73
C LEU A 503 65.35 -38.41 15.28
N PRO A 504 66.07 -37.61 14.51
CA PRO A 504 66.27 -36.21 14.87
C PRO A 504 64.94 -35.52 15.07
N PRO A 505 64.82 -34.65 16.09
CA PRO A 505 63.50 -34.13 16.46
C PRO A 505 62.84 -33.33 15.36
N GLU A 506 63.57 -32.40 14.74
CA GLU A 506 63.03 -31.61 13.64
C GLU A 506 62.48 -32.51 12.54
N ILE A 507 63.10 -33.66 12.31
CA ILE A 507 62.61 -34.59 11.29
C ILE A 507 61.54 -35.51 11.86
N GLN A 508 61.70 -35.95 13.11
CA GLN A 508 60.76 -36.87 13.75
C GLN A 508 59.39 -36.25 13.93
N TYR A 509 59.29 -34.92 13.95
CA TYR A 509 57.99 -34.28 14.09
C TYR A 509 57.00 -34.73 13.04
N PHE A 510 57.48 -35.07 11.84
CA PHE A 510 56.59 -35.45 10.75
C PHE A 510 56.03 -36.85 10.88
N THR A 511 56.33 -37.57 11.96
CA THR A 511 55.72 -38.86 12.25
C THR A 511 54.52 -38.74 13.18
N TYR A 512 54.26 -37.55 13.73
CA TYR A 512 53.19 -37.38 14.70
C TYR A 512 51.82 -37.48 14.04
N ALA A 513 50.82 -37.78 14.86
CA ALA A 513 49.45 -37.95 14.41
C ALA A 513 48.75 -36.59 14.33
N ARG A 514 47.43 -36.62 14.15
CA ARG A 514 46.68 -35.38 13.95
C ARG A 514 46.71 -34.50 15.20
N ASP A 515 46.59 -35.12 16.38
CA ASP A 515 46.47 -34.34 17.61
C ASP A 515 47.77 -33.58 17.91
N LYS A 516 48.92 -34.22 17.72
CA LYS A 516 50.20 -33.59 18.05
C LYS A 516 50.53 -32.42 17.13
N TRP A 517 49.86 -32.30 15.98
CA TRP A 517 50.25 -31.33 14.96
C TRP A 517 50.33 -29.92 15.52
N LEU A 518 51.33 -29.18 15.05
CA LEU A 518 51.48 -27.78 15.44
C LEU A 518 50.27 -26.99 14.96
N PRO A 519 49.80 -26.02 15.76
CA PRO A 519 48.60 -25.26 15.34
C PRO A 519 48.76 -24.52 14.02
N SER A 520 49.98 -24.26 13.56
CA SER A 520 50.22 -23.52 12.33
C SER A 520 50.77 -24.40 11.21
N ASP A 521 50.40 -25.67 11.18
CA ASP A 521 50.83 -26.54 10.10
C ASP A 521 50.20 -26.07 8.79
N PRO A 522 50.94 -26.08 7.68
CA PRO A 522 50.37 -25.63 6.41
C PRO A 522 49.18 -26.44 5.95
N GLN A 523 49.09 -27.71 6.33
CA GLN A 523 47.93 -28.50 5.92
C GLN A 523 46.66 -28.08 6.66
N ILE A 524 46.79 -27.59 7.89
CA ILE A 524 45.62 -27.08 8.61
C ILE A 524 45.08 -25.84 7.90
N ILE A 525 45.98 -24.93 7.52
CA ILE A 525 45.60 -23.77 6.72
C ILE A 525 44.95 -24.22 5.42
N SER A 526 45.52 -25.26 4.79
CA SER A 526 44.95 -25.78 3.55
C SER A 526 43.51 -26.25 3.75
N GLU A 527 43.27 -27.01 4.82
CA GLU A 527 41.92 -27.52 5.08
C GLU A 527 40.94 -26.40 5.33
N GLY A 528 41.33 -25.42 6.16
CA GLY A 528 40.43 -24.31 6.45
C GLY A 528 40.09 -23.50 5.21
N LEU A 529 41.12 -23.10 4.44
CA LEU A 529 40.89 -22.33 3.23
C LEU A 529 40.11 -23.13 2.21
N TYR A 530 40.29 -24.46 2.16
CA TYR A 530 39.55 -25.28 1.21
C TYR A 530 38.07 -25.35 1.59
N ALA A 531 37.78 -25.45 2.88
CA ALA A 531 36.38 -25.42 3.31
C ALA A 531 35.74 -24.07 2.95
N ILE A 532 36.43 -22.97 3.24
CA ILE A 532 35.89 -21.66 2.88
C ILE A 532 35.68 -21.56 1.37
N ALA A 533 36.62 -22.10 0.60
CA ALA A 533 36.55 -22.02 -0.85
C ALA A 533 35.38 -22.83 -1.39
N VAL A 534 35.09 -23.98 -0.78
CA VAL A 534 33.93 -24.78 -1.20
C VAL A 534 32.64 -24.01 -0.90
N VAL A 535 32.55 -23.47 0.31
CA VAL A 535 31.35 -22.71 0.68
C VAL A 535 31.13 -21.54 -0.29
N LEU A 536 32.21 -20.88 -0.70
CA LEU A 536 32.08 -19.76 -1.62
C LEU A 536 31.80 -20.21 -3.04
N SER A 537 32.40 -21.34 -3.46
CA SER A 537 32.19 -21.82 -4.82
C SER A 537 30.76 -22.27 -5.04
N PHE A 538 30.10 -22.76 -3.99
CA PHE A 538 28.69 -23.11 -4.14
C PHE A 538 27.81 -21.90 -4.45
N SER A 539 28.33 -20.68 -4.34
CA SER A 539 27.54 -19.47 -4.56
C SER A 539 27.47 -19.08 -6.04
N ARG A 540 28.19 -19.76 -6.92
CA ARG A 540 28.19 -19.40 -8.33
C ARG A 540 26.89 -19.74 -9.05
N ILE A 541 25.90 -20.31 -8.35
CA ILE A 541 24.57 -20.51 -8.93
C ILE A 541 23.88 -19.19 -9.24
N ALA A 542 24.45 -18.07 -8.79
CA ALA A 542 23.90 -16.76 -9.16
C ALA A 542 24.15 -16.45 -10.62
N TYR A 543 25.19 -17.03 -11.22
CA TYR A 543 25.42 -16.87 -12.65
C TYR A 543 24.43 -17.67 -13.49
N ILE A 544 23.75 -18.65 -12.90
CA ILE A 544 22.90 -19.56 -13.63
C ILE A 544 21.41 -19.32 -13.37
N LEU A 545 21.04 -18.91 -12.16
CA LEU A 545 19.62 -18.78 -11.82
C LEU A 545 18.84 -17.78 -12.67
N PRO A 546 19.36 -16.60 -13.05
CA PRO A 546 18.53 -15.63 -13.78
C PRO A 546 17.93 -16.17 -15.07
N ALA A 547 18.51 -17.21 -15.67
CA ALA A 547 17.94 -17.76 -16.89
C ALA A 547 16.56 -18.38 -16.65
N ASN A 548 16.30 -18.85 -15.43
CA ASN A 548 15.02 -19.47 -15.11
C ASN A 548 13.98 -18.39 -14.84
N GLU A 549 12.86 -18.45 -15.56
CA GLU A 549 11.79 -17.50 -15.31
C GLU A 549 11.22 -17.65 -13.90
N SER A 550 11.34 -18.84 -13.31
CA SER A 550 10.83 -19.06 -11.96
C SER A 550 11.74 -18.44 -10.92
N PHE A 551 13.06 -18.54 -11.10
CA PHE A 551 14.03 -18.20 -10.07
C PHE A 551 14.72 -16.85 -10.29
N GLY A 552 14.61 -16.27 -11.48
CA GLY A 552 15.21 -14.99 -11.77
C GLY A 552 14.77 -13.86 -10.87
N PRO A 553 13.46 -13.56 -10.88
CA PRO A 553 12.95 -12.47 -10.02
C PRO A 553 13.30 -12.63 -8.55
N LEU A 554 13.29 -13.87 -8.06
CA LEU A 554 13.72 -14.15 -6.68
C LEU A 554 15.14 -13.64 -6.45
N GLN A 555 16.07 -14.04 -7.30
CA GLN A 555 17.47 -13.65 -7.12
C GLN A 555 17.65 -12.14 -7.26
N ILE A 556 16.85 -11.51 -8.13
CA ILE A 556 16.93 -10.07 -8.26
C ILE A 556 16.52 -9.40 -6.95
N SER A 557 15.40 -9.83 -6.36
CA SER A 557 14.98 -9.28 -5.08
C SER A 557 16.01 -9.57 -3.99
N LEU A 558 16.73 -10.69 -4.11
CA LEU A 558 17.77 -11.01 -3.13
C LEU A 558 18.90 -10.00 -3.19
N GLY A 559 19.43 -9.75 -4.40
CA GLY A 559 20.42 -8.70 -4.56
C GLY A 559 19.94 -7.37 -4.00
N ARG A 560 18.68 -7.03 -4.29
CA ARG A 560 18.12 -5.76 -3.82
C ARG A 560 18.13 -5.68 -2.30
N THR A 561 17.56 -6.68 -1.63
CA THR A 561 17.44 -6.60 -0.17
C THR A 561 18.82 -6.67 0.50
N VAL A 562 19.79 -7.35 -0.11
CA VAL A 562 21.15 -7.35 0.45
C VAL A 562 21.75 -5.95 0.37
N LYS A 563 21.69 -5.35 -0.83
CA LYS A 563 22.17 -3.98 -0.99
C LYS A 563 21.52 -3.03 0.00
N ASP A 564 20.24 -3.25 0.31
CA ASP A 564 19.55 -2.37 1.24
C ASP A 564 20.05 -2.58 2.67
N ILE A 565 20.00 -3.83 3.16
CA ILE A 565 20.29 -4.08 4.58
C ILE A 565 21.76 -3.95 4.92
N PHE A 566 22.64 -3.79 3.93
CA PHE A 566 24.04 -3.48 4.27
C PHE A 566 24.15 -2.25 5.18
N LYS A 567 23.31 -1.24 4.95
CA LYS A 567 23.38 0.00 5.73
C LYS A 567 23.00 -0.24 7.19
N PHE A 568 21.89 -0.96 7.42
CA PHE A 568 21.51 -1.30 8.78
C PHE A 568 22.53 -2.22 9.42
N MET A 569 23.22 -3.05 8.63
CA MET A 569 24.33 -3.83 9.19
C MET A 569 25.44 -2.92 9.69
N VAL A 570 25.73 -1.85 8.95
CA VAL A 570 26.75 -0.89 9.41
C VAL A 570 26.33 -0.24 10.72
N LEU A 571 25.07 0.21 10.80
CA LEU A 571 24.59 0.84 12.03
C LEU A 571 24.61 -0.14 13.21
N PHE A 572 24.22 -1.40 12.94
CA PHE A 572 24.26 -2.42 13.99
C PHE A 572 25.68 -2.72 14.42
N ILE A 573 26.63 -2.68 13.49
CA ILE A 573 28.04 -2.79 13.85
C ILE A 573 28.42 -1.69 14.83
N MET A 574 27.99 -0.46 14.55
CA MET A 574 28.30 0.65 15.46
C MET A 574 27.77 0.40 16.87
N VAL A 575 26.47 0.09 16.97
CA VAL A 575 25.87 -0.07 18.31
C VAL A 575 26.44 -1.30 19.01
N PHE A 576 26.71 -2.36 18.25
CA PHE A 576 27.26 -3.59 18.83
C PHE A 576 28.66 -3.36 19.37
N PHE A 577 29.49 -2.62 18.63
CA PHE A 577 30.82 -2.26 19.11
C PHE A 577 30.71 -1.42 20.38
N ALA A 578 29.77 -0.48 20.41
CA ALA A 578 29.51 0.29 21.62
C ALA A 578 29.31 -0.63 22.82
N PHE A 579 28.30 -1.50 22.74
CA PHE A 579 27.97 -2.35 23.88
C PHE A 579 29.10 -3.32 24.21
N MET A 580 29.81 -3.81 23.19
CA MET A 580 30.92 -4.73 23.42
C MET A 580 32.01 -4.06 24.25
N ILE A 581 32.45 -2.88 23.84
CA ILE A 581 33.51 -2.20 24.58
C ILE A 581 33.05 -1.86 25.98
N GLY A 582 31.79 -1.42 26.12
CA GLY A 582 31.25 -1.15 27.44
C GLY A 582 31.32 -2.33 28.39
N MET A 583 30.72 -3.45 27.98
CA MET A 583 30.69 -4.62 28.86
C MET A 583 32.08 -5.21 29.08
N PHE A 584 32.96 -5.10 28.07
CA PHE A 584 34.33 -5.57 28.25
C PHE A 584 35.05 -4.77 29.32
N ILE A 585 34.96 -3.45 29.25
CA ILE A 585 35.56 -2.61 30.29
C ILE A 585 34.92 -2.89 31.64
N LEU A 586 33.63 -3.24 31.65
CA LEU A 586 32.95 -3.52 32.92
C LEU A 586 33.50 -4.79 33.57
N TYR A 587 33.58 -5.88 32.81
CA TYR A 587 33.80 -7.20 33.40
C TYR A 587 35.25 -7.69 33.32
N SER A 588 36.15 -6.93 32.69
CA SER A 588 37.47 -7.46 32.37
C SER A 588 38.25 -7.90 33.61
N TYR A 589 37.97 -7.29 34.77
CA TYR A 589 38.76 -7.58 35.96
C TYR A 589 38.38 -8.91 36.61
N TYR A 590 37.22 -9.47 36.28
CA TYR A 590 36.79 -10.74 36.88
C TYR A 590 37.08 -11.90 35.92
N LEU A 591 38.37 -12.14 35.70
CA LEU A 591 38.79 -13.23 34.83
C LEU A 591 38.44 -14.59 35.43
N GLY A 592 38.79 -14.80 36.70
CA GLY A 592 38.51 -16.05 37.36
C GLY A 592 37.49 -15.94 38.47
N ALA A 593 36.51 -15.04 38.29
CA ALA A 593 35.47 -14.83 39.29
C ALA A 593 34.08 -14.89 38.67
N LYS A 594 33.94 -15.50 37.51
CA LYS A 594 32.67 -15.60 36.80
C LYS A 594 32.28 -17.05 36.60
N VAL A 595 31.03 -17.24 36.18
CA VAL A 595 30.54 -18.59 35.85
C VAL A 595 31.33 -19.14 34.66
N ASN A 596 31.33 -18.40 33.56
CA ASN A 596 32.13 -18.73 32.39
C ASN A 596 33.02 -17.52 32.08
N ALA A 597 33.74 -17.60 30.95
CA ALA A 597 34.70 -16.59 30.56
C ALA A 597 34.14 -15.62 29.53
N ALA A 598 32.82 -15.38 29.55
CA ALA A 598 32.16 -14.71 28.43
C ALA A 598 32.75 -13.32 28.17
N PHE A 599 32.65 -12.41 29.13
CA PHE A 599 33.02 -11.01 28.96
C PHE A 599 34.39 -10.69 29.57
N THR A 600 35.29 -11.65 29.62
CA THR A 600 36.59 -11.40 30.24
C THR A 600 37.55 -10.71 29.27
N THR A 601 37.58 -11.15 28.02
CA THR A 601 38.47 -10.59 27.02
C THR A 601 37.66 -9.93 25.91
N VAL A 602 38.38 -9.29 24.98
CA VAL A 602 37.72 -8.62 23.87
C VAL A 602 37.07 -9.63 22.93
N GLU A 603 37.85 -10.63 22.49
CA GLU A 603 37.33 -11.58 21.51
C GLU A 603 36.18 -12.40 22.09
N GLU A 604 36.29 -12.80 23.35
CA GLU A 604 35.23 -13.60 23.95
C GLU A 604 33.97 -12.76 24.20
N SER A 605 34.16 -11.48 24.56
CA SER A 605 33.01 -10.58 24.66
C SER A 605 32.32 -10.43 23.32
N PHE A 606 33.11 -10.28 22.25
CA PHE A 606 32.55 -10.23 20.90
C PHE A 606 31.76 -11.48 20.59
N LYS A 607 32.34 -12.65 20.86
CA LYS A 607 31.65 -13.92 20.60
C LYS A 607 30.33 -13.99 21.36
N THR A 608 30.36 -13.70 22.66
CA THR A 608 29.14 -13.79 23.47
C THR A 608 28.08 -12.83 22.96
N LEU A 609 28.44 -11.56 22.75
CA LEU A 609 27.44 -10.58 22.34
C LEU A 609 26.91 -10.86 20.94
N PHE A 610 27.75 -11.35 20.04
CA PHE A 610 27.29 -11.70 18.70
C PHE A 610 26.33 -12.88 18.74
N TRP A 611 26.70 -13.94 19.47
CA TRP A 611 25.82 -15.10 19.56
C TRP A 611 24.54 -14.80 20.31
N SER A 612 24.52 -13.70 21.08
CA SER A 612 23.29 -13.24 21.72
C SER A 612 22.27 -12.75 20.71
N ILE A 613 22.69 -12.43 19.49
CA ILE A 613 21.75 -11.95 18.47
C ILE A 613 20.75 -13.04 18.12
N PHE A 614 21.22 -14.29 18.02
CA PHE A 614 20.38 -15.41 17.65
C PHE A 614 19.89 -16.19 18.87
N GLY A 615 19.98 -15.59 20.07
CA GLY A 615 19.52 -16.25 21.27
C GLY A 615 20.30 -17.50 21.64
N LEU A 616 21.49 -17.68 21.09
CA LEU A 616 22.32 -18.84 21.35
C LEU A 616 23.27 -18.65 22.52
N SER A 617 23.14 -17.55 23.26
CA SER A 617 23.97 -17.27 24.42
C SER A 617 23.10 -17.29 25.67
N GLU A 618 23.57 -17.98 26.70
CA GLU A 618 22.81 -18.07 27.94
C GLU A 618 22.96 -16.79 28.75
N VAL A 619 22.01 -16.61 29.68
CA VAL A 619 22.01 -15.42 30.54
C VAL A 619 22.84 -15.61 31.79
N THR A 620 23.36 -16.81 32.03
CA THR A 620 24.25 -17.03 33.16
C THR A 620 25.63 -16.46 32.93
N SER A 621 25.93 -15.98 31.73
CA SER A 621 27.24 -15.39 31.45
C SER A 621 27.45 -14.10 32.24
N VAL A 622 26.37 -13.43 32.63
CA VAL A 622 26.47 -12.17 33.34
C VAL A 622 26.75 -12.35 34.83
N VAL A 623 26.38 -13.49 35.40
CA VAL A 623 26.45 -13.69 36.84
C VAL A 623 27.90 -13.75 37.30
N LEU A 624 28.16 -13.17 38.47
CA LEU A 624 29.46 -13.19 39.11
C LEU A 624 29.50 -14.23 40.23
N LYS A 625 30.71 -14.64 40.59
CA LYS A 625 30.88 -15.55 41.72
C LYS A 625 30.88 -14.82 43.05
N TYR A 626 31.37 -13.57 43.08
CA TYR A 626 31.50 -12.83 44.32
C TYR A 626 30.15 -12.21 44.70
N ASP A 627 30.16 -11.32 45.69
CA ASP A 627 28.96 -10.64 46.16
C ASP A 627 28.95 -9.18 45.74
N HIS A 628 29.52 -8.88 44.57
CA HIS A 628 29.47 -7.53 44.00
C HIS A 628 28.15 -7.39 43.25
N LYS A 629 27.08 -7.17 44.01
CA LYS A 629 25.74 -7.13 43.44
C LYS A 629 25.57 -5.99 42.45
N PHE A 630 26.23 -4.86 42.69
CA PHE A 630 26.07 -3.69 41.83
C PHE A 630 26.57 -3.98 40.42
N ILE A 631 27.73 -4.62 40.31
CA ILE A 631 28.32 -4.87 39.00
C ILE A 631 27.45 -5.84 38.19
N GLU A 632 26.98 -6.91 38.83
CA GLU A 632 26.15 -7.87 38.11
C GLU A 632 24.77 -7.29 37.77
N ASN A 633 24.24 -6.41 38.61
CA ASN A 633 23.00 -5.73 38.26
C ASN A 633 23.18 -4.83 37.05
N ILE A 634 24.28 -4.08 37.01
CA ILE A 634 24.59 -3.26 35.84
C ILE A 634 24.78 -4.15 34.61
N GLY A 635 25.36 -5.33 34.81
CA GLY A 635 25.50 -6.26 33.68
C GLY A 635 24.16 -6.72 33.15
N TYR A 636 23.25 -7.11 34.05
CA TYR A 636 21.89 -7.45 33.65
C TYR A 636 21.26 -6.32 32.85
N VAL A 637 21.34 -5.09 33.38
CA VAL A 637 20.71 -3.94 32.74
C VAL A 637 21.28 -3.71 31.36
N LEU A 638 22.62 -3.71 31.25
CA LEU A 638 23.25 -3.43 29.97
C LEU A 638 22.95 -4.51 28.93
N TYR A 639 22.96 -5.78 29.34
CA TYR A 639 22.68 -6.87 28.41
C TYR A 639 21.23 -6.83 27.93
N GLY A 640 20.30 -6.57 28.85
CA GLY A 640 18.90 -6.44 28.45
C GLY A 640 18.67 -5.26 27.53
N ILE A 641 19.30 -4.12 27.82
CA ILE A 641 19.17 -2.95 26.96
C ILE A 641 19.78 -3.24 25.59
N TYR A 642 20.89 -3.99 25.56
CA TYR A 642 21.48 -4.38 24.28
C TYR A 642 20.50 -5.22 23.47
N ASN A 643 19.88 -6.21 24.09
CA ASN A 643 18.92 -7.05 23.36
C ASN A 643 17.74 -6.24 22.87
N VAL A 644 17.23 -5.33 23.69
CA VAL A 644 16.09 -4.52 23.29
C VAL A 644 16.47 -3.61 22.11
N THR A 645 17.65 -3.00 22.17
CA THR A 645 18.08 -2.13 21.07
C THR A 645 18.30 -2.93 19.79
N MET A 646 18.79 -4.17 19.93
CA MET A 646 18.93 -5.05 18.77
C MET A 646 17.58 -5.30 18.13
N VAL A 647 16.57 -5.59 18.95
CA VAL A 647 15.21 -5.81 18.42
C VAL A 647 14.69 -4.55 17.74
N VAL A 648 14.95 -3.39 18.33
CA VAL A 648 14.47 -2.13 17.76
C VAL A 648 15.10 -1.90 16.38
N VAL A 649 16.42 -2.07 16.30
CA VAL A 649 17.12 -1.87 15.02
C VAL A 649 16.62 -2.88 13.99
N LEU A 650 16.38 -4.13 14.40
CA LEU A 650 15.95 -5.15 13.43
C LEU A 650 14.57 -4.82 12.86
N LEU A 651 13.65 -4.41 13.74
CA LEU A 651 12.32 -4.00 13.30
C LEU A 651 12.39 -2.83 12.34
N ASN A 652 13.15 -1.79 12.68
CA ASN A 652 13.28 -0.64 11.79
C ASN A 652 13.86 -1.04 10.44
N MET A 653 14.82 -1.95 10.41
CA MET A 653 15.39 -2.35 9.13
C MET A 653 14.35 -3.06 8.28
N LEU A 654 13.72 -4.08 8.88
CA LEU A 654 12.66 -4.79 8.16
C LEU A 654 11.65 -3.83 7.58
N ILE A 655 11.40 -2.72 8.26
CA ILE A 655 10.25 -1.91 7.83
C ILE A 655 10.65 -0.77 6.88
N ALA A 656 11.79 -0.12 7.15
CA ALA A 656 12.33 0.71 6.09
C ALA A 656 12.38 -0.10 4.77
N MET A 657 12.62 -1.40 4.87
CA MET A 657 12.69 -2.22 3.67
C MET A 657 11.31 -2.41 3.06
N ILE A 658 10.35 -2.78 3.88
CA ILE A 658 8.99 -2.95 3.41
C ILE A 658 8.49 -1.64 2.76
N ASN A 659 8.89 -0.49 3.29
CA ASN A 659 8.45 0.77 2.69
C ASN A 659 9.09 0.97 1.32
N SER A 660 10.41 0.74 1.23
CA SER A 660 11.08 0.78 -0.07
C SER A 660 10.39 -0.13 -1.06
N SER A 661 9.84 -1.25 -0.59
CA SER A 661 9.19 -2.18 -1.48
C SER A 661 7.82 -1.66 -1.95
N TYR A 662 7.03 -1.11 -1.02
CA TYR A 662 5.66 -0.72 -1.36
C TYR A 662 5.61 0.38 -2.41
N GLN A 663 6.59 1.27 -2.43
CA GLN A 663 6.66 2.33 -3.42
C GLN A 663 7.19 1.87 -4.78
N GLU A 664 7.31 0.56 -4.98
CA GLU A 664 7.75 0.01 -6.26
C GLU A 664 6.85 -1.15 -6.70
N ASP A 668 7.84 -3.77 -11.87
CA ASP A 668 9.21 -3.52 -12.29
C ASP A 668 10.10 -4.72 -11.98
N SER A 669 9.55 -5.69 -11.25
CA SER A 669 10.26 -6.95 -11.03
C SER A 669 10.50 -7.66 -12.35
N ASP A 670 9.49 -7.68 -13.22
CA ASP A 670 9.64 -8.25 -14.55
C ASP A 670 10.74 -7.54 -15.33
N VAL A 671 10.71 -6.21 -15.32
CA VAL A 671 11.70 -5.42 -16.07
C VAL A 671 13.11 -5.67 -15.54
N GLU A 672 13.26 -5.69 -14.20
CA GLU A 672 14.56 -5.89 -13.61
C GLU A 672 15.11 -7.28 -13.93
N TRP A 673 14.28 -8.31 -13.76
CA TRP A 673 14.71 -9.67 -14.06
C TRP A 673 15.08 -9.80 -15.54
N LYS A 674 14.29 -9.19 -16.43
CA LYS A 674 14.59 -9.32 -17.85
C LYS A 674 15.86 -8.57 -18.22
N PHE A 675 16.13 -7.43 -17.57
CA PHE A 675 17.40 -6.74 -17.79
C PHE A 675 18.58 -7.62 -17.39
N ALA A 676 18.49 -8.23 -16.20
CA ALA A 676 19.58 -9.10 -15.74
C ALA A 676 19.75 -10.30 -16.66
N ARG A 677 18.65 -10.94 -17.05
CA ARG A 677 18.74 -12.10 -17.94
C ARG A 677 19.25 -11.72 -19.31
N SER A 678 18.95 -10.51 -19.77
CA SER A 678 19.49 -10.05 -21.05
C SER A 678 20.98 -9.82 -20.97
N LYS A 679 21.46 -9.29 -19.84
CA LYS A 679 22.90 -9.21 -19.63
C LYS A 679 23.53 -10.61 -19.67
N LEU A 680 22.90 -11.56 -18.97
CA LEU A 680 23.39 -12.94 -18.99
C LEU A 680 23.46 -13.49 -20.40
N TRP A 681 22.42 -13.26 -21.20
CA TRP A 681 22.40 -13.72 -22.59
C TRP A 681 23.53 -13.07 -23.38
N LEU A 682 23.61 -11.74 -23.34
CA LEU A 682 24.60 -11.02 -24.14
C LEU A 682 26.02 -11.42 -23.78
N SER A 683 26.24 -11.89 -22.55
CA SER A 683 27.58 -12.38 -22.21
C SER A 683 28.02 -13.56 -23.06
N TYR A 684 27.08 -14.27 -23.70
CA TYR A 684 27.40 -15.45 -24.48
C TYR A 684 27.29 -15.24 -25.98
N PHE A 685 26.92 -14.04 -26.44
CA PHE A 685 26.73 -13.84 -27.88
C PHE A 685 28.06 -13.75 -28.61
N ASP A 686 29.07 -13.11 -28.00
CA ASP A 686 30.37 -13.02 -28.63
C ASP A 686 30.97 -14.41 -28.81
N ASP A 687 31.54 -14.65 -29.99
CA ASP A 687 32.00 -15.98 -30.37
C ASP A 687 33.11 -16.49 -29.47
N LEU A 691 34.24 -22.83 -25.64
CA LEU A 691 34.35 -23.92 -24.69
C LEU A 691 34.45 -23.41 -23.25
N PRO A 692 33.96 -24.20 -22.30
CA PRO A 692 33.99 -23.78 -20.90
C PRO A 692 35.41 -23.57 -20.40
N PRO A 693 35.58 -22.83 -19.31
CA PRO A 693 36.92 -22.57 -18.75
C PRO A 693 37.71 -23.84 -18.49
N PRO A 694 37.11 -24.92 -17.95
CA PRO A 694 37.93 -26.12 -17.70
C PRO A 694 38.54 -26.73 -18.96
N PHE A 695 37.79 -26.74 -20.07
CA PHE A 695 38.26 -27.34 -21.30
C PHE A 695 38.94 -26.34 -22.24
N SER A 696 38.84 -25.04 -21.96
CA SER A 696 39.46 -24.03 -22.80
C SER A 696 40.95 -23.86 -22.52
N LEU A 697 41.55 -24.73 -21.71
CA LEU A 697 43.00 -24.68 -21.52
C LEU A 697 43.74 -25.05 -22.80
N VAL A 698 43.21 -26.01 -23.54
CA VAL A 698 43.86 -26.46 -24.78
C VAL A 698 43.78 -25.33 -25.82
N PRO A 699 44.89 -24.96 -26.45
CA PRO A 699 44.90 -23.91 -27.48
C PRO A 699 44.67 -24.45 -28.89
N GLN A 759 19.60 9.52 -52.38
CA GLN A 759 20.29 10.39 -51.42
C GLN A 759 20.11 9.93 -49.97
N PRO A 760 18.90 9.54 -49.56
CA PRO A 760 18.76 8.95 -48.22
C PRO A 760 18.99 7.44 -48.26
N THR A 761 19.62 6.95 -47.20
CA THR A 761 19.88 5.52 -47.05
C THR A 761 18.77 4.88 -46.23
N ARG A 762 18.64 3.56 -46.36
CA ARG A 762 17.51 2.85 -45.77
C ARG A 762 17.37 3.11 -44.28
N TYR A 763 18.49 3.27 -43.58
CA TYR A 763 18.43 3.58 -42.16
C TYR A 763 17.78 4.94 -41.93
N GLN A 764 18.15 5.94 -42.74
CA GLN A 764 17.55 7.26 -42.61
C GLN A 764 16.06 7.22 -42.92
N GLN A 765 15.67 6.48 -43.96
CA GLN A 765 14.24 6.35 -44.29
C GLN A 765 13.47 5.70 -43.15
N ILE A 766 14.03 4.65 -42.55
CA ILE A 766 13.34 3.94 -41.49
C ILE A 766 13.23 4.83 -40.24
N MET A 767 14.29 5.57 -39.93
CA MET A 767 14.23 6.50 -38.80
C MET A 767 13.20 7.59 -39.05
N LYS A 768 13.12 8.09 -40.28
CA LYS A 768 12.09 9.08 -40.63
C LYS A 768 10.70 8.51 -40.41
N ARG A 769 10.44 7.30 -40.92
CA ARG A 769 9.16 6.65 -40.70
C ARG A 769 8.84 6.54 -39.21
N LEU A 770 9.79 6.00 -38.43
CA LEU A 770 9.54 5.74 -37.02
C LEU A 770 9.30 7.03 -36.24
N ILE A 771 10.02 8.10 -36.58
CA ILE A 771 9.88 9.34 -35.82
C ILE A 771 8.59 10.07 -36.22
N LYS A 772 8.17 10.00 -37.48
CA LYS A 772 6.86 10.52 -37.84
C LYS A 772 5.75 9.76 -37.12
N ARG A 773 5.87 8.43 -37.08
CA ARG A 773 4.94 7.62 -36.33
C ARG A 773 4.92 8.02 -34.86
N TYR A 774 6.09 8.32 -34.29
CA TYR A 774 6.16 8.72 -32.89
C TYR A 774 5.49 10.05 -32.65
N VAL A 775 5.69 11.02 -33.55
CA VAL A 775 5.07 12.33 -33.38
C VAL A 775 3.56 12.20 -33.42
N LEU A 776 3.05 11.43 -34.40
CA LEU A 776 1.60 11.26 -34.49
C LEU A 776 1.05 10.53 -33.27
N LYS A 777 1.73 9.47 -32.84
CA LYS A 777 1.29 8.71 -31.67
C LYS A 777 1.33 9.54 -30.41
N ALA A 778 2.34 10.41 -30.28
CA ALA A 778 2.46 11.24 -29.08
C ALA A 778 1.37 12.31 -29.06
N GLN A 779 1.03 12.88 -30.22
CA GLN A 779 -0.09 13.82 -30.26
C GLN A 779 -1.40 13.10 -29.93
N VAL A 780 -1.57 11.87 -30.40
CA VAL A 780 -2.76 11.10 -30.05
C VAL A 780 -2.84 10.85 -28.55
N ASP A 781 -1.71 10.46 -27.96
CA ASP A 781 -1.67 10.21 -26.51
C ASP A 781 -1.91 11.50 -25.73
N LYS A 782 -1.47 12.64 -26.27
CA LYS A 782 -1.79 13.92 -25.65
C LYS A 782 -3.29 14.18 -25.71
N GLU A 783 -3.94 13.76 -26.80
CA GLU A 783 -5.39 13.85 -26.89
C GLU A 783 -6.10 12.97 -25.86
N ASN A 784 -5.41 11.98 -25.29
CA ASN A 784 -6.00 11.09 -24.29
C ASN A 784 -5.87 11.63 -22.88
N ASP A 785 -5.22 12.78 -22.69
CA ASP A 785 -5.14 13.39 -21.37
C ASP A 785 -6.50 13.94 -20.96
N GLU A 786 -6.77 13.89 -19.66
CA GLU A 786 -7.96 14.54 -19.12
C GLU A 786 -7.94 16.02 -19.49
N VAL A 787 -9.12 16.56 -19.80
CA VAL A 787 -9.23 18.00 -20.03
C VAL A 787 -9.09 18.72 -18.69
N ASN A 788 -8.45 19.88 -18.73
CA ASN A 788 -8.31 20.72 -17.55
C ASN A 788 -9.15 21.98 -17.70
N GLU A 789 -9.21 22.76 -16.62
CA GLU A 789 -10.09 23.92 -16.57
C GLU A 789 -9.76 24.94 -17.65
N GLY A 790 -8.48 25.09 -18.00
CA GLY A 790 -8.11 26.09 -18.99
C GLY A 790 -8.57 25.73 -20.40
N GLU A 791 -8.46 24.45 -20.75
CA GLU A 791 -8.92 24.00 -22.06
C GLU A 791 -10.43 24.22 -22.23
N LEU A 792 -11.18 24.27 -21.14
CA LEU A 792 -12.61 24.55 -21.19
C LEU A 792 -12.91 26.04 -21.18
N LYS A 793 -12.13 26.82 -20.43
CA LYS A 793 -12.26 28.27 -20.50
C LYS A 793 -11.97 28.77 -21.91
N GLU A 794 -11.07 28.11 -22.63
CA GLU A 794 -10.81 28.47 -24.02
C GLU A 794 -12.06 28.33 -24.88
N ILE A 795 -12.79 27.22 -24.71
CA ILE A 795 -14.02 27.02 -25.47
C ILE A 795 -15.10 27.99 -25.02
N LYS A 796 -15.14 28.33 -23.74
CA LYS A 796 -16.08 29.35 -23.28
C LYS A 796 -15.81 30.69 -23.96
N GLN A 797 -14.54 31.06 -24.08
CA GLN A 797 -14.20 32.31 -24.78
C GLN A 797 -14.53 32.22 -26.26
N ASP A 798 -14.34 31.05 -26.87
CA ASP A 798 -14.82 30.80 -28.22
C ASP A 798 -16.29 31.17 -28.35
N ILE A 799 -17.11 30.61 -27.46
CA ILE A 799 -18.55 30.85 -27.50
C ILE A 799 -18.85 32.34 -27.32
N SER A 800 -18.13 32.99 -26.41
CA SER A 800 -18.40 34.41 -26.13
C SER A 800 -18.11 35.28 -27.35
N SER A 801 -16.94 35.09 -27.96
CA SER A 801 -16.59 35.89 -29.13
C SER A 801 -17.54 35.61 -30.29
N LEU A 802 -17.93 34.34 -30.46
CA LEU A 802 -18.91 34.00 -31.49
C LEU A 802 -20.22 34.74 -31.26
N ARG A 803 -20.68 34.77 -30.00
CA ARG A 803 -21.92 35.48 -29.67
C ARG A 803 -21.81 36.96 -30.05
N TYR A 804 -20.71 37.60 -29.66
CA TYR A 804 -20.54 39.02 -29.98
C TYR A 804 -20.61 39.25 -31.49
N GLU A 805 -19.86 38.45 -32.26
CA GLU A 805 -19.84 38.63 -33.71
C GLU A 805 -21.23 38.44 -34.31
N LEU A 806 -21.95 37.41 -33.89
CA LEU A 806 -23.27 37.14 -34.48
C LEU A 806 -24.26 38.24 -34.16
N LEU A 807 -24.26 38.72 -32.90
CA LEU A 807 -25.19 39.80 -32.56
C LEU A 807 -24.87 41.07 -33.33
N GLU A 808 -23.59 41.38 -33.51
CA GLU A 808 -23.25 42.56 -34.32
C GLU A 808 -23.70 42.39 -35.77
N ASP A 809 -23.61 41.18 -36.32
CA ASP A 809 -24.10 40.94 -37.68
C ASP A 809 -25.60 41.20 -37.78
N LYS A 810 -26.37 40.70 -36.80
CA LYS A 810 -27.80 40.95 -36.81
C LYS A 810 -28.10 42.44 -36.73
N SER A 811 -27.33 43.18 -35.91
CA SER A 811 -27.55 44.62 -35.82
C SER A 811 -27.24 45.32 -37.14
N GLN A 812 -26.20 44.86 -37.83
CA GLN A 812 -25.91 45.39 -39.17
C GLN A 812 -27.10 45.20 -40.11
N ALA A 813 -27.69 44.00 -40.10
CA ALA A 813 -28.84 43.73 -40.95
C ALA A 813 -29.99 44.69 -40.62
N THR A 814 -30.25 44.90 -39.33
CA THR A 814 -31.37 45.76 -38.93
C THR A 814 -31.16 47.20 -39.38
N GLU A 815 -29.95 47.73 -39.17
CA GLU A 815 -29.69 49.11 -39.58
C GLU A 815 -29.74 49.28 -41.09
N GLU A 816 -29.29 48.27 -41.85
CA GLU A 816 -29.41 48.33 -43.30
C GLU A 816 -30.87 48.34 -43.74
N LEU A 817 -31.71 47.53 -43.10
CA LEU A 817 -33.14 47.59 -43.41
C LEU A 817 -33.73 48.95 -43.07
N ALA A 818 -33.24 49.59 -41.99
CA ALA A 818 -33.71 50.92 -41.64
C ALA A 818 -33.36 51.94 -42.72
N ILE A 819 -32.12 51.91 -43.22
CA ILE A 819 -31.76 52.86 -44.27
C ILE A 819 -32.52 52.55 -45.56
N LEU A 820 -32.83 51.27 -45.81
CA LEU A 820 -33.62 50.93 -46.98
C LEU A 820 -35.04 51.49 -46.87
N ILE A 821 -35.63 51.44 -45.66
CA ILE A 821 -36.92 52.07 -45.43
C ILE A 821 -36.81 53.57 -45.70
N HIS A 822 -35.75 54.20 -45.18
CA HIS A 822 -35.57 55.63 -45.39
C HIS A 822 -35.52 55.98 -46.88
N LYS A 823 -34.85 55.13 -47.67
CA LYS A 823 -34.80 55.38 -49.11
C LYS A 823 -36.17 55.21 -49.77
N LEU A 824 -37.02 54.34 -49.22
CA LEU A 824 -38.35 54.10 -49.77
C LEU A 824 -39.19 55.38 -49.73
N GLY B 12 -47.26 15.84 -1.52
CA GLY B 12 -46.41 14.73 -1.88
C GLY B 12 -45.17 14.63 -1.01
N PRO B 13 -44.18 15.47 -1.30
CA PRO B 13 -42.97 15.49 -0.46
C PRO B 13 -43.29 16.07 0.91
N ALA B 14 -42.87 15.37 1.97
CA ALA B 14 -43.15 15.85 3.32
C ALA B 14 -42.15 16.91 3.74
N PHE B 15 -41.88 17.86 2.85
CA PHE B 15 -41.17 19.11 3.13
C PHE B 15 -41.33 20.05 1.94
N MET B 16 -41.77 21.28 2.19
CA MET B 16 -41.99 22.27 1.14
C MET B 16 -41.05 23.44 1.36
N PHE B 17 -40.19 23.70 0.38
CA PHE B 17 -39.17 24.73 0.50
C PHE B 17 -39.47 25.99 -0.30
N ASN B 18 -40.64 26.07 -0.95
CA ASN B 18 -41.00 27.27 -1.70
C ASN B 18 -42.00 28.12 -0.93
N THR B 22 -50.93 26.00 -3.03
CA THR B 22 -50.69 27.03 -4.03
C THR B 22 -49.30 26.91 -4.62
N SER B 23 -49.22 26.96 -5.95
CA SER B 23 -47.94 26.87 -6.63
C SER B 23 -47.78 27.99 -7.65
N LEU B 24 -47.62 29.20 -7.14
CA LEU B 24 -47.43 30.41 -7.94
C LEU B 24 -48.53 30.62 -8.99
N THR B 25 -48.09 30.96 -10.21
CA THR B 25 -48.99 31.21 -11.32
C THR B 25 -48.33 30.74 -12.62
N ALA B 26 -49.13 30.50 -13.65
CA ALA B 26 -48.61 30.07 -14.94
C ALA B 26 -47.56 31.07 -15.43
N GLU B 27 -47.89 32.35 -15.33
CA GLU B 27 -46.99 33.42 -15.73
C GLU B 27 -45.72 33.43 -14.88
N GLU B 28 -45.86 33.22 -13.58
CA GLU B 28 -44.69 33.19 -12.70
C GLU B 28 -43.80 31.98 -13.01
N GLU B 29 -44.42 30.83 -13.30
CA GLU B 29 -43.64 29.66 -13.68
C GLU B 29 -42.89 29.89 -14.99
N ARG B 30 -43.55 30.52 -15.95
CA ARG B 30 -42.91 30.87 -17.22
C ARG B 30 -41.76 31.84 -17.00
N PHE B 31 -41.94 32.81 -16.11
CA PHE B 31 -40.89 33.78 -15.84
C PHE B 31 -39.71 33.13 -15.13
N LEU B 32 -39.96 32.21 -14.21
CA LEU B 32 -38.88 31.50 -13.55
C LEU B 32 -38.13 30.61 -14.52
N ASP B 33 -38.85 29.97 -15.45
CA ASP B 33 -38.20 29.20 -16.50
C ASP B 33 -37.32 30.09 -17.37
N ALA B 34 -37.81 31.28 -17.71
CA ALA B 34 -37.03 32.18 -18.55
C ALA B 34 -35.82 32.73 -17.81
N ALA B 35 -35.94 32.95 -16.51
CA ALA B 35 -34.83 33.48 -15.73
C ALA B 35 -33.76 32.41 -15.49
N GLU B 36 -34.18 31.18 -15.22
CA GLU B 36 -33.20 30.12 -14.94
C GLU B 36 -32.44 29.72 -16.18
N TYR B 37 -33.13 29.58 -17.32
CA TYR B 37 -32.53 29.09 -18.55
C TYR B 37 -32.07 30.22 -19.47
N GLY B 38 -31.99 31.44 -18.95
CA GLY B 38 -31.37 32.53 -19.70
C GLY B 38 -32.11 33.00 -20.92
N ASN B 39 -33.44 33.03 -20.87
CA ASN B 39 -34.25 33.52 -21.99
C ASN B 39 -34.38 35.03 -21.84
N ILE B 40 -33.32 35.72 -22.29
CA ILE B 40 -33.24 37.17 -22.08
C ILE B 40 -34.42 37.94 -22.68
N PRO B 41 -34.82 37.69 -23.93
CA PRO B 41 -35.95 38.48 -24.47
C PRO B 41 -37.23 38.33 -23.66
N VAL B 42 -37.53 37.11 -23.19
CA VAL B 42 -38.76 36.90 -22.44
C VAL B 42 -38.72 37.62 -21.10
N VAL B 43 -37.57 37.53 -20.40
CA VAL B 43 -37.49 38.20 -19.10
C VAL B 43 -37.55 39.71 -19.27
N ARG B 44 -36.95 40.24 -20.34
CA ARG B 44 -37.04 41.69 -20.57
C ARG B 44 -38.47 42.10 -20.87
N LYS B 45 -39.15 41.37 -21.75
CA LYS B 45 -40.54 41.65 -22.07
C LYS B 45 -41.40 41.64 -20.80
N MET B 46 -41.25 40.61 -19.97
CA MET B 46 -42.07 40.51 -18.77
C MET B 46 -41.76 41.63 -17.79
N LEU B 47 -40.48 41.87 -17.50
CA LEU B 47 -40.13 42.96 -16.59
C LEU B 47 -40.63 44.30 -17.11
N GLU B 48 -40.75 44.44 -18.43
CA GLU B 48 -41.24 45.71 -18.98
C GLU B 48 -42.75 45.86 -18.84
N GLU B 49 -43.51 44.83 -19.22
CA GLU B 49 -44.93 45.05 -19.45
C GLU B 49 -45.84 43.99 -18.83
N SER B 50 -45.36 43.22 -17.85
CA SER B 50 -46.24 42.24 -17.21
C SER B 50 -47.28 42.91 -16.33
N LYS B 51 -46.81 43.61 -15.28
CA LYS B 51 -47.64 44.44 -14.41
C LYS B 51 -48.54 43.62 -13.49
N THR B 52 -48.59 42.31 -13.69
CA THR B 52 -49.22 41.40 -12.74
C THR B 52 -48.21 40.52 -12.03
N LEU B 53 -47.08 40.26 -12.67
CA LEU B 53 -46.03 39.42 -12.13
C LEU B 53 -45.22 40.20 -11.08
N ASN B 54 -44.78 39.48 -10.06
CA ASN B 54 -43.85 40.01 -9.08
C ASN B 54 -42.50 39.34 -9.24
N VAL B 55 -41.44 40.14 -9.22
CA VAL B 55 -40.10 39.61 -9.47
C VAL B 55 -39.63 38.68 -8.37
N ASN B 56 -40.29 38.70 -7.22
CA ASN B 56 -39.88 37.87 -6.07
C ASN B 56 -40.59 36.53 -6.03
N CYS B 57 -41.17 36.08 -7.15
CA CYS B 57 -41.71 34.73 -7.21
C CYS B 57 -40.56 33.72 -7.05
N VAL B 58 -40.91 32.54 -6.57
CA VAL B 58 -39.95 31.64 -5.94
C VAL B 58 -39.97 30.27 -6.61
N ASP B 59 -38.78 29.71 -6.83
CA ASP B 59 -38.61 28.37 -7.37
C ASP B 59 -39.07 27.33 -6.35
N TYR B 60 -39.06 26.05 -6.75
CA TYR B 60 -39.41 24.99 -5.82
C TYR B 60 -38.37 24.82 -4.71
N MET B 61 -37.16 25.35 -4.90
CA MET B 61 -36.09 25.26 -3.92
C MET B 61 -35.96 26.52 -3.09
N GLY B 62 -36.91 27.45 -3.18
CA GLY B 62 -36.79 28.71 -2.48
C GLY B 62 -35.85 29.69 -3.15
N GLN B 63 -35.86 29.77 -4.47
CA GLN B 63 -34.93 30.58 -5.24
C GLN B 63 -35.71 31.56 -6.10
N ASN B 64 -35.56 32.85 -5.84
CA ASN B 64 -36.23 33.85 -6.67
C ASN B 64 -35.47 34.00 -8.00
N ALA B 65 -35.97 34.90 -8.85
CA ALA B 65 -35.43 35.02 -10.21
C ALA B 65 -33.96 35.43 -10.19
N LEU B 66 -33.59 36.33 -9.27
CA LEU B 66 -32.21 36.79 -9.22
C LEU B 66 -31.26 35.66 -8.85
N GLN B 67 -31.64 34.84 -7.87
CA GLN B 67 -30.80 33.70 -7.47
C GLN B 67 -30.68 32.68 -8.60
N LEU B 68 -31.77 32.43 -9.31
CA LEU B 68 -31.72 31.50 -10.44
C LEU B 68 -30.80 32.03 -11.53
N ALA B 69 -30.91 33.32 -11.84
CA ALA B 69 -30.08 33.90 -12.90
C ALA B 69 -28.60 33.88 -12.51
N VAL B 70 -28.31 34.17 -11.25
CA VAL B 70 -26.91 34.19 -10.81
C VAL B 70 -26.34 32.77 -10.76
N GLY B 71 -27.15 31.80 -10.32
CA GLY B 71 -26.68 30.43 -10.19
C GLY B 71 -26.37 29.76 -11.51
N ASN B 72 -26.93 30.26 -12.61
CA ASN B 72 -26.67 29.71 -13.95
C ASN B 72 -25.81 30.64 -14.79
N GLU B 73 -25.28 31.70 -14.20
CA GLU B 73 -24.35 32.62 -14.88
C GLU B 73 -25.00 33.26 -16.10
N HIS B 74 -26.17 33.87 -15.88
CA HIS B 74 -26.85 34.64 -16.92
C HIS B 74 -26.64 36.12 -16.58
N LEU B 75 -25.54 36.67 -17.10
CA LEU B 75 -25.15 38.04 -16.74
C LEU B 75 -26.15 39.06 -17.26
N GLU B 76 -26.67 38.87 -18.47
CA GLU B 76 -27.63 39.83 -19.03
C GLU B 76 -28.95 39.78 -18.27
N VAL B 77 -29.42 38.57 -17.94
CA VAL B 77 -30.62 38.45 -17.11
C VAL B 77 -30.38 39.08 -15.75
N THR B 78 -29.18 38.91 -15.20
CA THR B 78 -28.85 39.52 -13.92
C THR B 78 -28.91 41.05 -14.00
N GLU B 79 -28.35 41.62 -15.07
CA GLU B 79 -28.39 43.07 -15.24
C GLU B 79 -29.82 43.56 -15.41
N LEU B 80 -30.64 42.80 -16.13
CA LEU B 80 -32.05 43.16 -16.28
C LEU B 80 -32.78 43.13 -14.95
N LEU B 81 -32.50 42.12 -14.12
CA LEU B 81 -33.19 42.01 -12.84
C LEU B 81 -32.71 43.07 -11.85
N LEU B 82 -31.43 43.42 -11.88
CA LEU B 82 -30.89 44.37 -10.91
C LEU B 82 -31.50 45.76 -11.09
N LYS B 83 -31.95 46.09 -12.30
CA LYS B 83 -32.59 47.37 -12.53
C LYS B 83 -34.01 47.43 -12.00
N LYS B 84 -34.61 46.28 -11.69
CA LYS B 84 -35.98 46.23 -11.16
C LYS B 84 -35.96 46.63 -9.71
N GLU B 85 -36.58 47.77 -9.39
CA GLU B 85 -36.67 48.22 -8.00
C GLU B 85 -37.38 47.16 -7.15
N ASN B 86 -37.13 47.24 -5.84
CA ASN B 86 -37.67 46.33 -4.82
C ASN B 86 -37.44 44.85 -5.17
N LEU B 87 -36.36 44.56 -5.88
CA LEU B 87 -35.94 43.17 -6.06
C LEU B 87 -35.24 42.68 -4.81
N ALA B 88 -35.56 41.46 -4.39
CA ALA B 88 -35.05 40.89 -3.15
C ALA B 88 -33.90 39.94 -3.40
N ARG B 89 -33.30 39.48 -2.30
CA ARG B 89 -32.24 38.46 -2.30
C ARG B 89 -31.01 38.94 -3.07
N ILE B 90 -30.61 40.20 -2.84
CA ILE B 90 -29.44 40.75 -3.54
C ILE B 90 -28.15 40.39 -2.82
N GLY B 91 -28.15 40.44 -1.49
CA GLY B 91 -26.97 40.06 -0.74
C GLY B 91 -26.58 38.61 -0.96
N ASP B 92 -27.57 37.72 -0.92
CA ASP B 92 -27.29 36.31 -1.20
C ASP B 92 -26.90 36.12 -2.66
N ALA B 93 -27.44 36.94 -3.57
CA ALA B 93 -26.98 36.87 -4.95
C ALA B 93 -25.49 37.17 -5.05
N LEU B 94 -25.04 38.21 -4.35
CA LEU B 94 -23.62 38.52 -4.32
C LEU B 94 -22.83 37.36 -3.72
N LEU B 95 -23.31 36.80 -2.61
CA LEU B 95 -22.59 35.70 -1.97
C LEU B 95 -22.47 34.49 -2.90
N LEU B 96 -23.55 34.16 -3.60
CA LEU B 96 -23.54 33.01 -4.51
C LEU B 96 -22.62 33.27 -5.69
N ALA B 97 -22.66 34.47 -6.27
CA ALA B 97 -21.77 34.79 -7.37
C ALA B 97 -20.31 34.75 -6.95
N ILE B 98 -20.03 35.17 -5.71
CA ILE B 98 -18.66 35.09 -5.19
C ILE B 98 -18.25 33.63 -5.00
N SER B 99 -19.15 32.80 -4.47
CA SER B 99 -18.84 31.39 -4.27
C SER B 99 -18.54 30.70 -5.59
N LYS B 100 -19.32 30.98 -6.62
CA LYS B 100 -19.08 30.36 -7.92
C LYS B 100 -17.97 31.05 -8.72
N GLY B 101 -17.48 32.19 -8.24
CA GLY B 101 -16.40 32.88 -8.93
C GLY B 101 -16.80 33.62 -10.17
N TYR B 102 -18.06 34.02 -10.30
CA TYR B 102 -18.53 34.76 -11.47
C TYR B 102 -18.16 36.23 -11.29
N VAL B 103 -16.97 36.59 -11.79
CA VAL B 103 -16.40 37.91 -11.52
C VAL B 103 -17.30 39.00 -12.07
N ARG B 104 -17.80 38.84 -13.30
CA ARG B 104 -18.60 39.89 -13.92
C ARG B 104 -19.94 40.05 -13.22
N ILE B 105 -20.56 38.94 -12.81
CA ILE B 105 -21.82 39.04 -12.08
C ILE B 105 -21.58 39.69 -10.71
N VAL B 106 -20.44 39.39 -10.09
CA VAL B 106 -20.10 40.05 -8.83
C VAL B 106 -19.96 41.56 -9.04
N GLU B 107 -19.29 41.96 -10.12
CA GLU B 107 -19.15 43.38 -10.42
C GLU B 107 -20.51 44.03 -10.65
N ALA B 108 -21.40 43.34 -11.36
CA ALA B 108 -22.73 43.90 -11.62
C ALA B 108 -23.53 44.05 -10.34
N ILE B 109 -23.43 43.07 -9.44
CA ILE B 109 -24.18 43.15 -8.18
C ILE B 109 -23.61 44.24 -7.29
N LEU B 110 -22.28 44.39 -7.27
CA LEU B 110 -21.67 45.40 -6.41
C LEU B 110 -22.00 46.82 -6.84
N ASN B 111 -22.37 47.04 -8.10
CA ASN B 111 -22.77 48.36 -8.55
C ASN B 111 -24.22 48.70 -8.23
N HIS B 112 -24.93 47.81 -7.55
CA HIS B 112 -26.30 48.05 -7.14
C HIS B 112 -26.34 49.03 -5.97
N PRO B 113 -27.40 49.85 -5.88
CA PRO B 113 -27.51 50.78 -4.74
C PRO B 113 -27.42 50.11 -3.37
N GLY B 114 -27.75 48.82 -3.26
CA GLY B 114 -27.67 48.14 -1.98
C GLY B 114 -26.26 48.07 -1.44
N PHE B 115 -25.26 48.03 -2.32
CA PHE B 115 -23.86 48.01 -1.91
C PHE B 115 -23.14 49.32 -2.14
N ALA B 116 -23.56 50.10 -3.15
CA ALA B 116 -22.89 51.35 -3.45
C ALA B 116 -23.12 52.38 -2.35
N ALA B 117 -24.38 52.58 -1.96
CA ALA B 117 -24.70 53.57 -0.94
C ALA B 117 -24.31 53.09 0.46
N SER B 118 -24.73 51.88 0.82
CA SER B 118 -24.45 51.36 2.15
C SER B 118 -22.98 50.92 2.25
N LYS B 119 -22.57 50.60 3.48
CA LYS B 119 -21.22 50.14 3.79
C LYS B 119 -21.21 48.66 4.13
N ARG B 120 -21.99 47.87 3.40
CA ARG B 120 -22.17 46.45 3.71
C ARG B 120 -20.85 45.71 3.73
N LEU B 121 -19.95 46.03 2.80
CA LEU B 121 -18.71 45.27 2.67
C LEU B 121 -17.68 45.67 3.72
N THR B 122 -17.72 46.91 4.19
CA THR B 122 -16.70 47.39 5.13
C THR B 122 -16.99 46.94 6.56
N LEU B 123 -18.26 47.00 6.98
CA LEU B 123 -18.60 46.67 8.36
C LEU B 123 -18.36 45.19 8.64
N SER B 124 -18.03 44.91 9.91
CA SER B 124 -17.63 43.57 10.31
C SER B 124 -18.82 42.60 10.26
N PRO B 125 -18.56 41.29 10.29
CA PRO B 125 -19.67 40.33 10.37
C PRO B 125 -20.54 40.55 11.60
N CYS B 126 -19.94 40.94 12.73
CA CYS B 126 -20.72 41.17 13.95
C CYS B 126 -21.60 42.41 13.83
N GLU B 127 -21.11 43.45 13.15
CA GLU B 127 -21.91 44.65 12.94
C GLU B 127 -23.06 44.37 11.98
N GLN B 128 -22.85 43.50 10.99
CA GLN B 128 -23.95 43.06 10.14
C GLN B 128 -24.95 42.22 10.93
N GLU B 129 -24.45 41.40 11.85
CA GLU B 129 -25.31 40.49 12.60
C GLU B 129 -26.12 41.20 13.68
N LEU B 130 -25.64 42.33 14.20
CA LEU B 130 -26.37 43.02 15.25
C LEU B 130 -27.70 43.55 14.73
N GLN B 131 -27.71 44.11 13.52
CA GLN B 131 -28.96 44.45 12.86
C GLN B 131 -29.51 43.20 12.19
N ASP B 132 -30.81 42.95 12.38
CA ASP B 132 -31.38 41.78 11.71
C ASP B 132 -31.28 41.96 10.20
N ASP B 133 -32.06 42.88 9.64
CA ASP B 133 -31.87 43.49 8.33
C ASP B 133 -31.92 42.47 7.19
N ASP B 134 -31.86 41.18 7.53
CA ASP B 134 -31.99 40.05 6.61
C ASP B 134 -31.41 40.32 5.23
N PHE B 135 -30.19 40.87 5.17
CA PHE B 135 -29.64 41.27 3.88
C PHE B 135 -29.07 40.07 3.13
N TYR B 136 -28.30 39.23 3.80
CA TYR B 136 -27.73 38.05 3.17
C TYR B 136 -28.60 36.82 3.32
N ALA B 137 -29.82 36.98 3.83
CA ALA B 137 -30.77 35.87 3.84
C ALA B 137 -31.32 35.62 2.45
N TYR B 138 -31.41 34.35 2.07
CA TYR B 138 -31.88 33.96 0.76
C TYR B 138 -33.30 33.41 0.76
N ASP B 139 -33.86 33.12 1.93
CA ASP B 139 -35.21 32.57 2.02
C ASP B 139 -35.88 33.22 3.22
N GLU B 140 -37.01 32.63 3.65
CA GLU B 140 -37.75 33.17 4.79
C GLU B 140 -36.92 33.16 6.06
N ASP B 141 -36.01 32.21 6.21
CA ASP B 141 -35.32 32.00 7.49
C ASP B 141 -33.98 31.32 7.23
N GLY B 142 -32.90 32.08 7.31
CA GLY B 142 -31.56 31.55 7.21
C GLY B 142 -30.76 32.19 6.09
N THR B 143 -29.47 31.87 6.11
CA THR B 143 -28.52 32.32 5.10
C THR B 143 -27.86 31.12 4.44
N ARG B 144 -27.40 31.30 3.20
CA ARG B 144 -26.89 30.18 2.41
C ARG B 144 -25.62 29.61 3.05
N PHE B 145 -24.66 30.47 3.39
CA PHE B 145 -23.47 30.07 4.10
C PHE B 145 -23.60 30.50 5.56
N SER B 146 -22.55 30.25 6.34
CA SER B 146 -22.59 30.60 7.75
C SER B 146 -22.83 32.09 7.91
N PRO B 147 -23.62 32.51 8.91
CA PRO B 147 -23.92 33.94 9.05
C PRO B 147 -22.69 34.81 9.26
N ASP B 148 -21.60 34.26 9.77
CA ASP B 148 -20.38 35.03 9.97
C ASP B 148 -19.55 35.15 8.70
N ILE B 149 -19.82 34.33 7.69
CA ILE B 149 -19.04 34.33 6.46
C ILE B 149 -19.46 35.56 5.64
N THR B 150 -18.63 36.60 5.67
CA THR B 150 -18.86 37.81 4.90
C THR B 150 -18.38 37.60 3.46
N PRO B 151 -18.72 38.51 2.55
CA PRO B 151 -18.21 38.37 1.17
C PRO B 151 -16.71 38.18 1.07
N ILE B 152 -15.92 38.93 1.84
CA ILE B 152 -14.46 38.80 1.76
C ILE B 152 -14.01 37.44 2.28
N ILE B 153 -14.61 36.97 3.37
CA ILE B 153 -14.25 35.66 3.92
C ILE B 153 -14.61 34.55 2.95
N LEU B 154 -15.77 34.66 2.30
CA LEU B 154 -16.19 33.64 1.34
C LEU B 154 -15.26 33.64 0.13
N ALA B 155 -14.92 34.83 -0.38
CA ALA B 155 -13.99 34.90 -1.51
C ALA B 155 -12.63 34.32 -1.15
N ALA B 156 -12.17 34.55 0.07
CA ALA B 156 -10.91 33.96 0.51
C ALA B 156 -11.03 32.43 0.60
N HIS B 157 -12.15 31.94 1.12
CA HIS B 157 -12.38 30.50 1.17
C HIS B 157 -12.28 29.88 -0.22
N CYS B 158 -13.01 30.44 -1.18
CA CYS B 158 -12.99 29.90 -2.54
C CYS B 158 -11.69 30.22 -3.28
N GLN B 159 -10.85 31.11 -2.74
CA GLN B 159 -9.59 31.50 -3.37
C GLN B 159 -9.83 32.10 -4.76
N LYS B 160 -10.83 32.98 -4.83
CA LYS B 160 -11.11 33.77 -6.03
C LYS B 160 -10.22 35.00 -5.96
N TYR B 161 -9.06 34.94 -6.63
CA TYR B 161 -8.06 36.00 -6.51
C TYR B 161 -8.63 37.34 -6.95
N GLU B 162 -9.31 37.38 -8.10
CA GLU B 162 -9.85 38.65 -8.58
C GLU B 162 -10.97 39.16 -7.67
N VAL B 163 -11.82 38.27 -7.17
CA VAL B 163 -12.89 38.69 -6.27
C VAL B 163 -12.32 39.18 -4.95
N VAL B 164 -11.30 38.50 -4.44
CA VAL B 164 -10.63 38.97 -3.22
C VAL B 164 -10.03 40.34 -3.43
N HIS B 165 -9.38 40.56 -4.58
CA HIS B 165 -8.81 41.87 -4.86
C HIS B 165 -9.88 42.94 -4.96
N MET B 166 -10.99 42.63 -5.64
CA MET B 166 -12.10 43.57 -5.75
C MET B 166 -12.61 43.97 -4.36
N LEU B 167 -12.87 42.97 -3.51
CA LEU B 167 -13.41 43.27 -2.19
C LEU B 167 -12.41 44.03 -1.33
N LEU B 168 -11.11 43.73 -1.48
CA LEU B 168 -10.10 44.48 -0.76
C LEU B 168 -10.07 45.94 -1.22
N MET B 169 -10.29 46.18 -2.51
CA MET B 169 -10.37 47.54 -3.02
C MET B 169 -11.50 48.32 -2.35
N LYS B 170 -12.59 47.63 -2.00
CA LYS B 170 -13.75 48.28 -1.40
C LYS B 170 -13.61 48.47 0.11
N GLY B 171 -12.56 47.95 0.72
CA GLY B 171 -12.31 48.14 2.14
C GLY B 171 -12.61 46.94 3.00
N ALA B 172 -12.95 45.80 2.42
CA ALA B 172 -13.28 44.62 3.20
C ALA B 172 -12.00 43.93 3.68
N ARG B 173 -11.97 43.57 4.96
CA ARG B 173 -10.83 42.90 5.58
C ARG B 173 -11.34 41.80 6.50
N ILE B 174 -10.57 40.72 6.59
CA ILE B 174 -10.90 39.64 7.51
C ILE B 174 -10.47 40.03 8.92
N GLU B 175 -11.17 39.49 9.92
CA GLU B 175 -11.25 40.13 11.23
C GLU B 175 -10.09 39.81 12.17
N ARG B 176 -9.33 38.74 11.92
CA ARG B 176 -8.27 38.34 12.86
C ARG B 176 -8.85 38.01 14.23
N PRO B 177 -9.50 36.85 14.38
CA PRO B 177 -10.17 36.52 15.65
C PRO B 177 -9.27 36.73 16.86
N HIS B 178 -9.91 37.02 17.99
CA HIS B 178 -9.19 37.26 19.23
C HIS B 178 -8.52 35.98 19.72
N ASP B 179 -7.69 36.14 20.76
CA ASP B 179 -7.00 35.01 21.37
C ASP B 179 -8.01 33.98 21.87
N TYR B 180 -7.59 32.72 21.94
CA TYR B 180 -8.46 31.66 22.41
C TYR B 180 -8.89 31.91 23.85
N PHE B 181 -7.93 32.09 24.76
CA PHE B 181 -8.22 32.38 26.16
C PHE B 181 -8.43 33.89 26.33
N CYS B 182 -9.56 34.36 25.80
CA CYS B 182 -9.90 35.78 25.82
C CYS B 182 -10.98 36.04 26.86
N LYS B 183 -10.87 37.19 27.53
CA LYS B 183 -11.77 37.54 28.62
C LYS B 183 -12.61 38.78 28.34
N CYS B 184 -12.49 39.39 27.16
CA CYS B 184 -13.26 40.60 26.87
C CYS B 184 -14.75 40.30 26.77
N GLY B 185 -15.55 41.36 26.90
CA GLY B 185 -16.99 41.18 26.97
C GLY B 185 -17.58 40.52 25.74
N ASP B 186 -17.06 40.85 24.56
CA ASP B 186 -17.59 40.27 23.33
C ASP B 186 -17.33 38.77 23.26
N CYS B 187 -16.08 38.36 23.50
CA CYS B 187 -15.76 36.94 23.50
C CYS B 187 -16.50 36.20 24.61
N MET B 188 -16.64 36.84 25.77
CA MET B 188 -17.36 36.21 26.87
C MET B 188 -18.82 35.96 26.50
N GLU B 189 -19.48 36.96 25.91
CA GLU B 189 -20.88 36.80 25.55
C GLU B 189 -21.04 35.80 24.42
N LYS B 190 -20.13 35.81 23.44
CA LYS B 190 -20.20 34.83 22.37
C LYS B 190 -20.02 33.42 22.90
N GLN B 191 -19.10 33.23 23.85
CA GLN B 191 -18.82 31.89 24.37
C GLN B 191 -19.95 31.40 25.26
N ARG B 192 -20.55 32.30 26.04
CA ARG B 192 -21.66 31.89 26.90
C ARG B 192 -22.92 31.63 26.09
N HIS B 193 -23.13 32.41 25.02
CA HIS B 193 -24.34 32.26 24.22
C HIS B 193 -24.42 30.89 23.56
N ASP B 194 -23.48 30.58 22.68
CA ASP B 194 -23.52 29.35 21.90
C ASP B 194 -22.34 28.44 22.14
N SER B 195 -21.11 28.94 21.98
CA SER B 195 -19.85 28.24 22.23
C SER B 195 -19.56 27.18 21.17
N PHE B 196 -20.51 26.92 20.28
CA PHE B 196 -20.28 26.11 19.09
C PHE B 196 -20.33 26.92 17.81
N SER B 197 -21.31 27.82 17.70
CA SER B 197 -21.26 28.85 16.67
C SER B 197 -20.01 29.69 16.80
N HIS B 198 -19.54 29.90 18.03
CA HIS B 198 -18.35 30.71 18.26
C HIS B 198 -17.10 30.04 17.69
N SER B 199 -16.88 28.76 18.04
CA SER B 199 -15.71 28.07 17.54
C SER B 199 -15.77 27.86 16.03
N ARG B 200 -16.96 27.56 15.50
CA ARG B 200 -17.11 27.43 14.06
C ARG B 200 -16.84 28.75 13.36
N SER B 201 -17.26 29.87 13.95
CA SER B 201 -16.96 31.18 13.38
C SER B 201 -15.46 31.46 13.40
N ARG B 202 -14.79 31.08 14.50
CA ARG B 202 -13.34 31.21 14.55
C ARG B 202 -12.67 30.41 13.45
N ILE B 203 -13.13 29.17 13.24
CA ILE B 203 -12.55 28.32 12.20
C ILE B 203 -12.81 28.92 10.82
N ASN B 204 -13.99 29.52 10.61
CA ASN B 204 -14.29 30.16 9.34
C ASN B 204 -13.35 31.34 9.08
N ALA B 205 -13.16 32.18 10.11
CA ALA B 205 -12.29 33.34 9.93
C ALA B 205 -10.84 32.91 9.69
N TYR B 206 -10.40 31.83 10.34
CA TYR B 206 -9.05 31.34 10.09
C TYR B 206 -8.92 30.66 8.72
N LYS B 207 -9.98 30.00 8.27
CA LYS B 207 -9.99 29.44 6.91
C LYS B 207 -9.90 30.56 5.88
N GLY B 208 -10.49 31.71 6.19
CA GLY B 208 -10.33 32.87 5.31
C GLY B 208 -8.93 33.45 5.36
N LEU B 209 -8.38 33.59 6.58
CA LEU B 209 -7.06 34.18 6.74
C LEU B 209 -5.97 33.28 6.14
N ALA B 210 -6.11 31.97 6.29
CA ALA B 210 -5.06 31.03 5.88
C ALA B 210 -5.09 30.70 4.40
N SER B 211 -5.92 31.35 3.61
CA SER B 211 -5.96 31.00 2.20
C SER B 211 -4.86 31.73 1.44
N PRO B 212 -4.28 31.10 0.40
CA PRO B 212 -3.20 31.77 -0.33
C PRO B 212 -3.63 33.05 -1.02
N ALA B 213 -4.89 33.15 -1.47
CA ALA B 213 -5.35 34.36 -2.15
C ALA B 213 -5.31 35.55 -1.20
N TYR B 214 -5.95 35.42 -0.04
CA TYR B 214 -5.96 36.51 0.93
C TYR B 214 -4.57 36.80 1.46
N LEU B 215 -3.80 35.75 1.75
CA LEU B 215 -2.42 35.93 2.22
C LEU B 215 -1.61 36.76 1.23
N SER B 216 -1.71 36.43 -0.06
CA SER B 216 -0.90 37.13 -1.05
C SER B 216 -1.38 38.55 -1.29
N LEU B 217 -2.70 38.75 -1.36
CA LEU B 217 -3.23 40.05 -1.76
C LEU B 217 -3.39 41.03 -0.61
N SER B 218 -3.38 40.57 0.65
CA SER B 218 -3.79 41.42 1.76
C SER B 218 -2.64 42.15 2.44
N SER B 219 -1.53 41.46 2.72
CA SER B 219 -0.49 41.98 3.59
C SER B 219 0.74 42.41 2.81
N GLU B 220 1.62 43.13 3.50
CA GLU B 220 2.86 43.61 2.90
C GLU B 220 3.86 42.47 2.71
N ASP B 221 4.07 41.67 3.76
CA ASP B 221 5.01 40.54 3.73
C ASP B 221 4.19 39.28 3.93
N PRO B 222 3.67 38.68 2.86
CA PRO B 222 2.81 37.50 3.02
C PRO B 222 3.52 36.28 3.58
N VAL B 223 4.84 36.16 3.39
CA VAL B 223 5.52 34.96 3.87
C VAL B 223 5.73 35.01 5.39
N LEU B 224 6.03 36.19 5.93
CA LEU B 224 6.12 36.34 7.38
C LEU B 224 4.77 36.13 8.04
N THR B 225 3.73 36.74 7.47
CA THR B 225 2.37 36.53 7.94
C THR B 225 2.00 35.06 7.91
N ALA B 226 2.38 34.37 6.82
CA ALA B 226 2.03 32.96 6.69
C ALA B 226 2.75 32.10 7.71
N LEU B 227 4.03 32.38 7.96
CA LEU B 227 4.76 31.63 8.99
C LEU B 227 4.14 31.84 10.37
N GLU B 228 3.89 33.10 10.74
CA GLU B 228 3.32 33.39 12.06
C GLU B 228 1.93 32.76 12.20
N LEU B 229 1.11 32.87 11.16
CA LEU B 229 -0.23 32.29 11.19
C LEU B 229 -0.18 30.77 11.19
N SER B 230 0.84 30.17 10.57
CA SER B 230 0.99 28.72 10.61
C SER B 230 1.28 28.26 12.02
N ASN B 231 2.21 28.95 12.72
CA ASN B 231 2.44 28.60 14.12
C ASN B 231 1.20 28.83 14.96
N GLU B 232 0.47 29.91 14.67
CA GLU B 232 -0.78 30.22 15.38
C GLU B 232 -1.77 29.07 15.26
N LEU B 233 -2.01 28.60 14.04
CA LEU B 233 -2.95 27.51 13.81
C LEU B 233 -2.43 26.19 14.36
N ALA B 234 -1.11 25.98 14.35
CA ALA B 234 -0.56 24.77 14.94
C ALA B 234 -0.82 24.74 16.44
N LYS B 235 -0.73 25.88 17.11
CA LYS B 235 -1.06 25.93 18.53
C LYS B 235 -2.56 25.78 18.75
N LEU B 236 -3.37 26.40 17.89
CA LEU B 236 -4.83 26.25 17.98
C LEU B 236 -5.24 24.78 17.87
N ALA B 237 -4.55 24.02 17.01
CA ALA B 237 -4.87 22.60 16.86
C ALA B 237 -4.67 21.84 18.16
N ASN B 238 -3.63 22.20 18.92
CA ASN B 238 -3.39 21.54 20.20
C ASN B 238 -4.39 22.00 21.26
N ILE B 239 -4.71 23.29 21.28
CA ILE B 239 -5.61 23.80 22.31
C ILE B 239 -7.02 23.26 22.11
N GLU B 240 -7.52 23.31 20.89
CA GLU B 240 -8.89 22.89 20.58
C GLU B 240 -8.82 21.57 19.82
N LYS B 241 -8.94 20.47 20.56
CA LYS B 241 -8.68 19.15 20.00
C LYS B 241 -9.85 18.58 19.21
N GLU B 242 -11.09 19.02 19.48
CA GLU B 242 -12.22 18.48 18.74
C GLU B 242 -12.18 18.89 17.27
N PHE B 243 -11.69 20.09 16.98
CA PHE B 243 -11.48 20.55 15.62
C PHE B 243 -10.01 20.51 15.22
N LYS B 244 -9.28 19.51 15.73
CA LYS B 244 -7.85 19.40 15.49
C LYS B 244 -7.54 19.31 13.99
N ASN B 245 -8.33 18.53 13.26
CA ASN B 245 -8.06 18.31 11.84
C ASN B 245 -8.17 19.61 11.04
N ASP B 246 -9.18 20.44 11.36
CA ASP B 246 -9.38 21.67 10.60
C ASP B 246 -8.20 22.62 10.77
N TYR B 247 -7.82 22.88 12.03
CA TYR B 247 -6.68 23.77 12.27
C TYR B 247 -5.40 23.19 11.68
N ARG B 248 -5.24 21.87 11.72
CA ARG B 248 -4.07 21.24 11.13
C ARG B 248 -4.03 21.48 9.63
N LYS B 249 -5.16 21.31 8.95
CA LYS B 249 -5.22 21.56 7.51
C LYS B 249 -4.92 23.02 7.18
N LEU B 250 -5.45 23.95 7.98
CA LEU B 250 -5.20 25.37 7.71
C LEU B 250 -3.72 25.71 7.91
N SER B 251 -3.11 25.18 8.97
CA SER B 251 -1.69 25.38 9.19
C SER B 251 -0.87 24.82 8.04
N MET B 252 -1.27 23.65 7.51
CA MET B 252 -0.59 23.09 6.35
C MET B 252 -0.74 23.98 5.13
N GLN B 253 -1.94 24.58 4.95
CA GLN B 253 -2.15 25.55 3.88
C GLN B 253 -1.13 26.67 3.97
N CYS B 254 -0.97 27.25 5.16
CA CYS B 254 0.01 28.32 5.35
C CYS B 254 1.42 27.85 5.03
N LYS B 255 1.80 26.67 5.55
CA LYS B 255 3.13 26.12 5.31
C LYS B 255 3.42 26.02 3.83
N ASP B 256 2.54 25.36 3.08
CA ASP B 256 2.82 25.17 1.66
C ASP B 256 2.62 26.45 0.86
N PHE B 257 1.92 27.45 1.39
CA PHE B 257 1.98 28.76 0.76
C PHE B 257 3.38 29.33 0.84
N VAL B 258 4.00 29.28 2.02
CA VAL B 258 5.38 29.76 2.15
C VAL B 258 6.30 28.97 1.21
N VAL B 259 6.09 27.65 1.15
CA VAL B 259 6.92 26.81 0.31
C VAL B 259 6.76 27.18 -1.17
N GLY B 260 5.51 27.43 -1.59
CA GLY B 260 5.28 27.80 -2.98
C GLY B 260 5.85 29.17 -3.32
N VAL B 261 5.84 30.10 -2.37
CA VAL B 261 6.47 31.39 -2.62
C VAL B 261 7.98 31.23 -2.77
N LEU B 262 8.59 30.41 -1.91
CA LEU B 262 10.02 30.15 -2.07
C LEU B 262 10.33 29.43 -3.37
N ASP B 263 9.40 28.60 -3.85
CA ASP B 263 9.63 27.79 -5.04
C ASP B 263 9.78 28.62 -6.32
N LEU B 264 9.37 29.89 -6.30
CA LEU B 264 9.32 30.70 -7.51
C LEU B 264 10.59 31.50 -7.75
N CYS B 265 11.54 31.51 -6.82
CA CYS B 265 12.72 32.36 -6.95
C CYS B 265 13.57 31.93 -8.15
N ARG B 266 14.11 32.92 -8.85
CA ARG B 266 14.86 32.67 -10.07
C ARG B 266 16.30 33.18 -10.04
N ASP B 267 16.67 33.98 -9.05
CA ASP B 267 18.07 34.39 -8.89
C ASP B 267 18.34 34.57 -7.39
N SER B 268 19.62 34.83 -7.08
CA SER B 268 20.05 34.81 -5.68
C SER B 268 19.47 35.97 -4.87
N GLU B 269 19.17 37.09 -5.52
CA GLU B 269 18.62 38.23 -4.77
C GLU B 269 17.24 37.89 -4.21
N GLU B 270 16.39 37.26 -5.01
CA GLU B 270 15.07 36.86 -4.53
C GLU B 270 15.17 35.78 -3.46
N VAL B 271 16.10 34.84 -3.62
CA VAL B 271 16.30 33.81 -2.61
C VAL B 271 16.73 34.43 -1.28
N GLU B 272 17.62 35.42 -1.35
CA GLU B 272 18.02 36.13 -0.14
C GLU B 272 16.84 36.86 0.49
N ALA B 273 16.04 37.54 -0.33
CA ALA B 273 14.89 38.26 0.20
C ALA B 273 13.89 37.32 0.87
N ILE B 274 13.77 36.09 0.36
CA ILE B 274 12.84 35.14 0.94
C ILE B 274 13.43 34.53 2.22
N LEU B 275 14.72 34.19 2.21
CA LEU B 275 15.33 33.47 3.32
C LEU B 275 15.84 34.37 4.43
N ASN B 276 16.50 35.49 4.08
CA ASN B 276 17.07 36.38 5.08
C ASN B 276 16.05 37.34 5.69
N GLY B 277 14.77 37.16 5.39
CA GLY B 277 13.81 38.18 5.77
C GLY B 277 14.05 39.44 4.97
N ASP B 278 13.93 40.58 5.63
CA ASP B 278 14.24 41.86 4.98
C ASP B 278 15.73 41.96 4.71
N ALA B 292 24.74 37.22 6.59
CA ALA B 292 23.37 36.96 6.17
C ALA B 292 22.63 36.14 7.23
N SER B 293 21.94 36.84 8.13
CA SER B 293 21.16 36.18 9.17
C SER B 293 19.91 35.56 8.55
N LEU B 294 19.89 34.24 8.45
CA LEU B 294 18.78 33.53 7.83
C LEU B 294 17.56 33.52 8.75
N SER B 295 16.94 34.68 8.93
CA SER B 295 15.86 34.81 9.91
C SER B 295 14.69 33.90 9.54
N ARG B 296 14.29 33.89 8.28
CA ARG B 296 13.14 33.07 7.87
C ARG B 296 13.45 31.59 7.93
N VAL B 297 14.70 31.19 7.68
CA VAL B 297 15.07 29.79 7.84
C VAL B 297 15.01 29.38 9.31
N LYS B 298 15.49 30.25 10.20
CA LYS B 298 15.33 30.01 11.63
C LYS B 298 13.86 29.87 12.00
N LEU B 299 13.01 30.76 11.47
CA LEU B 299 11.59 30.69 11.78
C LEU B 299 10.95 29.42 11.24
N ALA B 300 11.36 28.97 10.06
CA ALA B 300 10.78 27.76 9.50
C ALA B 300 11.21 26.52 10.27
N ILE B 301 12.46 26.49 10.75
CA ILE B 301 12.90 25.37 11.57
C ILE B 301 12.21 25.42 12.93
N LYS B 302 11.99 26.63 13.46
CA LYS B 302 11.32 26.76 14.75
C LYS B 302 9.85 26.34 14.67
N TYR B 303 9.17 26.71 13.59
CA TYR B 303 7.77 26.37 13.38
C TYR B 303 7.59 25.06 12.62
N GLU B 304 8.69 24.39 12.27
CA GLU B 304 8.65 23.08 11.60
C GLU B 304 7.95 23.16 10.24
N VAL B 305 8.33 24.16 9.45
CA VAL B 305 7.94 24.21 8.04
C VAL B 305 9.04 23.47 7.29
N LYS B 306 8.91 22.15 7.24
CA LYS B 306 10.02 21.31 6.79
C LYS B 306 10.22 21.38 5.29
N LYS B 307 9.13 21.49 4.52
CA LYS B 307 9.27 21.59 3.07
C LYS B 307 9.93 22.90 2.66
N PHE B 308 9.75 23.96 3.45
CA PHE B 308 10.41 25.23 3.16
C PHE B 308 11.93 25.10 3.31
N VAL B 309 12.38 24.51 4.42
CA VAL B 309 13.81 24.38 4.66
C VAL B 309 14.43 23.36 3.72
N ALA B 310 13.74 22.24 3.50
CA ALA B 310 14.25 21.18 2.64
C ALA B 310 14.10 21.48 1.15
N HIS B 311 13.65 22.69 0.80
CA HIS B 311 13.47 23.02 -0.61
C HIS B 311 14.82 23.26 -1.26
N PRO B 312 15.01 22.86 -2.53
CA PRO B 312 16.32 22.98 -3.17
C PRO B 312 16.94 24.38 -3.14
N ASN B 313 16.13 25.44 -3.17
CA ASN B 313 16.68 26.80 -3.14
C ASN B 313 17.30 27.11 -1.79
N CYS B 314 16.52 26.95 -0.71
CA CYS B 314 17.06 27.11 0.63
C CYS B 314 18.22 26.15 0.86
N GLN B 315 18.14 24.94 0.29
CA GLN B 315 19.19 23.95 0.48
C GLN B 315 20.50 24.42 -0.15
N GLN B 316 20.45 24.95 -1.37
CA GLN B 316 21.68 25.40 -2.01
C GLN B 316 22.23 26.65 -1.34
N GLN B 317 21.35 27.52 -0.82
CA GLN B 317 21.85 28.66 -0.04
C GLN B 317 22.60 28.18 1.21
N LEU B 318 21.97 27.31 2.00
CA LEU B 318 22.61 26.77 3.18
C LEU B 318 23.89 26.03 2.82
N LEU B 319 23.92 25.38 1.66
CA LEU B 319 25.10 24.62 1.26
C LEU B 319 26.25 25.54 0.88
N THR B 320 25.96 26.64 0.18
CA THR B 320 27.00 27.61 -0.12
C THR B 320 27.54 28.23 1.16
N ILE B 321 26.70 28.43 2.17
CA ILE B 321 27.21 28.91 3.44
C ILE B 321 28.02 27.83 4.15
N TRP B 322 27.67 26.56 3.93
CA TRP B 322 28.32 25.46 4.63
C TRP B 322 29.77 25.30 4.19
N TYR B 323 30.02 25.33 2.87
CA TYR B 323 31.38 25.31 2.33
C TYR B 323 31.81 26.74 1.98
N GLU B 324 32.13 27.50 3.03
CA GLU B 324 32.47 28.91 2.84
C GLU B 324 33.76 29.07 2.05
N ASN B 325 34.88 28.60 2.61
CA ASN B 325 36.18 28.76 1.97
C ASN B 325 36.72 27.46 1.38
N LEU B 326 35.95 26.37 1.46
CA LEU B 326 36.39 25.08 0.93
C LEU B 326 35.84 24.92 -0.49
N SER B 327 36.47 25.65 -1.41
CA SER B 327 35.97 25.75 -2.79
C SER B 327 35.98 24.40 -3.48
N GLY B 328 37.13 23.74 -3.54
CA GLY B 328 37.21 22.45 -4.20
C GLY B 328 36.55 21.34 -3.40
N LEU B 329 36.71 21.38 -2.06
CA LEU B 329 36.17 20.34 -1.19
C LEU B 329 34.67 20.14 -1.38
N ARG B 330 33.97 21.13 -1.94
CA ARG B 330 32.54 21.00 -2.16
C ARG B 330 32.20 19.82 -3.06
N GLU B 331 33.11 19.45 -3.96
CA GLU B 331 32.83 18.44 -4.97
C GLU B 331 33.55 17.12 -4.76
N GLN B 332 34.35 16.98 -3.71
CA GLN B 332 35.15 15.78 -3.55
C GLN B 332 34.28 14.58 -3.20
N THR B 333 34.81 13.40 -3.52
CA THR B 333 34.14 12.15 -3.14
C THR B 333 34.18 11.99 -1.62
N ILE B 334 33.35 11.07 -1.12
CA ILE B 334 33.27 10.85 0.33
C ILE B 334 34.58 10.31 0.87
N ALA B 335 35.34 9.58 0.05
CA ALA B 335 36.62 9.05 0.50
C ALA B 335 37.60 10.18 0.83
N ILE B 336 37.63 11.23 0.01
CA ILE B 336 38.54 12.34 0.27
C ILE B 336 38.13 13.09 1.54
N LYS B 337 36.83 13.17 1.80
CA LYS B 337 36.39 13.83 3.02
C LYS B 337 36.67 12.97 4.26
N CYS B 338 36.59 11.65 4.13
CA CYS B 338 37.06 10.79 5.21
C CYS B 338 38.56 10.99 5.44
N LEU B 339 39.32 11.16 4.35
CA LEU B 339 40.74 11.44 4.47
C LEU B 339 40.99 12.72 5.25
N VAL B 340 40.27 13.79 4.91
CA VAL B 340 40.50 15.05 5.63
C VAL B 340 39.99 14.97 7.07
N VAL B 341 38.94 14.18 7.31
CA VAL B 341 38.50 13.92 8.68
C VAL B 341 39.63 13.30 9.49
N LEU B 342 40.26 12.26 8.93
CA LEU B 342 41.37 11.60 9.61
C LEU B 342 42.54 12.56 9.81
N VAL B 343 42.82 13.40 8.81
CA VAL B 343 43.94 14.33 8.91
C VAL B 343 43.70 15.35 10.01
N VAL B 344 42.45 15.81 10.15
CA VAL B 344 42.11 16.71 11.25
C VAL B 344 42.25 15.99 12.59
N ALA B 345 41.79 14.74 12.66
CA ALA B 345 41.97 13.96 13.89
C ALA B 345 43.44 13.86 14.27
N LEU B 346 44.32 13.71 13.27
CA LEU B 346 45.74 13.58 13.55
C LEU B 346 46.36 14.90 13.98
N GLY B 347 46.14 15.96 13.20
CA GLY B 347 46.76 17.25 13.42
C GLY B 347 46.01 18.21 14.31
N LEU B 348 44.95 17.76 14.99
CA LEU B 348 44.21 18.65 15.87
C LEU B 348 45.07 19.33 16.94
N PRO B 349 46.03 18.65 17.60
CA PRO B 349 46.94 19.40 18.48
C PRO B 349 47.70 20.50 17.75
N PHE B 350 48.33 20.17 16.62
CA PHE B 350 49.05 21.18 15.85
C PHE B 350 48.11 22.24 15.32
N LEU B 351 46.89 21.87 14.93
CA LEU B 351 45.95 22.86 14.42
C LEU B 351 45.54 23.85 15.50
N ALA B 352 45.28 23.36 16.72
CA ALA B 352 44.96 24.27 17.81
C ALA B 352 46.15 25.15 18.17
N ILE B 353 47.36 24.57 18.18
CA ILE B 353 48.56 25.34 18.47
C ILE B 353 48.73 26.45 17.45
N GLY B 354 48.51 26.14 16.17
CA GLY B 354 48.63 27.15 15.13
C GLY B 354 47.53 28.19 15.18
N TYR B 355 46.31 27.78 15.56
CA TYR B 355 45.23 28.75 15.75
C TYR B 355 45.58 29.74 16.85
N TRP B 356 46.22 29.26 17.92
CA TRP B 356 46.67 30.18 18.97
C TRP B 356 47.83 31.03 18.50
N ILE B 357 48.71 30.48 17.67
CA ILE B 357 49.92 31.20 17.25
C ILE B 357 49.61 32.17 16.12
N ALA B 358 49.14 31.63 14.98
CA ALA B 358 48.79 32.43 13.81
C ALA B 358 47.27 32.48 13.69
N PRO B 359 46.62 33.46 14.30
CA PRO B 359 45.15 33.47 14.34
C PRO B 359 44.53 33.85 13.00
N CYS B 360 45.22 34.67 12.21
CA CYS B 360 44.72 35.13 10.91
C CYS B 360 45.75 34.78 9.84
N SER B 361 45.38 33.86 8.96
CA SER B 361 46.24 33.40 7.86
C SER B 361 45.37 32.54 6.95
N ARG B 362 46.00 31.89 5.97
CA ARG B 362 45.33 30.83 5.22
C ARG B 362 44.81 29.76 6.17
N LEU B 363 45.65 29.32 7.10
CA LEU B 363 45.23 28.37 8.12
C LEU B 363 44.08 28.91 8.94
N GLY B 364 44.14 30.19 9.34
CA GLY B 364 43.08 30.77 10.12
C GLY B 364 41.77 30.86 9.35
N LYS B 365 41.83 31.23 8.07
CA LYS B 365 40.61 31.31 7.27
C LYS B 365 40.00 29.93 7.04
N ILE B 366 40.83 28.92 6.79
CA ILE B 366 40.30 27.57 6.59
C ILE B 366 39.73 27.03 7.89
N LEU B 367 40.35 27.35 9.02
CA LEU B 367 39.90 26.82 10.31
C LEU B 367 38.57 27.41 10.76
N ARG B 368 38.20 28.60 10.28
CA ARG B 368 36.95 29.22 10.67
C ARG B 368 35.78 28.82 9.78
N SER B 369 35.98 27.95 8.77
CA SER B 369 34.85 27.56 7.93
C SER B 369 33.95 26.59 8.69
N PRO B 370 32.64 26.65 8.48
CA PRO B 370 31.73 25.81 9.28
C PRO B 370 31.96 24.32 9.12
N PHE B 371 32.21 23.85 7.89
CA PHE B 371 32.43 22.42 7.68
C PHE B 371 33.69 21.96 8.39
N MET B 372 34.73 22.79 8.41
CA MET B 372 35.95 22.42 9.13
C MET B 372 35.72 22.46 10.64
N LYS B 373 34.86 23.36 11.13
CA LYS B 373 34.48 23.32 12.54
C LYS B 373 33.79 22.01 12.88
N PHE B 374 32.87 21.57 12.02
CA PHE B 374 32.16 20.32 12.28
C PHE B 374 33.08 19.11 12.23
N VAL B 375 34.00 19.09 11.27
CA VAL B 375 34.93 17.96 11.21
C VAL B 375 35.87 18.00 12.41
N ALA B 376 36.23 19.20 12.89
CA ALA B 376 37.03 19.29 14.12
C ALA B 376 36.27 18.71 15.31
N HIS B 377 34.98 19.03 15.41
CA HIS B 377 34.17 18.45 16.48
C HIS B 377 34.09 16.93 16.38
N ALA B 378 33.85 16.42 15.18
CA ALA B 378 33.78 14.97 14.98
C ALA B 378 35.11 14.30 15.31
N ALA B 379 36.22 14.91 14.91
CA ALA B 379 37.53 14.35 15.18
C ALA B 379 37.84 14.38 16.68
N SER B 380 37.43 15.44 17.36
CA SER B 380 37.57 15.50 18.81
C SER B 380 36.82 14.35 19.47
N PHE B 381 35.57 14.14 19.07
CA PHE B 381 34.80 13.06 19.68
C PHE B 381 35.39 11.70 19.38
N ILE B 382 35.95 11.52 18.17
CA ILE B 382 36.56 10.24 17.83
C ILE B 382 37.82 10.02 18.64
N ILE B 383 38.60 11.09 18.87
CA ILE B 383 39.75 10.98 19.76
C ILE B 383 39.31 10.63 21.18
N PHE B 384 38.16 11.16 21.58
CA PHE B 384 37.62 10.83 22.91
C PHE B 384 37.29 9.34 23.02
N LEU B 385 36.60 8.80 22.01
CA LEU B 385 36.30 7.37 22.00
C LEU B 385 37.57 6.53 21.95
N GLY B 386 38.56 6.98 21.16
CA GLY B 386 39.82 6.26 21.10
C GLY B 386 40.56 6.26 22.43
N LEU B 387 40.48 7.36 23.17
CA LEU B 387 41.04 7.40 24.52
C LEU B 387 40.29 6.46 25.44
N LEU B 388 38.96 6.46 25.38
CA LEU B 388 38.18 5.53 26.18
C LEU B 388 38.59 4.08 25.94
N VAL B 389 38.84 3.73 24.67
CA VAL B 389 39.21 2.35 24.35
C VAL B 389 40.64 2.06 24.80
N PHE B 390 41.59 2.87 24.33
CA PHE B 390 43.02 2.67 24.64
C PHE B 390 43.31 2.74 26.13
N ASN B 391 42.46 3.41 26.91
CA ASN B 391 42.63 3.37 28.36
C ASN B 391 42.41 1.95 28.88
N ALA B 392 41.58 1.17 28.19
CA ALA B 392 41.36 -0.24 28.53
C ALA B 392 42.36 -1.17 27.87
N SER B 393 43.45 -0.64 27.32
CA SER B 393 44.51 -1.49 26.79
C SER B 393 45.22 -2.20 27.95
N ASP B 394 46.14 -3.11 27.58
CA ASP B 394 46.81 -4.08 28.44
C ASP B 394 45.83 -5.04 29.09
N ARG B 395 44.54 -4.97 28.77
CA ARG B 395 43.58 -5.96 29.21
C ARG B 395 42.80 -6.54 28.04
N PHE B 396 43.19 -6.23 26.81
CA PHE B 396 42.48 -6.74 25.63
C PHE B 396 42.49 -8.28 25.60
N GLU B 397 43.59 -8.88 26.04
CA GLU B 397 43.71 -10.33 26.08
C GLU B 397 43.49 -10.90 27.48
N GLY B 398 42.98 -10.10 28.40
CA GLY B 398 42.69 -10.57 29.74
C GLY B 398 43.66 -10.02 30.77
N ILE B 399 43.18 -9.93 32.01
CA ILE B 399 44.02 -9.47 33.10
C ILE B 399 45.11 -10.50 33.37
N THR B 400 46.28 -10.01 33.81
CA THR B 400 47.43 -10.90 33.96
C THR B 400 47.42 -11.62 35.30
N THR B 401 47.12 -10.91 36.38
CA THR B 401 47.11 -11.49 37.72
C THR B 401 45.68 -11.78 38.15
N LEU B 402 45.51 -12.86 38.91
CA LEU B 402 44.20 -13.23 39.41
C LEU B 402 43.71 -12.20 40.42
N PRO B 403 42.39 -12.05 40.58
CA PRO B 403 41.87 -11.08 41.55
C PRO B 403 42.28 -11.36 42.99
N ASN B 404 42.75 -12.57 43.28
CA ASN B 404 43.18 -12.91 44.64
C ASN B 404 44.55 -12.37 44.99
N ILE B 405 45.39 -12.11 44.00
CA ILE B 405 46.79 -11.74 44.22
C ILE B 405 46.91 -10.22 44.24
N THR B 406 47.77 -9.71 45.11
CA THR B 406 48.06 -8.28 45.20
C THR B 406 49.51 -8.05 44.80
N VAL B 407 49.72 -7.19 43.81
CA VAL B 407 51.04 -6.85 43.31
C VAL B 407 51.25 -5.35 43.50
N THR B 408 52.41 -4.98 44.01
CA THR B 408 52.76 -3.58 44.27
C THR B 408 54.18 -3.31 43.78
N ASP B 409 54.41 -2.06 43.39
CA ASP B 409 55.71 -1.68 42.86
C ASP B 409 56.77 -1.70 43.95
N TYR B 410 56.57 -0.93 45.01
CA TYR B 410 57.49 -0.92 46.13
C TYR B 410 56.77 -1.36 47.41
N PRO B 411 57.46 -2.06 48.31
CA PRO B 411 56.76 -2.73 49.42
C PRO B 411 56.00 -1.78 50.35
N LYS B 412 56.49 -0.56 50.54
CA LYS B 412 55.88 0.34 51.51
C LYS B 412 54.51 0.83 51.09
N GLN B 413 54.15 0.70 49.82
CA GLN B 413 52.92 1.31 49.32
C GLN B 413 51.72 0.42 49.57
N ILE B 414 50.55 1.05 49.70
CA ILE B 414 49.29 0.34 49.87
C ILE B 414 48.78 -0.06 48.48
N PHE B 415 48.21 -1.27 48.40
CA PHE B 415 47.74 -1.79 47.12
C PHE B 415 46.64 -0.93 46.52
N ARG B 416 45.81 -0.30 47.36
CA ARG B 416 44.72 0.53 46.84
C ARG B 416 45.24 1.79 46.18
N VAL B 417 46.38 2.33 46.65
CA VAL B 417 47.02 3.44 45.96
C VAL B 417 47.43 3.01 44.55
N LYS B 418 47.95 1.79 44.42
CA LYS B 418 48.31 1.26 43.10
C LYS B 418 47.07 1.06 42.24
N THR B 419 45.96 0.65 42.84
CA THR B 419 44.76 0.32 42.07
C THR B 419 43.99 1.56 41.64
N THR B 420 43.95 2.61 42.45
CA THR B 420 43.07 3.73 42.22
C THR B 420 43.76 4.97 41.67
N GLN B 421 45.05 4.91 41.40
CA GLN B 421 45.75 6.09 40.91
C GLN B 421 45.33 6.42 39.49
N PHE B 422 45.35 7.70 39.17
CA PHE B 422 44.92 8.19 37.86
C PHE B 422 46.04 8.07 36.84
N THR B 423 45.82 7.27 35.80
CA THR B 423 46.75 7.24 34.68
C THR B 423 46.56 8.48 33.81
N TRP B 424 47.48 8.68 32.87
CA TRP B 424 47.49 9.91 32.08
C TRP B 424 46.27 10.00 31.17
N THR B 425 45.96 8.90 30.45
CA THR B 425 44.79 8.91 29.58
C THR B 425 43.51 9.14 30.38
N GLU B 426 43.46 8.66 31.62
CA GLU B 426 42.28 8.89 32.45
C GLU B 426 42.15 10.36 32.82
N MET B 427 43.26 11.03 33.13
CA MET B 427 43.19 12.46 33.40
C MET B 427 42.82 13.26 32.14
N LEU B 428 43.27 12.79 30.97
CA LEU B 428 42.83 13.40 29.72
C LEU B 428 41.33 13.28 29.57
N ILE B 429 40.78 12.08 29.82
CA ILE B 429 39.33 11.89 29.80
C ILE B 429 38.65 12.81 30.81
N MET B 430 39.28 13.00 31.97
CA MET B 430 38.67 13.82 33.03
C MET B 430 38.55 15.28 32.61
N VAL B 431 39.66 15.87 32.18
CA VAL B 431 39.61 17.27 31.72
C VAL B 431 38.72 17.39 30.50
N TRP B 432 38.64 16.34 29.69
CA TRP B 432 37.73 16.32 28.55
C TRP B 432 36.27 16.44 29.02
N VAL B 433 35.90 15.63 30.00
CA VAL B 433 34.54 15.67 30.54
C VAL B 433 34.26 17.03 31.18
N LEU B 434 35.27 17.61 31.83
CA LEU B 434 35.08 18.93 32.42
C LEU B 434 34.81 19.97 31.33
N GLY B 435 35.53 19.90 30.22
CA GLY B 435 35.28 20.83 29.12
C GLY B 435 33.90 20.65 28.50
N MET B 436 33.51 19.40 28.25
CA MET B 436 32.18 19.15 27.70
C MET B 436 31.09 19.63 28.64
N MET B 437 31.29 19.44 29.95
CA MET B 437 30.31 19.90 30.92
C MET B 437 30.26 21.42 30.97
N TRP B 438 31.40 22.08 30.80
CA TRP B 438 31.40 23.54 30.73
C TRP B 438 30.60 24.03 29.54
N SER B 439 30.80 23.41 28.38
CA SER B 439 30.03 23.79 27.19
C SER B 439 28.54 23.56 27.39
N GLU B 440 28.18 22.40 27.95
CA GLU B 440 26.77 22.08 28.13
C GLU B 440 26.12 23.01 29.15
N CYS B 441 26.83 23.35 30.22
CA CYS B 441 26.30 24.29 31.21
C CYS B 441 26.20 25.70 30.64
N LYS B 442 27.11 26.08 29.74
CA LYS B 442 27.00 27.38 29.08
C LYS B 442 25.73 27.43 28.24
N GLU B 443 25.48 26.38 27.44
CA GLU B 443 24.27 26.36 26.64
C GLU B 443 23.01 26.28 27.51
N LEU B 444 23.10 25.61 28.66
CA LEU B 444 21.99 25.58 29.60
C LEU B 444 21.70 26.98 30.15
N TRP B 445 22.74 27.70 30.54
CA TRP B 445 22.56 29.06 31.07
C TRP B 445 22.03 29.99 30.01
N LEU B 446 22.42 29.78 28.75
CA LEU B 446 21.92 30.63 27.66
C LEU B 446 20.45 30.34 27.38
N GLU B 447 20.12 29.09 27.06
CA GLU B 447 18.77 28.76 26.64
C GLU B 447 17.78 28.71 27.80
N GLY B 448 18.26 28.50 29.03
CA GLY B 448 17.39 28.40 30.17
C GLY B 448 16.93 26.97 30.40
N PRO B 449 16.76 26.59 31.68
CA PRO B 449 16.44 25.19 31.98
C PRO B 449 15.15 24.70 31.33
N ARG B 450 14.12 25.54 31.26
CA ARG B 450 12.84 25.11 30.71
C ARG B 450 12.99 24.66 29.25
N GLU B 451 13.58 25.51 28.41
CA GLU B 451 13.80 25.14 27.02
C GLU B 451 14.89 24.07 26.88
N TYR B 452 15.84 24.04 27.82
CA TYR B 452 16.95 23.09 27.75
C TYR B 452 16.47 21.66 27.98
N ILE B 453 15.49 21.47 28.87
CA ILE B 453 15.03 20.12 29.19
C ILE B 453 14.11 19.55 28.11
N LEU B 454 13.50 20.42 27.28
CA LEU B 454 12.52 19.96 26.31
C LEU B 454 13.09 18.92 25.36
N GLN B 455 14.27 19.19 24.79
CA GLN B 455 14.90 18.21 23.91
C GLN B 455 15.41 17.03 24.72
N LEU B 456 14.90 15.84 24.43
CA LEU B 456 15.26 14.66 25.22
C LEU B 456 16.71 14.26 25.00
N TRP B 457 17.25 14.48 23.79
CA TRP B 457 18.63 14.11 23.53
C TRP B 457 19.60 14.96 24.33
N ASN B 458 19.25 16.24 24.55
CA ASN B 458 20.08 17.08 25.41
C ASN B 458 20.07 16.57 26.85
N VAL B 459 18.91 16.06 27.30
CA VAL B 459 18.84 15.44 28.61
C VAL B 459 19.74 14.21 28.69
N LEU B 460 19.74 13.40 27.62
CA LEU B 460 20.61 12.24 27.58
C LEU B 460 22.08 12.65 27.68
N ASP B 461 22.47 13.69 26.94
CA ASP B 461 23.85 14.16 26.96
C ASP B 461 24.25 14.66 28.36
N PHE B 462 23.37 15.46 28.97
CA PHE B 462 23.61 15.94 30.32
C PHE B 462 23.79 14.78 31.31
N GLY B 463 22.92 13.78 31.21
CA GLY B 463 23.04 12.63 32.09
C GLY B 463 24.33 11.87 31.89
N MET B 464 24.74 11.68 30.63
CA MET B 464 26.00 11.00 30.35
C MET B 464 27.18 11.72 30.97
N LEU B 465 27.24 13.05 30.80
CA LEU B 465 28.34 13.82 31.37
C LEU B 465 28.34 13.73 32.89
N SER B 466 27.16 13.87 33.51
CA SER B 466 27.08 13.77 34.96
C SER B 466 27.50 12.39 35.45
N ILE B 467 27.23 11.33 34.67
CA ILE B 467 27.59 9.99 35.09
C ILE B 467 29.10 9.78 35.01
N PHE B 468 29.74 10.30 33.96
CA PHE B 468 31.20 10.30 33.92
C PHE B 468 31.78 11.00 35.16
N ILE B 469 31.22 12.17 35.48
CA ILE B 469 31.68 12.90 36.67
C ILE B 469 31.51 12.06 37.93
N ALA B 470 30.37 11.38 38.06
CA ALA B 470 30.12 10.58 39.26
C ALA B 470 31.09 9.42 39.36
N ALA B 471 31.37 8.75 38.25
CA ALA B 471 32.34 7.66 38.26
C ALA B 471 33.70 8.16 38.73
N PHE B 472 34.16 9.28 38.18
CA PHE B 472 35.47 9.78 38.59
C PHE B 472 35.48 10.27 40.03
N THR B 473 34.35 10.80 40.52
CA THR B 473 34.29 11.22 41.92
C THR B 473 34.37 10.03 42.87
N ALA B 474 33.67 8.95 42.56
CA ALA B 474 33.78 7.74 43.38
C ALA B 474 35.19 7.18 43.34
N ARG B 475 35.81 7.18 42.16
CA ARG B 475 37.20 6.75 42.06
C ARG B 475 38.12 7.60 42.92
N PHE B 476 37.88 8.92 42.94
CA PHE B 476 38.73 9.81 43.72
C PHE B 476 38.52 9.64 45.21
N LEU B 477 37.29 9.33 45.63
CA LEU B 477 37.07 9.04 47.05
C LEU B 477 37.78 7.76 47.47
N ALA B 478 37.67 6.71 46.64
CA ALA B 478 38.43 5.50 46.87
C ALA B 478 39.92 5.80 46.98
N PHE B 479 40.44 6.64 46.09
CA PHE B 479 41.86 6.97 46.10
C PHE B 479 42.23 7.82 47.31
N LEU B 480 41.32 8.66 47.80
CA LEU B 480 41.61 9.43 49.00
C LEU B 480 41.72 8.52 50.22
N GLN B 481 40.79 7.58 50.37
CA GLN B 481 40.93 6.58 51.42
C GLN B 481 42.21 5.77 51.24
N ALA B 482 42.56 5.47 49.98
CA ALA B 482 43.77 4.71 49.70
C ALA B 482 45.02 5.47 50.14
N THR B 483 45.14 6.73 49.73
CA THR B 483 46.32 7.51 50.07
C THR B 483 46.37 7.86 51.55
N LYS B 484 45.22 7.94 52.23
CA LYS B 484 45.22 8.16 53.68
C LYS B 484 45.67 6.91 54.44
N ALA B 485 45.17 5.73 54.04
CA ALA B 485 45.70 4.49 54.61
C ALA B 485 47.18 4.33 54.30
N GLN B 486 47.59 4.74 53.10
CA GLN B 486 49.02 4.71 52.74
C GLN B 486 49.83 5.63 53.62
N GLN B 487 49.32 6.84 53.87
CA GLN B 487 50.02 7.77 54.76
C GLN B 487 50.13 7.19 56.17
N TYR B 488 49.06 6.58 56.66
CA TYR B 488 49.10 5.93 57.97
C TYR B 488 50.17 4.84 58.01
N VAL B 489 50.18 3.96 57.00
CA VAL B 489 51.11 2.84 56.97
C VAL B 489 52.55 3.35 56.91
N ASP B 490 52.82 4.30 56.02
CA ASP B 490 54.17 4.81 55.86
C ASP B 490 54.60 5.62 57.08
N SER B 491 53.66 6.21 57.81
CA SER B 491 54.01 7.09 58.92
C SER B 491 54.27 6.30 60.20
N TYR B 492 53.37 5.39 60.56
CA TYR B 492 53.39 4.83 61.90
C TYR B 492 54.10 3.48 62.00
N VAL B 493 54.03 2.63 60.99
CA VAL B 493 54.62 1.30 61.08
C VAL B 493 55.90 1.27 60.25
N GLN B 494 56.86 0.47 60.72
CA GLN B 494 58.16 0.33 60.08
C GLN B 494 58.46 -1.15 59.90
N GLU B 495 58.74 -1.56 58.66
CA GLU B 495 59.08 -2.94 58.33
C GLU B 495 59.53 -2.98 56.88
N SER B 496 59.98 -4.16 56.47
CA SER B 496 60.41 -4.36 55.09
C SER B 496 59.21 -4.60 54.17
N ASP B 497 58.40 -5.61 54.49
CA ASP B 497 57.22 -5.94 53.72
C ASP B 497 55.98 -5.73 54.57
N LEU B 498 54.90 -5.27 53.93
CA LEU B 498 53.67 -5.00 54.66
C LEU B 498 52.94 -6.28 55.06
N SER B 499 53.11 -7.34 54.27
CA SER B 499 52.35 -8.57 54.51
C SER B 499 52.62 -9.16 55.89
N GLU B 500 53.88 -9.12 56.33
CA GLU B 500 54.24 -9.67 57.63
C GLU B 500 53.64 -8.87 58.78
N VAL B 501 53.32 -7.60 58.57
CA VAL B 501 52.84 -6.73 59.64
C VAL B 501 51.36 -6.95 59.86
N THR B 502 50.94 -6.82 61.11
CA THR B 502 49.53 -6.77 61.47
C THR B 502 49.14 -5.32 61.74
N LEU B 503 48.08 -4.87 61.10
CA LEU B 503 47.67 -3.47 61.12
C LEU B 503 46.32 -3.33 61.83
N PRO B 504 45.97 -2.11 62.24
CA PRO B 504 44.61 -1.86 62.70
C PRO B 504 43.59 -2.27 61.65
N PRO B 505 42.47 -2.87 62.05
CA PRO B 505 41.58 -3.48 61.05
C PRO B 505 40.98 -2.49 60.07
N GLU B 506 40.48 -1.36 60.57
CA GLU B 506 39.93 -0.34 59.69
C GLU B 506 40.95 0.12 58.65
N ILE B 507 42.24 0.13 59.01
CA ILE B 507 43.28 0.50 58.05
C ILE B 507 43.74 -0.72 57.23
N GLN B 508 43.83 -1.89 57.86
CA GLN B 508 44.28 -3.09 57.19
C GLN B 508 43.34 -3.53 56.08
N TYR B 509 42.07 -3.12 56.13
CA TYR B 509 41.13 -3.48 55.06
C TYR B 509 41.63 -3.08 53.69
N PHE B 510 42.39 -1.99 53.59
CA PHE B 510 42.86 -1.50 52.30
C PHE B 510 44.00 -2.33 51.71
N THR B 511 44.41 -3.40 52.37
CA THR B 511 45.40 -4.32 51.81
C THR B 511 44.75 -5.52 51.13
N TYR B 512 43.43 -5.66 51.23
CA TYR B 512 42.75 -6.83 50.69
C TYR B 512 42.72 -6.79 49.17
N ALA B 513 42.52 -7.96 48.58
CA ALA B 513 42.50 -8.12 47.12
C ALA B 513 41.10 -7.83 46.60
N ARG B 514 40.87 -8.15 45.31
CA ARG B 514 39.60 -7.81 44.67
C ARG B 514 38.44 -8.57 45.31
N ASP B 515 38.64 -9.85 45.62
CA ASP B 515 37.53 -10.67 46.12
C ASP B 515 37.04 -10.19 47.48
N LYS B 516 37.96 -9.85 48.38
CA LYS B 516 37.57 -9.44 49.73
C LYS B 516 36.82 -8.12 49.77
N TRP B 517 36.89 -7.33 48.69
CA TRP B 517 36.37 -5.96 48.71
C TRP B 517 34.91 -5.91 49.15
N LEU B 518 34.58 -4.88 49.93
CA LEU B 518 33.21 -4.68 50.36
C LEU B 518 32.32 -4.42 49.14
N PRO B 519 31.09 -4.93 49.12
CA PRO B 519 30.23 -4.73 47.95
C PRO B 519 29.95 -3.28 47.61
N SER B 520 30.13 -2.34 48.55
CA SER B 520 29.85 -0.93 48.32
C SER B 520 31.12 -0.07 48.28
N ASP B 521 32.22 -0.63 47.81
CA ASP B 521 33.44 0.14 47.66
C ASP B 521 33.24 1.21 46.60
N PRO B 522 33.74 2.43 46.81
CA PRO B 522 33.54 3.48 45.81
C PRO B 522 34.16 3.17 44.45
N GLN B 523 35.21 2.35 44.40
CA GLN B 523 35.80 2.02 43.11
C GLN B 523 34.91 1.07 42.31
N ILE B 524 34.13 0.22 42.99
CA ILE B 524 33.16 -0.63 42.29
C ILE B 524 32.10 0.22 41.61
N ILE B 525 31.57 1.20 42.35
CA ILE B 525 30.64 2.17 41.79
C ILE B 525 31.28 2.90 40.61
N SER B 526 32.55 3.27 40.76
CA SER B 526 33.27 3.95 39.69
C SER B 526 33.31 3.09 38.44
N GLU B 527 33.66 1.82 38.58
CA GLU B 527 33.75 0.93 37.43
C GLU B 527 32.40 0.75 36.75
N GLY B 528 31.35 0.53 37.54
CA GLY B 528 30.02 0.35 36.95
C GLY B 528 29.55 1.58 36.20
N LEU B 529 29.64 2.75 36.86
CA LEU B 529 29.21 3.99 36.22
C LEU B 529 30.07 4.31 35.00
N TYR B 530 31.36 3.94 35.03
CA TYR B 530 32.23 4.20 33.89
C TYR B 530 31.85 3.33 32.70
N ALA B 531 31.50 2.07 32.96
CA ALA B 531 31.03 1.21 31.88
C ALA B 531 29.73 1.76 31.27
N ILE B 532 28.78 2.14 32.12
CA ILE B 532 27.55 2.73 31.62
C ILE B 532 27.85 3.99 30.81
N ALA B 533 28.78 4.81 31.29
CA ALA B 533 29.10 6.07 30.62
C ALA B 533 29.75 5.82 29.26
N VAL B 534 30.57 4.78 29.15
CA VAL B 534 31.17 4.45 27.85
C VAL B 534 30.08 3.99 26.89
N VAL B 535 29.19 3.10 27.34
CA VAL B 535 28.11 2.63 26.48
C VAL B 535 27.26 3.79 26.00
N LEU B 536 27.01 4.77 26.87
CA LEU B 536 26.20 5.92 26.48
C LEU B 536 26.97 6.89 25.60
N SER B 537 28.27 7.07 25.85
CA SER B 537 29.05 7.99 25.05
C SER B 537 29.21 7.51 23.62
N PHE B 538 29.23 6.19 23.41
CA PHE B 538 29.26 5.69 22.04
C PHE B 538 28.02 6.07 21.23
N SER B 539 26.97 6.59 21.87
CA SER B 539 25.73 6.93 21.17
C SER B 539 25.77 8.32 20.53
N ARG B 540 26.83 9.10 20.75
CA ARG B 540 26.90 10.44 20.20
C ARG B 540 27.12 10.47 18.69
N ILE B 541 27.22 9.31 18.03
CA ILE B 541 27.28 9.27 16.58
C ILE B 541 25.98 9.75 15.95
N ALA B 542 24.93 9.97 16.75
CA ALA B 542 23.70 10.54 16.23
C ALA B 542 23.88 12.01 15.87
N TYR B 543 24.83 12.69 16.51
CA TYR B 543 25.15 14.07 16.13
C TYR B 543 25.91 14.15 14.82
N ILE B 544 26.50 13.05 14.36
CA ILE B 544 27.35 13.06 13.19
C ILE B 544 26.72 12.38 11.98
N LEU B 545 25.90 11.34 12.19
CA LEU B 545 25.36 10.60 11.05
C LEU B 545 24.49 11.41 10.09
N PRO B 546 23.62 12.32 10.52
CA PRO B 546 22.75 13.00 9.55
C PRO B 546 23.47 13.72 8.42
N ALA B 547 24.75 14.07 8.60
CA ALA B 547 25.48 14.72 7.52
C ALA B 547 25.67 13.81 6.32
N ASN B 548 25.70 12.50 6.55
CA ASN B 548 25.88 11.53 5.46
C ASN B 548 24.57 11.32 4.74
N GLU B 549 24.58 11.50 3.42
CA GLU B 549 23.37 11.23 2.64
C GLU B 549 22.97 9.76 2.70
N SER B 550 23.94 8.87 2.94
CA SER B 550 23.64 7.46 3.02
C SER B 550 22.98 7.09 4.34
N PHE B 551 23.42 7.70 5.44
CA PHE B 551 23.03 7.27 6.78
C PHE B 551 22.00 8.19 7.44
N GLY B 552 21.77 9.38 6.90
CA GLY B 552 20.81 10.31 7.45
C GLY B 552 19.39 9.77 7.52
N PRO B 553 18.82 9.41 6.36
CA PRO B 553 17.45 8.89 6.36
C PRO B 553 17.25 7.68 7.28
N LEU B 554 18.26 6.81 7.36
CA LEU B 554 18.22 5.68 8.29
C LEU B 554 18.00 6.16 9.72
N GLN B 555 18.83 7.10 10.17
CA GLN B 555 18.74 7.58 11.54
C GLN B 555 17.43 8.30 11.79
N ILE B 556 16.91 8.98 10.78
CA ILE B 556 15.61 9.64 10.92
C ILE B 556 14.52 8.61 11.16
N SER B 557 14.50 7.54 10.35
CA SER B 557 13.54 6.47 10.56
C SER B 557 13.72 5.81 11.92
N LEU B 558 14.96 5.76 12.41
CA LEU B 558 15.21 5.18 13.72
C LEU B 558 14.54 6.00 14.82
N GLY B 559 14.78 7.32 14.82
CA GLY B 559 14.08 8.19 15.75
C GLY B 559 12.58 8.02 15.68
N ARG B 560 12.05 7.93 14.45
CA ARG B 560 10.61 7.77 14.26
C ARG B 560 10.10 6.49 14.91
N THR B 561 10.70 5.35 14.57
CA THR B 561 10.19 4.08 15.08
C THR B 561 10.37 3.97 16.60
N VAL B 562 11.41 4.60 17.17
CA VAL B 562 11.55 4.60 18.62
C VAL B 562 10.41 5.39 19.26
N LYS B 563 10.18 6.61 18.76
CA LYS B 563 9.06 7.42 19.26
C LYS B 563 7.75 6.66 19.18
N ASP B 564 7.57 5.86 18.13
CA ASP B 564 6.32 5.12 17.98
C ASP B 564 6.23 3.99 19.01
N ILE B 565 7.23 3.10 19.04
CA ILE B 565 7.14 1.90 19.86
C ILE B 565 7.24 2.18 21.36
N PHE B 566 7.58 3.40 21.76
CA PHE B 566 7.52 3.73 23.19
C PHE B 566 6.14 3.41 23.78
N LYS B 567 5.07 3.66 23.02
CA LYS B 567 3.72 3.46 23.54
C LYS B 567 3.43 1.97 23.77
N PHE B 568 3.79 1.13 22.79
CA PHE B 568 3.62 -0.30 22.98
C PHE B 568 4.53 -0.82 24.09
N MET B 569 5.68 -0.18 24.31
CA MET B 569 6.50 -0.54 25.46
C MET B 569 5.76 -0.25 26.76
N VAL B 570 5.05 0.87 26.82
CA VAL B 570 4.26 1.19 28.03
C VAL B 570 3.18 0.13 28.25
N LEU B 571 2.46 -0.23 27.18
CA LEU B 571 1.40 -1.24 27.33
C LEU B 571 1.98 -2.60 27.74
N PHE B 572 3.14 -2.95 27.16
CA PHE B 572 3.80 -4.21 27.53
C PHE B 572 4.28 -4.17 28.97
N ILE B 573 4.73 -3.00 29.45
CA ILE B 573 5.05 -2.86 30.86
C ILE B 573 3.83 -3.17 31.71
N MET B 574 2.67 -2.65 31.32
CA MET B 574 1.45 -2.93 32.09
C MET B 574 1.15 -4.43 32.17
N VAL B 575 1.11 -5.10 31.01
CA VAL B 575 0.74 -6.52 31.01
C VAL B 575 1.81 -7.36 31.70
N PHE B 576 3.08 -6.99 31.52
CA PHE B 576 4.19 -7.72 32.15
C PHE B 576 4.13 -7.60 33.66
N PHE B 577 3.85 -6.40 34.17
CA PHE B 577 3.68 -6.21 35.61
C PHE B 577 2.51 -7.05 36.12
N ALA B 578 1.41 -7.08 35.37
CA ALA B 578 0.29 -7.94 35.71
C ALA B 578 0.75 -9.38 35.94
N PHE B 579 1.37 -9.97 34.92
CA PHE B 579 1.75 -11.38 35.01
C PHE B 579 2.81 -11.61 36.08
N MET B 580 3.72 -10.64 36.24
CA MET B 580 4.77 -10.77 37.26
C MET B 580 4.15 -10.86 38.65
N ILE B 581 3.27 -9.93 38.99
CA ILE B 581 2.67 -9.94 40.32
C ILE B 581 1.85 -11.20 40.52
N GLY B 582 1.11 -11.62 39.48
CA GLY B 582 0.36 -12.85 39.57
C GLY B 582 1.20 -14.06 39.91
N MET B 583 2.22 -14.32 39.09
CA MET B 583 3.05 -15.51 39.32
C MET B 583 3.86 -15.40 40.61
N PHE B 584 4.25 -14.18 41.00
CA PHE B 584 4.95 -14.01 42.27
C PHE B 584 4.06 -14.39 43.45
N ILE B 585 2.83 -13.90 43.46
CA ILE B 585 1.89 -14.28 44.51
C ILE B 585 1.62 -15.77 44.46
N LEU B 586 1.64 -16.37 43.27
CA LEU B 586 1.38 -17.81 43.16
C LEU B 586 2.51 -18.62 43.81
N TYR B 587 3.76 -18.33 43.46
CA TYR B 587 4.87 -19.22 43.78
C TYR B 587 5.67 -18.81 45.01
N SER B 588 5.36 -17.68 45.64
CA SER B 588 6.24 -17.11 46.65
C SER B 588 6.47 -18.06 47.82
N TYR B 589 5.51 -18.94 48.11
CA TYR B 589 5.62 -19.79 49.29
C TYR B 589 6.58 -20.95 49.10
N TYR B 590 6.93 -21.29 47.86
CA TYR B 590 7.84 -22.40 47.59
C TYR B 590 9.26 -21.89 47.35
N LEU B 591 9.84 -21.32 48.40
CA LEU B 591 11.21 -20.80 48.32
C LEU B 591 12.21 -21.94 48.12
N GLY B 592 12.11 -22.97 48.95
CA GLY B 592 13.03 -24.09 48.85
C GLY B 592 12.37 -25.37 48.41
N ALA B 593 11.36 -25.25 47.53
CA ALA B 593 10.64 -26.41 47.01
C ALA B 593 10.55 -26.40 45.49
N LYS B 594 11.43 -25.66 44.83
CA LYS B 594 11.43 -25.54 43.38
C LYS B 594 12.75 -26.03 42.80
N VAL B 595 12.77 -26.18 41.48
CA VAL B 595 13.99 -26.55 40.78
C VAL B 595 15.04 -25.45 40.93
N ASN B 596 14.67 -24.23 40.55
CA ASN B 596 15.48 -23.04 40.76
C ASN B 596 14.66 -22.02 41.55
N ALA B 597 15.22 -20.82 41.72
CA ALA B 597 14.61 -19.78 42.53
C ALA B 597 13.88 -18.75 41.68
N ALA B 598 13.35 -19.15 40.52
CA ALA B 598 12.89 -18.19 39.52
C ALA B 598 11.82 -17.26 40.08
N PHE B 599 10.67 -17.81 40.47
CA PHE B 599 9.50 -17.02 40.87
C PHE B 599 9.33 -16.96 42.39
N THR B 600 10.43 -17.01 43.14
CA THR B 600 10.32 -16.98 44.59
C THR B 600 10.17 -15.56 45.12
N THR B 601 10.95 -14.62 44.59
CA THR B 601 10.92 -13.24 45.03
C THR B 601 10.44 -12.34 43.89
N VAL B 602 10.27 -11.06 44.22
CA VAL B 602 9.81 -10.09 43.22
C VAL B 602 10.87 -9.87 42.16
N GLU B 603 12.11 -9.56 42.58
CA GLU B 603 13.16 -9.25 41.61
C GLU B 603 13.48 -10.45 40.74
N GLU B 604 13.53 -11.65 41.33
CA GLU B 604 13.85 -12.83 40.54
C GLU B 604 12.72 -13.19 39.58
N SER B 605 11.46 -12.99 40.02
CA SER B 605 10.33 -13.17 39.11
C SER B 605 10.42 -12.20 37.94
N PHE B 606 10.77 -10.94 38.23
CA PHE B 606 10.97 -9.95 37.17
C PHE B 606 12.05 -10.42 36.20
N LYS B 607 13.19 -10.86 36.73
CA LYS B 607 14.28 -11.34 35.89
C LYS B 607 13.84 -12.48 34.99
N THR B 608 13.20 -13.50 35.59
CA THR B 608 12.78 -14.67 34.81
C THR B 608 11.78 -14.27 33.73
N LEU B 609 10.75 -13.51 34.09
CA LEU B 609 9.72 -13.16 33.11
C LEU B 609 10.25 -12.24 32.03
N PHE B 610 11.17 -11.34 32.36
CA PHE B 610 11.77 -10.48 31.35
C PHE B 610 12.64 -11.28 30.39
N TRP B 611 13.50 -12.15 30.92
CA TRP B 611 14.35 -12.95 30.05
C TRP B 611 13.56 -13.96 29.25
N SER B 612 12.31 -14.24 29.64
CA SER B 612 11.42 -15.07 28.84
C SER B 612 11.02 -14.39 27.55
N ILE B 613 11.17 -13.07 27.45
CA ILE B 613 10.80 -12.36 26.23
C ILE B 613 11.69 -12.81 25.07
N PHE B 614 12.99 -12.99 25.34
CA PHE B 614 13.94 -13.37 24.32
C PHE B 614 14.20 -14.88 24.30
N GLY B 615 13.32 -15.67 24.94
CA GLY B 615 13.49 -17.11 24.96
C GLY B 615 14.72 -17.58 25.70
N LEU B 616 15.31 -16.75 26.54
CA LEU B 616 16.51 -17.09 27.28
C LEU B 616 16.22 -17.69 28.64
N SER B 617 14.95 -17.98 28.94
CA SER B 617 14.55 -18.58 30.20
C SER B 617 14.01 -19.98 29.93
N GLU B 618 14.46 -20.95 30.72
CA GLU B 618 14.02 -22.32 30.54
C GLU B 618 12.63 -22.52 31.13
N VAL B 619 11.97 -23.59 30.69
CA VAL B 619 10.63 -23.91 31.14
C VAL B 619 10.63 -24.76 32.40
N THR B 620 11.80 -25.21 32.86
CA THR B 620 11.89 -25.95 34.11
C THR B 620 11.73 -25.04 35.33
N SER B 621 11.70 -23.72 35.13
CA SER B 621 11.53 -22.81 36.27
C SER B 621 10.16 -22.95 36.90
N VAL B 622 9.17 -23.45 36.15
CA VAL B 622 7.82 -23.57 36.66
C VAL B 622 7.62 -24.82 37.51
N VAL B 623 8.44 -25.85 37.30
CA VAL B 623 8.23 -27.14 37.95
C VAL B 623 8.48 -27.03 39.45
N LEU B 624 7.66 -27.74 40.22
CA LEU B 624 7.80 -27.84 41.67
C LEU B 624 8.45 -29.16 42.07
N LYS B 625 9.01 -29.18 43.27
CA LYS B 625 9.57 -30.42 43.81
C LYS B 625 8.51 -31.31 44.43
N TYR B 626 7.45 -30.72 45.00
CA TYR B 626 6.42 -31.47 45.70
C TYR B 626 5.44 -32.06 44.70
N ASP B 627 4.33 -32.60 45.21
CA ASP B 627 3.29 -33.20 44.38
C ASP B 627 2.05 -32.33 44.33
N HIS B 628 2.23 -31.00 44.40
CA HIS B 628 1.13 -30.06 44.24
C HIS B 628 0.92 -29.82 42.74
N LYS B 629 0.25 -30.79 42.11
CA LYS B 629 0.07 -30.75 40.66
C LYS B 629 -0.75 -29.56 40.21
N PHE B 630 -1.73 -29.14 41.02
CA PHE B 630 -2.60 -28.03 40.63
C PHE B 630 -1.81 -26.74 40.46
N ILE B 631 -0.91 -26.45 41.41
CA ILE B 631 -0.16 -25.20 41.38
C ILE B 631 0.77 -25.16 40.16
N GLU B 632 1.47 -26.26 39.90
CA GLU B 632 2.37 -26.28 38.76
C GLU B 632 1.62 -26.28 37.42
N ASN B 633 0.43 -26.88 37.38
CA ASN B 633 -0.38 -26.78 36.17
C ASN B 633 -0.83 -25.35 35.92
N ILE B 634 -1.27 -24.65 36.97
CA ILE B 634 -1.62 -23.24 36.83
C ILE B 634 -0.40 -22.43 36.41
N GLY B 635 0.78 -22.80 36.90
CA GLY B 635 2.00 -22.13 36.48
C GLY B 635 2.27 -22.30 35.00
N TYR B 636 2.18 -23.54 34.51
CA TYR B 636 2.29 -23.81 33.09
C TYR B 636 1.32 -22.95 32.29
N VAL B 637 0.05 -22.94 32.70
CA VAL B 637 -0.99 -22.21 31.97
C VAL B 637 -0.67 -20.73 31.94
N LEU B 638 -0.33 -20.16 33.10
CA LEU B 638 -0.08 -18.72 33.17
C LEU B 638 1.16 -18.32 32.36
N TYR B 639 2.22 -19.12 32.43
CA TYR B 639 3.44 -18.80 31.68
C TYR B 639 3.21 -18.89 30.17
N GLY B 640 2.48 -19.93 29.74
CA GLY B 640 2.16 -20.04 28.32
C GLY B 640 1.27 -18.91 27.84
N ILE B 641 0.27 -18.53 28.64
CA ILE B 641 -0.60 -17.42 28.27
C ILE B 641 0.20 -16.12 28.22
N TYR B 642 1.16 -15.96 29.14
CA TYR B 642 2.03 -14.79 29.11
C TYR B 642 2.81 -14.73 27.80
N ASN B 643 3.42 -15.85 27.41
CA ASN B 643 4.20 -15.85 26.16
C ASN B 643 3.31 -15.56 24.96
N VAL B 644 2.11 -16.14 24.93
CA VAL B 644 1.20 -15.91 23.80
C VAL B 644 0.79 -14.44 23.74
N THR B 645 0.47 -13.85 24.90
CA THR B 645 0.08 -12.44 24.91
C THR B 645 1.25 -11.54 24.51
N MET B 646 2.46 -11.92 24.89
CA MET B 646 3.65 -11.18 24.45
C MET B 646 3.76 -11.21 22.93
N VAL B 647 3.57 -12.38 22.33
CA VAL B 647 3.61 -12.49 20.87
C VAL B 647 2.52 -11.64 20.23
N VAL B 648 1.31 -11.65 20.82
CA VAL B 648 0.21 -10.87 20.28
C VAL B 648 0.53 -9.38 20.29
N VAL B 649 1.01 -8.88 21.43
CA VAL B 649 1.35 -7.47 21.55
C VAL B 649 2.47 -7.11 20.57
N LEU B 650 3.46 -8.00 20.41
CA LEU B 650 4.59 -7.68 19.52
C LEU B 650 4.13 -7.57 18.07
N LEU B 651 3.29 -8.51 17.64
CA LEU B 651 2.73 -8.47 16.29
C LEU B 651 1.93 -7.19 16.07
N ASN B 652 1.04 -6.85 17.00
CA ASN B 652 0.25 -5.63 16.85
C ASN B 652 1.14 -4.40 16.78
N MET B 653 2.22 -4.35 17.55
CA MET B 653 3.09 -3.18 17.49
C MET B 653 3.76 -3.07 16.14
N LEU B 654 4.39 -4.18 15.71
CA LEU B 654 5.02 -4.19 14.40
C LEU B 654 4.06 -3.71 13.33
N ILE B 655 2.77 -3.99 13.49
CA ILE B 655 1.88 -3.75 12.34
C ILE B 655 1.18 -2.39 12.42
N ALA B 656 0.77 -1.97 13.62
CA ALA B 656 0.41 -0.57 13.75
C ALA B 656 1.56 0.30 13.18
N MET B 657 2.79 -0.16 13.30
CA MET B 657 3.92 0.61 12.80
C MET B 657 3.96 0.58 11.28
N ILE B 658 3.84 -0.62 10.71
CA ILE B 658 3.82 -0.76 9.27
C ILE B 658 2.68 0.08 8.67
N ASN B 659 1.55 0.18 9.37
CA ASN B 659 0.45 0.99 8.84
C ASN B 659 0.79 2.47 8.86
N SER B 660 1.35 2.94 9.99
CA SER B 660 1.83 4.31 10.07
C SER B 660 2.81 4.61 8.94
N SER B 661 3.59 3.61 8.55
CA SER B 661 4.57 3.80 7.48
C SER B 661 3.89 3.90 6.11
N TYR B 662 2.94 3.01 5.82
CA TYR B 662 2.35 2.95 4.49
C TYR B 662 1.63 4.23 4.11
N GLN B 663 1.03 4.92 5.07
CA GLN B 663 0.34 6.18 4.83
C GLN B 663 1.28 7.37 4.69
N GLU B 664 2.59 7.13 4.59
CA GLU B 664 3.57 8.19 4.40
C GLU B 664 4.56 7.83 3.30
N ASP B 668 8.72 11.72 1.79
CA ASP B 668 8.92 12.67 2.89
C ASP B 668 10.15 12.30 3.71
N SER B 669 10.71 11.11 3.42
CA SER B 669 11.98 10.74 4.03
C SER B 669 13.07 11.71 3.63
N ASP B 670 13.11 12.09 2.36
CA ASP B 670 14.07 13.10 1.89
C ASP B 670 13.87 14.41 2.63
N VAL B 671 12.62 14.87 2.73
CA VAL B 671 12.33 16.15 3.38
C VAL B 671 12.73 16.11 4.86
N GLU B 672 12.41 15.01 5.54
CA GLU B 672 12.73 14.89 6.96
C GLU B 672 14.23 14.88 7.18
N TRP B 673 14.95 14.06 6.41
CA TRP B 673 16.40 14.00 6.55
C TRP B 673 17.04 15.35 6.25
N LYS B 674 16.54 16.05 5.22
CA LYS B 674 17.13 17.34 4.89
C LYS B 674 16.84 18.39 5.96
N PHE B 675 15.65 18.32 6.58
CA PHE B 675 15.36 19.22 7.70
C PHE B 675 16.33 18.98 8.86
N ALA B 676 16.54 17.71 9.21
CA ALA B 676 17.47 17.39 10.30
C ALA B 676 18.90 17.83 9.96
N ARG B 677 19.35 17.53 8.74
CA ARG B 677 20.70 17.91 8.35
C ARG B 677 20.86 19.42 8.28
N SER B 678 19.79 20.15 7.92
CA SER B 678 19.85 21.60 7.92
C SER B 678 19.96 22.15 9.33
N LYS B 679 19.25 21.55 10.29
CA LYS B 679 19.46 21.91 11.68
C LYS B 679 20.91 21.68 12.10
N LEU B 680 21.45 20.51 11.74
CA LEU B 680 22.85 20.20 12.04
C LEU B 680 23.78 21.26 11.47
N TRP B 681 23.56 21.65 10.21
CA TRP B 681 24.38 22.68 9.57
C TRP B 681 24.26 24.00 10.32
N LEU B 682 23.03 24.47 10.53
CA LEU B 682 22.81 25.76 11.16
C LEU B 682 23.41 25.83 12.56
N SER B 683 23.55 24.69 13.23
CA SER B 683 24.20 24.69 14.53
C SER B 683 25.65 25.17 14.46
N TYR B 684 26.28 25.12 13.28
CA TYR B 684 27.68 25.49 13.13
C TYR B 684 27.89 26.82 12.44
N PHE B 685 26.82 27.52 12.03
CA PHE B 685 27.00 28.75 11.28
C PHE B 685 27.43 29.91 12.18
N ASP B 686 26.89 29.96 13.41
CA ASP B 686 27.29 31.00 14.33
C ASP B 686 28.77 30.88 14.67
N ASP B 687 29.46 32.02 14.67
CA ASP B 687 30.91 32.06 14.81
C ASP B 687 31.40 31.48 16.13
N LEU B 691 36.44 26.33 18.15
CA LEU B 691 37.21 25.16 18.54
C LEU B 691 36.34 24.15 19.27
N PRO B 692 36.69 22.87 19.16
CA PRO B 692 35.90 21.82 19.80
C PRO B 692 35.90 21.97 21.31
N PRO B 693 34.93 21.35 21.99
CA PRO B 693 34.84 21.45 23.46
C PRO B 693 36.13 21.07 24.17
N PRO B 694 36.84 19.99 23.75
CA PRO B 694 38.07 19.65 24.47
C PRO B 694 39.13 20.74 24.44
N PHE B 695 39.29 21.42 23.31
CA PHE B 695 40.31 22.45 23.17
C PHE B 695 39.81 23.84 23.48
N SER B 696 38.49 24.03 23.63
CA SER B 696 37.93 25.34 23.94
C SER B 696 38.04 25.69 25.41
N LEU B 697 38.75 24.90 26.21
CA LEU B 697 38.99 25.27 27.60
C LEU B 697 39.87 26.51 27.71
N VAL B 698 40.87 26.61 26.83
CA VAL B 698 41.77 27.77 26.86
C VAL B 698 41.01 29.03 26.47
N PRO B 699 41.11 30.12 27.24
CA PRO B 699 40.43 31.37 26.92
C PRO B 699 41.29 32.32 26.08
N GLN B 759 10.68 55.62 -3.15
CA GLN B 759 9.74 55.35 -2.06
C GLN B 759 9.71 53.87 -1.65
N PRO B 760 9.67 52.95 -2.62
CA PRO B 760 9.82 51.53 -2.25
C PRO B 760 11.28 51.11 -2.19
N THR B 761 11.59 50.26 -1.22
CA THR B 761 12.92 49.72 -1.06
C THR B 761 13.02 48.38 -1.79
N ARG B 762 14.26 47.97 -2.09
CA ARG B 762 14.51 46.81 -2.93
C ARG B 762 13.80 45.56 -2.41
N TYR B 763 13.72 45.41 -1.09
CA TYR B 763 12.99 44.28 -0.53
C TYR B 763 11.52 44.33 -0.88
N GLN B 764 10.91 45.52 -0.80
CA GLN B 764 9.51 45.66 -1.16
C GLN B 764 9.28 45.37 -2.64
N GLN B 765 10.19 45.87 -3.50
CA GLN B 765 10.07 45.60 -4.93
C GLN B 765 10.17 44.11 -5.23
N ILE B 766 11.11 43.42 -4.56
CA ILE B 766 11.29 42.00 -4.81
C ILE B 766 10.09 41.21 -4.31
N MET B 767 9.55 41.57 -3.14
CA MET B 767 8.35 40.90 -2.65
C MET B 767 7.17 41.13 -3.58
N LYS B 768 7.05 42.35 -4.12
CA LYS B 768 5.99 42.63 -5.09
C LYS B 768 6.13 41.74 -6.32
N ARG B 769 7.34 41.66 -6.87
CA ARG B 769 7.59 40.77 -8.01
C ARG B 769 7.19 39.33 -7.69
N LEU B 770 7.69 38.82 -6.56
CA LEU B 770 7.47 37.41 -6.22
C LEU B 770 6.00 37.12 -5.99
N ILE B 771 5.26 38.05 -5.37
CA ILE B 771 3.86 37.78 -5.09
C ILE B 771 3.00 37.91 -6.34
N LYS B 772 3.34 38.84 -7.25
CA LYS B 772 2.64 38.86 -8.53
C LYS B 772 2.90 37.57 -9.31
N ARG B 773 4.15 37.11 -9.31
CA ARG B 773 4.48 35.82 -9.93
C ARG B 773 3.68 34.70 -9.30
N TYR B 774 3.51 34.73 -7.96
CA TYR B 774 2.76 33.69 -7.28
C TYR B 774 1.29 33.72 -7.67
N VAL B 775 0.69 34.92 -7.76
CA VAL B 775 -0.72 35.00 -8.13
C VAL B 775 -0.94 34.45 -9.53
N LEU B 776 -0.07 34.84 -10.47
CA LEU B 776 -0.20 34.34 -11.84
C LEU B 776 0.00 32.83 -11.89
N LYS B 777 1.02 32.31 -11.19
CA LYS B 777 1.29 30.88 -11.19
C LYS B 777 0.15 30.10 -10.54
N ALA B 778 -0.46 30.66 -9.49
CA ALA B 778 -1.54 29.97 -8.82
C ALA B 778 -2.80 29.94 -9.67
N GLN B 779 -3.07 31.02 -10.41
CA GLN B 779 -4.18 30.98 -11.35
C GLN B 779 -3.92 29.97 -12.47
N VAL B 780 -2.68 29.88 -12.94
CA VAL B 780 -2.32 28.88 -13.95
C VAL B 780 -2.55 27.48 -13.41
N ASP B 781 -2.10 27.22 -12.18
CA ASP B 781 -2.28 25.90 -11.58
C ASP B 781 -3.75 25.60 -11.33
N LYS B 782 -4.55 26.63 -11.06
CA LYS B 782 -5.99 26.44 -10.97
C LYS B 782 -6.56 26.04 -12.33
N GLU B 783 -6.01 26.60 -13.40
CA GLU B 783 -6.41 26.18 -14.75
C GLU B 783 -6.05 24.73 -15.04
N ASN B 784 -5.13 24.14 -14.27
CA ASN B 784 -4.72 22.75 -14.47
C ASN B 784 -5.60 21.76 -13.72
N ASP B 785 -6.57 22.24 -12.95
CA ASP B 785 -7.49 21.35 -12.27
C ASP B 785 -8.44 20.71 -13.27
N GLU B 786 -8.83 19.47 -12.98
CA GLU B 786 -9.85 18.81 -13.77
C GLU B 786 -11.13 19.64 -13.78
N VAL B 787 -11.80 19.69 -14.92
CA VAL B 787 -13.10 20.35 -14.98
C VAL B 787 -14.12 19.51 -14.22
N ASN B 788 -15.06 20.17 -13.55
CA ASN B 788 -16.14 19.50 -12.85
C ASN B 788 -17.46 19.79 -13.56
N GLU B 789 -18.51 19.11 -13.08
CA GLU B 789 -19.80 19.16 -13.76
C GLU B 789 -20.37 20.57 -13.81
N GLY B 790 -20.12 21.38 -12.78
CA GLY B 790 -20.67 22.73 -12.77
C GLY B 790 -20.04 23.65 -13.80
N GLU B 791 -18.72 23.55 -13.96
CA GLU B 791 -18.04 24.34 -14.97
C GLU B 791 -18.53 24.03 -16.38
N LEU B 792 -19.08 22.83 -16.61
CA LEU B 792 -19.64 22.47 -17.89
C LEU B 792 -21.10 22.88 -18.02
N LYS B 793 -21.87 22.78 -16.93
CA LYS B 793 -23.22 23.32 -16.94
C LYS B 793 -23.22 24.81 -17.22
N GLU B 794 -22.19 25.52 -16.76
CA GLU B 794 -22.07 26.95 -17.06
C GLU B 794 -21.98 27.18 -18.58
N ILE B 795 -21.16 26.38 -19.27
CA ILE B 795 -21.03 26.53 -20.72
C ILE B 795 -22.31 26.10 -21.42
N LYS B 796 -23.01 25.09 -20.89
CA LYS B 796 -24.31 24.72 -21.44
C LYS B 796 -25.29 25.88 -21.36
N GLN B 797 -25.32 26.58 -20.22
CA GLN B 797 -26.20 27.74 -20.09
C GLN B 797 -25.77 28.87 -21.01
N ASP B 798 -24.46 29.05 -21.20
CA ASP B 798 -23.95 29.96 -22.22
C ASP B 798 -24.59 29.67 -23.56
N ILE B 799 -24.51 28.41 -24.00
CA ILE B 799 -25.06 28.02 -25.29
C ILE B 799 -26.56 28.27 -25.35
N SER B 800 -27.27 27.97 -24.26
CA SER B 800 -28.72 28.14 -24.25
C SER B 800 -29.12 29.60 -24.42
N SER B 801 -28.50 30.49 -23.62
CA SER B 801 -28.82 31.91 -23.72
C SER B 801 -28.45 32.47 -25.09
N LEU B 802 -27.32 32.02 -25.63
CA LEU B 802 -26.92 32.45 -26.97
C LEU B 802 -27.97 32.03 -28.00
N ARG B 803 -28.48 30.80 -27.89
CA ARG B 803 -29.51 30.32 -28.80
C ARG B 803 -30.75 31.20 -28.73
N TYR B 804 -31.22 31.49 -27.51
CA TYR B 804 -32.40 32.34 -27.35
C TYR B 804 -32.20 33.69 -28.02
N GLU B 805 -31.06 34.34 -27.74
CA GLU B 805 -30.80 35.66 -28.30
C GLU B 805 -30.78 35.62 -29.83
N LEU B 806 -30.10 34.63 -30.42
CA LEU B 806 -29.99 34.58 -31.86
C LEU B 806 -31.33 34.33 -32.52
N LEU B 807 -32.13 33.42 -31.97
CA LEU B 807 -33.45 33.16 -32.56
C LEU B 807 -34.34 34.39 -32.46
N GLU B 808 -34.27 35.13 -31.35
CA GLU B 808 -35.06 36.36 -31.28
C GLU B 808 -34.60 37.39 -32.29
N ASP B 809 -33.28 37.46 -32.56
CA ASP B 809 -32.80 38.37 -33.59
C ASP B 809 -33.35 38.02 -34.97
N LYS B 810 -33.33 36.72 -35.31
CA LYS B 810 -33.90 36.30 -36.58
C LYS B 810 -35.38 36.66 -36.67
N SER B 811 -36.11 36.48 -35.57
CA SER B 811 -37.54 36.83 -35.59
C SER B 811 -37.74 38.33 -35.80
N GLN B 812 -36.87 39.15 -35.18
CA GLN B 812 -36.92 40.60 -35.43
C GLN B 812 -36.75 40.90 -36.91
N ALA B 813 -35.76 40.26 -37.55
CA ALA B 813 -35.54 40.48 -38.98
C ALA B 813 -36.78 40.13 -39.79
N THR B 814 -37.41 39.00 -39.47
CA THR B 814 -38.58 38.56 -40.23
C THR B 814 -39.74 39.54 -40.09
N GLU B 815 -40.02 39.98 -38.86
CA GLU B 815 -41.13 40.91 -38.66
C GLU B 815 -40.85 42.26 -39.32
N GLU B 816 -39.60 42.70 -39.34
CA GLU B 816 -39.26 43.94 -40.03
C GLU B 816 -39.49 43.80 -41.53
N LEU B 817 -39.12 42.66 -42.11
CA LEU B 817 -39.40 42.44 -43.52
C LEU B 817 -40.91 42.41 -43.78
N ALA B 818 -41.68 41.89 -42.84
CA ALA B 818 -43.14 41.88 -42.99
C ALA B 818 -43.69 43.30 -43.03
N ILE B 819 -43.24 44.17 -42.12
CA ILE B 819 -43.74 45.54 -42.14
C ILE B 819 -43.26 46.27 -43.39
N LEU B 820 -42.07 45.92 -43.90
CA LEU B 820 -41.59 46.53 -45.13
C LEU B 820 -42.48 46.12 -46.31
N ILE B 821 -42.90 44.86 -46.34
CA ILE B 821 -43.86 44.41 -47.36
C ILE B 821 -45.15 45.21 -47.22
N HIS B 822 -45.64 45.37 -46.00
CA HIS B 822 -46.87 46.13 -45.78
C HIS B 822 -46.76 47.55 -46.32
N LYS B 823 -45.59 48.17 -46.13
CA LYS B 823 -45.39 49.52 -46.66
C LYS B 823 -45.35 49.54 -48.19
N LEU B 824 -44.90 48.44 -48.81
CA LEU B 824 -44.83 48.36 -50.26
C LEU B 824 -46.22 48.48 -50.88
N GLY C 12 15.62 23.54 -41.10
CA GLY C 12 15.56 23.64 -39.65
C GLY C 12 15.49 22.30 -38.96
N PRO C 13 14.29 21.71 -38.95
CA PRO C 13 14.15 20.37 -38.35
C PRO C 13 14.83 19.33 -39.23
N ALA C 14 15.66 18.48 -38.62
CA ALA C 14 16.37 17.47 -39.38
C ALA C 14 15.49 16.26 -39.65
N PHE C 15 14.25 16.52 -40.06
CA PHE C 15 13.33 15.53 -40.63
C PHE C 15 12.14 16.27 -41.26
N MET C 16 11.83 15.97 -42.51
CA MET C 16 10.74 16.62 -43.23
C MET C 16 9.70 15.58 -43.59
N PHE C 17 8.48 15.76 -43.09
CA PHE C 17 7.41 14.78 -43.27
C PHE C 17 6.37 15.21 -44.29
N ASN C 18 6.55 16.35 -44.97
CA ASN C 18 5.59 16.79 -45.98
C ASN C 18 6.13 16.52 -47.38
N THR C 22 10.88 23.84 -50.91
CA THR C 22 9.54 24.17 -51.40
C THR C 22 8.48 23.87 -50.35
N SER C 23 7.60 24.82 -50.11
CA SER C 23 6.54 24.65 -49.13
C SER C 23 5.18 25.02 -49.72
N LEU C 24 4.72 24.18 -50.64
CA LEU C 24 3.43 24.34 -51.33
C LEU C 24 3.26 25.70 -51.98
N THR C 25 2.08 26.30 -51.77
CA THR C 25 1.73 27.60 -52.32
C THR C 25 0.84 28.35 -51.34
N ALA C 26 0.78 29.66 -51.48
CA ALA C 26 -0.06 30.48 -50.61
C ALA C 26 -1.50 29.97 -50.65
N GLU C 27 -1.99 29.71 -51.85
CA GLU C 27 -3.34 29.20 -52.05
C GLU C 27 -3.50 27.82 -51.42
N GLU C 28 -2.50 26.96 -51.56
CA GLU C 28 -2.58 25.63 -50.96
C GLU C 28 -2.56 25.71 -49.44
N GLU C 29 -1.76 26.61 -48.88
CA GLU C 29 -1.73 26.80 -47.43
C GLU C 29 -3.08 27.30 -46.93
N ARG C 30 -3.69 28.25 -47.66
CA ARG C 30 -5.01 28.75 -47.31
C ARG C 30 -6.06 27.65 -47.38
N PHE C 31 -5.96 26.78 -48.40
CA PHE C 31 -6.91 25.69 -48.54
C PHE C 31 -6.75 24.66 -47.42
N LEU C 32 -5.51 24.37 -47.03
CA LEU C 32 -5.28 23.44 -45.93
C LEU C 32 -5.78 24.03 -44.62
N ASP C 33 -5.59 25.34 -44.41
CA ASP C 33 -6.16 26.00 -43.25
C ASP C 33 -7.68 25.90 -43.24
N ALA C 34 -8.30 26.09 -44.40
CA ALA C 34 -9.76 26.05 -44.47
C ALA C 34 -10.28 24.62 -44.27
N ALA C 35 -9.53 23.62 -44.74
CA ALA C 35 -9.96 22.24 -44.58
C ALA C 35 -9.78 21.75 -43.15
N GLU C 36 -8.69 22.15 -42.49
CA GLU C 36 -8.43 21.68 -41.14
C GLU C 36 -9.39 22.32 -40.14
N TYR C 37 -9.63 23.62 -40.28
CA TYR C 37 -10.43 24.36 -39.32
C TYR C 37 -11.89 24.49 -39.75
N GLY C 38 -12.33 23.69 -40.72
CA GLY C 38 -13.73 23.60 -41.05
C GLY C 38 -14.35 24.83 -41.66
N ASN C 39 -13.62 25.53 -42.51
CA ASN C 39 -14.14 26.71 -43.20
C ASN C 39 -14.85 26.23 -44.46
N ILE C 40 -16.10 25.76 -44.27
CA ILE C 40 -16.84 25.13 -45.37
C ILE C 40 -17.00 26.06 -46.59
N PRO C 41 -17.42 27.31 -46.44
CA PRO C 41 -17.59 28.15 -47.64
C PRO C 41 -16.32 28.29 -48.45
N VAL C 42 -15.18 28.46 -47.78
CA VAL C 42 -13.92 28.66 -48.50
C VAL C 42 -13.53 27.38 -49.25
N VAL C 43 -13.66 26.22 -48.61
CA VAL C 43 -13.28 24.98 -49.28
C VAL C 43 -14.22 24.71 -50.45
N ARG C 44 -15.51 25.03 -50.32
CA ARG C 44 -16.42 24.84 -51.44
C ARG C 44 -16.08 25.76 -52.60
N LYS C 45 -15.83 27.04 -52.30
CA LYS C 45 -15.43 28.00 -53.32
C LYS C 45 -14.19 27.52 -54.06
N MET C 46 -13.16 27.09 -53.32
CA MET C 46 -11.92 26.66 -53.94
C MET C 46 -12.12 25.41 -54.79
N LEU C 47 -12.77 24.38 -54.22
CA LEU C 47 -13.02 23.18 -55.00
C LEU C 47 -13.84 23.47 -56.25
N GLU C 48 -14.67 24.52 -56.22
CA GLU C 48 -15.47 24.84 -57.39
C GLU C 48 -14.65 25.55 -58.46
N GLU C 49 -13.88 26.58 -58.08
CA GLU C 49 -13.38 27.51 -59.09
C GLU C 49 -11.91 27.85 -58.93
N SER C 50 -11.11 27.04 -58.22
CA SER C 50 -9.69 27.35 -58.11
C SER C 50 -8.96 27.06 -59.42
N LYS C 51 -8.97 25.79 -59.84
CA LYS C 51 -8.46 25.35 -61.14
C LYS C 51 -6.94 25.40 -61.23
N THR C 52 -6.27 25.96 -60.21
CA THR C 52 -4.83 25.85 -60.06
C THR C 52 -4.44 24.99 -58.88
N LEU C 53 -5.30 24.92 -57.87
CA LEU C 53 -5.05 24.13 -56.67
C LEU C 53 -5.30 22.66 -56.94
N ASN C 54 -4.49 21.82 -56.29
CA ASN C 54 -4.69 20.38 -56.30
C ASN C 54 -5.13 19.93 -54.91
N VAL C 55 -6.15 19.07 -54.88
CA VAL C 55 -6.73 18.65 -53.60
C VAL C 55 -5.78 17.81 -52.78
N ASN C 56 -4.71 17.30 -53.39
CA ASN C 56 -3.77 16.43 -52.71
C ASN C 56 -2.58 17.19 -52.12
N CYS C 57 -2.70 18.51 -51.94
CA CYS C 57 -1.68 19.25 -51.22
C CYS C 57 -1.62 18.77 -49.77
N VAL C 58 -0.45 18.95 -49.15
CA VAL C 58 -0.08 18.17 -47.98
C VAL C 58 0.29 19.10 -46.82
N ASP C 59 -0.18 18.76 -45.62
CA ASP C 59 0.17 19.45 -44.39
C ASP C 59 1.64 19.23 -44.06
N TYR C 60 2.12 19.91 -43.00
CA TYR C 60 3.49 19.70 -42.55
C TYR C 60 3.71 18.31 -41.97
N MET C 61 2.64 17.62 -41.59
CA MET C 61 2.72 16.27 -41.03
C MET C 61 2.43 15.19 -42.07
N GLY C 62 2.37 15.54 -43.35
CA GLY C 62 2.01 14.56 -44.35
C GLY C 62 0.53 14.25 -44.42
N GLN C 63 -0.32 15.26 -44.25
CA GLN C 63 -1.77 15.08 -44.18
C GLN C 63 -2.43 15.91 -45.27
N ASN C 64 -3.09 15.24 -46.22
CA ASN C 64 -3.81 15.97 -47.26
C ASN C 64 -5.12 16.51 -46.68
N ALA C 65 -5.90 17.20 -47.54
CA ALA C 65 -7.09 17.89 -47.07
C ALA C 65 -8.11 16.91 -46.48
N LEU C 66 -8.27 15.74 -47.09
CA LEU C 66 -9.25 14.78 -46.60
C LEU C 66 -8.88 14.29 -45.20
N GLN C 67 -7.60 13.99 -44.98
CA GLN C 67 -7.16 13.53 -43.66
C GLN C 67 -7.34 14.62 -42.61
N LEU C 68 -7.05 15.88 -42.97
CA LEU C 68 -7.24 16.97 -42.04
C LEU C 68 -8.71 17.14 -41.69
N ALA C 69 -9.59 17.07 -42.69
CA ALA C 69 -11.02 17.24 -42.44
C ALA C 69 -11.57 16.11 -41.59
N VAL C 70 -11.12 14.88 -41.83
CA VAL C 70 -11.61 13.73 -41.07
C VAL C 70 -11.07 13.78 -39.64
N GLY C 71 -9.82 14.19 -39.47
CA GLY C 71 -9.21 14.23 -38.15
C GLY C 71 -9.81 15.26 -37.22
N ASN C 72 -10.47 16.27 -37.76
CA ASN C 72 -11.12 17.31 -36.95
C ASN C 72 -12.63 17.19 -36.99
N GLU C 73 -13.17 16.13 -37.58
CA GLU C 73 -14.61 15.86 -37.59
C GLU C 73 -15.38 16.97 -38.29
N HIS C 74 -14.96 17.30 -39.50
CA HIS C 74 -15.67 18.26 -40.35
C HIS C 74 -16.42 17.45 -41.41
N LEU C 75 -17.65 17.07 -41.07
CA LEU C 75 -18.41 16.18 -41.94
C LEU C 75 -18.78 16.85 -43.26
N GLU C 76 -19.15 18.13 -43.22
CA GLU C 76 -19.51 18.82 -44.46
C GLU C 76 -18.30 19.00 -45.36
N VAL C 77 -17.15 19.37 -44.79
CA VAL C 77 -15.93 19.46 -45.57
C VAL C 77 -15.56 18.10 -46.14
N THR C 78 -15.78 17.03 -45.36
CA THR C 78 -15.52 15.68 -45.84
C THR C 78 -16.41 15.34 -47.03
N GLU C 79 -17.70 15.67 -46.95
CA GLU C 79 -18.61 15.40 -48.05
C GLU C 79 -18.22 16.21 -49.29
N LEU C 80 -17.78 17.46 -49.09
CA LEU C 80 -17.33 18.27 -50.22
C LEU C 80 -16.09 17.67 -50.87
N LEU C 81 -15.15 17.17 -50.06
CA LEU C 81 -13.92 16.61 -50.61
C LEU C 81 -14.18 15.28 -51.31
N LEU C 82 -15.09 14.46 -50.77
CA LEU C 82 -15.32 13.13 -51.34
C LEU C 82 -15.90 13.21 -52.74
N LYS C 83 -16.60 14.30 -53.07
CA LYS C 83 -17.12 14.47 -54.42
C LYS C 83 -16.04 14.87 -55.43
N LYS C 84 -14.87 15.30 -54.96
CA LYS C 84 -13.80 15.69 -55.86
C LYS C 84 -13.12 14.43 -56.40
N GLU C 85 -13.23 14.23 -57.71
CA GLU C 85 -12.59 13.09 -58.35
C GLU C 85 -11.08 13.13 -58.11
N ASN C 86 -10.45 11.97 -58.25
CA ASN C 86 -9.00 11.76 -58.04
C ASN C 86 -8.50 12.31 -56.71
N LEU C 87 -9.35 12.34 -55.69
CA LEU C 87 -8.90 12.64 -54.34
C LEU C 87 -8.24 11.41 -53.74
N ALA C 88 -7.11 11.63 -53.06
CA ALA C 88 -6.30 10.55 -52.54
C ALA C 88 -6.53 10.36 -51.04
N ARG C 89 -5.91 9.30 -50.51
CA ARG C 89 -5.91 9.00 -49.08
C ARG C 89 -7.32 8.76 -48.55
N ILE C 90 -8.11 7.98 -49.31
CA ILE C 90 -9.48 7.70 -48.89
C ILE C 90 -9.54 6.50 -47.94
N GLY C 91 -8.75 5.47 -48.21
CA GLY C 91 -8.71 4.33 -47.31
C GLY C 91 -8.22 4.70 -45.92
N ASP C 92 -7.15 5.49 -45.85
CA ASP C 92 -6.68 5.96 -44.56
C ASP C 92 -7.68 6.91 -43.92
N ALA C 93 -8.42 7.68 -44.72
CA ALA C 93 -9.48 8.50 -44.16
C ALA C 93 -10.52 7.64 -43.46
N LEU C 94 -10.92 6.54 -44.09
CA LEU C 94 -11.85 5.61 -43.44
C LEU C 94 -11.26 5.04 -42.17
N LEU C 95 -9.98 4.63 -42.22
CA LEU C 95 -9.35 4.04 -41.05
C LEU C 95 -9.29 5.03 -39.89
N LEU C 96 -8.96 6.29 -40.19
CA LEU C 96 -8.87 7.32 -39.15
C LEU C 96 -10.25 7.62 -38.56
N ALA C 97 -11.26 7.74 -39.42
CA ALA C 97 -12.61 7.99 -38.94
C ALA C 97 -13.11 6.84 -38.07
N ILE C 98 -12.74 5.61 -38.43
CA ILE C 98 -13.11 4.45 -37.61
C ILE C 98 -12.39 4.50 -36.27
N SER C 99 -11.10 4.85 -36.29
CA SER C 99 -10.34 4.93 -35.04
C SER C 99 -10.92 5.96 -34.09
N LYS C 100 -11.30 7.13 -34.62
CA LYS C 100 -11.89 8.16 -33.78
C LYS C 100 -13.36 7.94 -33.49
N GLY C 101 -13.99 6.96 -34.14
CA GLY C 101 -15.39 6.67 -33.89
C GLY C 101 -16.37 7.64 -34.49
N TYR C 102 -15.99 8.35 -35.56
CA TYR C 102 -16.88 9.29 -36.22
C TYR C 102 -17.81 8.52 -37.14
N VAL C 103 -18.96 8.12 -36.61
CA VAL C 103 -19.86 7.22 -37.32
C VAL C 103 -20.34 7.83 -38.63
N ARG C 104 -20.73 9.11 -38.60
CA ARG C 104 -21.28 9.73 -39.79
C ARG C 104 -20.21 9.92 -40.87
N ILE C 105 -18.99 10.28 -40.47
CA ILE C 105 -17.92 10.40 -41.44
C ILE C 105 -17.57 9.02 -42.02
N VAL C 106 -17.63 7.98 -41.19
CA VAL C 106 -17.42 6.62 -41.70
C VAL C 106 -18.48 6.27 -42.74
N GLU C 107 -19.74 6.60 -42.45
CA GLU C 107 -20.81 6.34 -43.41
C GLU C 107 -20.60 7.11 -44.70
N ALA C 108 -20.15 8.36 -44.60
CA ALA C 108 -19.92 9.16 -45.80
C ALA C 108 -18.78 8.59 -46.64
N ILE C 109 -17.71 8.13 -45.98
CA ILE C 109 -16.57 7.57 -46.70
C ILE C 109 -16.95 6.23 -47.34
N LEU C 110 -17.75 5.42 -46.65
CA LEU C 110 -18.12 4.12 -47.18
C LEU C 110 -19.01 4.22 -48.41
N ASN C 111 -19.72 5.33 -48.59
CA ASN C 111 -20.55 5.54 -49.77
C ASN C 111 -19.75 6.01 -50.99
N HIS C 112 -18.43 6.15 -50.85
CA HIS C 112 -17.58 6.54 -51.96
C HIS C 112 -17.39 5.38 -52.94
N PRO C 113 -17.24 5.68 -54.22
CA PRO C 113 -17.00 4.60 -55.21
C PRO C 113 -15.82 3.69 -54.88
N GLY C 114 -14.83 4.18 -54.10
CA GLY C 114 -13.71 3.34 -53.74
C GLY C 114 -14.10 2.14 -52.91
N PHE C 115 -15.16 2.25 -52.11
CA PHE C 115 -15.64 1.15 -51.30
C PHE C 115 -16.94 0.53 -51.82
N ALA C 116 -17.77 1.33 -52.51
CA ALA C 116 -19.03 0.81 -53.02
C ALA C 116 -18.82 -0.20 -54.14
N ALA C 117 -18.00 0.16 -55.13
CA ALA C 117 -17.76 -0.74 -56.26
C ALA C 117 -16.84 -1.88 -55.87
N SER C 118 -15.69 -1.58 -55.27
CA SER C 118 -14.74 -2.61 -54.91
C SER C 118 -15.22 -3.40 -53.69
N LYS C 119 -14.50 -4.48 -53.40
CA LYS C 119 -14.78 -5.35 -52.27
C LYS C 119 -13.72 -5.19 -51.18
N ARG C 120 -13.30 -3.95 -50.93
CA ARG C 120 -12.21 -3.68 -50.01
C ARG C 120 -12.49 -4.24 -48.62
N LEU C 121 -13.73 -4.12 -48.16
CA LEU C 121 -14.04 -4.52 -46.79
C LEU C 121 -14.18 -6.03 -46.63
N THR C 122 -14.58 -6.72 -47.70
CA THR C 122 -14.82 -8.17 -47.58
C THR C 122 -13.52 -8.96 -47.67
N LEU C 123 -12.61 -8.58 -48.56
CA LEU C 123 -11.39 -9.35 -48.75
C LEU C 123 -10.50 -9.28 -47.51
N SER C 124 -9.74 -10.36 -47.30
CA SER C 124 -8.93 -10.51 -46.10
C SER C 124 -7.78 -9.50 -46.09
N PRO C 125 -7.16 -9.30 -44.92
CA PRO C 125 -5.95 -8.45 -44.88
C PRO C 125 -4.85 -8.96 -45.79
N CYS C 126 -4.69 -10.29 -45.91
CA CYS C 126 -3.65 -10.84 -46.78
C CYS C 126 -3.96 -10.61 -48.25
N GLU C 127 -5.23 -10.67 -48.63
CA GLU C 127 -5.61 -10.40 -50.01
C GLU C 127 -5.43 -8.92 -50.35
N GLN C 128 -5.66 -8.04 -49.38
CA GLN C 128 -5.34 -6.63 -49.58
C GLN C 128 -3.84 -6.41 -49.68
N GLU C 129 -3.06 -7.18 -48.90
CA GLU C 129 -1.61 -6.98 -48.86
C GLU C 129 -0.91 -7.57 -50.08
N LEU C 130 -1.50 -8.57 -50.74
CA LEU C 130 -0.84 -9.16 -51.91
C LEU C 130 -0.75 -8.15 -53.05
N GLN C 131 -1.81 -7.38 -53.28
CA GLN C 131 -1.74 -6.25 -54.21
C GLN C 131 -1.14 -5.06 -53.47
N ASP C 132 -0.18 -4.39 -54.11
CA ASP C 132 0.39 -3.21 -53.46
C ASP C 132 -0.71 -2.16 -53.27
N ASP C 133 -1.14 -1.56 -54.37
CA ASP C 133 -2.41 -0.84 -54.49
C ASP C 133 -2.51 0.36 -53.56
N ASP C 134 -1.59 0.44 -52.58
CA ASP C 134 -1.44 1.56 -51.65
C ASP C 134 -2.77 2.20 -51.25
N PHE C 135 -3.78 1.39 -50.92
CA PHE C 135 -5.09 1.96 -50.66
C PHE C 135 -5.19 2.55 -49.26
N TYR C 136 -4.71 1.84 -48.26
CA TYR C 136 -4.73 2.34 -46.89
C TYR C 136 -3.46 3.08 -46.51
N ALA C 137 -2.58 3.34 -47.48
CA ALA C 137 -1.43 4.19 -47.21
C ALA C 137 -1.86 5.65 -47.12
N TYR C 138 -1.31 6.35 -46.14
CA TYR C 138 -1.65 7.76 -45.91
C TYR C 138 -0.56 8.72 -46.37
N ASP C 139 0.63 8.23 -46.68
CA ASP C 139 1.72 9.09 -47.11
C ASP C 139 2.47 8.36 -48.22
N GLU C 140 3.68 8.84 -48.54
CA GLU C 140 4.47 8.23 -49.61
C GLU C 140 4.81 6.78 -49.30
N ASP C 141 4.95 6.43 -48.02
CA ASP C 141 5.49 5.11 -47.66
C ASP C 141 5.00 4.75 -46.27
N GLY C 142 4.02 3.85 -46.20
CA GLY C 142 3.55 3.30 -44.95
C GLY C 142 2.05 3.53 -44.75
N THR C 143 1.54 2.87 -43.71
CA THR C 143 0.15 2.97 -43.30
C THR C 143 0.08 3.46 -41.86
N ARG C 144 -1.05 4.10 -41.51
CA ARG C 144 -1.17 4.72 -40.20
C ARG C 144 -1.13 3.68 -39.09
N PHE C 145 -1.94 2.63 -39.21
CA PHE C 145 -1.91 1.52 -38.28
C PHE C 145 -1.19 0.34 -38.95
N SER C 146 -1.13 -0.78 -38.23
CA SER C 146 -0.43 -1.95 -38.76
C SER C 146 -1.06 -2.37 -40.09
N PRO C 147 -0.26 -2.80 -41.06
CA PRO C 147 -0.83 -3.16 -42.38
C PRO C 147 -1.86 -4.26 -42.32
N ASP C 148 -1.81 -5.13 -41.30
CA ASP C 148 -2.78 -6.20 -41.18
C ASP C 148 -4.09 -5.74 -40.54
N ILE C 149 -4.10 -4.56 -39.91
CA ILE C 149 -5.29 -4.06 -39.23
C ILE C 149 -6.26 -3.55 -40.29
N THR C 150 -7.29 -4.35 -40.57
CA THR C 150 -8.33 -3.97 -41.51
C THR C 150 -9.36 -3.09 -40.82
N PRO C 151 -10.26 -2.45 -41.57
CA PRO C 151 -11.31 -1.64 -40.93
C PRO C 151 -12.07 -2.37 -39.83
N ILE C 152 -12.45 -3.63 -40.05
CA ILE C 152 -13.22 -4.35 -39.04
C ILE C 152 -12.36 -4.62 -37.80
N ILE C 153 -11.09 -4.98 -38.00
CA ILE C 153 -10.21 -5.24 -36.87
C ILE C 153 -9.98 -3.95 -36.07
N LEU C 154 -9.81 -2.83 -36.76
CA LEU C 154 -9.61 -1.55 -36.07
C LEU C 154 -10.85 -1.15 -35.30
N ALA C 155 -12.03 -1.30 -35.90
CA ALA C 155 -13.27 -1.00 -35.21
C ALA C 155 -13.45 -1.87 -33.97
N ALA C 156 -13.08 -3.14 -34.08
CA ALA C 156 -13.15 -4.02 -32.91
C ALA C 156 -12.16 -3.58 -31.84
N HIS C 157 -10.95 -3.19 -32.24
CA HIS C 157 -9.97 -2.68 -31.28
C HIS C 157 -10.53 -1.50 -30.51
N CYS C 158 -11.05 -0.50 -31.22
CA CYS C 158 -11.60 0.68 -30.56
C CYS C 158 -12.93 0.43 -29.89
N GLN C 159 -13.56 -0.73 -30.14
CA GLN C 159 -14.86 -1.08 -29.56
C GLN C 159 -15.92 -0.05 -29.93
N LYS C 160 -15.94 0.33 -31.21
CA LYS C 160 -16.98 1.17 -31.78
C LYS C 160 -18.12 0.26 -32.19
N TYR C 161 -19.13 0.13 -31.32
CA TYR C 161 -20.19 -0.84 -31.54
C TYR C 161 -20.93 -0.57 -32.85
N GLU C 162 -21.28 0.68 -33.11
CA GLU C 162 -22.01 1.00 -34.33
C GLU C 162 -21.15 0.79 -35.57
N VAL C 163 -19.86 1.14 -35.49
CA VAL C 163 -18.96 0.95 -36.62
C VAL C 163 -18.74 -0.54 -36.88
N VAL C 164 -18.58 -1.32 -35.81
CA VAL C 164 -18.46 -2.77 -35.97
C VAL C 164 -19.70 -3.35 -36.62
N HIS C 165 -20.88 -2.90 -36.19
CA HIS C 165 -22.12 -3.39 -36.78
C HIS C 165 -22.20 -3.01 -38.26
N MET C 166 -21.85 -1.77 -38.59
CA MET C 166 -21.85 -1.33 -39.98
C MET C 166 -20.94 -2.20 -40.84
N LEU C 167 -19.72 -2.43 -40.37
CA LEU C 167 -18.77 -3.23 -41.15
C LEU C 167 -19.22 -4.67 -41.27
N LEU C 168 -19.84 -5.21 -40.21
CA LEU C 168 -20.37 -6.57 -40.29
C LEU C 168 -21.50 -6.65 -41.31
N MET C 169 -22.32 -5.60 -41.41
CA MET C 169 -23.37 -5.56 -42.42
C MET C 169 -22.79 -5.66 -43.83
N LYS C 170 -21.60 -5.10 -44.04
CA LYS C 170 -20.96 -5.09 -45.35
C LYS C 170 -20.22 -6.38 -45.67
N GLY C 171 -20.13 -7.31 -44.72
CA GLY C 171 -19.48 -8.59 -44.96
C GLY C 171 -18.10 -8.73 -44.36
N ALA C 172 -17.62 -7.76 -43.60
CA ALA C 172 -16.29 -7.83 -43.02
C ALA C 172 -16.29 -8.73 -41.78
N ARG C 173 -15.31 -9.62 -41.71
CA ARG C 173 -15.16 -10.55 -40.59
C ARG C 173 -13.69 -10.65 -40.22
N ILE C 174 -13.43 -10.85 -38.92
CA ILE C 174 -12.07 -11.06 -38.45
C ILE C 174 -11.66 -12.50 -38.71
N GLU C 175 -10.35 -12.71 -38.91
CA GLU C 175 -9.88 -13.85 -39.67
C GLU C 175 -9.73 -15.14 -38.87
N ARG C 176 -9.69 -15.08 -37.53
CA ARG C 176 -9.45 -16.29 -36.73
C ARG C 176 -8.11 -16.91 -37.07
N PRO C 177 -7.00 -16.32 -36.60
CA PRO C 177 -5.66 -16.81 -36.98
C PRO C 177 -5.52 -18.32 -36.79
N HIS C 178 -4.64 -18.91 -37.58
CA HIS C 178 -4.40 -20.35 -37.54
C HIS C 178 -3.73 -20.74 -36.23
N ASP C 179 -3.64 -22.04 -36.01
CA ASP C 179 -2.98 -22.58 -34.82
C ASP C 179 -1.54 -22.09 -34.74
N TYR C 180 -1.02 -22.03 -33.52
CA TYR C 180 0.36 -21.59 -33.32
C TYR C 180 1.34 -22.51 -34.02
N PHE C 181 1.27 -23.81 -33.72
CA PHE C 181 2.13 -24.80 -34.36
C PHE C 181 1.49 -25.25 -35.67
N CYS C 182 1.51 -24.35 -36.65
CA CYS C 182 0.89 -24.57 -37.94
C CYS C 182 1.97 -24.84 -38.98
N LYS C 183 1.67 -25.74 -39.92
CA LYS C 183 2.62 -26.17 -40.93
C LYS C 183 2.21 -25.83 -42.36
N CYS C 184 1.06 -25.16 -42.56
CA CYS C 184 0.61 -24.87 -43.90
C CYS C 184 1.53 -23.85 -44.57
N GLY C 185 1.43 -23.79 -45.90
CA GLY C 185 2.37 -22.98 -46.67
C GLY C 185 2.30 -21.50 -46.32
N ASP C 186 1.09 -20.98 -46.05
CA ASP C 186 0.96 -19.57 -45.73
C ASP C 186 1.63 -19.24 -44.41
N CYS C 187 1.33 -20.01 -43.36
CA CYS C 187 1.97 -19.78 -42.06
C CYS C 187 3.47 -20.00 -42.15
N MET C 188 3.91 -21.00 -42.91
CA MET C 188 5.34 -21.25 -43.07
C MET C 188 6.04 -20.06 -43.71
N GLU C 189 5.46 -19.53 -44.79
CA GLU C 189 6.08 -18.40 -45.48
C GLU C 189 6.05 -17.14 -44.61
N LYS C 190 4.94 -16.91 -43.90
CA LYS C 190 4.87 -15.77 -42.99
C LYS C 190 5.92 -15.87 -41.89
N GLN C 191 6.11 -17.07 -41.34
CA GLN C 191 7.04 -17.23 -40.23
C GLN C 191 8.49 -17.15 -40.69
N ARG C 192 8.79 -17.66 -41.89
CA ARG C 192 10.15 -17.56 -42.40
C ARG C 192 10.48 -16.15 -42.85
N HIS C 193 9.50 -15.43 -43.39
CA HIS C 193 9.73 -14.08 -43.90
C HIS C 193 10.15 -13.13 -42.78
N ASP C 194 9.27 -12.90 -41.82
CA ASP C 194 9.51 -11.92 -40.76
C ASP C 194 9.54 -12.52 -39.36
N SER C 195 8.49 -13.24 -38.98
CA SER C 195 8.36 -13.94 -37.70
C SER C 195 8.15 -12.98 -36.52
N PHE C 196 8.28 -11.69 -36.77
CA PHE C 196 7.87 -10.68 -35.79
C PHE C 196 6.65 -9.90 -36.24
N SER C 197 6.60 -9.52 -37.52
CA SER C 197 5.34 -9.04 -38.09
C SER C 197 4.26 -10.11 -38.00
N HIS C 198 4.65 -11.39 -38.08
CA HIS C 198 3.69 -12.48 -37.99
C HIS C 198 3.05 -12.56 -36.62
N SER C 199 3.87 -12.58 -35.57
CA SER C 199 3.33 -12.66 -34.21
C SER C 199 2.55 -11.40 -33.84
N ARG C 200 3.04 -10.23 -34.26
CA ARG C 200 2.30 -8.99 -34.01
C ARG C 200 0.95 -9.00 -34.73
N SER C 201 0.92 -9.54 -35.96
CA SER C 201 -0.34 -9.66 -36.68
C SER C 201 -1.30 -10.60 -35.97
N ARG C 202 -0.77 -11.72 -35.45
CA ARG C 202 -1.60 -12.63 -34.68
C ARG C 202 -2.18 -11.92 -33.45
N ILE C 203 -1.36 -11.15 -32.74
CA ILE C 203 -1.83 -10.42 -31.57
C ILE C 203 -2.88 -9.40 -31.95
N ASN C 204 -2.71 -8.73 -33.11
CA ASN C 204 -3.71 -7.78 -33.56
C ASN C 204 -5.04 -8.46 -33.85
N ALA C 205 -5.00 -9.59 -34.55
CA ALA C 205 -6.23 -10.31 -34.88
C ALA C 205 -6.92 -10.81 -33.62
N TYR C 206 -6.14 -11.24 -32.62
CA TYR C 206 -6.75 -11.68 -31.37
C TYR C 206 -7.29 -10.51 -30.54
N LYS C 207 -6.61 -9.36 -30.60
CA LYS C 207 -7.12 -8.15 -29.96
C LYS C 207 -8.44 -7.73 -30.59
N GLY C 208 -8.59 -7.97 -31.89
CA GLY C 208 -9.88 -7.72 -32.52
C GLY C 208 -10.93 -8.73 -32.12
N LEU C 209 -10.56 -10.02 -32.09
CA LEU C 209 -11.51 -11.07 -31.75
C LEU C 209 -11.96 -10.97 -30.29
N ALA C 210 -11.04 -10.62 -29.39
CA ALA C 210 -11.33 -10.64 -27.96
C ALA C 210 -12.05 -9.39 -27.46
N SER C 211 -12.45 -8.49 -28.35
CA SER C 211 -13.11 -7.27 -27.87
C SER C 211 -14.59 -7.53 -27.62
N PRO C 212 -15.18 -6.89 -26.61
CA PRO C 212 -16.61 -7.13 -26.33
C PRO C 212 -17.52 -6.73 -27.47
N ALA C 213 -17.17 -5.70 -28.23
CA ALA C 213 -18.03 -5.27 -29.34
C ALA C 213 -18.15 -6.37 -30.40
N TYR C 214 -17.00 -6.86 -30.88
CA TYR C 214 -17.03 -7.90 -31.90
C TYR C 214 -17.61 -9.20 -31.34
N LEU C 215 -17.27 -9.55 -30.11
CA LEU C 215 -17.82 -10.74 -29.48
C LEU C 215 -19.34 -10.69 -29.45
N SER C 216 -19.90 -9.55 -29.04
CA SER C 216 -21.35 -9.45 -28.89
C SER C 216 -22.04 -9.40 -30.25
N LEU C 217 -21.49 -8.66 -31.20
CA LEU C 217 -22.19 -8.44 -32.47
C LEU C 217 -21.94 -9.51 -33.51
N SER C 218 -20.92 -10.34 -33.37
CA SER C 218 -20.49 -11.20 -34.46
C SER C 218 -21.10 -12.61 -34.42
N SER C 219 -21.15 -13.24 -33.26
CA SER C 219 -21.46 -14.66 -33.17
C SER C 219 -22.86 -14.89 -32.61
N GLU C 220 -23.32 -16.14 -32.72
CA GLU C 220 -24.64 -16.51 -32.23
C GLU C 220 -24.64 -16.61 -30.70
N ASP C 221 -23.65 -17.30 -30.14
CA ASP C 221 -23.54 -17.49 -28.69
C ASP C 221 -22.25 -16.81 -28.24
N PRO C 222 -22.29 -15.51 -27.94
CA PRO C 222 -21.05 -14.80 -27.59
C PRO C 222 -20.40 -15.29 -26.30
N VAL C 223 -21.15 -15.86 -25.36
CA VAL C 223 -20.53 -16.27 -24.10
C VAL C 223 -19.75 -17.56 -24.27
N LEU C 224 -20.25 -18.49 -25.08
CA LEU C 224 -19.49 -19.70 -25.39
C LEU C 224 -18.23 -19.37 -26.16
N THR C 225 -18.37 -18.52 -27.19
CA THR C 225 -17.22 -18.06 -27.94
C THR C 225 -16.21 -17.38 -27.03
N ALA C 226 -16.68 -16.57 -26.08
CA ALA C 226 -15.78 -15.85 -25.20
C ALA C 226 -15.05 -16.81 -24.25
N LEU C 227 -15.74 -17.82 -23.73
CA LEU C 227 -15.07 -18.81 -22.89
C LEU C 227 -14.00 -19.56 -23.66
N GLU C 228 -14.36 -20.08 -24.84
CA GLU C 228 -13.40 -20.84 -25.62
C GLU C 228 -12.20 -19.98 -26.03
N LEU C 229 -12.46 -18.74 -26.46
CA LEU C 229 -11.38 -17.83 -26.84
C LEU C 229 -10.54 -17.43 -25.64
N SER C 230 -11.14 -17.35 -24.45
CA SER C 230 -10.38 -17.06 -23.24
C SER C 230 -9.40 -18.18 -22.94
N ASN C 231 -9.86 -19.42 -23.02
CA ASN C 231 -8.92 -20.55 -22.84
C ASN C 231 -7.86 -20.54 -23.94
N GLU C 232 -8.26 -20.23 -25.17
CA GLU C 232 -7.32 -20.15 -26.29
C GLU C 232 -6.20 -19.14 -26.00
N LEU C 233 -6.56 -17.94 -25.58
CA LEU C 233 -5.57 -16.91 -25.29
C LEU C 233 -4.75 -17.25 -24.04
N ALA C 234 -5.36 -17.92 -23.07
CA ALA C 234 -4.60 -18.35 -21.90
C ALA C 234 -3.51 -19.34 -22.27
N LYS C 235 -3.80 -20.24 -23.22
CA LYS C 235 -2.78 -21.16 -23.70
C LYS C 235 -1.74 -20.42 -24.54
N LEU C 236 -2.19 -19.47 -25.38
CA LEU C 236 -1.26 -18.68 -26.17
C LEU C 236 -0.27 -17.94 -25.29
N ALA C 237 -0.73 -17.45 -24.13
CA ALA C 237 0.16 -16.74 -23.22
C ALA C 237 1.29 -17.64 -22.73
N ASN C 238 0.99 -18.91 -22.48
CA ASN C 238 2.03 -19.83 -22.04
C ASN C 238 2.96 -20.21 -23.19
N ILE C 239 2.41 -20.42 -24.38
CA ILE C 239 3.23 -20.85 -25.51
C ILE C 239 4.19 -19.74 -25.92
N GLU C 240 3.68 -18.52 -26.07
CA GLU C 240 4.46 -17.37 -26.55
C GLU C 240 4.71 -16.46 -25.36
N LYS C 241 5.87 -16.64 -24.71
CA LYS C 241 6.12 -15.97 -23.43
C LYS C 241 6.60 -14.53 -23.59
N GLU C 242 7.18 -14.16 -24.73
CA GLU C 242 7.65 -12.79 -24.90
C GLU C 242 6.49 -11.80 -24.94
N PHE C 243 5.35 -12.22 -25.51
CA PHE C 243 4.14 -11.42 -25.50
C PHE C 243 3.12 -11.94 -24.50
N LYS C 244 3.60 -12.46 -23.37
CA LYS C 244 2.74 -13.05 -22.36
C LYS C 244 1.70 -12.06 -21.85
N ASN C 245 2.12 -10.81 -21.60
CA ASN C 245 1.22 -9.81 -21.05
C ASN C 245 0.06 -9.51 -21.97
N ASP C 246 0.32 -9.41 -23.29
CA ASP C 246 -0.74 -9.09 -24.23
C ASP C 246 -1.82 -10.16 -24.27
N TYR C 247 -1.41 -11.42 -24.43
CA TYR C 247 -2.37 -12.52 -24.45
C TYR C 247 -3.09 -12.63 -23.12
N ARG C 248 -2.40 -12.37 -22.01
CA ARG C 248 -3.04 -12.40 -20.71
C ARG C 248 -4.13 -11.33 -20.60
N LYS C 249 -3.84 -10.12 -21.08
CA LYS C 249 -4.84 -9.05 -21.05
C LYS C 249 -6.03 -9.38 -21.94
N LEU C 250 -5.78 -9.97 -23.11
CA LEU C 250 -6.89 -10.32 -24.00
C LEU C 250 -7.77 -11.42 -23.39
N SER C 251 -7.14 -12.43 -22.78
CA SER C 251 -7.90 -13.47 -22.09
C SER C 251 -8.73 -12.87 -20.96
N MET C 252 -8.16 -11.91 -20.22
CA MET C 252 -8.94 -11.24 -19.17
C MET C 252 -10.12 -10.48 -19.76
N GLN C 253 -9.92 -9.83 -20.91
CA GLN C 253 -11.02 -9.18 -21.61
C GLN C 253 -12.16 -10.15 -21.86
N CYS C 254 -11.83 -11.33 -22.40
CA CYS C 254 -12.86 -12.33 -22.66
C CYS C 254 -13.56 -12.76 -21.36
N LYS C 255 -12.76 -13.04 -20.32
CA LYS C 255 -13.31 -13.45 -19.03
C LYS C 255 -14.34 -12.44 -18.53
N ASP C 256 -13.93 -11.17 -18.43
CA ASP C 256 -14.86 -10.18 -17.88
C ASP C 256 -15.97 -9.83 -18.84
N PHE C 257 -15.84 -10.13 -20.13
CA PHE C 257 -17.00 -10.06 -21.01
C PHE C 257 -18.05 -11.08 -20.59
N VAL C 258 -17.63 -12.34 -20.37
CA VAL C 258 -18.57 -13.35 -19.90
C VAL C 258 -19.19 -12.93 -18.58
N VAL C 259 -18.36 -12.38 -17.67
CA VAL C 259 -18.86 -11.96 -16.36
C VAL C 259 -19.89 -10.84 -16.52
N GLY C 260 -19.62 -9.88 -17.39
CA GLY C 260 -20.56 -8.80 -17.60
C GLY C 260 -21.86 -9.25 -18.23
N VAL C 261 -21.80 -10.24 -19.12
CA VAL C 261 -23.03 -10.78 -19.69
C VAL C 261 -23.85 -11.49 -18.61
N LEU C 262 -23.19 -12.26 -17.74
CA LEU C 262 -23.90 -12.88 -16.62
C LEU C 262 -24.47 -11.83 -15.67
N ASP C 263 -23.78 -10.70 -15.52
CA ASP C 263 -24.18 -9.68 -14.56
C ASP C 263 -25.52 -9.03 -14.89
N LEU C 264 -26.01 -9.17 -16.12
CA LEU C 264 -27.20 -8.46 -16.57
C LEU C 264 -28.49 -9.23 -16.36
N CYS C 265 -28.43 -10.49 -15.94
CA CYS C 265 -29.64 -11.31 -15.83
C CYS C 265 -30.59 -10.75 -14.79
N ARG C 266 -31.89 -10.79 -15.10
CA ARG C 266 -32.91 -10.22 -14.23
C ARG C 266 -33.95 -11.20 -13.74
N ASP C 267 -34.00 -12.42 -14.30
CA ASP C 267 -34.88 -13.46 -13.77
C ASP C 267 -34.22 -14.82 -13.98
N SER C 268 -34.86 -15.86 -13.46
CA SER C 268 -34.23 -17.17 -13.40
C SER C 268 -34.06 -17.80 -14.79
N GLU C 269 -34.95 -17.46 -15.73
CA GLU C 269 -34.84 -18.05 -17.06
C GLU C 269 -33.54 -17.60 -17.75
N GLU C 270 -33.22 -16.32 -17.66
CA GLU C 270 -31.99 -15.81 -18.26
C GLU C 270 -30.76 -16.38 -17.54
N VAL C 271 -30.83 -16.52 -16.22
CA VAL C 271 -29.72 -17.10 -15.47
C VAL C 271 -29.50 -18.54 -15.91
N GLU C 272 -30.58 -19.30 -16.11
CA GLU C 272 -30.45 -20.66 -16.61
C GLU C 272 -29.84 -20.68 -17.99
N ALA C 273 -30.30 -19.79 -18.88
CA ALA C 273 -29.77 -19.75 -20.24
C ALA C 273 -28.28 -19.42 -20.24
N ILE C 274 -27.83 -18.60 -19.29
CA ILE C 274 -26.41 -18.25 -19.23
C ILE C 274 -25.60 -19.38 -18.61
N LEU C 275 -26.11 -20.02 -17.56
CA LEU C 275 -25.34 -21.01 -16.81
C LEU C 275 -25.45 -22.42 -17.38
N ASN C 276 -26.65 -22.85 -17.76
CA ASN C 276 -26.86 -24.20 -18.26
C ASN C 276 -26.48 -24.36 -19.73
N GLY C 277 -25.86 -23.34 -20.34
CA GLY C 277 -25.69 -23.39 -21.78
C GLY C 277 -27.04 -23.28 -22.46
N ASP C 278 -27.23 -24.05 -23.53
CA ASP C 278 -28.51 -24.09 -24.21
C ASP C 278 -29.55 -24.78 -23.33
N ALA C 292 -30.57 -29.98 -14.44
CA ALA C 292 -29.92 -28.80 -15.00
C ALA C 292 -28.41 -28.96 -15.01
N SER C 293 -27.88 -29.45 -16.13
CA SER C 293 -26.44 -29.62 -16.28
C SER C 293 -25.79 -28.25 -16.47
N LEU C 294 -25.08 -27.78 -15.45
CA LEU C 294 -24.46 -26.46 -15.48
C LEU C 294 -23.23 -26.47 -16.38
N SER C 295 -23.44 -26.60 -17.69
CA SER C 295 -22.33 -26.75 -18.62
C SER C 295 -21.40 -25.55 -18.59
N ARG C 296 -21.96 -24.34 -18.61
CA ARG C 296 -21.13 -23.14 -18.63
C ARG C 296 -20.41 -22.93 -17.29
N VAL C 297 -21.01 -23.34 -16.19
CA VAL C 297 -20.31 -23.26 -14.90
C VAL C 297 -19.14 -24.23 -14.88
N LYS C 298 -19.34 -25.45 -15.39
CA LYS C 298 -18.24 -26.39 -15.55
C LYS C 298 -17.14 -25.80 -16.41
N LEU C 299 -17.50 -25.16 -17.53
CA LEU C 299 -16.51 -24.57 -18.41
C LEU C 299 -15.77 -23.42 -17.74
N ALA C 300 -16.46 -22.63 -16.93
CA ALA C 300 -15.81 -21.50 -16.27
C ALA C 300 -14.86 -21.98 -15.19
N ILE C 301 -15.22 -23.05 -14.47
CA ILE C 301 -14.31 -23.60 -13.48
C ILE C 301 -13.13 -24.28 -14.16
N LYS C 302 -13.37 -24.90 -15.32
CA LYS C 302 -12.29 -25.55 -16.05
C LYS C 302 -11.30 -24.54 -16.63
N TYR C 303 -11.81 -23.43 -17.15
CA TYR C 303 -10.98 -22.37 -17.71
C TYR C 303 -10.61 -21.30 -16.69
N GLU C 304 -11.04 -21.45 -15.44
CA GLU C 304 -10.68 -20.54 -14.35
C GLU C 304 -11.19 -19.12 -14.60
N VAL C 305 -12.46 -19.02 -15.01
CA VAL C 305 -13.14 -17.72 -15.06
C VAL C 305 -13.79 -17.56 -13.68
N LYS C 306 -12.99 -17.07 -12.74
CA LYS C 306 -13.38 -17.12 -11.33
C LYS C 306 -14.47 -16.10 -11.02
N LYS C 307 -14.41 -14.92 -11.64
CA LYS C 307 -15.44 -13.92 -11.38
C LYS C 307 -16.80 -14.36 -11.91
N PHE C 308 -16.82 -15.17 -12.97
CA PHE C 308 -18.07 -15.69 -13.49
C PHE C 308 -18.73 -16.62 -12.48
N VAL C 309 -17.96 -17.57 -11.93
CA VAL C 309 -18.51 -18.54 -11.00
C VAL C 309 -18.85 -17.87 -9.67
N ALA C 310 -17.98 -16.98 -9.20
CA ALA C 310 -18.18 -16.30 -7.93
C ALA C 310 -19.18 -15.16 -8.00
N HIS C 311 -19.84 -14.98 -9.13
CA HIS C 311 -20.80 -13.90 -9.26
C HIS C 311 -22.08 -14.24 -8.51
N PRO C 312 -22.74 -13.25 -7.88
CA PRO C 312 -23.91 -13.56 -7.05
C PRO C 312 -25.01 -14.33 -7.74
N ASN C 313 -25.21 -14.15 -9.06
CA ASN C 313 -26.26 -14.88 -9.76
C ASN C 313 -25.93 -16.37 -9.84
N CYS C 314 -24.76 -16.70 -10.39
CA CYS C 314 -24.31 -18.08 -10.40
C CYS C 314 -24.25 -18.64 -8.99
N GLN C 315 -23.87 -17.81 -8.02
CA GLN C 315 -23.76 -18.27 -6.64
C GLN C 315 -25.12 -18.66 -6.08
N GLN C 316 -26.15 -17.84 -6.31
CA GLN C 316 -27.47 -18.19 -5.79
C GLN C 316 -28.07 -19.38 -6.53
N GLN C 317 -27.77 -19.55 -7.82
CA GLN C 317 -28.21 -20.75 -8.51
C GLN C 317 -27.58 -22.00 -7.90
N LEU C 318 -26.25 -21.99 -7.76
CA LEU C 318 -25.55 -23.12 -7.14
C LEU C 318 -26.04 -23.35 -5.72
N LEU C 319 -26.40 -22.28 -5.01
CA LEU C 319 -26.85 -22.43 -3.62
C LEU C 319 -28.24 -23.07 -3.56
N THR C 320 -29.14 -22.67 -4.46
CA THR C 320 -30.45 -23.32 -4.52
C THR C 320 -30.31 -24.79 -4.89
N ILE C 321 -29.34 -25.14 -5.73
CA ILE C 321 -29.11 -26.56 -6.00
C ILE C 321 -28.49 -27.24 -4.78
N TRP C 322 -27.71 -26.51 -3.99
CA TRP C 322 -27.01 -27.10 -2.85
C TRP C 322 -27.97 -27.53 -1.75
N TYR C 323 -28.94 -26.68 -1.41
CA TYR C 323 -29.99 -27.04 -0.47
C TYR C 323 -31.25 -27.44 -1.23
N GLU C 324 -31.22 -28.64 -1.79
CA GLU C 324 -32.32 -29.09 -2.64
C GLU C 324 -33.60 -29.27 -1.83
N ASN C 325 -33.59 -30.20 -0.88
CA ASN C 325 -34.78 -30.51 -0.08
C ASN C 325 -34.69 -29.98 1.34
N LEU C 326 -33.62 -29.28 1.69
CA LEU C 326 -33.44 -28.74 3.04
C LEU C 326 -33.92 -27.29 3.07
N SER C 327 -35.26 -27.16 3.05
CA SER C 327 -35.89 -25.86 2.89
C SER C 327 -35.55 -24.93 4.06
N GLY C 328 -35.83 -25.35 5.29
CA GLY C 328 -35.55 -24.51 6.44
C GLY C 328 -34.06 -24.44 6.74
N LEU C 329 -33.35 -25.55 6.59
CA LEU C 329 -31.93 -25.62 6.90
C LEU C 329 -31.11 -24.57 6.17
N ARG C 330 -31.65 -24.02 5.07
CA ARG C 330 -30.93 -22.99 4.32
C ARG C 330 -30.63 -21.77 5.17
N GLU C 331 -31.47 -21.49 6.17
CA GLU C 331 -31.37 -20.25 6.94
C GLU C 331 -30.87 -20.44 8.37
N GLN C 332 -30.59 -21.68 8.79
CA GLN C 332 -30.23 -21.91 10.18
C GLN C 332 -28.86 -21.32 10.51
N THR C 333 -28.66 -21.03 11.80
CA THR C 333 -27.36 -20.60 12.27
C THR C 333 -26.35 -21.73 12.17
N ILE C 334 -25.07 -21.38 12.27
CA ILE C 334 -24.01 -22.37 12.15
C ILE C 334 -24.07 -23.38 13.29
N ALA C 335 -24.57 -22.98 14.45
CA ALA C 335 -24.68 -23.91 15.57
C ALA C 335 -25.65 -25.05 15.26
N ILE C 336 -26.78 -24.74 14.61
CA ILE C 336 -27.75 -25.77 14.26
C ILE C 336 -27.16 -26.73 13.24
N LYS C 337 -26.34 -26.21 12.32
CA LYS C 337 -25.72 -27.09 11.34
C LYS C 337 -24.63 -27.94 11.96
N CYS C 338 -23.90 -27.42 12.95
CA CYS C 338 -23.01 -28.28 13.72
C CYS C 338 -23.79 -29.36 14.45
N LEU C 339 -24.97 -29.00 14.97
CA LEU C 339 -25.83 -29.99 15.61
C LEU C 339 -26.21 -31.11 14.66
N VAL C 340 -26.64 -30.76 13.44
CA VAL C 340 -27.04 -31.80 12.50
C VAL C 340 -25.83 -32.58 12.00
N VAL C 341 -24.66 -31.95 11.92
CA VAL C 341 -23.43 -32.67 11.62
C VAL C 341 -23.19 -33.76 12.66
N LEU C 342 -23.27 -33.38 13.94
CA LEU C 342 -23.09 -34.36 15.02
C LEU C 342 -24.15 -35.45 14.97
N VAL C 343 -25.38 -35.08 14.67
CA VAL C 343 -26.47 -36.07 14.63
C VAL C 343 -26.23 -37.06 13.50
N VAL C 344 -25.74 -36.60 12.36
CA VAL C 344 -25.38 -37.51 11.28
C VAL C 344 -24.24 -38.41 11.69
N ALA C 345 -23.22 -37.85 12.35
CA ALA C 345 -22.12 -38.66 12.85
C ALA C 345 -22.61 -39.77 13.78
N LEU C 346 -23.62 -39.46 14.60
CA LEU C 346 -24.15 -40.45 15.54
C LEU C 346 -24.97 -41.51 14.81
N GLY C 347 -25.94 -41.09 14.00
CA GLY C 347 -26.87 -41.99 13.36
C GLY C 347 -26.46 -42.54 12.02
N LEU C 348 -25.22 -42.32 11.59
CA LEU C 348 -24.78 -42.84 10.30
C LEU C 348 -24.97 -44.34 10.13
N PRO C 349 -24.70 -45.19 11.13
CA PRO C 349 -25.07 -46.61 10.97
C PRO C 349 -26.57 -46.80 10.71
N PHE C 350 -27.41 -46.19 11.55
CA PHE C 350 -28.85 -46.31 11.36
C PHE C 350 -29.29 -45.67 10.04
N LEU C 351 -28.64 -44.57 9.64
CA LEU C 351 -29.02 -43.92 8.38
C LEU C 351 -28.69 -44.81 7.18
N ALA C 352 -27.52 -45.46 7.19
CA ALA C 352 -27.20 -46.38 6.11
C ALA C 352 -28.12 -47.60 6.12
N ILE C 353 -28.42 -48.12 7.31
CA ILE C 353 -29.35 -49.24 7.40
C ILE C 353 -30.71 -48.88 6.82
N GLY C 354 -31.20 -47.68 7.15
CA GLY C 354 -32.48 -47.25 6.62
C GLY C 354 -32.45 -46.95 5.14
N TYR C 355 -31.32 -46.44 4.63
CA TYR C 355 -31.17 -46.25 3.19
C TYR C 355 -31.24 -47.58 2.46
N TRP C 356 -30.66 -48.63 3.05
CA TRP C 356 -30.78 -49.96 2.44
C TRP C 356 -32.18 -50.51 2.58
N ILE C 357 -32.86 -50.20 3.70
CA ILE C 357 -34.17 -50.78 3.95
C ILE C 357 -35.26 -50.01 3.21
N ALA C 358 -35.40 -48.71 3.52
CA ALA C 358 -36.40 -47.85 2.88
C ALA C 358 -35.67 -46.91 1.92
N PRO C 359 -35.50 -47.30 0.67
CA PRO C 359 -34.70 -46.49 -0.25
C PRO C 359 -35.39 -45.21 -0.70
N CYS C 360 -36.72 -45.24 -0.78
CA CYS C 360 -37.51 -44.10 -1.21
C CYS C 360 -38.54 -43.75 -0.13
N SER C 361 -38.36 -42.60 0.50
CA SER C 361 -39.24 -42.11 1.56
C SER C 361 -38.84 -40.66 1.85
N ARG C 362 -39.42 -40.09 2.90
CA ARG C 362 -38.91 -38.82 3.43
C ARG C 362 -37.44 -38.94 3.76
N LEU C 363 -37.07 -40.01 4.47
CA LEU C 363 -35.66 -40.28 4.77
C LEU C 363 -34.84 -40.41 3.50
N GLY C 364 -35.37 -41.11 2.50
CA GLY C 364 -34.63 -41.28 1.25
C GLY C 364 -34.45 -39.98 0.50
N LYS C 365 -35.48 -39.12 0.48
CA LYS C 365 -35.36 -37.85 -0.20
C LYS C 365 -34.39 -36.92 0.52
N ILE C 366 -34.42 -36.91 1.85
CA ILE C 366 -33.49 -36.06 2.59
C ILE C 366 -32.06 -36.57 2.44
N LEU C 367 -31.88 -37.89 2.39
CA LEU C 367 -30.54 -38.47 2.30
C LEU C 367 -29.89 -38.23 0.95
N ARG C 368 -30.65 -37.99 -0.11
CA ARG C 368 -30.09 -37.75 -1.43
C ARG C 368 -29.77 -36.28 -1.70
N SER C 369 -30.01 -35.38 -0.73
CA SER C 369 -29.70 -33.98 -1.00
C SER C 369 -28.18 -33.76 -0.92
N PRO C 370 -27.64 -32.86 -1.75
CA PRO C 370 -26.17 -32.72 -1.79
C PRO C 370 -25.54 -32.29 -0.48
N PHE C 371 -26.18 -31.36 0.23
CA PHE C 371 -25.62 -30.91 1.50
C PHE C 371 -25.59 -32.04 2.52
N MET C 372 -26.62 -32.89 2.52
CA MET C 372 -26.62 -34.03 3.43
C MET C 372 -25.58 -35.07 3.01
N LYS C 373 -25.32 -35.21 1.71
CA LYS C 373 -24.23 -36.07 1.27
C LYS C 373 -22.89 -35.56 1.79
N PHE C 374 -22.67 -34.24 1.71
CA PHE C 374 -21.43 -33.68 2.18
C PHE C 374 -21.26 -33.82 3.68
N VAL C 375 -22.34 -33.60 4.43
CA VAL C 375 -22.24 -33.75 5.87
C VAL C 375 -22.03 -35.23 6.23
N ALA C 376 -22.61 -36.14 5.46
CA ALA C 376 -22.34 -37.56 5.67
C ALA C 376 -20.86 -37.89 5.44
N HIS C 377 -20.27 -37.31 4.39
CA HIS C 377 -18.85 -37.52 4.16
C HIS C 377 -18.00 -36.96 5.29
N ALA C 378 -18.32 -35.73 5.73
CA ALA C 378 -17.59 -35.12 6.83
C ALA C 378 -17.72 -35.95 8.12
N ALA C 379 -18.92 -36.44 8.40
CA ALA C 379 -19.13 -37.25 9.60
C ALA C 379 -18.40 -38.58 9.51
N SER C 380 -18.36 -39.17 8.32
CA SER C 380 -17.57 -40.39 8.12
C SER C 380 -16.10 -40.13 8.43
N PHE C 381 -15.54 -39.05 7.89
CA PHE C 381 -14.14 -38.75 8.14
C PHE C 381 -13.87 -38.48 9.61
N ILE C 382 -14.82 -37.81 10.29
CA ILE C 382 -14.62 -37.52 11.71
C ILE C 382 -14.68 -38.81 12.52
N ILE C 383 -15.57 -39.73 12.15
CA ILE C 383 -15.59 -41.05 12.78
C ILE C 383 -14.28 -41.78 12.54
N PHE C 384 -13.69 -41.59 11.36
CA PHE C 384 -12.40 -42.21 11.06
C PHE C 384 -11.31 -41.66 11.97
N LEU C 385 -11.25 -40.34 12.14
CA LEU C 385 -10.28 -39.75 13.05
C LEU C 385 -10.51 -40.20 14.49
N GLY C 386 -11.79 -40.28 14.90
CA GLY C 386 -12.10 -40.75 16.23
C GLY C 386 -11.68 -42.19 16.46
N LEU C 387 -11.82 -43.03 15.43
CA LEU C 387 -11.31 -44.39 15.53
C LEU C 387 -9.79 -44.41 15.63
N LEU C 388 -9.11 -43.60 14.82
CA LEU C 388 -7.66 -43.51 14.93
C LEU C 388 -7.21 -43.12 16.33
N VAL C 389 -7.93 -42.20 16.97
CA VAL C 389 -7.54 -41.76 18.30
C VAL C 389 -7.87 -42.83 19.34
N PHE C 390 -9.14 -43.26 19.38
CA PHE C 390 -9.60 -44.24 20.36
C PHE C 390 -8.88 -45.58 20.24
N ASN C 391 -8.33 -45.89 19.06
CA ASN C 391 -7.49 -47.08 18.96
C ASN C 391 -6.25 -46.95 19.83
N ALA C 392 -5.77 -45.72 20.04
CA ALA C 392 -4.64 -45.44 20.91
C ALA C 392 -5.06 -45.25 22.37
N SER C 393 -6.30 -45.60 22.72
CA SER C 393 -6.70 -45.55 24.12
C SER C 393 -5.97 -46.64 24.91
N ASP C 394 -6.19 -46.61 26.23
CA ASP C 394 -5.46 -47.37 27.25
C ASP C 394 -3.98 -47.04 27.27
N ARG C 395 -3.52 -46.07 26.48
CA ARG C 395 -2.16 -45.58 26.57
C ARG C 395 -2.12 -44.07 26.74
N PHE C 396 -3.28 -43.43 26.94
CA PHE C 396 -3.33 -41.97 27.10
C PHE C 396 -2.49 -41.51 28.28
N GLU C 397 -2.45 -42.30 29.36
CA GLU C 397 -1.66 -41.98 30.54
C GLU C 397 -0.36 -42.76 30.61
N GLY C 398 0.03 -43.42 29.52
CA GLY C 398 1.28 -44.14 29.48
C GLY C 398 1.07 -45.64 29.47
N ILE C 399 2.06 -46.35 28.91
CA ILE C 399 2.01 -47.81 28.88
C ILE C 399 2.17 -48.34 30.30
N THR C 400 1.53 -49.47 30.58
CA THR C 400 1.50 -49.99 31.94
C THR C 400 2.75 -50.81 32.27
N THR C 401 3.18 -51.67 31.36
CA THR C 401 4.34 -52.52 31.58
C THR C 401 5.55 -51.95 30.83
N LEU C 402 6.72 -52.13 31.44
CA LEU C 402 7.95 -51.65 30.83
C LEU C 402 8.26 -52.45 29.56
N PRO C 403 8.98 -51.86 28.61
CA PRO C 403 9.31 -52.60 27.38
C PRO C 403 10.14 -53.85 27.61
N ASN C 404 10.75 -54.01 28.77
CA ASN C 404 11.56 -55.18 29.07
C ASN C 404 10.71 -56.39 29.45
N ILE C 405 9.50 -56.19 29.93
CA ILE C 405 8.66 -57.26 30.47
C ILE C 405 7.75 -57.78 29.37
N THR C 406 7.53 -59.09 29.37
CA THR C 406 6.61 -59.74 28.44
C THR C 406 5.45 -60.33 29.22
N VAL C 407 4.23 -59.93 28.85
CA VAL C 407 3.01 -60.40 29.49
C VAL C 407 2.16 -61.10 28.43
N THR C 408 1.64 -62.28 28.78
CA THR C 408 0.81 -63.07 27.88
C THR C 408 -0.41 -63.59 28.63
N ASP C 409 -1.50 -63.77 27.87
CA ASP C 409 -2.75 -64.23 28.47
C ASP C 409 -2.63 -65.67 28.96
N TYR C 410 -2.31 -66.59 28.06
CA TYR C 410 -2.12 -67.98 28.43
C TYR C 410 -0.69 -68.41 28.12
N PRO C 411 -0.11 -69.30 28.93
CA PRO C 411 1.34 -69.56 28.82
C PRO C 411 1.78 -70.11 27.48
N LYS C 412 0.93 -70.90 26.80
CA LYS C 412 1.36 -71.56 25.57
C LYS C 412 1.56 -70.59 24.42
N GLN C 413 1.04 -69.37 24.51
CA GLN C 413 1.05 -68.47 23.37
C GLN C 413 2.37 -67.72 23.28
N ILE C 414 2.72 -67.34 22.05
CA ILE C 414 3.91 -66.53 21.78
C ILE C 414 3.56 -65.06 22.01
N PHE C 415 4.51 -64.32 22.60
CA PHE C 415 4.27 -62.92 22.92
C PHE C 415 4.00 -62.08 21.68
N ARG C 416 4.61 -62.43 20.55
CA ARG C 416 4.41 -61.65 19.33
C ARG C 416 2.99 -61.82 18.79
N VAL C 417 2.37 -62.98 19.01
CA VAL C 417 0.96 -63.13 18.66
C VAL C 417 0.10 -62.16 19.47
N LYS C 418 0.44 -62.00 20.75
CA LYS C 418 -0.27 -61.04 21.60
C LYS C 418 -0.01 -59.61 21.15
N THR C 419 1.19 -59.33 20.66
CA THR C 419 1.56 -57.96 20.31
C THR C 419 1.00 -57.53 18.96
N THR C 420 0.93 -58.45 18.00
CA THR C 420 0.62 -58.09 16.62
C THR C 420 -0.80 -58.42 16.18
N GLN C 421 -1.63 -58.94 17.08
CA GLN C 421 -2.98 -59.31 16.69
C GLN C 421 -3.83 -58.06 16.41
N PHE C 422 -4.77 -58.20 15.49
CA PHE C 422 -5.62 -57.08 15.07
C PHE C 422 -6.78 -56.91 16.04
N THR C 423 -6.86 -55.75 16.68
CA THR C 423 -8.03 -55.41 17.46
C THR C 423 -9.17 -54.99 16.54
N TRP C 424 -10.36 -54.86 17.11
CA TRP C 424 -11.56 -54.62 16.32
C TRP C 424 -11.51 -53.25 15.65
N THR C 425 -11.16 -52.20 16.41
CA THR C 425 -11.06 -50.87 15.83
C THR C 425 -10.02 -50.82 14.73
N GLU C 426 -8.95 -51.61 14.86
CA GLU C 426 -7.93 -51.64 13.82
C GLU C 426 -8.46 -52.27 12.54
N MET C 427 -9.25 -53.34 12.66
CA MET C 427 -9.87 -53.92 11.47
C MET C 427 -10.90 -52.98 10.85
N LEU C 428 -11.60 -52.19 11.69
CA LEU C 428 -12.48 -51.16 11.16
C LEU C 428 -11.70 -50.15 10.33
N ILE C 429 -10.57 -49.68 10.89
CA ILE C 429 -9.68 -48.78 10.13
C ILE C 429 -9.21 -49.45 8.84
N MET C 430 -8.95 -50.75 8.88
CA MET C 430 -8.43 -51.45 7.71
C MET C 430 -9.46 -51.47 6.57
N VAL C 431 -10.66 -51.95 6.88
CA VAL C 431 -11.71 -51.99 5.85
C VAL C 431 -12.06 -50.57 5.41
N TRP C 432 -11.91 -49.59 6.31
CA TRP C 432 -12.11 -48.19 5.95
C TRP C 432 -11.10 -47.76 4.88
N VAL C 433 -9.83 -48.07 5.11
CA VAL C 433 -8.78 -47.72 4.15
C VAL C 433 -9.01 -48.44 2.83
N LEU C 434 -9.48 -49.69 2.89
CA LEU C 434 -9.78 -50.41 1.66
C LEU C 434 -10.90 -49.73 0.87
N GLY C 435 -11.93 -49.26 1.56
CA GLY C 435 -13.00 -48.54 0.87
C GLY C 435 -12.55 -47.23 0.28
N MET C 436 -11.77 -46.45 1.03
CA MET C 436 -11.25 -45.20 0.51
C MET C 436 -10.34 -45.44 -0.70
N MET C 437 -9.54 -46.51 -0.65
CA MET C 437 -8.67 -46.82 -1.78
C MET C 437 -9.47 -47.27 -2.98
N TRP C 438 -10.58 -47.98 -2.76
CA TRP C 438 -11.46 -48.36 -3.87
C TRP C 438 -12.04 -47.12 -4.54
N SER C 439 -12.52 -46.16 -3.73
CA SER C 439 -13.05 -44.93 -4.31
C SER C 439 -11.98 -44.16 -5.09
N GLU C 440 -10.78 -44.05 -4.52
CA GLU C 440 -9.72 -43.30 -5.17
C GLU C 440 -9.27 -43.97 -6.46
N CYS C 441 -9.19 -45.31 -6.46
CA CYS C 441 -8.83 -46.02 -7.68
C CYS C 441 -9.92 -45.94 -8.73
N LYS C 442 -11.19 -45.89 -8.30
CA LYS C 442 -12.28 -45.68 -9.26
C LYS C 442 -12.14 -44.34 -9.94
N GLU C 443 -11.91 -43.28 -9.16
CA GLU C 443 -11.73 -41.96 -9.76
C GLU C 443 -10.47 -41.89 -10.62
N LEU C 444 -9.42 -42.64 -10.23
CA LEU C 444 -8.23 -42.71 -11.07
C LEU C 444 -8.51 -43.37 -12.40
N TRP C 445 -9.26 -44.48 -12.39
CA TRP C 445 -9.60 -45.18 -13.61
C TRP C 445 -10.51 -44.32 -14.50
N LEU C 446 -11.38 -43.52 -13.88
CA LEU C 446 -12.26 -42.66 -14.65
C LEU C 446 -11.49 -41.50 -15.29
N GLU C 447 -10.80 -40.71 -14.48
CA GLU C 447 -10.12 -39.51 -14.99
C GLU C 447 -8.84 -39.84 -15.76
N GLY C 448 -8.22 -40.99 -15.51
CA GLY C 448 -6.98 -41.34 -16.17
C GLY C 448 -5.79 -40.84 -15.39
N PRO C 449 -4.69 -41.61 -15.41
CA PRO C 449 -3.52 -41.25 -14.58
C PRO C 449 -2.95 -39.87 -14.89
N ARG C 450 -2.92 -39.48 -16.17
CA ARG C 450 -2.32 -38.20 -16.52
C ARG C 450 -3.04 -37.04 -15.85
N GLU C 451 -4.36 -36.98 -15.99
CA GLU C 451 -5.13 -35.92 -15.33
C GLU C 451 -5.20 -36.13 -13.83
N TYR C 452 -5.12 -37.39 -13.38
CA TYR C 452 -5.21 -37.68 -11.95
C TYR C 452 -4.00 -37.18 -11.19
N ILE C 453 -2.81 -37.25 -11.79
CA ILE C 453 -1.60 -36.84 -11.10
C ILE C 453 -1.44 -35.32 -11.05
N LEU C 454 -2.11 -34.59 -11.94
CA LEU C 454 -1.91 -33.14 -12.03
C LEU C 454 -2.22 -32.44 -10.71
N GLN C 455 -3.36 -32.76 -10.10
CA GLN C 455 -3.70 -32.15 -8.82
C GLN C 455 -2.79 -32.73 -7.73
N LEU C 456 -2.01 -31.86 -7.09
CA LEU C 456 -1.05 -32.33 -6.09
C LEU C 456 -1.75 -32.88 -4.85
N TRP C 457 -2.91 -32.32 -4.48
CA TRP C 457 -3.61 -32.80 -3.30
C TRP C 457 -4.13 -34.22 -3.49
N ASN C 458 -4.53 -34.56 -4.72
CA ASN C 458 -4.93 -35.93 -5.01
C ASN C 458 -3.74 -36.88 -4.86
N VAL C 459 -2.54 -36.43 -5.25
CA VAL C 459 -1.34 -37.22 -5.05
C VAL C 459 -1.09 -37.43 -3.56
N LEU C 460 -1.27 -36.37 -2.76
CA LEU C 460 -1.11 -36.50 -1.31
C LEU C 460 -2.08 -37.54 -0.74
N ASP C 461 -3.34 -37.48 -1.18
CA ASP C 461 -4.34 -38.44 -0.68
C ASP C 461 -3.98 -39.86 -1.06
N PHE C 462 -3.57 -40.07 -2.32
CA PHE C 462 -3.15 -41.40 -2.77
C PHE C 462 -1.99 -41.92 -1.94
N GLY C 463 -1.00 -41.05 -1.69
CA GLY C 463 0.13 -41.46 -0.88
C GLY C 463 -0.25 -41.83 0.54
N MET C 464 -1.15 -41.04 1.14
CA MET C 464 -1.61 -41.34 2.49
C MET C 464 -2.29 -42.70 2.56
N LEU C 465 -3.18 -42.99 1.61
CA LEU C 465 -3.86 -44.28 1.59
C LEU C 465 -2.87 -45.42 1.41
N SER C 466 -1.93 -45.27 0.47
CA SER C 466 -0.93 -46.31 0.26
C SER C 466 -0.06 -46.53 1.50
N ILE C 467 0.20 -45.47 2.27
CA ILE C 467 1.03 -45.60 3.45
C ILE C 467 0.28 -46.34 4.56
N PHE C 468 -1.01 -46.05 4.73
CA PHE C 468 -1.82 -46.85 5.64
C PHE C 468 -1.77 -48.33 5.25
N ILE C 469 -1.93 -48.61 3.96
CA ILE C 469 -1.88 -49.99 3.48
C ILE C 469 -0.52 -50.62 3.80
N ALA C 470 0.56 -49.88 3.60
CA ALA C 470 1.90 -50.42 3.85
C ALA C 470 2.09 -50.72 5.33
N ALA C 471 1.64 -49.82 6.21
CA ALA C 471 1.75 -50.07 7.65
C ALA C 471 1.02 -51.36 8.03
N PHE C 472 -0.22 -51.52 7.54
CA PHE C 472 -0.97 -52.73 7.90
C PHE C 472 -0.36 -53.97 7.28
N THR C 473 0.26 -53.86 6.10
CA THR C 473 0.91 -55.02 5.49
C THR C 473 2.13 -55.45 6.30
N ALA C 474 2.94 -54.50 6.75
CA ALA C 474 4.08 -54.84 7.61
C ALA C 474 3.61 -55.47 8.91
N ARG C 475 2.55 -54.91 9.50
CA ARG C 475 1.98 -55.49 10.71
C ARG C 475 1.53 -56.93 10.47
N PHE C 476 0.91 -57.19 9.31
CA PHE C 476 0.43 -58.54 9.03
C PHE C 476 1.57 -59.51 8.77
N LEU C 477 2.67 -59.05 8.18
CA LEU C 477 3.82 -59.93 8.02
C LEU C 477 4.43 -60.28 9.38
N ALA C 478 4.57 -59.27 10.25
CA ALA C 478 5.00 -59.54 11.62
C ALA C 478 4.09 -60.55 12.29
N PHE C 479 2.77 -60.40 12.11
CA PHE C 479 1.82 -61.32 12.73
C PHE C 479 1.88 -62.71 12.10
N LEU C 480 2.21 -62.81 10.82
CA LEU C 480 2.35 -64.12 10.20
C LEU C 480 3.56 -64.86 10.76
N GLN C 481 4.69 -64.17 10.88
CA GLN C 481 5.83 -64.76 11.56
C GLN C 481 5.49 -65.12 13.00
N ALA C 482 4.70 -64.27 13.66
CA ALA C 482 4.30 -64.52 15.04
C ALA C 482 3.46 -65.79 15.16
N THR C 483 2.42 -65.91 14.33
CA THR C 483 1.55 -67.07 14.40
C THR C 483 2.23 -68.35 13.91
N LYS C 484 3.24 -68.23 13.03
CA LYS C 484 4.01 -69.40 12.61
C LYS C 484 4.94 -69.88 13.73
N ALA C 485 5.64 -68.95 14.39
CA ALA C 485 6.41 -69.34 15.57
C ALA C 485 5.51 -69.90 16.67
N GLN C 486 4.31 -69.33 16.81
CA GLN C 486 3.35 -69.85 17.77
C GLN C 486 2.92 -71.26 17.43
N GLN C 487 2.66 -71.51 16.13
CA GLN C 487 2.30 -72.86 15.70
C GLN C 487 3.44 -73.84 15.98
N TYR C 488 4.67 -73.43 15.70
CA TYR C 488 5.83 -74.28 16.01
C TYR C 488 5.90 -74.60 17.50
N VAL C 489 5.77 -73.57 18.35
CA VAL C 489 5.88 -73.76 19.79
C VAL C 489 4.78 -74.68 20.30
N ASP C 490 3.54 -74.43 19.88
CA ASP C 490 2.42 -75.22 20.35
C ASP C 490 2.47 -76.64 19.79
N SER C 491 3.10 -76.83 18.63
CA SER C 491 3.09 -78.13 17.99
C SER C 491 4.19 -79.05 18.54
N TYR C 492 5.42 -78.54 18.62
CA TYR C 492 6.56 -79.42 18.84
C TYR C 492 7.00 -79.51 20.29
N VAL C 493 6.90 -78.45 21.07
CA VAL C 493 7.39 -78.47 22.44
C VAL C 493 6.20 -78.55 23.40
N GLN C 494 6.43 -79.23 24.53
CA GLN C 494 5.42 -79.43 25.55
C GLN C 494 5.99 -79.03 26.90
N GLU C 495 5.31 -78.13 27.60
CA GLU C 495 5.71 -77.67 28.91
C GLU C 495 4.59 -76.81 29.48
N SER C 496 4.77 -76.40 30.74
CA SER C 496 3.79 -75.52 31.38
C SER C 496 4.01 -74.07 30.97
N ASP C 497 5.22 -73.55 31.20
CA ASP C 497 5.58 -72.19 30.86
C ASP C 497 6.65 -72.20 29.78
N LEU C 498 6.58 -71.22 28.87
CA LEU C 498 7.55 -71.16 27.78
C LEU C 498 8.91 -70.68 28.25
N SER C 499 8.95 -69.87 29.31
CA SER C 499 10.21 -69.25 29.73
C SER C 499 11.24 -70.31 30.12
N GLU C 500 10.80 -71.37 30.79
CA GLU C 500 11.73 -72.41 31.22
C GLU C 500 12.31 -73.19 30.04
N VAL C 501 11.63 -73.22 28.91
CA VAL C 501 12.05 -74.02 27.76
C VAL C 501 13.12 -73.27 26.98
N THR C 502 14.06 -74.04 26.41
CA THR C 502 15.00 -73.52 25.44
C THR C 502 14.54 -73.93 24.04
N LEU C 503 14.47 -72.96 23.15
CA LEU C 503 13.92 -73.15 21.81
C LEU C 503 14.99 -72.97 20.75
N PRO C 504 14.75 -73.43 19.53
CA PRO C 504 15.63 -73.09 18.41
C PRO C 504 15.76 -71.58 18.28
N PRO C 505 16.96 -71.07 17.99
CA PRO C 505 17.17 -69.61 18.07
C PRO C 505 16.32 -68.81 17.10
N GLU C 506 16.26 -69.23 15.84
CA GLU C 506 15.42 -68.55 14.87
C GLU C 506 13.98 -68.46 15.33
N ILE C 507 13.50 -69.47 16.06
CA ILE C 507 12.13 -69.44 16.57
C ILE C 507 12.07 -68.72 17.91
N GLN C 508 13.07 -68.91 18.77
CA GLN C 508 13.11 -68.30 20.10
C GLN C 508 13.18 -66.79 20.03
N TYR C 509 13.65 -66.22 18.92
CA TYR C 509 13.72 -64.77 18.80
C TYR C 509 12.36 -64.11 19.03
N PHE C 510 11.27 -64.79 18.69
CA PHE C 510 9.94 -64.20 18.82
C PHE C 510 9.43 -64.16 20.25
N THR C 511 10.23 -64.59 21.23
CA THR C 511 9.87 -64.45 22.63
C THR C 511 10.49 -63.22 23.27
N TYR C 512 11.35 -62.50 22.55
CA TYR C 512 12.04 -61.36 23.11
C TYR C 512 11.09 -60.18 23.31
N ALA C 513 11.52 -59.27 24.20
CA ALA C 513 10.72 -58.11 24.54
C ALA C 513 10.99 -56.98 23.55
N ARG C 514 10.50 -55.78 23.87
CA ARG C 514 10.60 -54.65 22.94
C ARG C 514 12.05 -54.25 22.70
N ASP C 515 12.87 -54.24 23.74
CA ASP C 515 14.24 -53.75 23.61
C ASP C 515 15.08 -54.65 22.72
N LYS C 516 14.94 -55.97 22.86
CA LYS C 516 15.75 -56.91 22.09
C LYS C 516 15.42 -56.90 20.59
N TRP C 517 14.27 -56.34 20.21
CA TRP C 517 13.79 -56.45 18.84
C TRP C 517 14.82 -55.96 17.82
N LEU C 518 14.89 -56.67 16.70
CA LEU C 518 15.78 -56.28 15.62
C LEU C 518 15.36 -54.92 15.08
N PRO C 519 16.31 -54.05 14.71
CA PRO C 519 15.93 -52.71 14.23
C PRO C 519 15.05 -52.73 13.00
N SER C 520 15.00 -53.81 12.23
CA SER C 520 14.20 -53.88 11.01
C SER C 520 13.01 -54.82 11.15
N ASP C 521 12.44 -54.93 12.34
CA ASP C 521 11.24 -55.74 12.51
C ASP C 521 10.08 -55.11 11.75
N PRO C 522 9.25 -55.92 11.08
CA PRO C 522 8.13 -55.33 10.33
C PRO C 522 7.15 -54.56 11.18
N GLN C 523 7.02 -54.89 12.46
CA GLN C 523 6.09 -54.14 13.31
C GLN C 523 6.62 -52.74 13.61
N ILE C 524 7.94 -52.56 13.67
CA ILE C 524 8.51 -51.24 13.84
C ILE C 524 8.18 -50.35 12.64
N ILE C 525 8.38 -50.90 11.45
CA ILE C 525 7.98 -50.21 10.22
C ILE C 525 6.49 -49.89 10.25
N SER C 526 5.68 -50.85 10.72
CA SER C 526 4.24 -50.62 10.82
C SER C 526 3.93 -49.43 11.72
N GLU C 527 4.57 -49.37 12.90
CA GLU C 527 4.31 -48.28 13.83
C GLU C 527 4.71 -46.93 13.24
N GLY C 528 5.90 -46.87 12.63
CA GLY C 528 6.36 -45.63 12.05
C GLY C 528 5.45 -45.13 10.93
N LEU C 529 5.14 -46.02 9.98
CA LEU C 529 4.27 -45.65 8.88
C LEU C 529 2.87 -45.30 9.37
N TYR C 530 2.40 -45.95 10.44
CA TYR C 530 1.07 -45.64 10.97
C TYR C 530 1.06 -44.26 11.61
N ALA C 531 2.12 -43.89 12.32
CA ALA C 531 2.19 -42.54 12.86
C ALA C 531 2.21 -41.50 11.75
N ILE C 532 3.03 -41.73 10.72
CA ILE C 532 3.05 -40.80 9.59
C ILE C 532 1.67 -40.71 8.94
N ALA C 533 0.99 -41.85 8.81
CA ALA C 533 -0.32 -41.88 8.15
C ALA C 533 -1.36 -41.15 8.97
N VAL C 534 -1.28 -41.22 10.30
CA VAL C 534 -2.22 -40.46 11.14
C VAL C 534 -1.96 -38.97 10.98
N VAL C 535 -0.69 -38.57 11.04
CA VAL C 535 -0.37 -37.15 10.89
C VAL C 535 -0.87 -36.63 9.54
N LEU C 536 -0.75 -37.44 8.49
CA LEU C 536 -1.21 -37.00 7.17
C LEU C 536 -2.73 -37.04 7.05
N SER C 537 -3.38 -38.03 7.67
CA SER C 537 -4.82 -38.14 7.59
C SER C 537 -5.52 -36.99 8.29
N PHE C 538 -4.90 -36.45 9.35
CA PHE C 538 -5.48 -35.28 9.98
C PHE C 538 -5.52 -34.06 9.07
N SER C 539 -4.86 -34.10 7.91
CA SER C 539 -4.81 -32.96 7.00
C SER C 539 -6.02 -32.89 6.07
N ARG C 540 -6.90 -33.88 6.09
CA ARG C 540 -8.05 -33.90 5.19
C ARG C 540 -9.12 -32.87 5.55
N ILE C 541 -8.92 -32.09 6.62
CA ILE C 541 -9.82 -30.98 6.93
C ILE C 541 -9.79 -29.89 5.87
N ALA C 542 -8.85 -29.98 4.92
CA ALA C 542 -8.84 -29.05 3.80
C ALA C 542 -9.99 -29.30 2.84
N TYR C 543 -10.51 -30.53 2.80
CA TYR C 543 -11.69 -30.82 2.00
C TYR C 543 -12.96 -30.27 2.63
N ILE C 544 -12.93 -29.93 3.92
CA ILE C 544 -14.12 -29.53 4.64
C ILE C 544 -14.13 -28.03 4.97
N LEU C 545 -12.97 -27.43 5.22
CA LEU C 545 -12.95 -26.03 5.66
C LEU C 545 -13.54 -25.03 4.66
N PRO C 546 -13.33 -25.14 3.34
CA PRO C 546 -13.84 -24.08 2.44
C PRO C 546 -15.34 -23.84 2.54
N ALA C 547 -16.11 -24.80 3.03
CA ALA C 547 -17.56 -24.59 3.16
C ALA C 547 -17.87 -23.51 4.19
N ASN C 548 -17.00 -23.31 5.17
CA ASN C 548 -17.22 -22.31 6.20
C ASN C 548 -16.83 -20.94 5.68
N GLU C 549 -17.76 -19.98 5.76
CA GLU C 549 -17.43 -18.61 5.35
C GLU C 549 -16.34 -18.02 6.23
N SER C 550 -16.21 -18.50 7.47
CA SER C 550 -15.19 -17.97 8.37
C SER C 550 -13.81 -18.51 8.01
N PHE C 551 -13.72 -19.78 7.63
CA PHE C 551 -12.43 -20.46 7.49
C PHE C 551 -11.99 -20.65 6.04
N GLY C 552 -12.88 -20.45 5.08
CA GLY C 552 -12.55 -20.59 3.68
C GLY C 552 -11.42 -19.67 3.20
N PRO C 553 -11.63 -18.36 3.32
CA PRO C 553 -10.58 -17.42 2.88
C PRO C 553 -9.24 -17.66 3.53
N LEU C 554 -9.23 -18.05 4.81
CA LEU C 554 -7.99 -18.41 5.49
C LEU C 554 -7.26 -19.52 4.75
N GLN C 555 -7.97 -20.62 4.46
CA GLN C 555 -7.34 -21.76 3.81
C GLN C 555 -6.89 -21.41 2.40
N ILE C 556 -7.63 -20.53 1.72
CA ILE C 556 -7.21 -20.10 0.39
C ILE C 556 -5.88 -19.36 0.47
N SER C 557 -5.77 -18.42 1.42
CA SER C 557 -4.50 -17.70 1.60
C SER C 557 -3.38 -18.66 2.01
N LEU C 558 -3.72 -19.74 2.71
CA LEU C 558 -2.72 -20.73 3.10
C LEU C 558 -2.15 -21.43 1.87
N GLY C 559 -3.03 -21.95 1.01
CA GLY C 559 -2.57 -22.52 -0.25
C GLY C 559 -1.70 -21.54 -1.03
N ARG C 560 -2.13 -20.28 -1.08
CA ARG C 560 -1.37 -19.26 -1.81
C ARG C 560 0.04 -19.10 -1.26
N THR C 561 0.14 -18.86 0.05
CA THR C 561 1.47 -18.59 0.62
C THR C 561 2.37 -19.82 0.55
N VAL C 562 1.80 -21.03 0.62
CA VAL C 562 2.62 -22.23 0.46
C VAL C 562 3.18 -22.30 -0.95
N LYS C 563 2.30 -22.15 -1.95
CA LYS C 563 2.76 -22.13 -3.34
C LYS C 563 3.84 -21.09 -3.56
N ASP C 564 3.76 -19.94 -2.87
CA ASP C 564 4.76 -18.91 -3.05
C ASP C 564 6.09 -19.31 -2.41
N ILE C 565 6.07 -19.65 -1.12
CA ILE C 565 7.32 -19.89 -0.39
C ILE C 565 8.02 -21.18 -0.79
N PHE C 566 7.39 -22.04 -1.60
CA PHE C 566 8.12 -23.19 -2.12
C PHE C 566 9.42 -22.77 -2.83
N LYS C 567 9.38 -21.65 -3.56
CA LYS C 567 10.54 -21.21 -4.32
C LYS C 567 11.69 -20.80 -3.40
N PHE C 568 11.38 -20.00 -2.37
CA PHE C 568 12.40 -19.64 -1.40
C PHE C 568 12.89 -20.85 -0.63
N MET C 569 12.03 -21.86 -0.45
CA MET C 569 12.50 -23.11 0.14
C MET C 569 13.55 -23.78 -0.76
N VAL C 570 13.33 -23.75 -2.07
CA VAL C 570 14.31 -24.30 -3.00
C VAL C 570 15.65 -23.56 -2.89
N LEU C 571 15.59 -22.22 -2.88
CA LEU C 571 16.82 -21.44 -2.77
C LEU C 571 17.54 -21.69 -1.45
N PHE C 572 16.76 -21.80 -0.36
CA PHE C 572 17.34 -22.09 0.94
C PHE C 572 17.95 -23.49 0.97
N ILE C 573 17.34 -24.44 0.27
CA ILE C 573 17.96 -25.76 0.12
C ILE C 573 19.32 -25.63 -0.53
N MET C 574 19.42 -24.81 -1.58
CA MET C 574 20.71 -24.63 -2.25
C MET C 574 21.77 -24.08 -1.29
N VAL C 575 21.45 -22.98 -0.61
CA VAL C 575 22.46 -22.35 0.24
C VAL C 575 22.79 -23.25 1.44
N PHE C 576 21.78 -23.95 1.97
CA PHE C 576 21.99 -24.84 3.10
C PHE C 576 22.88 -26.01 2.72
N PHE C 577 22.66 -26.60 1.54
CA PHE C 577 23.54 -27.66 1.05
C PHE C 577 24.97 -27.14 0.89
N ALA C 578 25.11 -25.92 0.35
CA ALA C 578 26.42 -25.30 0.27
C ALA C 578 27.14 -25.33 1.62
N PHE C 579 26.51 -24.70 2.63
CA PHE C 579 27.16 -24.59 3.93
C PHE C 579 27.38 -25.95 4.58
N MET C 580 26.44 -26.88 4.38
CA MET C 580 26.57 -28.22 4.94
C MET C 580 27.82 -28.92 4.40
N ILE C 581 27.97 -28.95 3.09
CA ILE C 581 29.13 -29.62 2.50
C ILE C 581 30.41 -28.94 2.92
N GLY C 582 30.41 -27.60 2.97
CA GLY C 582 31.57 -26.88 3.43
C GLY C 582 32.02 -27.26 4.83
N MET C 583 31.11 -27.15 5.80
CA MET C 583 31.48 -27.45 7.18
C MET C 583 31.78 -28.93 7.38
N PHE C 584 31.10 -29.81 6.63
CA PHE C 584 31.42 -31.24 6.71
C PHE C 584 32.83 -31.51 6.25
N ILE C 585 33.23 -30.96 5.10
CA ILE C 585 34.61 -31.13 4.65
C ILE C 585 35.58 -30.51 5.63
N LEU C 586 35.17 -29.43 6.31
CA LEU C 586 36.06 -28.79 7.27
C LEU C 586 36.32 -29.69 8.48
N TYR C 587 35.26 -30.22 9.09
CA TYR C 587 35.37 -30.84 10.41
C TYR C 587 35.45 -32.36 10.38
N SER C 588 35.37 -32.99 9.21
CA SER C 588 35.19 -34.44 9.15
C SER C 588 36.33 -35.20 9.82
N TYR C 589 37.53 -34.62 9.85
CA TYR C 589 38.68 -35.34 10.38
C TYR C 589 38.71 -35.40 11.90
N TYR C 590 37.94 -34.56 12.58
CA TYR C 590 37.92 -34.55 14.04
C TYR C 590 36.71 -35.31 14.57
N LEU C 591 36.72 -36.63 14.30
CA LEU C 591 35.63 -37.47 14.76
C LEU C 591 35.62 -37.58 16.29
N GLY C 592 36.77 -37.86 16.89
CA GLY C 592 36.85 -37.99 18.33
C GLY C 592 37.65 -36.88 18.99
N ALA C 593 37.59 -35.68 18.42
CA ALA C 593 38.33 -34.53 18.95
C ALA C 593 37.44 -33.32 19.14
N LYS C 594 36.14 -33.52 19.24
CA LYS C 594 35.17 -32.44 19.39
C LYS C 594 34.38 -32.61 20.67
N VAL C 595 33.64 -31.56 21.02
CA VAL C 595 32.75 -31.62 22.17
C VAL C 595 31.65 -32.65 21.94
N ASN C 596 30.92 -32.49 20.85
CA ASN C 596 29.93 -33.47 20.40
C ASN C 596 30.29 -33.90 18.98
N ALA C 597 29.40 -34.69 18.38
CA ALA C 597 29.64 -35.27 17.06
C ALA C 597 28.92 -34.50 15.96
N ALA C 598 28.72 -33.19 16.14
CA ALA C 598 27.80 -32.44 15.28
C ALA C 598 28.19 -32.52 13.81
N PHE C 599 29.38 -32.02 13.46
CA PHE C 599 29.80 -31.89 12.06
C PHE C 599 30.79 -32.97 11.65
N THR C 600 30.70 -34.16 12.25
CA THR C 600 31.64 -35.23 11.91
C THR C 600 31.23 -35.96 10.64
N THR C 601 29.95 -36.26 10.49
CA THR C 601 29.44 -36.98 9.33
C THR C 601 28.50 -36.10 8.54
N VAL C 602 28.06 -36.63 7.40
CA VAL C 602 27.13 -35.88 6.54
C VAL C 602 25.78 -35.73 7.21
N GLU C 603 25.19 -36.84 7.65
CA GLU C 603 23.85 -36.80 8.22
C GLU C 603 23.82 -35.96 9.50
N GLU C 604 24.84 -36.09 10.35
CA GLU C 604 24.85 -35.33 11.59
C GLU C 604 25.09 -33.84 11.33
N SER C 605 25.92 -33.52 10.32
CA SER C 605 26.07 -32.13 9.92
C SER C 605 24.75 -31.56 9.42
N PHE C 606 24.02 -32.34 8.62
CA PHE C 606 22.69 -31.93 8.17
C PHE C 606 21.77 -31.67 9.35
N LYS C 607 21.74 -32.60 10.31
CA LYS C 607 20.90 -32.43 11.49
C LYS C 607 21.24 -31.16 12.24
N THR C 608 22.53 -30.96 12.54
CA THR C 608 22.95 -29.78 13.30
C THR C 608 22.59 -28.50 12.57
N LEU C 609 22.94 -28.40 11.28
CA LEU C 609 22.69 -27.16 10.54
C LEU C 609 21.20 -26.90 10.35
N PHE C 610 20.39 -27.96 10.17
CA PHE C 610 18.96 -27.76 10.04
C PHE C 610 18.36 -27.29 11.35
N TRP C 611 18.72 -27.94 12.47
CA TRP C 611 18.17 -27.53 13.75
C TRP C 611 18.68 -26.16 14.17
N SER C 612 19.76 -25.68 13.55
CA SER C 612 20.22 -24.31 13.77
C SER C 612 19.26 -23.28 13.23
N ILE C 613 18.36 -23.67 12.32
CA ILE C 613 17.40 -22.73 11.75
C ILE C 613 16.45 -22.22 12.84
N PHE C 614 16.02 -23.10 13.73
CA PHE C 614 15.10 -22.76 14.79
C PHE C 614 15.80 -22.46 16.11
N GLY C 615 17.12 -22.22 16.07
CA GLY C 615 17.87 -21.91 17.27
C GLY C 615 17.93 -23.04 18.27
N LEU C 616 17.65 -24.27 17.86
CA LEU C 616 17.65 -25.43 18.73
C LEU C 616 19.00 -26.13 18.78
N SER C 617 20.03 -25.55 18.18
CA SER C 617 21.37 -26.11 18.18
C SER C 617 22.30 -25.19 18.96
N GLU C 618 23.09 -25.78 19.85
CA GLU C 618 24.00 -24.99 20.67
C GLU C 618 25.23 -24.59 19.86
N VAL C 619 25.93 -23.56 20.35
CA VAL C 619 27.12 -23.06 19.69
C VAL C 619 28.38 -23.77 20.14
N THR C 620 28.28 -24.66 21.12
CA THR C 620 29.43 -25.46 21.53
C THR C 620 29.75 -26.56 20.54
N SER C 621 28.89 -26.78 19.54
CA SER C 621 29.17 -27.82 18.54
C SER C 621 30.38 -27.49 17.70
N VAL C 622 30.73 -26.21 17.60
CA VAL C 622 31.85 -25.78 16.77
C VAL C 622 33.20 -25.96 17.46
N VAL C 623 33.21 -25.97 18.80
CA VAL C 623 34.46 -25.97 19.54
C VAL C 623 35.19 -27.30 19.37
N LEU C 624 36.52 -27.23 19.28
CA LEU C 624 37.39 -28.38 19.19
C LEU C 624 38.04 -28.68 20.54
N LYS C 625 38.49 -29.92 20.70
CA LYS C 625 39.23 -30.29 21.91
C LYS C 625 40.69 -29.91 21.83
N TYR C 626 41.27 -29.92 20.63
CA TYR C 626 42.69 -29.65 20.45
C TYR C 626 42.95 -28.15 20.47
N ASP C 627 44.17 -27.75 20.12
CA ASP C 627 44.57 -26.35 20.07
C ASP C 627 44.70 -25.86 18.64
N HIS C 628 43.89 -26.39 17.72
CA HIS C 628 43.85 -25.92 16.34
C HIS C 628 42.91 -24.71 16.28
N LYS C 629 43.44 -23.56 16.72
CA LYS C 629 42.62 -22.36 16.83
C LYS C 629 42.10 -21.89 15.48
N PHE C 630 42.89 -22.08 14.41
CA PHE C 630 42.49 -21.60 13.09
C PHE C 630 41.22 -22.30 12.62
N ILE C 631 41.16 -23.62 12.79
CA ILE C 631 40.01 -24.38 12.30
C ILE C 631 38.74 -23.99 13.05
N GLU C 632 38.83 -23.87 14.37
CA GLU C 632 37.64 -23.51 15.13
C GLU C 632 37.22 -22.05 14.89
N ASN C 633 38.19 -21.16 14.63
CA ASN C 633 37.82 -19.80 14.25
C ASN C 633 37.09 -19.77 12.92
N ILE C 634 37.58 -20.53 11.94
CA ILE C 634 36.88 -20.63 10.66
C ILE C 634 35.50 -21.24 10.86
N GLY C 635 35.38 -22.18 11.79
CA GLY C 635 34.06 -22.76 12.09
C GLY C 635 33.11 -21.72 12.65
N TYR C 636 33.57 -20.93 13.62
CA TYR C 636 32.77 -19.82 14.14
C TYR C 636 32.31 -18.90 13.01
N VAL C 637 33.25 -18.50 12.15
CA VAL C 637 32.95 -17.56 11.07
C VAL C 637 31.92 -18.15 10.13
N LEU C 638 32.12 -19.40 9.71
CA LEU C 638 31.21 -20.01 8.75
C LEU C 638 29.81 -20.21 9.34
N TYR C 639 29.73 -20.64 10.61
CA TYR C 639 28.43 -20.85 11.24
C TYR C 639 27.67 -19.53 11.42
N GLY C 640 28.39 -18.48 11.84
CA GLY C 640 27.75 -17.18 11.96
C GLY C 640 27.29 -16.63 10.63
N ILE C 641 28.11 -16.78 9.58
CA ILE C 641 27.72 -16.33 8.26
C ILE C 641 26.51 -17.12 7.76
N TYR C 642 26.47 -18.42 8.07
CA TYR C 642 25.31 -19.23 7.72
C TYR C 642 24.05 -18.69 8.37
N ASN C 643 24.11 -18.41 9.68
CA ASN C 643 22.93 -17.89 10.37
C ASN C 643 22.51 -16.55 9.80
N VAL C 644 23.46 -15.68 9.51
CA VAL C 644 23.13 -14.36 8.96
C VAL C 644 22.47 -14.51 7.59
N THR C 645 23.03 -15.38 6.74
CA THR C 645 22.44 -15.58 5.42
C THR C 645 21.04 -16.20 5.51
N MET C 646 20.84 -17.07 6.49
CA MET C 646 19.50 -17.63 6.73
C MET C 646 18.51 -16.51 7.06
N VAL C 647 18.93 -15.60 7.95
CA VAL C 647 18.06 -14.47 8.31
C VAL C 647 17.77 -13.60 7.09
N VAL C 648 18.79 -13.37 6.25
CA VAL C 648 18.62 -12.54 5.07
C VAL C 648 17.59 -13.17 4.12
N VAL C 649 17.76 -14.46 3.84
CA VAL C 649 16.84 -15.16 2.95
C VAL C 649 15.42 -15.15 3.53
N LEU C 650 15.30 -15.34 4.85
CA LEU C 650 13.96 -15.39 5.45
C LEU C 650 13.24 -14.05 5.33
N LEU C 651 13.98 -12.96 5.61
CA LEU C 651 13.41 -11.62 5.45
C LEU C 651 12.98 -11.35 4.01
N ASN C 652 13.84 -11.67 3.05
CA ASN C 652 13.48 -11.46 1.64
C ASN C 652 12.24 -12.26 1.25
N MET C 653 12.11 -13.49 1.75
CA MET C 653 10.94 -14.28 1.41
C MET C 653 9.69 -13.64 1.97
N LEU C 654 9.70 -13.36 3.27
CA LEU C 654 8.56 -12.71 3.90
C LEU C 654 8.15 -11.48 3.11
N ILE C 655 9.11 -10.79 2.51
CA ILE C 655 8.74 -9.46 1.96
C ILE C 655 8.39 -9.53 0.47
N ALA C 656 9.12 -10.32 -0.30
CA ALA C 656 8.58 -10.64 -1.62
C ALA C 656 7.12 -11.09 -1.49
N MET C 657 6.80 -11.77 -0.39
CA MET C 657 5.43 -12.25 -0.20
C MET C 657 4.49 -11.09 0.11
N ILE C 658 4.89 -10.24 1.04
CA ILE C 658 4.08 -9.08 1.37
C ILE C 658 3.86 -8.22 0.13
N ASN C 659 4.84 -8.13 -0.76
CA ASN C 659 4.66 -7.33 -1.97
C ASN C 659 3.63 -7.98 -2.90
N SER C 660 3.77 -9.29 -3.11
CA SER C 660 2.76 -10.04 -3.88
C SER C 660 1.37 -9.81 -3.31
N SER C 661 1.28 -9.66 -2.00
CA SER C 661 -0.03 -9.45 -1.37
C SER C 661 -0.56 -8.05 -1.63
N TYR C 662 0.29 -7.02 -1.48
CA TYR C 662 -0.19 -5.65 -1.56
C TYR C 662 -0.76 -5.31 -2.94
N GLN C 663 -0.23 -5.91 -4.00
CA GLN C 663 -0.73 -5.69 -5.35
C GLN C 663 -2.00 -6.47 -5.66
N GLU C 664 -2.63 -7.08 -4.65
CA GLU C 664 -3.89 -7.80 -4.83
C GLU C 664 -4.90 -7.41 -3.75
N ASP C 668 -10.30 -9.76 -3.93
CA ASP C 668 -10.27 -10.98 -4.72
C ASP C 668 -10.21 -12.20 -3.80
N SER C 669 -10.03 -11.96 -2.51
CA SER C 669 -10.12 -13.04 -1.53
C SER C 669 -11.52 -13.65 -1.54
N ASP C 670 -12.54 -12.80 -1.59
CA ASP C 670 -13.92 -13.27 -1.70
C ASP C 670 -14.11 -14.11 -2.95
N VAL C 671 -13.63 -13.62 -4.09
CA VAL C 671 -13.80 -14.33 -5.37
C VAL C 671 -13.08 -15.67 -5.33
N GLU C 672 -11.86 -15.69 -4.80
CA GLU C 672 -11.09 -16.92 -4.76
C GLU C 672 -11.76 -17.96 -3.85
N TRP C 673 -12.15 -17.53 -2.65
CA TRP C 673 -12.82 -18.45 -1.73
C TRP C 673 -14.13 -18.98 -2.33
N LYS C 674 -14.90 -18.11 -3.00
CA LYS C 674 -16.15 -18.57 -3.57
C LYS C 674 -15.93 -19.52 -4.74
N PHE C 675 -14.87 -19.30 -5.53
CA PHE C 675 -14.53 -20.26 -6.58
C PHE C 675 -14.20 -21.63 -5.99
N ALA C 676 -13.37 -21.65 -4.94
CA ALA C 676 -13.02 -22.92 -4.31
C ALA C 676 -14.25 -23.60 -3.71
N ARG C 677 -15.09 -22.85 -2.99
CA ARG C 677 -16.28 -23.42 -2.39
C ARG C 677 -17.27 -23.89 -3.44
N SER C 678 -17.32 -23.23 -4.59
CA SER C 678 -18.19 -23.68 -5.68
C SER C 678 -17.68 -24.99 -6.27
N LYS C 679 -16.36 -25.14 -6.40
CA LYS C 679 -15.82 -26.43 -6.78
C LYS C 679 -16.21 -27.51 -5.78
N LEU C 680 -16.07 -27.20 -4.48
CA LEU C 680 -16.46 -28.15 -3.44
C LEU C 680 -17.92 -28.54 -3.58
N TRP C 681 -18.81 -27.56 -3.79
CA TRP C 681 -20.22 -27.85 -3.98
C TRP C 681 -20.45 -28.74 -5.20
N LEU C 682 -19.92 -28.33 -6.35
CA LEU C 682 -20.16 -29.07 -7.59
C LEU C 682 -19.66 -30.51 -7.50
N SER C 683 -18.66 -30.76 -6.65
CA SER C 683 -18.21 -32.14 -6.46
C SER C 683 -19.32 -33.05 -5.93
N TYR C 684 -20.36 -32.49 -5.31
CA TYR C 684 -21.43 -33.28 -4.70
C TYR C 684 -22.73 -33.25 -5.49
N PHE C 685 -22.79 -32.52 -6.60
CA PHE C 685 -24.06 -32.41 -7.32
C PHE C 685 -24.38 -33.69 -8.09
N ASP C 686 -23.37 -34.34 -8.67
CA ASP C 686 -23.62 -35.58 -9.38
C ASP C 686 -24.14 -36.65 -8.43
N ASP C 687 -25.16 -37.38 -8.88
CA ASP C 687 -25.88 -38.31 -8.03
C ASP C 687 -25.00 -39.44 -7.52
N LEU C 691 -23.55 -42.37 -0.79
CA LEU C 691 -23.06 -42.77 0.52
C LEU C 691 -21.55 -42.55 0.64
N PRO C 692 -21.08 -42.29 1.86
CA PRO C 692 -19.66 -42.03 2.08
C PRO C 692 -18.81 -43.23 1.69
N PRO C 693 -17.51 -43.02 1.46
CA PRO C 693 -16.61 -44.12 1.08
C PRO C 693 -16.65 -45.29 2.06
N PRO C 694 -16.69 -45.06 3.39
CA PRO C 694 -16.71 -46.23 4.30
C PRO C 694 -17.93 -47.12 4.11
N PHE C 695 -19.10 -46.54 3.89
CA PHE C 695 -20.33 -47.31 3.75
C PHE C 695 -20.66 -47.67 2.31
N SER C 696 -19.96 -47.09 1.33
CA SER C 696 -20.21 -47.39 -0.07
C SER C 696 -19.56 -48.68 -0.53
N LEU C 697 -19.01 -49.47 0.38
CA LEU C 697 -18.49 -50.78 0.01
C LEU C 697 -19.60 -51.73 -0.41
N VAL C 698 -20.75 -51.65 0.27
CA VAL C 698 -21.88 -52.53 -0.06
C VAL C 698 -22.42 -52.15 -1.44
N PRO C 699 -22.62 -53.12 -2.34
CA PRO C 699 -23.17 -52.85 -3.67
C PRO C 699 -24.69 -52.96 -3.73
N GLN C 759 -39.46 -19.81 -35.62
CA GLN C 759 -38.13 -20.04 -36.17
C GLN C 759 -37.01 -19.91 -35.11
N PRO C 760 -37.06 -18.87 -34.27
CA PRO C 760 -36.10 -18.83 -33.16
C PRO C 760 -36.62 -19.59 -31.94
N THR C 761 -35.70 -20.25 -31.26
CA THR C 761 -36.02 -20.98 -30.04
C THR C 761 -35.75 -20.09 -28.83
N ARG C 762 -36.38 -20.46 -27.71
CA ARG C 762 -36.37 -19.61 -26.52
C ARG C 762 -34.95 -19.24 -26.08
N TYR C 763 -34.01 -20.17 -26.24
CA TYR C 763 -32.62 -19.85 -25.90
C TYR C 763 -32.07 -18.75 -26.81
N GLN C 764 -32.37 -18.82 -28.11
CA GLN C 764 -31.91 -17.78 -29.02
C GLN C 764 -32.55 -16.44 -28.68
N GLN C 765 -33.84 -16.43 -28.36
CA GLN C 765 -34.51 -15.19 -27.99
C GLN C 765 -33.90 -14.59 -26.73
N ILE C 766 -33.60 -15.43 -25.73
CA ILE C 766 -33.04 -14.93 -24.48
C ILE C 766 -31.63 -14.40 -24.70
N MET C 767 -30.83 -15.10 -25.52
CA MET C 767 -29.49 -14.60 -25.82
C MET C 767 -29.56 -13.27 -26.58
N LYS C 768 -30.52 -13.14 -27.49
CA LYS C 768 -30.71 -11.88 -28.19
C LYS C 768 -31.03 -10.75 -27.22
N ARG C 769 -31.98 -11.00 -26.32
CA ARG C 769 -32.31 -10.01 -25.29
C ARG C 769 -31.08 -9.61 -24.48
N LEU C 770 -30.36 -10.61 -23.98
CA LEU C 770 -29.23 -10.33 -23.09
C LEU C 770 -28.12 -9.59 -23.81
N ILE C 771 -27.87 -9.91 -25.08
CA ILE C 771 -26.79 -9.25 -25.79
C ILE C 771 -27.17 -7.84 -26.21
N LYS C 772 -28.44 -7.60 -26.56
CA LYS C 772 -28.87 -6.23 -26.78
C LYS C 772 -28.75 -5.40 -25.51
N ARG C 773 -29.17 -5.98 -24.38
CA ARG C 773 -28.99 -5.32 -23.09
C ARG C 773 -27.53 -5.03 -22.83
N TYR C 774 -26.64 -5.96 -23.18
CA TYR C 774 -25.21 -5.75 -22.97
C TYR C 774 -24.67 -4.62 -23.83
N VAL C 775 -25.08 -4.56 -25.09
CA VAL C 775 -24.60 -3.50 -25.98
C VAL C 775 -25.03 -2.14 -25.44
N LEU C 776 -26.31 -2.03 -25.05
CA LEU C 776 -26.79 -0.76 -24.52
C LEU C 776 -26.07 -0.39 -23.22
N LYS C 777 -25.90 -1.36 -22.33
CA LYS C 777 -25.22 -1.10 -21.05
C LYS C 777 -23.76 -0.72 -21.26
N ALA C 778 -23.10 -1.34 -22.24
CA ALA C 778 -21.70 -1.04 -22.49
C ALA C 778 -21.54 0.34 -23.11
N GLN C 779 -22.47 0.75 -23.97
CA GLN C 779 -22.42 2.12 -24.48
C GLN C 779 -22.67 3.12 -23.35
N VAL C 780 -23.58 2.79 -22.43
CA VAL C 780 -23.83 3.66 -21.28
C VAL C 780 -22.57 3.78 -20.43
N ASP C 781 -21.92 2.66 -20.15
CA ASP C 781 -20.69 2.68 -19.36
C ASP C 781 -19.57 3.42 -20.08
N LYS C 782 -19.55 3.36 -21.41
CA LYS C 782 -18.61 4.18 -22.17
C LYS C 782 -18.91 5.66 -21.99
N GLU C 783 -20.19 6.01 -21.89
CA GLU C 783 -20.57 7.40 -21.59
C GLU C 783 -20.12 7.83 -20.20
N ASN C 784 -19.80 6.89 -19.31
CA ASN C 784 -19.35 7.21 -17.96
C ASN C 784 -17.85 7.42 -17.87
N ASP C 785 -17.12 7.24 -18.97
CA ASP C 785 -15.70 7.51 -18.97
C ASP C 785 -15.44 9.01 -18.89
N GLU C 786 -14.34 9.36 -18.22
CA GLU C 786 -13.90 10.75 -18.22
C GLU C 786 -13.69 11.24 -19.64
N VAL C 787 -14.05 12.49 -19.90
CA VAL C 787 -13.76 13.08 -21.21
C VAL C 787 -12.26 13.32 -21.32
N ASN C 788 -11.73 13.15 -22.51
CA ASN C 788 -10.32 13.42 -22.79
C ASN C 788 -10.21 14.64 -23.70
N GLU C 789 -8.97 15.07 -23.91
CA GLU C 789 -8.70 16.31 -24.63
C GLU C 789 -9.24 16.26 -26.07
N GLY C 790 -9.21 15.10 -26.70
CA GLY C 790 -9.66 15.01 -28.08
C GLY C 790 -11.16 15.17 -28.23
N GLU C 791 -11.93 14.58 -27.30
CA GLU C 791 -13.37 14.73 -27.32
C GLU C 791 -13.80 16.19 -27.15
N LEU C 792 -12.95 17.02 -26.53
CA LEU C 792 -13.23 18.43 -26.38
C LEU C 792 -12.76 19.25 -27.57
N LYS C 793 -11.61 18.88 -28.16
CA LYS C 793 -11.19 19.50 -29.40
C LYS C 793 -12.21 19.28 -30.51
N GLU C 794 -12.90 18.13 -30.49
CA GLU C 794 -13.96 17.88 -31.46
C GLU C 794 -15.07 18.93 -31.33
N ILE C 795 -15.49 19.22 -30.09
CA ILE C 795 -16.54 20.21 -29.89
C ILE C 795 -16.04 21.61 -30.23
N LYS C 796 -14.76 21.89 -29.97
CA LYS C 796 -14.19 23.17 -30.39
C LYS C 796 -14.26 23.33 -31.91
N GLN C 797 -13.95 22.26 -32.65
CA GLN C 797 -14.05 22.33 -34.11
C GLN C 797 -15.50 22.47 -34.56
N ASP C 798 -16.43 21.81 -33.85
CA ASP C 798 -17.84 22.04 -34.07
C ASP C 798 -18.17 23.53 -34.02
N ILE C 799 -17.75 24.17 -32.93
CA ILE C 799 -18.03 25.60 -32.73
C ILE C 799 -17.40 26.42 -33.86
N SER C 800 -16.17 26.08 -34.25
CA SER C 800 -15.48 26.85 -35.27
C SER C 800 -16.20 26.78 -36.61
N SER C 801 -16.55 25.56 -37.05
CA SER C 801 -17.24 25.40 -38.32
C SER C 801 -18.61 26.09 -38.29
N LEU C 802 -19.31 25.98 -37.15
CA LEU C 802 -20.58 26.68 -37.01
C LEU C 802 -20.41 28.19 -37.17
N ARG C 803 -19.37 28.74 -36.55
CA ARG C 803 -19.10 30.16 -36.67
C ARG C 803 -18.89 30.56 -38.12
N TYR C 804 -18.05 29.81 -38.84
CA TYR C 804 -17.80 30.11 -40.25
C TYR C 804 -19.09 30.12 -41.05
N GLU C 805 -19.91 29.06 -40.89
CA GLU C 805 -21.15 28.97 -41.65
C GLU C 805 -22.07 30.14 -41.36
N LEU C 806 -22.24 30.49 -40.08
CA LEU C 806 -23.17 31.56 -39.72
C LEU C 806 -22.69 32.91 -40.25
N LEU C 807 -21.40 33.20 -40.13
CA LEU C 807 -20.91 34.48 -40.65
C LEU C 807 -21.08 34.56 -42.16
N GLU C 808 -20.84 33.45 -42.88
CA GLU C 808 -21.07 33.48 -44.32
C GLU C 808 -22.54 33.70 -44.66
N ASP C 809 -23.45 33.14 -43.86
CA ASP C 809 -24.88 33.38 -44.09
C ASP C 809 -25.22 34.86 -43.92
N LYS C 810 -24.70 35.48 -42.86
CA LYS C 810 -24.94 36.91 -42.67
C LYS C 810 -24.40 37.73 -43.83
N SER C 811 -23.22 37.35 -44.35
CA SER C 811 -22.67 38.07 -45.49
C SER C 811 -23.54 37.91 -46.73
N GLN C 812 -24.09 36.71 -46.93
CA GLN C 812 -25.05 36.51 -48.02
C GLN C 812 -26.23 37.46 -47.90
N ALA C 813 -26.79 37.57 -46.70
CA ALA C 813 -27.92 38.47 -46.49
C ALA C 813 -27.55 39.91 -46.85
N THR C 814 -26.36 40.35 -46.42
CA THR C 814 -25.95 41.73 -46.68
C THR C 814 -25.79 42.00 -48.17
N GLU C 815 -25.13 41.08 -48.89
CA GLU C 815 -24.94 41.30 -50.32
C GLU C 815 -26.27 41.25 -51.08
N GLU C 816 -27.22 40.42 -50.64
CA GLU C 816 -28.53 40.41 -51.27
C GLU C 816 -29.25 41.73 -51.05
N LEU C 817 -29.16 42.29 -49.84
CA LEU C 817 -29.75 43.61 -49.61
C LEU C 817 -29.08 44.67 -50.47
N ALA C 818 -27.77 44.54 -50.71
CA ALA C 818 -27.08 45.49 -51.58
C ALA C 818 -27.61 45.42 -53.01
N ILE C 819 -27.79 44.21 -53.55
CA ILE C 819 -28.32 44.11 -54.91
C ILE C 819 -29.76 44.59 -54.96
N LEU C 820 -30.52 44.40 -53.88
CA LEU C 820 -31.88 44.90 -53.84
C LEU C 820 -31.91 46.43 -53.87
N ILE C 821 -30.97 47.06 -53.15
CA ILE C 821 -30.83 48.52 -53.24
C ILE C 821 -30.51 48.93 -54.66
N HIS C 822 -29.57 48.22 -55.30
CA HIS C 822 -29.20 48.53 -56.68
C HIS C 822 -30.42 48.47 -57.60
N LYS C 823 -31.28 47.48 -57.40
CA LYS C 823 -32.48 47.38 -58.22
C LYS C 823 -33.46 48.53 -57.96
N LEU C 824 -33.47 49.06 -56.74
CA LEU C 824 -34.36 50.16 -56.37
C LEU C 824 -34.05 51.40 -57.22
N GLY D 12 -25.13 -10.07 -41.89
CA GLY D 12 -23.80 -9.84 -41.37
C GLY D 12 -23.66 -10.17 -39.89
N PRO D 13 -24.14 -9.28 -39.03
CA PRO D 13 -24.12 -9.56 -37.59
C PRO D 13 -25.13 -10.64 -37.25
N ALA D 14 -24.68 -11.66 -36.50
CA ALA D 14 -25.58 -12.75 -36.16
C ALA D 14 -26.47 -12.38 -34.96
N PHE D 15 -27.03 -11.17 -35.00
CA PHE D 15 -28.12 -10.72 -34.13
C PHE D 15 -28.68 -9.43 -34.69
N MET D 16 -29.99 -9.35 -34.85
CA MET D 16 -30.66 -8.18 -35.41
C MET D 16 -31.61 -7.62 -34.36
N PHE D 17 -31.37 -6.36 -33.95
CA PHE D 17 -32.12 -5.74 -32.88
C PHE D 17 -33.13 -4.71 -33.38
N ASN D 18 -33.29 -4.54 -34.68
CA ASN D 18 -34.27 -3.60 -35.22
C ASN D 18 -35.52 -4.31 -35.72
N THR D 22 -34.99 -6.47 -44.86
CA THR D 22 -35.61 -5.17 -44.97
C THR D 22 -35.01 -4.19 -43.97
N SER D 23 -34.65 -3.00 -44.44
CA SER D 23 -34.08 -1.98 -43.57
C SER D 23 -34.79 -0.65 -43.75
N LEU D 24 -36.03 -0.60 -43.28
CA LEU D 24 -36.87 0.59 -43.33
C LEU D 24 -37.03 1.18 -44.73
N THR D 25 -36.90 2.50 -44.82
CA THR D 25 -37.01 3.23 -46.07
C THR D 25 -36.05 4.42 -46.05
N ALA D 26 -35.72 4.93 -47.23
CA ALA D 26 -34.83 6.09 -47.33
C ALA D 26 -35.38 7.24 -46.50
N GLU D 27 -36.68 7.48 -46.63
CA GLU D 27 -37.34 8.54 -45.88
C GLU D 27 -37.31 8.27 -44.38
N GLU D 28 -37.51 7.02 -43.98
CA GLU D 28 -37.47 6.67 -42.57
C GLU D 28 -36.05 6.83 -42.01
N GLU D 29 -35.05 6.45 -42.79
CA GLU D 29 -33.67 6.63 -42.35
C GLU D 29 -33.34 8.11 -42.19
N ARG D 30 -33.80 8.94 -43.14
CA ARG D 30 -33.60 10.39 -43.05
C ARG D 30 -34.30 10.96 -41.82
N PHE D 31 -35.50 10.47 -41.53
CA PHE D 31 -36.26 10.95 -40.37
C PHE D 31 -35.58 10.54 -39.07
N LEU D 32 -35.04 9.32 -39.01
CA LEU D 32 -34.32 8.89 -37.81
C LEU D 32 -33.04 9.69 -37.63
N ASP D 33 -32.34 10.00 -38.73
CA ASP D 33 -31.18 10.87 -38.64
C ASP D 33 -31.55 12.24 -38.13
N ALA D 34 -32.68 12.79 -38.60
CA ALA D 34 -33.09 14.11 -38.16
C ALA D 34 -33.53 14.11 -36.71
N ALA D 35 -34.16 13.01 -36.25
CA ALA D 35 -34.61 12.93 -34.87
C ALA D 35 -33.44 12.74 -33.90
N GLU D 36 -32.47 11.91 -34.29
CA GLU D 36 -31.34 11.64 -33.39
C GLU D 36 -30.43 12.85 -33.26
N TYR D 37 -30.14 13.53 -34.36
CA TYR D 37 -29.19 14.64 -34.37
C TYR D 37 -29.87 16.00 -34.24
N GLY D 38 -31.14 16.02 -33.84
CA GLY D 38 -31.79 17.27 -33.49
C GLY D 38 -32.04 18.22 -34.62
N ASN D 39 -32.39 17.70 -35.80
CA ASN D 39 -32.71 18.55 -36.95
C ASN D 39 -34.19 18.92 -36.86
N ILE D 40 -34.47 19.92 -36.02
CA ILE D 40 -35.85 20.29 -35.72
C ILE D 40 -36.66 20.65 -36.98
N PRO D 41 -36.17 21.51 -37.87
CA PRO D 41 -37.00 21.85 -39.05
C PRO D 41 -37.40 20.63 -39.88
N VAL D 42 -36.47 19.69 -40.07
CA VAL D 42 -36.76 18.53 -40.90
C VAL D 42 -37.80 17.64 -40.24
N VAL D 43 -37.67 17.41 -38.91
CA VAL D 43 -38.64 16.56 -38.24
C VAL D 43 -40.01 17.22 -38.22
N ARG D 44 -40.06 18.54 -38.08
CA ARG D 44 -41.36 19.23 -38.11
C ARG D 44 -41.99 19.12 -39.49
N LYS D 45 -41.20 19.38 -40.54
CA LYS D 45 -41.70 19.25 -41.91
C LYS D 45 -42.26 17.85 -42.16
N MET D 46 -41.50 16.81 -41.77
CA MET D 46 -41.94 15.45 -42.01
C MET D 46 -43.20 15.11 -41.23
N LEU D 47 -43.20 15.40 -39.92
CA LEU D 47 -44.39 15.13 -39.13
C LEU D 47 -45.61 15.88 -39.67
N GLU D 48 -45.40 17.02 -40.33
CA GLU D 48 -46.52 17.78 -40.86
C GLU D 48 -47.05 17.16 -42.15
N GLU D 49 -46.16 16.84 -43.10
CA GLU D 49 -46.62 16.62 -44.46
C GLU D 49 -46.02 15.37 -45.12
N SER D 50 -45.49 14.43 -44.37
CA SER D 50 -44.94 13.22 -44.99
C SER D 50 -46.07 12.31 -45.49
N LYS D 51 -46.91 11.83 -44.56
CA LYS D 51 -48.12 11.08 -44.87
C LYS D 51 -47.83 9.67 -45.39
N THR D 52 -46.56 9.35 -45.64
CA THR D 52 -46.14 7.98 -45.90
C THR D 52 -45.29 7.42 -44.78
N LEU D 53 -44.60 8.30 -44.05
CA LEU D 53 -43.75 7.90 -42.94
C LEU D 53 -44.57 7.58 -41.71
N ASN D 54 -44.10 6.60 -40.95
CA ASN D 54 -44.67 6.27 -39.65
C ASN D 54 -43.68 6.65 -38.56
N VAL D 55 -44.19 7.29 -37.51
CA VAL D 55 -43.32 7.81 -36.46
C VAL D 55 -42.66 6.70 -35.66
N ASN D 56 -43.15 5.47 -35.78
CA ASN D 56 -42.63 4.35 -35.02
C ASN D 56 -41.55 3.57 -35.76
N CYS D 57 -40.95 4.17 -36.79
CA CYS D 57 -39.80 3.55 -37.43
C CYS D 57 -38.64 3.46 -36.43
N VAL D 58 -37.75 2.50 -36.66
CA VAL D 58 -36.88 1.99 -35.61
C VAL D 58 -35.42 2.07 -36.04
N ASP D 59 -34.56 2.50 -35.11
CA ASP D 59 -33.12 2.55 -35.29
C ASP D 59 -32.56 1.13 -35.39
N TYR D 60 -31.25 1.02 -35.67
CA TYR D 60 -30.61 -0.29 -35.70
C TYR D 60 -30.53 -0.93 -34.31
N MET D 61 -30.68 -0.13 -33.25
CA MET D 61 -30.64 -0.64 -31.89
C MET D 61 -32.03 -0.85 -31.30
N GLY D 62 -33.08 -0.79 -32.11
CA GLY D 62 -34.42 -0.90 -31.59
C GLY D 62 -34.93 0.36 -30.92
N GLN D 63 -34.62 1.53 -31.48
CA GLN D 63 -34.95 2.82 -30.88
C GLN D 63 -35.78 3.62 -31.85
N ASN D 64 -37.04 3.91 -31.49
CA ASN D 64 -37.87 4.74 -32.34
C ASN D 64 -37.47 6.21 -32.19
N ALA D 65 -38.17 7.09 -32.91
CA ALA D 65 -37.77 8.49 -32.98
C ALA D 65 -37.82 9.15 -31.61
N LEU D 66 -38.83 8.82 -30.80
CA LEU D 66 -38.95 9.44 -29.48
C LEU D 66 -37.78 9.05 -28.58
N GLN D 67 -37.39 7.78 -28.59
CA GLN D 67 -36.27 7.34 -27.77
C GLN D 67 -34.97 7.98 -28.23
N LEU D 68 -34.78 8.12 -29.55
CA LEU D 68 -33.58 8.78 -30.04
C LEU D 68 -33.54 10.24 -29.64
N ALA D 69 -34.67 10.93 -29.73
CA ALA D 69 -34.72 12.35 -29.36
C ALA D 69 -34.48 12.54 -27.87
N VAL D 70 -35.04 11.66 -27.04
CA VAL D 70 -34.86 11.79 -25.60
C VAL D 70 -33.43 11.45 -25.20
N GLY D 71 -32.85 10.43 -25.84
CA GLY D 71 -31.50 10.00 -25.50
C GLY D 71 -30.43 11.02 -25.82
N ASN D 72 -30.70 11.94 -26.74
CA ASN D 72 -29.75 12.98 -27.11
C ASN D 72 -30.17 14.35 -26.59
N GLU D 73 -31.21 14.42 -25.76
CA GLU D 73 -31.65 15.66 -25.12
C GLU D 73 -32.06 16.70 -26.15
N HIS D 74 -32.94 16.31 -27.06
CA HIS D 74 -33.53 17.23 -28.04
C HIS D 74 -34.94 17.55 -27.57
N LEU D 75 -35.05 18.59 -26.75
CA LEU D 75 -36.34 18.90 -26.12
C LEU D 75 -37.38 19.35 -27.14
N GLU D 76 -36.96 20.15 -28.12
CA GLU D 76 -37.92 20.62 -29.13
C GLU D 76 -38.39 19.47 -30.01
N VAL D 77 -37.47 18.59 -30.42
CA VAL D 77 -37.87 17.40 -31.17
C VAL D 77 -38.79 16.53 -30.33
N THR D 78 -38.51 16.44 -29.03
CA THR D 78 -39.38 15.65 -28.15
C THR D 78 -40.79 16.26 -28.08
N GLU D 79 -40.89 17.58 -27.96
CA GLU D 79 -42.20 18.22 -27.94
C GLU D 79 -42.93 18.03 -29.26
N LEU D 80 -42.20 18.09 -30.38
CA LEU D 80 -42.82 17.85 -31.67
C LEU D 80 -43.34 16.42 -31.78
N LEU D 81 -42.58 15.45 -31.28
CA LEU D 81 -43.00 14.06 -31.38
C LEU D 81 -44.17 13.75 -30.45
N LEU D 82 -44.18 14.36 -29.26
CA LEU D 82 -45.22 14.06 -28.28
C LEU D 82 -46.60 14.48 -28.78
N LYS D 83 -46.67 15.48 -29.64
CA LYS D 83 -47.95 15.91 -30.21
C LYS D 83 -48.46 14.96 -31.27
N LYS D 84 -47.62 14.07 -31.79
CA LYS D 84 -48.05 13.11 -32.81
C LYS D 84 -48.83 12.00 -32.14
N GLU D 85 -50.12 11.90 -32.47
CA GLU D 85 -50.96 10.83 -31.95
C GLU D 85 -50.39 9.46 -32.32
N ASN D 86 -50.78 8.46 -31.55
CA ASN D 86 -50.34 7.05 -31.70
C ASN D 86 -48.81 6.91 -31.76
N LEU D 87 -48.08 7.81 -31.12
CA LEU D 87 -46.65 7.63 -30.94
C LEU D 87 -46.39 6.62 -29.83
N ALA D 88 -45.44 5.72 -30.06
CA ALA D 88 -45.18 4.63 -29.15
C ALA D 88 -43.94 4.92 -28.29
N ARG D 89 -43.70 4.02 -27.33
CA ARG D 89 -42.51 4.05 -26.48
C ARG D 89 -42.45 5.33 -25.64
N ILE D 90 -43.59 5.71 -25.06
CA ILE D 90 -43.63 6.92 -24.25
C ILE D 90 -43.21 6.64 -22.81
N GLY D 91 -43.65 5.51 -22.26
CA GLY D 91 -43.23 5.15 -20.91
C GLY D 91 -41.73 4.98 -20.79
N ASP D 92 -41.14 4.26 -21.75
CA ASP D 92 -39.69 4.12 -21.75
C ASP D 92 -38.99 5.44 -22.03
N ALA D 93 -39.62 6.33 -22.80
CA ALA D 93 -39.05 7.66 -22.98
C ALA D 93 -38.97 8.39 -21.64
N LEU D 94 -40.03 8.31 -20.84
CA LEU D 94 -39.99 8.90 -19.51
C LEU D 94 -38.91 8.26 -18.65
N LEU D 95 -38.82 6.93 -18.68
CA LEU D 95 -37.82 6.25 -17.87
C LEU D 95 -36.40 6.66 -18.27
N LEU D 96 -36.14 6.76 -19.58
CA LEU D 96 -34.82 7.15 -20.05
C LEU D 96 -34.49 8.59 -19.67
N ALA D 97 -35.46 9.49 -19.83
CA ALA D 97 -35.23 10.88 -19.47
C ALA D 97 -34.99 11.02 -17.97
N ILE D 98 -35.66 10.21 -17.16
CA ILE D 98 -35.42 10.21 -15.72
C ILE D 98 -34.03 9.70 -15.40
N SER D 99 -33.63 8.61 -16.08
CA SER D 99 -32.30 8.05 -15.85
C SER D 99 -31.20 9.05 -16.18
N LYS D 100 -31.34 9.76 -17.30
CA LYS D 100 -30.34 10.75 -17.68
C LYS D 100 -30.51 12.07 -16.94
N GLY D 101 -31.59 12.25 -16.19
CA GLY D 101 -31.78 13.47 -15.43
C GLY D 101 -32.20 14.67 -16.24
N TYR D 102 -32.83 14.47 -17.40
CA TYR D 102 -33.28 15.57 -18.24
C TYR D 102 -34.62 16.08 -17.68
N VAL D 103 -34.54 17.06 -16.79
CA VAL D 103 -35.71 17.51 -16.04
C VAL D 103 -36.78 18.05 -16.98
N ARG D 104 -36.38 18.86 -17.95
CA ARG D 104 -37.37 19.48 -18.84
C ARG D 104 -38.03 18.46 -19.75
N ILE D 105 -37.26 17.49 -20.24
CA ILE D 105 -37.86 16.43 -21.06
C ILE D 105 -38.79 15.57 -20.22
N VAL D 106 -38.43 15.33 -18.95
CA VAL D 106 -39.33 14.61 -18.05
C VAL D 106 -40.63 15.37 -17.88
N GLU D 107 -40.55 16.70 -17.68
CA GLU D 107 -41.75 17.51 -17.55
C GLU D 107 -42.60 17.45 -18.82
N ALA D 108 -41.96 17.50 -19.98
CA ALA D 108 -42.70 17.44 -21.24
C ALA D 108 -43.39 16.10 -21.41
N ILE D 109 -42.72 15.00 -21.05
CA ILE D 109 -43.32 13.69 -21.19
C ILE D 109 -44.46 13.49 -20.20
N LEU D 110 -44.31 14.01 -18.98
CA LEU D 110 -45.35 13.86 -17.97
C LEU D 110 -46.63 14.60 -18.31
N ASN D 111 -46.56 15.64 -19.14
CA ASN D 111 -47.74 16.36 -19.58
C ASN D 111 -48.48 15.68 -20.72
N HIS D 112 -48.01 14.52 -21.16
CA HIS D 112 -48.67 13.76 -22.21
C HIS D 112 -49.93 13.08 -21.67
N PRO D 113 -50.96 12.91 -22.51
CA PRO D 113 -52.17 12.22 -22.05
C PRO D 113 -51.93 10.84 -21.47
N GLY D 114 -50.83 10.17 -21.85
CA GLY D 114 -50.55 8.85 -21.29
C GLY D 114 -50.33 8.87 -19.80
N PHE D 115 -49.79 9.97 -19.27
CA PHE D 115 -49.56 10.11 -17.84
C PHE D 115 -50.57 11.03 -17.15
N ALA D 116 -51.09 12.02 -17.88
CA ALA D 116 -52.02 12.98 -17.28
C ALA D 116 -53.35 12.32 -16.94
N ALA D 117 -53.94 11.59 -17.89
CA ALA D 117 -55.22 10.93 -17.67
C ALA D 117 -55.08 9.71 -16.78
N SER D 118 -54.15 8.81 -17.11
CA SER D 118 -53.99 7.58 -16.35
C SER D 118 -53.28 7.86 -15.03
N LYS D 119 -53.23 6.84 -14.18
CA LYS D 119 -52.59 6.90 -12.87
C LYS D 119 -51.31 6.07 -12.86
N ARG D 120 -50.54 6.15 -13.96
CA ARG D 120 -49.36 5.31 -14.11
C ARG D 120 -48.37 5.51 -12.97
N LEU D 121 -48.19 6.75 -12.52
CA LEU D 121 -47.16 7.03 -11.52
C LEU D 121 -47.60 6.65 -10.12
N THR D 122 -48.90 6.66 -9.83
CA THR D 122 -49.37 6.39 -8.48
C THR D 122 -49.44 4.89 -8.20
N LEU D 123 -49.89 4.09 -9.16
CA LEU D 123 -50.07 2.66 -8.94
C LEU D 123 -48.72 1.97 -8.73
N SER D 124 -48.74 0.91 -7.94
CA SER D 124 -47.53 0.22 -7.54
C SER D 124 -46.88 -0.49 -8.73
N PRO D 125 -45.61 -0.89 -8.60
CA PRO D 125 -45.00 -1.72 -9.66
C PRO D 125 -45.75 -3.01 -9.91
N CYS D 126 -46.31 -3.63 -8.86
CA CYS D 126 -47.04 -4.87 -9.05
C CYS D 126 -48.36 -4.65 -9.78
N GLU D 127 -49.02 -3.52 -9.50
CA GLU D 127 -50.26 -3.21 -10.22
C GLU D 127 -50.00 -2.88 -11.68
N GLN D 128 -48.85 -2.26 -11.97
CA GLN D 128 -48.46 -2.08 -13.37
C GLN D 128 -48.12 -3.41 -14.02
N GLU D 129 -47.51 -4.33 -13.27
CA GLU D 129 -47.07 -5.60 -13.83
C GLU D 129 -48.23 -6.58 -14.04
N LEU D 130 -49.31 -6.45 -13.28
CA LEU D 130 -50.43 -7.37 -13.44
C LEU D 130 -51.09 -7.22 -14.81
N GLN D 131 -51.27 -5.98 -15.27
CA GLN D 131 -51.68 -5.73 -16.64
C GLN D 131 -50.45 -5.80 -17.54
N ASP D 132 -50.56 -6.51 -18.66
CA ASP D 132 -49.41 -6.56 -19.56
C ASP D 132 -49.13 -5.15 -20.08
N ASP D 133 -50.01 -4.64 -20.94
CA ASP D 133 -50.14 -3.22 -21.24
C ASP D 133 -48.88 -2.61 -21.87
N ASP D 134 -47.76 -3.34 -21.80
CA ASP D 134 -46.49 -2.99 -22.41
C ASP D 134 -46.20 -1.50 -22.41
N PHE D 135 -46.42 -0.81 -21.29
CA PHE D 135 -46.29 0.64 -21.29
C PHE D 135 -44.83 1.07 -21.19
N TYR D 136 -44.07 0.46 -20.31
CA TYR D 136 -42.65 0.80 -20.15
C TYR D 136 -41.76 -0.09 -21.00
N ALA D 137 -42.33 -0.90 -21.89
CA ALA D 137 -41.53 -1.66 -22.84
C ALA D 137 -41.02 -0.73 -23.94
N TYR D 138 -39.75 -0.89 -24.29
CA TYR D 138 -39.12 -0.06 -25.31
C TYR D 138 -38.93 -0.77 -26.64
N ASP D 139 -39.12 -2.08 -26.69
CA ASP D 139 -38.95 -2.84 -27.92
C ASP D 139 -40.05 -3.90 -27.98
N GLU D 140 -39.88 -4.87 -28.86
CA GLU D 140 -40.88 -5.93 -29.02
C GLU D 140 -41.06 -6.73 -27.74
N ASP D 141 -39.99 -6.87 -26.93
CA ASP D 141 -40.01 -7.81 -25.81
C ASP D 141 -39.00 -7.33 -24.77
N GLY D 142 -39.48 -6.74 -23.69
CA GLY D 142 -38.66 -6.38 -22.56
C GLY D 142 -38.74 -4.89 -22.23
N THR D 143 -38.14 -4.56 -21.10
CA THR D 143 -38.06 -3.18 -20.62
C THR D 143 -36.60 -2.81 -20.42
N ARG D 144 -36.32 -1.50 -20.50
CA ARG D 144 -34.93 -1.04 -20.45
C ARG D 144 -34.29 -1.33 -19.10
N PHE D 145 -34.97 -0.97 -18.02
CA PHE D 145 -34.52 -1.31 -16.68
C PHE D 145 -35.37 -2.46 -16.15
N SER D 146 -35.13 -2.84 -14.90
CA SER D 146 -35.86 -3.95 -14.31
C SER D 146 -37.35 -3.65 -14.31
N PRO D 147 -38.21 -4.64 -14.58
CA PRO D 147 -39.66 -4.36 -14.66
C PRO D 147 -40.24 -3.78 -13.38
N ASP D 148 -39.62 -4.05 -12.23
CA ASP D 148 -40.11 -3.50 -10.97
C ASP D 148 -39.67 -2.07 -10.73
N ILE D 149 -38.68 -1.58 -11.48
CA ILE D 149 -38.15 -0.23 -11.30
C ILE D 149 -39.16 0.75 -11.89
N THR D 150 -39.93 1.39 -11.03
CA THR D 150 -40.89 2.41 -11.44
C THR D 150 -40.17 3.74 -11.63
N PRO D 151 -40.84 4.74 -12.23
CA PRO D 151 -40.20 6.07 -12.36
C PRO D 151 -39.64 6.62 -11.06
N ILE D 152 -40.38 6.50 -9.95
CA ILE D 152 -39.90 7.05 -8.68
C ILE D 152 -38.69 6.28 -8.19
N ILE D 153 -38.70 4.95 -8.32
CA ILE D 153 -37.57 4.15 -7.89
C ILE D 153 -36.34 4.46 -8.73
N LEU D 154 -36.52 4.64 -10.03
CA LEU D 154 -35.39 4.97 -10.90
C LEU D 154 -34.83 6.34 -10.58
N ALA D 155 -35.70 7.33 -10.35
CA ALA D 155 -35.24 8.66 -9.98
C ALA D 155 -34.48 8.63 -8.66
N ALA D 156 -34.95 7.83 -7.70
CA ALA D 156 -34.22 7.69 -6.44
C ALA D 156 -32.87 7.04 -6.66
N HIS D 157 -32.82 6.00 -7.51
CA HIS D 157 -31.55 5.36 -7.84
C HIS D 157 -30.55 6.37 -8.37
N CYS D 158 -30.95 7.15 -9.38
CA CYS D 158 -30.05 8.13 -9.97
C CYS D 158 -29.85 9.36 -9.08
N GLN D 159 -30.63 9.50 -8.02
CA GLN D 159 -30.54 10.64 -7.10
C GLN D 159 -30.75 11.96 -7.83
N LYS D 160 -31.78 11.98 -8.69
CA LYS D 160 -32.22 13.20 -9.36
C LYS D 160 -33.18 13.90 -8.41
N TYR D 161 -32.67 14.87 -7.65
CA TYR D 161 -33.46 15.50 -6.59
C TYR D 161 -34.72 16.15 -7.15
N GLU D 162 -34.58 16.90 -8.25
CA GLU D 162 -35.74 17.58 -8.82
C GLU D 162 -36.73 16.58 -9.41
N VAL D 163 -36.24 15.52 -10.05
CA VAL D 163 -37.13 14.51 -10.61
C VAL D 163 -37.85 13.75 -9.49
N VAL D 164 -37.13 13.43 -8.41
CA VAL D 164 -37.75 12.77 -7.27
C VAL D 164 -38.84 13.67 -6.67
N HIS D 165 -38.56 14.97 -6.55
CA HIS D 165 -39.56 15.89 -6.02
C HIS D 165 -40.78 15.97 -6.94
N MET D 166 -40.55 16.04 -8.25
CA MET D 166 -41.65 16.07 -9.21
C MET D 166 -42.53 14.84 -9.06
N LEU D 167 -41.91 13.65 -9.03
CA LEU D 167 -42.69 12.42 -8.95
C LEU D 167 -43.41 12.31 -7.60
N LEU D 168 -42.80 12.79 -6.53
CA LEU D 168 -43.47 12.81 -5.24
C LEU D 168 -44.68 13.74 -5.26
N MET D 169 -44.58 14.85 -5.99
CA MET D 169 -45.73 15.75 -6.13
C MET D 169 -46.90 15.04 -6.81
N LYS D 170 -46.62 14.11 -7.71
CA LYS D 170 -47.64 13.40 -8.45
C LYS D 170 -48.23 12.22 -7.69
N GLY D 171 -47.69 11.89 -6.51
CA GLY D 171 -48.21 10.82 -5.68
C GLY D 171 -47.42 9.53 -5.72
N ALA D 172 -46.26 9.51 -6.39
CA ALA D 172 -45.46 8.30 -6.46
C ALA D 172 -44.67 8.09 -5.17
N ARG D 173 -44.70 6.87 -4.65
CA ARG D 173 -43.98 6.52 -3.43
C ARG D 173 -43.35 5.14 -3.59
N ILE D 174 -42.19 4.96 -2.96
CA ILE D 174 -41.51 3.67 -2.98
C ILE D 174 -42.19 2.74 -1.97
N GLU D 175 -42.13 1.44 -2.24
CA GLU D 175 -43.13 0.51 -1.71
C GLU D 175 -42.84 0.00 -0.30
N ARG D 176 -41.60 0.10 0.19
CA ARG D 176 -41.24 -0.46 1.50
C ARG D 176 -41.46 -1.98 1.50
N PRO D 177 -40.58 -2.74 0.88
CA PRO D 177 -40.78 -4.20 0.76
C PRO D 177 -41.13 -4.84 2.10
N HIS D 178 -41.86 -5.95 2.02
CA HIS D 178 -42.28 -6.67 3.21
C HIS D 178 -41.08 -7.32 3.90
N ASP D 179 -41.33 -7.85 5.10
CA ASP D 179 -40.30 -8.53 5.86
C ASP D 179 -39.73 -9.70 5.06
N TYR D 180 -38.47 -10.05 5.37
CA TYR D 180 -37.82 -11.15 4.67
C TYR D 180 -38.57 -12.46 4.90
N PHE D 181 -38.77 -12.82 6.16
CA PHE D 181 -39.51 -14.04 6.51
C PHE D 181 -41.01 -13.73 6.53
N CYS D 182 -41.55 -13.51 5.34
CA CYS D 182 -42.95 -13.14 5.16
C CYS D 182 -43.74 -14.33 4.65
N LYS D 183 -44.98 -14.47 5.13
CA LYS D 183 -45.83 -15.60 4.80
C LYS D 183 -47.09 -15.22 4.04
N CYS D 184 -47.29 -13.95 3.72
CA CYS D 184 -48.51 -13.54 3.03
C CYS D 184 -48.54 -14.10 1.61
N GLY D 185 -49.75 -14.12 1.03
CA GLY D 185 -49.93 -14.77 -0.25
C GLY D 185 -49.10 -14.16 -1.36
N ASP D 186 -48.95 -12.83 -1.35
CA ASP D 186 -48.19 -12.16 -2.40
C ASP D 186 -46.71 -12.54 -2.33
N CYS D 187 -46.11 -12.45 -1.15
CA CYS D 187 -44.71 -12.83 -0.99
C CYS D 187 -44.52 -14.31 -1.26
N MET D 188 -45.47 -15.15 -0.85
CA MET D 188 -45.36 -16.58 -1.10
C MET D 188 -45.37 -16.88 -2.60
N GLU D 189 -46.28 -16.25 -3.34
CA GLU D 189 -46.35 -16.49 -4.78
C GLU D 189 -45.14 -15.93 -5.49
N LYS D 190 -44.66 -14.76 -5.07
CA LYS D 190 -43.44 -14.20 -5.67
C LYS D 190 -42.24 -15.11 -5.42
N GLN D 191 -42.12 -15.65 -4.22
CA GLN D 191 -40.97 -16.47 -3.88
C GLN D 191 -41.03 -17.83 -4.56
N ARG D 192 -42.23 -18.41 -4.70
CA ARG D 192 -42.35 -19.69 -5.39
C ARG D 192 -42.16 -19.53 -6.89
N HIS D 193 -42.63 -18.42 -7.45
CA HIS D 193 -42.54 -18.20 -8.90
C HIS D 193 -41.09 -18.15 -9.37
N ASP D 194 -40.34 -17.15 -8.91
CA ASP D 194 -38.98 -16.94 -9.39
C ASP D 194 -37.92 -17.05 -8.30
N SER D 195 -38.07 -16.28 -7.21
CA SER D 195 -37.20 -16.29 -6.04
C SER D 195 -35.84 -15.66 -6.31
N PHE D 196 -35.56 -15.33 -7.58
CA PHE D 196 -34.41 -14.50 -7.93
C PHE D 196 -34.82 -13.13 -8.44
N SER D 197 -35.85 -13.07 -9.28
CA SER D 197 -36.48 -11.78 -9.57
C SER D 197 -37.03 -11.15 -8.30
N HIS D 198 -37.47 -11.98 -7.35
CA HIS D 198 -38.01 -11.45 -6.09
C HIS D 198 -36.93 -10.75 -5.26
N SER D 199 -35.80 -11.42 -5.05
CA SER D 199 -34.73 -10.83 -4.26
C SER D 199 -34.14 -9.62 -4.96
N ARG D 200 -33.98 -9.70 -6.29
CA ARG D 200 -33.47 -8.55 -7.04
C ARG D 200 -34.43 -7.37 -6.96
N SER D 201 -35.74 -7.64 -6.98
CA SER D 201 -36.72 -6.58 -6.82
C SER D 201 -36.65 -5.96 -5.43
N ARG D 202 -36.46 -6.80 -4.41
CA ARG D 202 -36.27 -6.27 -3.06
C ARG D 202 -35.05 -5.37 -2.99
N ILE D 203 -33.94 -5.79 -3.61
CA ILE D 203 -32.73 -4.99 -3.60
C ILE D 203 -32.94 -3.68 -4.35
N ASN D 204 -33.71 -3.72 -5.44
CA ASN D 204 -34.01 -2.49 -6.18
C ASN D 204 -34.81 -1.52 -5.33
N ALA D 205 -35.85 -2.03 -4.65
CA ALA D 205 -36.68 -1.17 -3.83
C ALA D 205 -35.88 -0.58 -2.67
N TYR D 206 -34.95 -1.36 -2.10
CA TYR D 206 -34.12 -0.83 -1.03
C TYR D 206 -33.07 0.15 -1.54
N LYS D 207 -32.55 -0.07 -2.76
CA LYS D 207 -31.67 0.89 -3.38
C LYS D 207 -32.38 2.21 -3.63
N GLY D 208 -33.68 2.14 -3.91
CA GLY D 208 -34.46 3.37 -4.03
C GLY D 208 -34.70 4.03 -2.68
N LEU D 209 -35.05 3.23 -1.67
CA LEU D 209 -35.34 3.78 -0.34
C LEU D 209 -34.09 4.36 0.30
N ALA D 210 -32.94 3.72 0.11
CA ALA D 210 -31.71 4.11 0.80
C ALA D 210 -30.98 5.27 0.14
N SER D 211 -31.55 5.89 -0.89
CA SER D 211 -30.83 6.97 -1.55
C SER D 211 -31.04 8.28 -0.79
N PRO D 212 -30.03 9.15 -0.76
CA PRO D 212 -30.19 10.42 -0.02
C PRO D 212 -31.29 11.31 -0.58
N ALA D 213 -31.53 11.27 -1.89
CA ALA D 213 -32.57 12.12 -2.48
C ALA D 213 -33.94 11.74 -1.94
N TYR D 214 -34.30 10.47 -2.04
CA TYR D 214 -35.60 10.01 -1.55
C TYR D 214 -35.70 10.15 -0.04
N LEU D 215 -34.62 9.81 0.68
CA LEU D 215 -34.62 9.97 2.13
C LEU D 215 -34.91 11.41 2.54
N SER D 216 -34.26 12.38 1.88
CA SER D 216 -34.43 13.77 2.26
C SER D 216 -35.80 14.30 1.86
N LEU D 217 -36.26 13.96 0.66
CA LEU D 217 -37.49 14.57 0.14
C LEU D 217 -38.77 13.87 0.57
N SER D 218 -38.69 12.63 1.06
CA SER D 218 -39.91 11.82 1.22
C SER D 218 -40.50 11.90 2.62
N SER D 219 -39.69 11.82 3.66
CA SER D 219 -40.19 11.61 5.02
C SER D 219 -40.09 12.89 5.85
N GLU D 220 -40.75 12.86 7.01
CA GLU D 220 -40.74 14.00 7.91
C GLU D 220 -39.40 14.12 8.64
N ASP D 221 -38.90 13.01 9.18
CA ASP D 221 -37.64 12.97 9.91
C ASP D 221 -36.69 12.05 9.14
N PRO D 222 -35.96 12.58 8.16
CA PRO D 222 -35.10 11.71 7.35
C PRO D 222 -33.97 11.05 8.12
N VAL D 223 -33.50 11.65 9.21
CA VAL D 223 -32.35 11.05 9.91
C VAL D 223 -32.79 9.84 10.74
N LEU D 224 -33.99 9.90 11.34
CA LEU D 224 -34.51 8.73 12.05
C LEU D 224 -34.81 7.60 11.08
N THR D 225 -35.47 7.94 9.95
CA THR D 225 -35.72 6.96 8.91
C THR D 225 -34.41 6.34 8.42
N ALA D 226 -33.38 7.16 8.24
CA ALA D 226 -32.11 6.66 7.73
C ALA D 226 -31.43 5.73 8.73
N LEU D 227 -31.48 6.07 10.02
CA LEU D 227 -30.91 5.18 11.04
C LEU D 227 -31.64 3.83 11.07
N GLU D 228 -32.98 3.88 11.13
CA GLU D 228 -33.75 2.64 11.18
C GLU D 228 -33.53 1.80 9.93
N LEU D 229 -33.53 2.43 8.74
CA LEU D 229 -33.30 1.72 7.51
C LEU D 229 -31.87 1.19 7.40
N SER D 230 -30.90 1.88 8.01
CA SER D 230 -29.53 1.40 8.03
C SER D 230 -29.44 0.12 8.84
N ASN D 231 -30.07 0.09 10.01
CA ASN D 231 -30.10 -1.16 10.79
C ASN D 231 -30.84 -2.25 10.03
N GLU D 232 -31.93 -1.88 9.35
CA GLU D 232 -32.70 -2.83 8.55
C GLU D 232 -31.83 -3.49 7.49
N LEU D 233 -31.08 -2.68 6.73
CA LEU D 233 -30.22 -3.21 5.68
C LEU D 233 -29.04 -3.97 6.26
N ALA D 234 -28.53 -3.55 7.41
CA ALA D 234 -27.46 -4.30 8.04
C ALA D 234 -27.90 -5.70 8.43
N LYS D 235 -29.15 -5.84 8.91
CA LYS D 235 -29.68 -7.16 9.20
C LYS D 235 -29.94 -7.96 7.91
N LEU D 236 -30.47 -7.27 6.88
CA LEU D 236 -30.68 -7.93 5.60
C LEU D 236 -29.38 -8.51 5.03
N ALA D 237 -28.27 -7.80 5.23
CA ALA D 237 -26.98 -8.28 4.74
C ALA D 237 -26.60 -9.60 5.40
N ASN D 238 -26.91 -9.76 6.69
CA ASN D 238 -26.61 -11.01 7.37
C ASN D 238 -27.56 -12.11 6.95
N ILE D 239 -28.85 -11.80 6.80
CA ILE D 239 -29.83 -12.82 6.46
C ILE D 239 -29.59 -13.35 5.05
N GLU D 240 -29.41 -12.46 4.08
CA GLU D 240 -29.24 -12.82 2.68
C GLU D 240 -27.77 -12.61 2.31
N LYS D 241 -26.99 -13.69 2.40
CA LYS D 241 -25.54 -13.58 2.28
C LYS D 241 -25.05 -13.53 0.84
N GLU D 242 -25.82 -14.05 -0.12
CA GLU D 242 -25.36 -14.00 -1.51
C GLU D 242 -25.32 -12.58 -2.04
N PHE D 243 -26.24 -11.73 -1.61
CA PHE D 243 -26.22 -10.32 -1.94
C PHE D 243 -25.74 -9.46 -0.78
N LYS D 244 -24.79 -9.98 0.00
CA LYS D 244 -24.29 -9.29 1.18
C LYS D 244 -23.71 -7.93 0.83
N ASN D 245 -22.94 -7.86 -0.26
CA ASN D 245 -22.27 -6.61 -0.63
C ASN D 245 -23.29 -5.51 -0.94
N ASP D 246 -24.37 -5.84 -1.65
CA ASP D 246 -25.35 -4.83 -2.02
C ASP D 246 -26.02 -4.22 -0.80
N TYR D 247 -26.53 -5.06 0.10
CA TYR D 247 -27.16 -4.56 1.31
C TYR D 247 -26.16 -3.79 2.18
N ARG D 248 -24.91 -4.24 2.21
CA ARG D 248 -23.88 -3.53 2.96
C ARG D 248 -23.66 -2.13 2.40
N LYS D 249 -23.58 -2.01 1.06
CA LYS D 249 -23.40 -0.71 0.43
C LYS D 249 -24.60 0.21 0.71
N LEU D 250 -25.82 -0.35 0.65
CA LEU D 250 -27.00 0.47 0.91
C LEU D 250 -27.04 0.96 2.35
N SER D 251 -26.71 0.07 3.30
CA SER D 251 -26.63 0.48 4.70
C SER D 251 -25.58 1.56 4.91
N MET D 252 -24.45 1.45 4.21
CA MET D 252 -23.43 2.51 4.29
C MET D 252 -23.96 3.82 3.72
N GLN D 253 -24.72 3.76 2.64
CA GLN D 253 -25.37 4.95 2.09
C GLN D 253 -26.21 5.64 3.16
N CYS D 254 -27.05 4.86 3.85
CA CYS D 254 -27.88 5.44 4.91
C CYS D 254 -27.02 6.06 6.02
N LYS D 255 -25.99 5.32 6.46
CA LYS D 255 -25.10 5.81 7.51
C LYS D 255 -24.51 7.16 7.15
N ASP D 256 -23.88 7.26 5.97
CA ASP D 256 -23.24 8.52 5.62
C ASP D 256 -24.24 9.59 5.24
N PHE D 257 -25.49 9.23 4.92
CA PHE D 257 -26.52 10.26 4.83
C PHE D 257 -26.75 10.91 6.19
N VAL D 258 -26.90 10.09 7.23
CA VAL D 258 -27.06 10.65 8.58
C VAL D 258 -25.84 11.51 8.94
N VAL D 259 -24.65 11.01 8.61
CA VAL D 259 -23.42 11.74 8.93
C VAL D 259 -23.40 13.08 8.20
N GLY D 260 -23.78 13.10 6.92
CA GLY D 260 -23.80 14.33 6.17
C GLY D 260 -24.82 15.32 6.67
N VAL D 261 -25.97 14.83 7.14
CA VAL D 261 -26.96 15.73 7.73
C VAL D 261 -26.43 16.34 9.02
N LEU D 262 -25.77 15.54 9.85
CA LEU D 262 -25.15 16.09 11.06
C LEU D 262 -24.03 17.07 10.72
N ASP D 263 -23.34 16.86 9.61
CA ASP D 263 -22.19 17.68 9.24
C ASP D 263 -22.57 19.13 8.92
N LEU D 264 -23.85 19.41 8.68
CA LEU D 264 -24.26 20.73 8.22
C LEU D 264 -24.65 21.69 9.34
N CYS D 265 -24.71 21.22 10.58
CA CYS D 265 -25.19 22.05 11.68
C CYS D 265 -24.25 23.23 11.90
N ARG D 266 -24.85 24.40 12.20
CA ARG D 266 -24.08 25.64 12.34
C ARG D 266 -24.24 26.30 13.71
N ASP D 267 -25.19 25.87 14.54
CA ASP D 267 -25.30 26.37 15.90
C ASP D 267 -25.82 25.25 16.79
N SER D 268 -25.86 25.52 18.09
CA SER D 268 -26.14 24.47 19.07
C SER D 268 -27.58 23.97 18.98
N GLU D 269 -28.53 24.82 18.56
CA GLU D 269 -29.91 24.38 18.47
C GLU D 269 -30.08 23.28 17.44
N GLU D 270 -29.45 23.44 16.27
CA GLU D 270 -29.53 22.42 15.24
C GLU D 270 -28.81 21.14 15.66
N VAL D 271 -27.67 21.28 16.36
CA VAL D 271 -26.95 20.10 16.85
C VAL D 271 -27.81 19.34 17.85
N GLU D 272 -28.52 20.07 18.73
CA GLU D 272 -29.44 19.42 19.66
C GLU D 272 -30.56 18.72 18.93
N ALA D 273 -31.14 19.38 17.92
CA ALA D 273 -32.23 18.76 17.17
C ALA D 273 -31.77 17.49 16.46
N ILE D 274 -30.52 17.46 16.02
CA ILE D 274 -30.01 16.27 15.33
C ILE D 274 -29.68 15.17 16.33
N LEU D 275 -29.07 15.52 17.47
CA LEU D 275 -28.57 14.52 18.41
C LEU D 275 -29.61 14.08 19.43
N ASN D 276 -30.39 15.00 19.97
CA ASN D 276 -31.37 14.66 20.99
C ASN D 276 -32.67 14.12 20.42
N GLY D 277 -32.72 13.84 19.12
CA GLY D 277 -34.00 13.54 18.50
C GLY D 277 -34.89 14.77 18.51
N ASP D 278 -36.17 14.55 18.78
CA ASP D 278 -37.10 15.67 18.91
C ASP D 278 -36.78 16.49 20.17
N ALA D 292 -30.84 16.42 28.65
CA ALA D 292 -30.79 16.20 27.21
C ALA D 292 -30.50 14.73 26.90
N SER D 293 -31.56 13.95 26.71
CA SER D 293 -31.43 12.54 26.38
C SER D 293 -30.97 12.40 24.93
N LEU D 294 -29.72 12.01 24.75
CA LEU D 294 -29.14 11.89 23.41
C LEU D 294 -29.66 10.66 22.70
N SER D 295 -30.94 10.69 22.32
CA SER D 295 -31.58 9.50 21.75
C SER D 295 -30.91 9.08 20.45
N ARG D 296 -30.61 10.03 19.57
CA ARG D 296 -30.01 9.68 18.29
C ARG D 296 -28.57 9.21 18.46
N VAL D 297 -27.85 9.72 19.45
CA VAL D 297 -26.50 9.23 19.71
C VAL D 297 -26.56 7.79 20.22
N LYS D 298 -27.51 7.51 21.11
CA LYS D 298 -27.73 6.12 21.54
C LYS D 298 -28.05 5.23 20.36
N LEU D 299 -28.91 5.70 19.45
CA LEU D 299 -29.28 4.89 18.28
C LEU D 299 -28.08 4.67 17.36
N ALA D 300 -27.23 5.68 17.20
CA ALA D 300 -26.07 5.54 16.33
C ALA D 300 -25.04 4.58 16.92
N ILE D 301 -24.86 4.60 18.24
CA ILE D 301 -23.96 3.65 18.88
C ILE D 301 -24.55 2.25 18.83
N LYS D 302 -25.88 2.14 18.96
CA LYS D 302 -26.53 0.83 18.91
C LYS D 302 -26.45 0.24 17.51
N TYR D 303 -26.64 1.05 16.48
CA TYR D 303 -26.59 0.60 15.09
C TYR D 303 -25.19 0.74 14.49
N GLU D 304 -24.21 1.19 15.27
CA GLU D 304 -22.82 1.28 14.83
C GLU D 304 -22.66 2.24 13.64
N VAL D 305 -23.27 3.41 13.75
CA VAL D 305 -23.01 4.52 12.81
C VAL D 305 -21.85 5.30 13.43
N LYS D 306 -20.63 4.81 13.16
CA LYS D 306 -19.48 5.30 13.90
C LYS D 306 -19.07 6.70 13.47
N LYS D 307 -19.20 7.01 12.17
CA LYS D 307 -18.84 8.35 11.70
C LYS D 307 -19.79 9.40 12.25
N PHE D 308 -21.04 9.03 12.52
CA PHE D 308 -21.99 9.96 13.12
C PHE D 308 -21.56 10.34 14.54
N VAL D 309 -21.23 9.33 15.35
CA VAL D 309 -20.85 9.59 16.74
C VAL D 309 -19.49 10.27 16.81
N ALA D 310 -18.54 9.82 15.99
CA ALA D 310 -17.20 10.36 15.99
C ALA D 310 -17.08 11.70 15.26
N HIS D 311 -18.20 12.27 14.82
CA HIS D 311 -18.14 13.54 14.11
C HIS D 311 -17.87 14.68 15.09
N PRO D 312 -17.10 15.69 14.68
CA PRO D 312 -16.72 16.76 15.63
C PRO D 312 -17.90 17.45 16.32
N ASN D 313 -19.06 17.56 15.68
CA ASN D 313 -20.20 18.22 16.31
C ASN D 313 -20.73 17.39 17.47
N CYS D 314 -21.08 16.12 17.19
CA CYS D 314 -21.48 15.21 18.25
C CYS D 314 -20.39 15.09 19.31
N GLN D 315 -19.12 15.12 18.88
CA GLN D 315 -18.02 14.99 19.82
C GLN D 315 -17.97 16.16 20.79
N GLN D 316 -18.12 17.39 20.28
CA GLN D 316 -18.08 18.54 21.18
C GLN D 316 -19.31 18.61 22.07
N GLN D 317 -20.47 18.15 21.58
CA GLN D 317 -21.64 18.06 22.46
C GLN D 317 -21.38 17.09 23.61
N LEU D 318 -20.94 15.87 23.28
CA LEU D 318 -20.63 14.89 24.32
C LEU D 318 -19.54 15.40 25.25
N LEU D 319 -18.60 16.17 24.73
CA LEU D 319 -17.50 16.68 25.56
C LEU D 319 -17.99 17.74 26.53
N THR D 320 -18.87 18.64 26.07
CA THR D 320 -19.45 19.61 26.98
C THR D 320 -20.28 18.93 28.07
N ILE D 321 -20.94 17.82 27.73
CA ILE D 321 -21.65 17.07 28.78
C ILE D 321 -20.65 16.38 29.71
N TRP D 322 -19.49 15.98 29.18
CA TRP D 322 -18.51 15.23 29.96
C TRP D 322 -17.89 16.08 31.06
N TYR D 323 -17.50 17.31 30.74
CA TYR D 323 -17.02 18.25 31.75
C TYR D 323 -18.15 19.21 32.13
N GLU D 324 -19.09 18.70 32.93
CA GLU D 324 -20.26 19.49 33.29
C GLU D 324 -19.88 20.69 34.15
N ASN D 325 -19.35 20.45 35.34
CA ASN D 325 -19.02 21.52 36.27
C ASN D 325 -17.52 21.76 36.38
N LEU D 326 -16.70 21.03 35.62
CA LEU D 326 -15.24 21.18 35.67
C LEU D 326 -14.82 22.16 34.56
N SER D 327 -15.09 23.44 34.83
CA SER D 327 -14.90 24.47 33.82
C SER D 327 -13.44 24.60 33.39
N GLY D 328 -12.56 24.83 34.36
CA GLY D 328 -11.14 24.97 34.03
C GLY D 328 -10.49 23.66 33.67
N LEU D 329 -10.88 22.57 34.37
CA LEU D 329 -10.29 21.25 34.15
C LEU D 329 -10.39 20.80 32.69
N ARG D 330 -11.31 21.39 31.92
CA ARG D 330 -11.46 21.02 30.52
C ARG D 330 -10.17 21.26 29.72
N GLU D 331 -9.36 22.23 30.14
CA GLU D 331 -8.19 22.65 29.37
C GLU D 331 -6.85 22.25 29.98
N GLN D 332 -6.86 21.59 31.13
CA GLN D 332 -5.60 21.30 31.81
C GLN D 332 -4.78 20.27 31.05
N THR D 333 -3.47 20.31 31.28
CA THR D 333 -2.58 19.30 30.73
C THR D 333 -2.85 17.95 31.39
N ILE D 334 -2.33 16.89 30.75
CA ILE D 334 -2.56 15.53 31.26
C ILE D 334 -1.91 15.34 32.61
N ALA D 335 -0.82 16.07 32.89
CA ALA D 335 -0.17 15.95 34.19
C ALA D 335 -1.08 16.41 35.32
N ILE D 336 -1.82 17.51 35.10
CA ILE D 336 -2.72 18.01 36.14
C ILE D 336 -3.87 17.03 36.36
N LYS D 337 -4.32 16.36 35.31
CA LYS D 337 -5.39 15.38 35.48
C LYS D 337 -4.88 14.12 36.16
N CYS D 338 -3.63 13.72 35.91
CA CYS D 338 -3.03 12.66 36.71
C CYS D 338 -2.94 13.07 38.18
N LEU D 339 -2.62 14.34 38.43
CA LEU D 339 -2.58 14.85 39.79
C LEU D 339 -3.94 14.72 40.46
N VAL D 340 -5.01 15.14 39.77
CA VAL D 340 -6.33 15.05 40.40
C VAL D 340 -6.79 13.60 40.53
N VAL D 341 -6.35 12.73 39.60
CA VAL D 341 -6.61 11.29 39.75
C VAL D 341 -6.01 10.78 41.05
N LEU D 342 -4.73 11.12 41.28
CA LEU D 342 -4.07 10.70 42.51
C LEU D 342 -4.74 11.29 43.75
N VAL D 343 -5.17 12.55 43.66
CA VAL D 343 -5.81 13.21 44.81
C VAL D 343 -7.13 12.52 45.14
N VAL D 344 -7.88 12.12 44.11
CA VAL D 344 -9.12 11.36 44.35
C VAL D 344 -8.79 10.01 44.97
N ALA D 345 -7.76 9.34 44.46
CA ALA D 345 -7.35 8.06 45.06
C ALA D 345 -7.02 8.23 46.53
N LEU D 346 -6.40 9.35 46.90
CA LEU D 346 -6.03 9.57 48.30
C LEU D 346 -7.25 9.89 49.15
N GLY D 347 -8.06 10.86 48.73
CA GLY D 347 -9.17 11.35 49.51
C GLY D 347 -10.50 10.66 49.29
N LEU D 348 -10.52 9.53 48.58
CA LEU D 348 -11.77 8.82 48.35
C LEU D 348 -12.51 8.45 49.64
N PRO D 349 -11.85 7.99 50.71
CA PRO D 349 -12.59 7.82 51.98
C PRO D 349 -13.23 9.11 52.47
N PHE D 350 -12.45 10.19 52.53
CA PHE D 350 -13.00 11.48 52.97
C PHE D 350 -14.05 11.98 51.99
N LEU D 351 -13.88 11.74 50.69
CA LEU D 351 -14.86 12.19 49.72
C LEU D 351 -16.19 11.46 49.89
N ALA D 352 -16.15 10.14 50.12
CA ALA D 352 -17.38 9.41 50.37
C ALA D 352 -18.03 9.84 51.68
N ILE D 353 -17.22 10.06 52.72
CA ILE D 353 -17.74 10.52 54.00
C ILE D 353 -18.44 11.86 53.83
N GLY D 354 -17.83 12.77 53.08
CA GLY D 354 -18.45 14.07 52.84
C GLY D 354 -19.67 14.00 51.97
N TYR D 355 -19.69 13.09 50.98
CA TYR D 355 -20.89 12.88 50.18
C TYR D 355 -22.05 12.40 51.05
N TRP D 356 -21.76 11.54 52.03
CA TRP D 356 -22.81 11.12 52.96
C TRP D 356 -23.20 12.26 53.90
N ILE D 357 -22.24 13.09 54.29
CA ILE D 357 -22.52 14.14 55.28
C ILE D 357 -23.16 15.35 54.61
N ALA D 358 -22.46 15.97 53.67
CA ALA D 358 -22.95 17.14 52.94
C ALA D 358 -23.31 16.71 51.52
N PRO D 359 -24.54 16.29 51.28
CA PRO D 359 -24.90 15.75 49.97
C PRO D 359 -25.00 16.80 48.88
N CYS D 360 -25.39 18.02 49.26
CA CYS D 360 -25.55 19.13 48.31
C CYS D 360 -24.69 20.30 48.77
N SER D 361 -23.66 20.61 47.98
CA SER D 361 -22.72 21.69 48.25
C SER D 361 -21.86 21.87 47.01
N ARG D 362 -20.82 22.71 47.12
CA ARG D 362 -19.78 22.74 46.09
C ARG D 362 -19.18 21.35 45.91
N LEU D 363 -18.84 20.69 47.02
CA LEU D 363 -18.34 19.33 46.97
C LEU D 363 -19.35 18.39 46.32
N GLY D 364 -20.64 18.54 46.67
CA GLY D 364 -21.65 17.67 46.08
C GLY D 364 -21.82 17.90 44.59
N LYS D 365 -21.77 19.16 44.15
CA LYS D 365 -21.90 19.44 42.72
C LYS D 365 -20.69 18.93 41.94
N ILE D 366 -19.49 19.09 42.50
CA ILE D 366 -18.30 18.60 41.80
C ILE D 366 -18.30 17.07 41.77
N LEU D 367 -18.78 16.43 42.84
CA LEU D 367 -18.76 14.98 42.92
C LEU D 367 -19.73 14.32 41.96
N ARG D 368 -20.79 15.02 41.53
CA ARG D 368 -21.77 14.45 40.62
C ARG D 368 -21.41 14.65 39.14
N SER D 369 -20.26 15.30 38.84
CA SER D 369 -19.92 15.46 37.43
C SER D 369 -19.44 14.14 36.84
N PRO D 370 -19.74 13.87 35.57
CA PRO D 370 -19.40 12.56 35.00
C PRO D 370 -17.91 12.25 35.00
N PHE D 371 -17.06 13.24 34.67
CA PHE D 371 -15.62 13.00 34.66
C PHE D 371 -15.11 12.66 36.04
N MET D 372 -15.65 13.32 37.07
CA MET D 372 -15.24 13.00 38.43
C MET D 372 -15.75 11.64 38.85
N LYS D 373 -16.93 11.22 38.37
CA LYS D 373 -17.39 9.85 38.61
C LYS D 373 -16.42 8.85 38.00
N PHE D 374 -15.97 9.11 36.78
CA PHE D 374 -15.05 8.18 36.12
C PHE D 374 -13.70 8.13 36.82
N VAL D 375 -13.19 9.28 37.25
CA VAL D 375 -11.92 9.26 37.95
C VAL D 375 -12.08 8.58 39.31
N ALA D 376 -13.25 8.72 39.95
CA ALA D 376 -13.50 7.98 41.19
C ALA D 376 -13.48 6.47 40.95
N HIS D 377 -14.09 6.03 39.84
CA HIS D 377 -14.05 4.61 39.51
C HIS D 377 -12.63 4.13 39.25
N ALA D 378 -11.86 4.90 38.48
CA ALA D 378 -10.48 4.54 38.20
C ALA D 378 -9.65 4.49 39.48
N ALA D 379 -9.84 5.46 40.38
CA ALA D 379 -9.10 5.49 41.62
C ALA D 379 -9.49 4.32 42.52
N SER D 380 -10.77 3.96 42.53
CA SER D 380 -11.21 2.78 43.27
C SER D 380 -10.50 1.53 42.76
N PHE D 381 -10.47 1.35 41.44
CA PHE D 381 -9.82 0.16 40.89
C PHE D 381 -8.32 0.17 41.18
N ILE D 382 -7.69 1.34 41.16
CA ILE D 382 -6.26 1.39 41.45
C ILE D 382 -6.00 1.07 42.91
N ILE D 383 -6.87 1.53 43.81
CA ILE D 383 -6.78 1.14 45.21
C ILE D 383 -6.96 -0.36 45.37
N PHE D 384 -7.82 -0.95 44.54
CA PHE D 384 -8.02 -2.40 44.58
C PHE D 384 -6.75 -3.14 44.17
N LEU D 385 -6.11 -2.70 43.09
CA LEU D 385 -4.84 -3.32 42.69
C LEU D 385 -3.76 -3.12 43.73
N GLY D 386 -3.72 -1.92 44.34
CA GLY D 386 -2.75 -1.67 45.38
C GLY D 386 -2.96 -2.55 46.60
N LEU D 387 -4.22 -2.82 46.94
CA LEU D 387 -4.51 -3.77 48.02
C LEU D 387 -4.07 -5.18 47.64
N LEU D 388 -4.36 -5.59 46.40
CA LEU D 388 -3.90 -6.90 45.95
C LEU D 388 -2.39 -7.06 46.08
N VAL D 389 -1.64 -6.00 45.74
CA VAL D 389 -0.19 -6.07 45.81
C VAL D 389 0.28 -6.05 47.26
N PHE D 390 -0.12 -5.02 48.01
CA PHE D 390 0.31 -4.84 49.41
C PHE D 390 -0.12 -6.00 50.30
N ASN D 391 -1.16 -6.74 49.92
CA ASN D 391 -1.50 -7.95 50.67
C ASN D 391 -0.38 -8.97 50.56
N ALA D 392 0.36 -8.97 49.44
CA ALA D 392 1.51 -9.84 49.25
C ALA D 392 2.80 -9.23 49.80
N SER D 393 2.71 -8.18 50.61
CA SER D 393 3.90 -7.64 51.26
C SER D 393 4.39 -8.64 52.32
N ASP D 394 5.54 -8.31 52.91
CA ASP D 394 6.37 -9.16 53.78
C ASP D 394 6.84 -10.41 53.08
N ARG D 395 6.57 -10.57 51.78
CA ARG D 395 7.15 -11.66 51.00
C ARG D 395 7.85 -11.13 49.75
N PHE D 396 8.00 -9.81 49.62
CA PHE D 396 8.66 -9.24 48.45
C PHE D 396 10.09 -9.75 48.30
N GLU D 397 10.78 -9.95 49.41
CA GLU D 397 12.15 -10.46 49.40
C GLU D 397 12.22 -11.94 49.73
N GLY D 398 11.09 -12.64 49.74
CA GLY D 398 11.08 -14.06 49.98
C GLY D 398 10.49 -14.41 51.34
N ILE D 399 9.95 -15.62 51.43
CA ILE D 399 9.39 -16.10 52.69
C ILE D 399 10.53 -16.30 53.69
N THR D 400 10.22 -16.09 54.97
CA THR D 400 11.26 -16.12 56.00
C THR D 400 11.55 -17.54 56.47
N THR D 401 10.51 -18.33 56.72
CA THR D 401 10.66 -19.69 57.20
C THR D 401 10.48 -20.68 56.07
N LEU D 402 11.24 -21.77 56.12
CA LEU D 402 11.13 -22.81 55.12
C LEU D 402 9.77 -23.49 55.19
N PRO D 403 9.29 -24.05 54.08
CA PRO D 403 7.99 -24.73 54.10
C PRO D 403 7.93 -25.92 55.04
N ASN D 404 9.07 -26.44 55.49
CA ASN D 404 9.10 -27.58 56.39
C ASN D 404 8.81 -27.19 57.84
N ILE D 405 9.05 -25.94 58.21
CA ILE D 405 8.95 -25.50 59.60
C ILE D 405 7.56 -24.93 59.86
N THR D 406 7.04 -25.19 61.05
CA THR D 406 5.75 -24.67 61.48
C THR D 406 5.98 -23.71 62.65
N VAL D 407 5.51 -22.47 62.50
CA VAL D 407 5.64 -21.45 63.53
C VAL D 407 4.24 -21.00 63.94
N THR D 408 4.02 -20.90 65.24
CA THR D 408 2.72 -20.50 65.79
C THR D 408 2.93 -19.48 66.89
N ASP D 409 1.93 -18.60 67.05
CA ASP D 409 2.02 -17.54 68.05
C ASP D 409 1.97 -18.11 69.47
N TYR D 410 0.90 -18.82 69.79
CA TYR D 410 0.79 -19.46 71.10
C TYR D 410 0.67 -20.98 70.93
N PRO D 411 1.22 -21.75 71.87
CA PRO D 411 1.36 -23.20 71.64
C PRO D 411 0.05 -23.94 71.42
N LYS D 412 -1.03 -23.49 72.05
CA LYS D 412 -2.29 -24.24 72.00
C LYS D 412 -2.94 -24.20 70.63
N GLN D 413 -2.53 -23.27 69.76
CA GLN D 413 -3.25 -23.07 68.50
C GLN D 413 -2.76 -24.04 67.43
N ILE D 414 -3.65 -24.34 66.49
CA ILE D 414 -3.33 -25.18 65.34
C ILE D 414 -2.68 -24.32 64.27
N PHE D 415 -1.66 -24.88 63.62
CA PHE D 415 -0.91 -24.14 62.60
C PHE D 415 -1.80 -23.71 61.44
N ARG D 416 -2.81 -24.50 61.10
CA ARG D 416 -3.68 -24.15 59.98
C ARG D 416 -4.55 -22.94 60.30
N VAL D 417 -4.92 -22.75 61.57
CA VAL D 417 -5.60 -21.53 61.97
C VAL D 417 -4.72 -20.32 61.71
N LYS D 418 -3.42 -20.45 62.01
CA LYS D 418 -2.47 -19.38 61.74
C LYS D 418 -2.31 -19.15 60.24
N THR D 419 -2.37 -20.21 59.45
CA THR D 419 -2.11 -20.10 58.02
C THR D 419 -3.31 -19.56 57.25
N THR D 420 -4.53 -19.90 57.65
CA THR D 420 -5.72 -19.62 56.86
C THR D 420 -6.56 -18.47 57.38
N GLN D 421 -6.12 -17.78 58.43
CA GLN D 421 -6.91 -16.69 58.97
C GLN D 421 -6.91 -15.50 58.02
N PHE D 422 -8.01 -14.75 58.03
CA PHE D 422 -8.18 -13.61 57.15
C PHE D 422 -7.52 -12.37 57.73
N THR D 423 -6.53 -11.83 57.02
CA THR D 423 -5.97 -10.55 57.39
C THR D 423 -6.92 -9.43 56.97
N TRP D 424 -6.62 -8.22 57.44
CA TRP D 424 -7.53 -7.09 57.23
C TRP D 424 -7.63 -6.71 55.76
N THR D 425 -6.49 -6.59 55.07
CA THR D 425 -6.51 -6.26 53.65
C THR D 425 -7.24 -7.33 52.86
N GLU D 426 -7.17 -8.59 53.28
CA GLU D 426 -7.89 -9.64 52.58
C GLU D 426 -9.39 -9.49 52.75
N MET D 427 -9.86 -9.12 53.95
CA MET D 427 -11.28 -8.86 54.13
C MET D 427 -11.74 -7.63 53.35
N LEU D 428 -10.86 -6.63 53.23
CA LEU D 428 -11.17 -5.49 52.37
C LEU D 428 -11.37 -5.94 50.93
N ILE D 429 -10.44 -6.77 50.43
CA ILE D 429 -10.60 -7.34 49.09
C ILE D 429 -11.90 -8.14 48.99
N MET D 430 -12.26 -8.85 50.06
CA MET D 430 -13.47 -9.69 50.02
C MET D 430 -14.73 -8.86 49.87
N VAL D 431 -14.91 -7.87 50.75
CA VAL D 431 -16.09 -7.00 50.65
C VAL D 431 -16.06 -6.22 49.34
N TRP D 432 -14.86 -5.92 48.84
CA TRP D 432 -14.73 -5.28 47.54
C TRP D 432 -15.30 -6.16 46.43
N VAL D 433 -14.92 -7.44 46.43
CA VAL D 433 -15.43 -8.37 45.42
C VAL D 433 -16.93 -8.54 45.57
N LEU D 434 -17.43 -8.54 46.80
CA LEU D 434 -18.87 -8.64 46.99
C LEU D 434 -19.59 -7.43 46.40
N GLY D 435 -19.04 -6.23 46.58
CA GLY D 435 -19.65 -5.05 45.98
C GLY D 435 -19.61 -5.07 44.47
N MET D 436 -18.47 -5.44 43.89
CA MET D 436 -18.38 -5.53 42.44
C MET D 436 -19.35 -6.57 41.89
N MET D 437 -19.50 -7.70 42.59
CA MET D 437 -20.43 -8.73 42.16
C MET D 437 -21.88 -8.24 42.27
N TRP D 438 -22.18 -7.45 43.29
CA TRP D 438 -23.52 -6.87 43.41
C TRP D 438 -23.81 -5.96 42.23
N SER D 439 -22.85 -5.09 41.87
CA SER D 439 -23.04 -4.21 40.72
C SER D 439 -23.23 -5.01 39.44
N GLU D 440 -22.40 -6.03 39.23
CA GLU D 440 -22.48 -6.81 38.00
C GLU D 440 -23.78 -7.59 37.93
N CYS D 441 -24.24 -8.15 39.05
CA CYS D 441 -25.51 -8.85 39.06
C CYS D 441 -26.70 -7.90 38.87
N LYS D 442 -26.58 -6.66 39.36
CA LYS D 442 -27.62 -5.68 39.11
C LYS D 442 -27.72 -5.37 37.61
N GLU D 443 -26.57 -5.16 36.96
CA GLU D 443 -26.60 -4.91 35.52
C GLU D 443 -27.06 -6.14 34.74
N LEU D 444 -26.75 -7.33 35.24
CA LEU D 444 -27.25 -8.56 34.62
C LEU D 444 -28.77 -8.65 34.72
N TRP D 445 -29.32 -8.35 35.89
CA TRP D 445 -30.76 -8.39 36.07
C TRP D 445 -31.46 -7.33 35.23
N LEU D 446 -30.81 -6.18 35.05
CA LEU D 446 -31.40 -5.12 34.23
C LEU D 446 -31.39 -5.49 32.76
N GLU D 447 -30.20 -5.78 32.21
CA GLU D 447 -30.09 -6.03 30.78
C GLU D 447 -30.60 -7.40 30.36
N GLY D 448 -30.66 -8.37 31.28
CA GLY D 448 -31.09 -9.70 30.95
C GLY D 448 -29.93 -10.57 30.50
N PRO D 449 -29.99 -11.87 30.85
CA PRO D 449 -28.83 -12.75 30.54
C PRO D 449 -28.48 -12.82 29.07
N ARG D 450 -29.48 -12.83 28.19
CA ARG D 450 -29.22 -12.96 26.76
C ARG D 450 -28.35 -11.82 26.25
N GLU D 451 -28.76 -10.59 26.52
CA GLU D 451 -27.97 -9.43 26.10
C GLU D 451 -26.69 -9.30 26.93
N TYR D 452 -26.71 -9.78 28.17
CA TYR D 452 -25.56 -9.66 29.05
C TYR D 452 -24.40 -10.53 28.57
N ILE D 453 -24.71 -11.72 28.05
CA ILE D 453 -23.64 -12.64 27.64
C ILE D 453 -23.02 -12.24 26.31
N LEU D 454 -23.72 -11.44 25.49
CA LEU D 454 -23.25 -11.12 24.15
C LEU D 454 -21.87 -10.46 24.18
N GLN D 455 -21.69 -9.45 25.03
CA GLN D 455 -20.39 -8.80 25.14
C GLN D 455 -19.40 -9.75 25.83
N LEU D 456 -18.33 -10.11 25.13
CA LEU D 456 -17.38 -11.07 25.68
C LEU D 456 -16.61 -10.50 26.86
N TRP D 457 -16.34 -9.19 26.86
CA TRP D 457 -15.61 -8.60 27.97
C TRP D 457 -16.41 -8.64 29.26
N ASN D 458 -17.74 -8.50 29.16
CA ASN D 458 -18.58 -8.65 30.34
C ASN D 458 -18.52 -10.07 30.88
N VAL D 459 -18.44 -11.06 29.98
CA VAL D 459 -18.25 -12.44 30.40
C VAL D 459 -16.93 -12.61 31.13
N LEU D 460 -15.87 -11.98 30.60
CA LEU D 460 -14.57 -12.04 31.27
C LEU D 460 -14.65 -11.46 32.68
N ASP D 461 -15.31 -10.31 32.82
CA ASP D 461 -15.44 -9.67 34.13
C ASP D 461 -16.21 -10.54 35.10
N PHE D 462 -17.33 -11.12 34.65
CA PHE D 462 -18.12 -12.02 35.48
C PHE D 462 -17.29 -13.21 35.93
N GLY D 463 -16.52 -13.81 35.01
CA GLY D 463 -15.67 -14.93 35.38
C GLY D 463 -14.62 -14.56 36.40
N MET D 464 -13.99 -13.39 36.22
CA MET D 464 -12.98 -12.94 37.18
C MET D 464 -13.56 -12.79 38.58
N LEU D 465 -14.74 -12.15 38.68
CA LEU D 465 -15.37 -11.97 39.98
C LEU D 465 -15.71 -13.32 40.60
N SER D 466 -16.29 -14.22 39.81
CA SER D 466 -16.63 -15.55 40.34
C SER D 466 -15.39 -16.31 40.79
N ILE D 467 -14.25 -16.11 40.12
CA ILE D 467 -13.03 -16.82 40.50
C ILE D 467 -12.47 -16.28 41.80
N PHE D 468 -12.52 -14.95 41.99
CA PHE D 468 -12.16 -14.40 43.30
C PHE D 468 -13.03 -15.01 44.40
N ILE D 469 -14.34 -15.08 44.15
CA ILE D 469 -15.26 -15.66 45.13
C ILE D 469 -14.88 -17.12 45.42
N ALA D 470 -14.55 -17.88 44.38
CA ALA D 470 -14.21 -19.29 44.56
C ALA D 470 -12.93 -19.45 45.39
N ALA D 471 -11.92 -18.62 45.11
CA ALA D 471 -10.69 -18.67 45.89
C ALA D 471 -10.98 -18.41 47.36
N PHE D 472 -11.76 -17.37 47.66
CA PHE D 472 -12.05 -17.07 49.06
C PHE D 472 -12.90 -18.14 49.71
N THR D 473 -13.79 -18.78 48.94
CA THR D 473 -14.61 -19.86 49.50
C THR D 473 -13.75 -21.07 49.87
N ALA D 474 -12.82 -21.44 49.00
CA ALA D 474 -11.91 -22.53 49.32
C ALA D 474 -11.06 -22.20 50.54
N ARG D 475 -10.57 -20.96 50.60
CA ARG D 475 -9.81 -20.52 51.77
C ARG D 475 -10.65 -20.63 53.04
N PHE D 476 -11.93 -20.27 52.97
CA PHE D 476 -12.79 -20.32 54.14
C PHE D 476 -13.11 -21.75 54.55
N LEU D 477 -13.23 -22.67 53.58
CA LEU D 477 -13.42 -24.07 53.95
C LEU D 477 -12.18 -24.63 54.64
N ALA D 478 -11.00 -24.31 54.10
CA ALA D 478 -9.75 -24.68 54.77
C ALA D 478 -9.72 -24.13 56.19
N PHE D 479 -10.14 -22.87 56.36
CA PHE D 479 -10.11 -22.26 57.70
C PHE D 479 -11.17 -22.87 58.62
N LEU D 480 -12.30 -23.33 58.07
CA LEU D 480 -13.29 -23.98 58.90
C LEU D 480 -12.77 -25.31 59.43
N GLN D 481 -12.16 -26.10 58.55
CA GLN D 481 -11.50 -27.32 59.02
C GLN D 481 -10.39 -26.99 60.03
N ALA D 482 -9.67 -25.89 59.80
CA ALA D 482 -8.61 -25.48 60.71
C ALA D 482 -9.15 -25.13 62.08
N THR D 483 -10.18 -24.29 62.15
CA THR D 483 -10.73 -23.88 63.43
C THR D 483 -11.48 -25.02 64.12
N LYS D 484 -12.01 -26.00 63.37
CA LYS D 484 -12.63 -27.17 63.99
C LYS D 484 -11.59 -28.09 64.60
N ALA D 485 -10.48 -28.36 63.88
CA ALA D 485 -9.38 -29.10 64.47
C ALA D 485 -8.80 -28.35 65.67
N GLN D 486 -8.74 -27.02 65.58
CA GLN D 486 -8.28 -26.22 66.71
C GLN D 486 -9.20 -26.36 67.90
N GLN D 487 -10.51 -26.33 67.67
CA GLN D 487 -11.47 -26.52 68.74
C GLN D 487 -11.31 -27.89 69.38
N TYR D 488 -11.13 -28.92 68.56
CA TYR D 488 -10.90 -30.27 69.09
C TYR D 488 -9.65 -30.30 69.96
N VAL D 489 -8.54 -29.74 69.46
CA VAL D 489 -7.28 -29.78 70.20
C VAL D 489 -7.40 -29.02 71.52
N ASP D 490 -7.97 -27.83 71.47
CA ASP D 490 -8.09 -27.02 72.68
C ASP D 490 -9.09 -27.62 73.66
N SER D 491 -10.07 -28.38 73.16
CA SER D 491 -11.12 -28.90 74.03
C SER D 491 -10.70 -30.19 74.72
N TYR D 492 -10.17 -31.16 73.96
CA TYR D 492 -10.01 -32.50 74.49
C TYR D 492 -8.64 -32.81 75.04
N VAL D 493 -7.56 -32.27 74.47
CA VAL D 493 -6.22 -32.60 74.93
C VAL D 493 -5.65 -31.44 75.74
N GLN D 494 -4.83 -31.78 76.72
CA GLN D 494 -4.21 -30.81 77.62
C GLN D 494 -2.71 -31.08 77.67
N GLU D 495 -1.92 -30.05 77.37
CA GLU D 495 -0.46 -30.14 77.41
C GLU D 495 0.09 -28.74 77.23
N SER D 496 1.42 -28.64 77.34
CA SER D 496 2.10 -27.36 77.13
C SER D 496 2.30 -27.09 75.65
N ASP D 497 2.97 -28.01 74.95
CA ASP D 497 3.23 -27.89 73.53
C ASP D 497 2.50 -28.99 72.78
N LEU D 498 2.01 -28.67 71.59
CA LEU D 498 1.26 -29.64 70.79
C LEU D 498 2.18 -30.70 70.19
N SER D 499 3.43 -30.35 69.91
CA SER D 499 4.32 -31.26 69.20
C SER D 499 4.54 -32.55 69.97
N GLU D 500 4.66 -32.47 71.30
CA GLU D 500 4.89 -33.65 72.10
C GLU D 500 3.67 -34.59 72.13
N VAL D 501 2.49 -34.06 71.86
CA VAL D 501 1.26 -34.85 71.96
C VAL D 501 1.06 -35.66 70.69
N THR D 502 0.49 -36.85 70.84
CA THR D 502 0.01 -37.65 69.71
C THR D 502 -1.50 -37.49 69.62
N LEU D 503 -1.99 -37.16 68.43
CA LEU D 503 -3.39 -36.84 68.20
C LEU D 503 -4.04 -37.87 67.29
N PRO D 504 -5.36 -37.93 67.25
CA PRO D 504 -6.05 -38.73 66.24
C PRO D 504 -5.58 -38.33 64.85
N PRO D 505 -5.40 -39.29 63.94
CA PRO D 505 -4.75 -38.97 62.67
C PRO D 505 -5.53 -37.98 61.82
N GLU D 506 -6.84 -38.20 61.67
CA GLU D 506 -7.66 -37.26 60.90
C GLU D 506 -7.55 -35.85 61.44
N ILE D 507 -7.37 -35.69 62.76
CA ILE D 507 -7.20 -34.36 63.34
C ILE D 507 -5.75 -33.92 63.29
N GLN D 508 -4.81 -34.85 63.52
CA GLN D 508 -3.38 -34.53 63.54
C GLN D 508 -2.87 -34.06 62.18
N TYR D 509 -3.57 -34.41 61.09
CA TYR D 509 -3.14 -33.96 59.78
C TYR D 509 -3.00 -32.45 59.69
N PHE D 510 -3.81 -31.71 60.45
CA PHE D 510 -3.79 -30.26 60.37
C PHE D 510 -2.60 -29.62 61.08
N THR D 511 -1.68 -30.43 61.63
CA THR D 511 -0.45 -29.93 62.20
C THR D 511 0.73 -29.99 61.22
N TYR D 512 0.52 -30.60 60.05
CA TYR D 512 1.60 -30.79 59.09
C TYR D 512 2.00 -29.47 58.44
N ALA D 513 3.21 -29.45 57.91
CA ALA D 513 3.77 -28.27 57.27
C ALA D 513 3.33 -28.22 55.81
N ARG D 514 3.94 -27.31 55.04
CA ARG D 514 3.52 -27.08 53.66
C ARG D 514 3.78 -28.32 52.80
N ASP D 515 4.92 -28.98 52.99
CA ASP D 515 5.30 -30.09 52.11
C ASP D 515 4.35 -31.27 52.28
N LYS D 516 3.97 -31.59 53.52
CA LYS D 516 3.12 -32.76 53.77
C LYS D 516 1.71 -32.59 53.24
N TRP D 517 1.30 -31.35 52.92
CA TRP D 517 -0.10 -31.07 52.59
C TRP D 517 -0.61 -31.96 51.45
N LEU D 518 -1.86 -32.38 51.58
CA LEU D 518 -2.49 -33.17 50.53
C LEU D 518 -2.58 -32.35 49.25
N PRO D 519 -2.39 -32.96 48.09
CA PRO D 519 -2.43 -32.19 46.84
C PRO D 519 -3.75 -31.47 46.59
N SER D 520 -4.85 -31.89 47.22
CA SER D 520 -6.16 -31.29 47.01
C SER D 520 -6.65 -30.50 48.21
N ASP D 521 -5.74 -29.89 48.96
CA ASP D 521 -6.15 -29.06 50.08
C ASP D 521 -6.88 -27.83 49.55
N PRO D 522 -7.96 -27.40 50.22
CA PRO D 522 -8.70 -26.23 49.71
C PRO D 522 -7.87 -24.96 49.68
N GLN D 523 -6.86 -24.82 50.54
CA GLN D 523 -6.04 -23.62 50.50
C GLN D 523 -5.14 -23.58 49.27
N ILE D 524 -4.72 -24.74 48.76
CA ILE D 524 -3.95 -24.79 47.53
C ILE D 524 -4.79 -24.29 46.36
N ILE D 525 -6.04 -24.78 46.28
CA ILE D 525 -6.98 -24.27 45.29
C ILE D 525 -7.18 -22.77 45.46
N SER D 526 -7.28 -22.31 46.70
CA SER D 526 -7.44 -20.88 46.97
C SER D 526 -6.27 -20.09 46.40
N GLU D 527 -5.04 -20.55 46.66
CA GLU D 527 -3.86 -19.83 46.18
C GLU D 527 -3.81 -19.79 44.66
N GLY D 528 -4.07 -20.94 44.01
CA GLY D 528 -4.05 -20.96 42.56
C GLY D 528 -5.09 -20.05 41.94
N LEU D 529 -6.34 -20.17 42.39
CA LEU D 529 -7.41 -19.33 41.86
C LEU D 529 -7.16 -17.86 42.17
N TYR D 530 -6.53 -17.55 43.31
CA TYR D 530 -6.25 -16.16 43.64
C TYR D 530 -5.18 -15.59 42.72
N ALA D 531 -4.16 -16.38 42.39
CA ALA D 531 -3.16 -15.92 41.43
C ALA D 531 -3.79 -15.67 40.07
N ILE D 532 -4.61 -16.61 39.59
CA ILE D 532 -5.30 -16.41 38.32
C ILE D 532 -6.17 -15.16 38.38
N ALA D 533 -6.86 -14.94 39.49
CA ALA D 533 -7.76 -13.80 39.63
C ALA D 533 -6.99 -12.49 39.63
N VAL D 534 -5.80 -12.46 40.22
CA VAL D 534 -4.99 -11.25 40.20
C VAL D 534 -4.53 -10.97 38.77
N VAL D 535 -4.04 -12.00 38.07
CA VAL D 535 -3.60 -11.81 36.69
C VAL D 535 -4.74 -11.29 35.83
N LEU D 536 -5.95 -11.79 36.06
CA LEU D 536 -7.09 -11.33 35.27
C LEU D 536 -7.58 -9.94 35.69
N SER D 537 -7.51 -9.63 36.99
CA SER D 537 -7.96 -8.33 37.45
C SER D 537 -7.07 -7.22 36.95
N PHE D 538 -5.78 -7.50 36.76
CA PHE D 538 -4.91 -6.48 36.17
C PHE D 538 -5.31 -6.09 34.75
N SER D 539 -6.22 -6.84 34.11
CA SER D 539 -6.62 -6.56 32.73
C SER D 539 -7.72 -5.50 32.63
N ARG D 540 -8.27 -5.03 33.75
CA ARG D 540 -9.34 -4.05 33.72
C ARG D 540 -8.88 -2.66 33.30
N ILE D 541 -7.60 -2.47 33.00
CA ILE D 541 -7.12 -1.21 32.43
C ILE D 541 -7.69 -0.96 31.06
N ALA D 542 -8.36 -1.95 30.46
CA ALA D 542 -9.03 -1.74 29.19
C ALA D 542 -10.25 -0.85 29.34
N TYR D 543 -10.85 -0.80 30.53
CA TYR D 543 -11.95 0.11 30.79
C TYR D 543 -11.48 1.56 30.93
N ILE D 544 -10.18 1.77 31.17
CA ILE D 544 -9.66 3.09 31.46
C ILE D 544 -8.83 3.66 30.32
N LEU D 545 -8.11 2.83 29.57
CA LEU D 545 -7.21 3.35 28.53
C LEU D 545 -7.89 4.15 27.42
N PRO D 546 -9.07 3.79 26.91
CA PRO D 546 -9.62 4.55 25.77
C PRO D 546 -9.79 6.04 26.03
N ALA D 547 -9.88 6.47 27.29
CA ALA D 547 -10.01 7.90 27.57
C ALA D 547 -8.76 8.67 27.15
N ASN D 548 -7.60 8.03 27.15
CA ASN D 548 -6.36 8.69 26.78
C ASN D 548 -6.25 8.76 25.25
N GLU D 549 -6.04 9.97 24.74
CA GLU D 549 -5.85 10.11 23.30
C GLU D 549 -4.59 9.39 22.82
N SER D 550 -3.61 9.22 23.72
CA SER D 550 -2.38 8.54 23.34
C SER D 550 -2.58 7.03 23.26
N PHE D 551 -3.35 6.46 24.17
CA PHE D 551 -3.43 5.01 24.34
C PHE D 551 -4.71 4.40 23.77
N GLY D 552 -5.71 5.21 23.45
CA GLY D 552 -6.95 4.72 22.89
C GLY D 552 -6.80 3.96 21.60
N PRO D 553 -6.27 4.62 20.56
CA PRO D 553 -6.09 3.93 19.27
C PRO D 553 -5.27 2.65 19.36
N LEU D 554 -4.25 2.64 20.23
CA LEU D 554 -3.48 1.41 20.46
C LEU D 554 -4.40 0.27 20.91
N GLN D 555 -5.20 0.52 21.93
CA GLN D 555 -6.07 -0.54 22.47
C GLN D 555 -7.11 -0.96 21.46
N ILE D 556 -7.57 -0.03 20.63
CA ILE D 556 -8.52 -0.39 19.58
C ILE D 556 -7.88 -1.36 18.59
N SER D 557 -6.66 -1.04 18.14
CA SER D 557 -5.95 -1.95 17.25
C SER D 557 -5.68 -3.29 17.91
N LEU D 558 -5.50 -3.29 19.23
CA LEU D 558 -5.27 -4.54 19.96
C LEU D 558 -6.51 -5.43 19.89
N GLY D 559 -7.67 -4.88 20.23
CA GLY D 559 -8.91 -5.63 20.06
C GLY D 559 -9.07 -6.16 18.65
N ARG D 560 -8.76 -5.32 17.66
CA ARG D 560 -8.88 -5.73 16.26
C ARG D 560 -8.00 -6.93 15.95
N THR D 561 -6.70 -6.82 16.25
CA THR D 561 -5.78 -7.90 15.87
C THR D 561 -6.08 -9.19 16.66
N VAL D 562 -6.59 -9.08 17.88
CA VAL D 562 -6.98 -10.28 18.63
C VAL D 562 -8.15 -10.96 17.94
N LYS D 563 -9.20 -10.19 17.64
CA LYS D 563 -10.35 -10.73 16.91
C LYS D 563 -9.92 -11.40 15.62
N ASP D 564 -8.92 -10.84 14.94
CA ASP D 564 -8.47 -11.43 13.68
C ASP D 564 -7.73 -12.75 13.92
N ILE D 565 -6.70 -12.73 14.75
CA ILE D 565 -5.83 -13.90 14.90
C ILE D 565 -6.49 -15.05 15.64
N PHE D 566 -7.67 -14.84 16.23
CA PHE D 566 -8.40 -15.98 16.80
C PHE D 566 -8.59 -17.11 15.77
N LYS D 567 -8.85 -16.75 14.51
CA LYS D 567 -9.12 -17.74 13.48
C LYS D 567 -7.87 -18.58 13.18
N PHE D 568 -6.73 -17.91 13.01
CA PHE D 568 -5.48 -18.64 12.81
C PHE D 568 -5.12 -19.45 14.03
N MET D 569 -5.51 -18.99 15.23
CA MET D 569 -5.32 -19.82 16.41
C MET D 569 -6.13 -21.11 16.32
N VAL D 570 -7.35 -21.03 15.80
CA VAL D 570 -8.17 -22.22 15.62
C VAL D 570 -7.50 -23.19 14.64
N LEU D 571 -7.02 -22.66 13.51
CA LEU D 571 -6.36 -23.51 12.52
C LEU D 571 -5.09 -24.15 13.08
N PHE D 572 -4.33 -23.36 13.85
CA PHE D 572 -3.12 -23.88 14.48
C PHE D 572 -3.45 -24.94 15.52
N ILE D 573 -4.57 -24.78 16.23
CA ILE D 573 -5.04 -25.83 17.13
C ILE D 573 -5.27 -27.12 16.35
N MET D 574 -5.91 -27.01 15.19
CA MET D 574 -6.15 -28.22 14.38
C MET D 574 -4.84 -28.92 14.00
N VAL D 575 -3.91 -28.16 13.41
CA VAL D 575 -2.67 -28.80 12.94
C VAL D 575 -1.83 -29.32 14.13
N PHE D 576 -1.84 -28.57 15.24
CA PHE D 576 -1.09 -28.97 16.42
C PHE D 576 -1.65 -30.26 17.01
N PHE D 577 -2.97 -30.36 17.09
CA PHE D 577 -3.60 -31.61 17.55
C PHE D 577 -3.24 -32.77 16.63
N ALA D 578 -3.25 -32.52 15.31
CA ALA D 578 -2.79 -33.53 14.36
C ALA D 578 -1.42 -34.08 14.74
N PHE D 579 -0.44 -33.18 14.81
CA PHE D 579 0.94 -33.62 15.06
C PHE D 579 1.09 -34.25 16.44
N MET D 580 0.35 -33.72 17.43
CA MET D 580 0.41 -34.27 18.78
C MET D 580 -0.04 -35.72 18.80
N ILE D 581 -1.21 -35.99 18.24
CA ILE D 581 -1.72 -37.36 18.24
C ILE D 581 -0.79 -38.28 17.46
N GLY D 582 -0.27 -37.80 16.33
CA GLY D 582 0.68 -38.58 15.57
C GLY D 582 1.90 -39.00 16.35
N MET D 583 2.61 -38.02 16.91
CA MET D 583 3.84 -38.34 17.64
C MET D 583 3.55 -39.12 18.91
N PHE D 584 2.40 -38.89 19.55
CA PHE D 584 2.03 -39.67 20.73
C PHE D 584 1.85 -41.14 20.37
N ILE D 585 1.10 -41.41 19.31
CA ILE D 585 0.94 -42.80 18.87
C ILE D 585 2.28 -43.39 18.46
N LEU D 586 3.18 -42.56 17.92
CA LEU D 586 4.49 -43.07 17.52
C LEU D 586 5.32 -43.51 18.72
N TYR D 587 5.44 -42.66 19.74
CA TYR D 587 6.43 -42.86 20.79
C TYR D 587 5.88 -43.48 22.07
N SER D 588 4.57 -43.73 22.15
CA SER D 588 3.96 -44.09 23.43
C SER D 588 4.56 -45.35 24.03
N TYR D 589 5.06 -46.26 23.21
CA TYR D 589 5.55 -47.54 23.71
C TYR D 589 6.91 -47.44 24.39
N TYR D 590 7.65 -46.37 24.16
CA TYR D 590 8.98 -46.21 24.76
C TYR D 590 8.89 -45.30 25.99
N LEU D 591 8.19 -45.80 27.01
CA LEU D 591 8.05 -45.04 28.26
C LEU D 591 9.38 -44.93 28.98
N GLY D 592 10.09 -46.04 29.13
CA GLY D 592 11.37 -46.02 29.83
C GLY D 592 12.54 -46.32 28.92
N ALA D 593 12.46 -45.89 27.65
CA ALA D 593 13.51 -46.11 26.68
C ALA D 593 13.91 -44.83 25.97
N LYS D 594 13.63 -43.69 26.56
CA LYS D 594 13.93 -42.39 25.96
C LYS D 594 14.85 -41.59 26.87
N VAL D 595 15.38 -40.50 26.33
CA VAL D 595 16.20 -39.58 27.10
C VAL D 595 15.37 -38.95 28.21
N ASN D 596 14.26 -38.31 27.84
CA ASN D 596 13.28 -37.79 28.77
C ASN D 596 11.92 -38.40 28.46
N ALA D 597 10.89 -37.92 29.14
CA ALA D 597 9.54 -38.47 29.03
C ALA D 597 8.66 -37.64 28.11
N ALA D 598 9.25 -36.97 27.11
CA ALA D 598 8.53 -35.92 26.38
C ALA D 598 7.26 -36.46 25.71
N PHE D 599 7.39 -37.41 24.79
CA PHE D 599 6.27 -37.89 23.99
C PHE D 599 5.73 -39.23 24.47
N THR D 600 5.83 -39.52 25.76
CA THR D 600 5.37 -40.80 26.27
C THR D 600 3.85 -40.80 26.49
N THR D 601 3.31 -39.74 27.05
CA THR D 601 1.89 -39.63 27.35
C THR D 601 1.27 -38.51 26.52
N VAL D 602 -0.05 -38.39 26.64
CA VAL D 602 -0.77 -37.35 25.90
C VAL D 602 -0.42 -35.98 26.43
N GLU D 603 -0.55 -35.78 27.75
CA GLU D 603 -0.32 -34.47 28.33
C GLU D 603 1.12 -34.02 28.15
N GLU D 604 2.07 -34.93 28.32
CA GLU D 604 3.48 -34.55 28.17
C GLU D 604 3.83 -34.27 26.71
N SER D 605 3.22 -35.02 25.78
CA SER D 605 3.39 -34.71 24.37
C SER D 605 2.85 -33.33 24.05
N PHE D 606 1.67 -33.00 24.60
CA PHE D 606 1.11 -31.67 24.44
C PHE D 606 2.06 -30.61 24.97
N LYS D 607 2.59 -30.81 26.18
CA LYS D 607 3.52 -29.86 26.77
C LYS D 607 4.74 -29.65 25.89
N THR D 608 5.37 -30.76 25.46
CA THR D 608 6.58 -30.65 24.64
C THR D 608 6.30 -29.93 23.33
N LEU D 609 5.24 -30.35 22.62
CA LEU D 609 4.97 -29.75 21.31
C LEU D 609 4.55 -28.29 21.44
N PHE D 610 3.81 -27.94 22.50
CA PHE D 610 3.44 -26.53 22.69
C PHE D 610 4.66 -25.68 23.00
N TRP D 611 5.52 -26.15 23.92
CA TRP D 611 6.71 -25.37 24.25
C TRP D 611 7.70 -25.32 23.10
N SER D 612 7.55 -26.21 22.12
CA SER D 612 8.35 -26.13 20.90
C SER D 612 8.01 -24.92 20.06
N ILE D 613 6.84 -24.31 20.28
CA ILE D 613 6.44 -23.13 19.51
C ILE D 613 7.40 -21.97 19.79
N PHE D 614 7.78 -21.80 21.05
CA PHE D 614 8.66 -20.72 21.46
C PHE D 614 10.12 -21.14 21.54
N GLY D 615 10.47 -22.29 20.94
CA GLY D 615 11.84 -22.76 20.96
C GLY D 615 12.35 -23.13 22.34
N LEU D 616 11.47 -23.34 23.30
CA LEU D 616 11.84 -23.67 24.66
C LEU D 616 11.95 -25.17 24.91
N SER D 617 11.85 -25.98 23.86
CA SER D 617 11.95 -27.43 23.96
C SER D 617 13.20 -27.90 23.23
N GLU D 618 13.98 -28.75 23.87
CA GLU D 618 15.21 -29.24 23.26
C GLU D 618 14.90 -30.32 22.23
N VAL D 619 15.88 -30.55 21.36
CA VAL D 619 15.73 -31.54 20.29
C VAL D 619 16.17 -32.93 20.75
N THR D 620 16.72 -33.06 21.95
CA THR D 620 17.07 -34.37 22.48
C THR D 620 15.84 -35.16 22.93
N SER D 621 14.66 -34.54 22.94
CA SER D 621 13.45 -35.25 23.35
C SER D 621 13.09 -36.34 22.36
N VAL D 622 13.54 -36.22 21.11
CA VAL D 622 13.20 -37.19 20.08
C VAL D 622 14.07 -38.44 20.14
N VAL D 623 15.27 -38.33 20.70
CA VAL D 623 16.24 -39.42 20.65
C VAL D 623 15.77 -40.59 21.52
N LEU D 624 16.02 -41.80 21.03
CA LEU D 624 15.72 -43.03 21.74
C LEU D 624 16.99 -43.61 22.38
N LYS D 625 16.79 -44.46 23.38
CA LYS D 625 17.92 -45.16 24.00
C LYS D 625 18.31 -46.40 23.20
N TYR D 626 17.36 -47.05 22.55
CA TYR D 626 17.62 -48.30 21.84
C TYR D 626 18.24 -47.99 20.47
N ASP D 627 18.35 -49.03 19.64
CA ASP D 627 18.89 -48.91 18.29
C ASP D 627 17.80 -48.99 17.23
N HIS D 628 16.60 -48.51 17.55
CA HIS D 628 15.51 -48.43 16.57
C HIS D 628 15.68 -47.14 15.78
N LYS D 629 16.61 -47.18 14.82
CA LYS D 629 16.95 -45.98 14.06
C LYS D 629 15.78 -45.46 13.24
N PHE D 630 14.93 -46.37 12.74
CA PHE D 630 13.82 -45.95 11.89
C PHE D 630 12.85 -45.06 12.66
N ILE D 631 12.51 -45.45 13.89
CA ILE D 631 11.52 -44.70 14.67
C ILE D 631 12.05 -43.31 15.01
N GLU D 632 13.31 -43.22 15.43
CA GLU D 632 13.86 -41.91 15.77
C GLU D 632 14.07 -41.04 14.54
N ASN D 633 14.37 -41.64 13.38
CA ASN D 633 14.44 -40.85 12.16
C ASN D 633 13.08 -40.29 11.79
N ILE D 634 12.03 -41.11 11.90
CA ILE D 634 10.68 -40.62 11.66
C ILE D 634 10.32 -39.53 12.66
N GLY D 635 10.80 -39.66 13.89
CA GLY D 635 10.56 -38.61 14.89
C GLY D 635 11.22 -37.30 14.50
N TYR D 636 12.49 -37.36 14.09
CA TYR D 636 13.17 -36.18 13.58
C TYR D 636 12.37 -35.53 12.45
N VAL D 637 11.96 -36.34 11.47
CA VAL D 637 11.25 -35.83 10.30
C VAL D 637 9.95 -35.16 10.71
N LEU D 638 9.17 -35.84 11.56
CA LEU D 638 7.87 -35.29 11.94
C LEU D 638 8.01 -34.01 12.77
N TYR D 639 8.99 -33.97 13.69
CA TYR D 639 9.18 -32.77 14.51
C TYR D 639 9.65 -31.59 13.66
N GLY D 640 10.57 -31.84 12.73
CA GLY D 640 11.01 -30.78 11.83
C GLY D 640 9.89 -30.28 10.94
N ILE D 641 9.08 -31.19 10.40
CA ILE D 641 7.95 -30.80 9.57
C ILE D 641 6.94 -30.00 10.39
N TYR D 642 6.75 -30.40 11.66
CA TYR D 642 5.87 -29.64 12.54
C TYR D 642 6.36 -28.21 12.71
N ASN D 643 7.66 -28.05 12.99
CA ASN D 643 8.20 -26.70 13.17
C ASN D 643 8.07 -25.88 11.90
N VAL D 644 8.34 -26.49 10.75
CA VAL D 644 8.25 -25.76 9.48
C VAL D 644 6.80 -25.33 9.22
N THR D 645 5.84 -26.23 9.47
CA THR D 645 4.44 -25.88 9.26
C THR D 645 3.98 -24.80 10.23
N MET D 646 4.51 -24.83 11.45
CA MET D 646 4.22 -23.76 12.41
C MET D 646 4.70 -22.41 11.87
N VAL D 647 5.93 -22.38 11.34
CA VAL D 647 6.46 -21.14 10.76
C VAL D 647 5.60 -20.68 9.59
N VAL D 648 5.16 -21.63 8.74
CA VAL D 648 4.34 -21.28 7.59
C VAL D 648 3.02 -20.65 8.03
N VAL D 649 2.34 -21.29 8.99
CA VAL D 649 1.08 -20.76 9.48
C VAL D 649 1.28 -19.39 10.12
N LEU D 650 2.38 -19.20 10.86
CA LEU D 650 2.59 -17.93 11.54
C LEU D 650 2.80 -16.80 10.54
N LEU D 651 3.61 -17.06 9.51
CA LEU D 651 3.83 -16.08 8.44
C LEU D 651 2.51 -15.72 7.75
N ASN D 652 1.73 -16.73 7.36
CA ASN D 652 0.46 -16.45 6.71
C ASN D 652 -0.47 -15.62 7.59
N MET D 653 -0.48 -15.89 8.89
CA MET D 653 -1.36 -15.12 9.77
C MET D 653 -0.91 -13.67 9.82
N LEU D 654 0.38 -13.45 10.11
CA LEU D 654 0.92 -12.10 10.13
C LEU D 654 0.55 -11.36 8.86
N ILE D 655 0.48 -12.06 7.74
CA ILE D 655 0.38 -11.30 6.48
C ILE D 655 -1.07 -11.14 6.01
N ALA D 656 -1.90 -12.18 6.17
CA ALA D 656 -3.32 -11.91 6.04
C ALA D 656 -3.71 -10.70 6.91
N MET D 657 -3.03 -10.54 8.04
CA MET D 657 -3.34 -9.41 8.93
C MET D 657 -2.87 -8.10 8.33
N ILE D 658 -1.62 -8.08 7.87
CA ILE D 658 -1.08 -6.89 7.24
C ILE D 658 -1.95 -6.48 6.04
N ASN D 659 -2.50 -7.46 5.31
CA ASN D 659 -3.35 -7.11 4.18
C ASN D 659 -4.66 -6.49 4.64
N SER D 660 -5.30 -7.10 5.65
CA SER D 660 -6.49 -6.50 6.25
C SER D 660 -6.20 -5.07 6.70
N SER D 661 -4.99 -4.80 7.14
CA SER D 661 -4.64 -3.47 7.60
C SER D 661 -4.49 -2.49 6.43
N TYR D 662 -3.80 -2.90 5.36
CA TYR D 662 -3.49 -1.97 4.28
C TYR D 662 -4.74 -1.45 3.58
N GLN D 663 -5.80 -2.27 3.50
CA GLN D 663 -7.05 -1.85 2.89
C GLN D 663 -7.91 -0.96 3.81
N GLU D 664 -7.35 -0.50 4.93
CA GLU D 664 -8.07 0.39 5.83
C GLU D 664 -7.19 1.57 6.24
N ASP D 668 -9.42 5.75 9.74
CA ASP D 668 -10.57 5.21 10.46
C ASP D 668 -10.18 4.81 11.88
N SER D 669 -8.87 4.84 12.16
CA SER D 669 -8.41 4.64 13.53
C SER D 669 -8.94 5.72 14.44
N ASP D 670 -8.92 6.97 13.98
CA ASP D 670 -9.49 8.07 14.74
C ASP D 670 -10.98 7.83 15.00
N VAL D 671 -11.72 7.46 13.96
CA VAL D 671 -13.16 7.25 14.09
C VAL D 671 -13.46 6.10 15.06
N GLU D 672 -12.70 5.00 14.95
CA GLU D 672 -12.94 3.86 15.81
C GLU D 672 -12.63 4.20 17.26
N TRP D 673 -11.49 4.83 17.52
CA TRP D 673 -11.15 5.21 18.88
C TRP D 673 -12.17 6.18 19.46
N LYS D 674 -12.64 7.14 18.66
CA LYS D 674 -13.61 8.09 19.17
C LYS D 674 -14.95 7.43 19.44
N PHE D 675 -15.34 6.46 18.63
CA PHE D 675 -16.57 5.70 18.92
C PHE D 675 -16.45 4.96 20.25
N ALA D 676 -15.32 4.29 20.47
CA ALA D 676 -15.13 3.57 21.73
C ALA D 676 -15.10 4.52 22.92
N ARG D 677 -14.38 5.64 22.80
CA ARG D 677 -14.31 6.60 23.89
C ARG D 677 -15.66 7.26 24.14
N SER D 678 -16.48 7.43 23.10
CA SER D 678 -17.81 7.98 23.30
C SER D 678 -18.70 7.00 24.03
N LYS D 679 -18.58 5.70 23.74
CA LYS D 679 -19.27 4.69 24.54
C LYS D 679 -18.83 4.76 25.99
N LEU D 680 -17.53 4.87 26.23
CA LEU D 680 -17.01 5.00 27.58
C LEU D 680 -17.61 6.21 28.29
N TRP D 681 -17.66 7.35 27.60
CA TRP D 681 -18.25 8.55 28.17
C TRP D 681 -19.72 8.34 28.51
N LEU D 682 -20.50 7.87 27.53
CA LEU D 682 -21.94 7.71 27.71
C LEU D 682 -22.26 6.75 28.84
N SER D 683 -21.35 5.81 29.14
CA SER D 683 -21.59 4.92 30.27
C SER D 683 -21.68 5.68 31.60
N TYR D 684 -21.15 6.90 31.67
CA TYR D 684 -21.13 7.67 32.91
C TYR D 684 -22.12 8.82 32.94
N PHE D 685 -22.90 9.03 31.86
CA PHE D 685 -23.79 10.18 31.83
C PHE D 685 -25.03 9.96 32.71
N ASP D 686 -25.55 8.74 32.74
CA ASP D 686 -26.70 8.45 33.58
C ASP D 686 -26.33 8.65 35.05
N ASP D 687 -27.24 9.29 35.78
CA ASP D 687 -26.98 9.72 37.16
C ASP D 687 -26.71 8.54 38.09
N LEU D 691 -21.35 6.79 43.00
CA LEU D 691 -20.19 6.31 43.75
C LEU D 691 -19.66 5.01 43.17
N PRO D 692 -18.36 4.77 43.32
CA PRO D 692 -17.75 3.56 42.77
C PRO D 692 -18.32 2.31 43.41
N PRO D 693 -18.16 1.16 42.76
CA PRO D 693 -18.70 -0.11 43.30
C PRO D 693 -18.24 -0.39 44.72
N PRO D 694 -16.96 -0.15 45.09
CA PRO D 694 -16.57 -0.46 46.47
C PRO D 694 -17.33 0.34 47.52
N PHE D 695 -17.60 1.62 47.26
CA PHE D 695 -18.28 2.47 48.22
C PHE D 695 -19.79 2.51 48.03
N SER D 696 -20.31 1.98 46.92
CA SER D 696 -21.74 1.97 46.66
C SER D 696 -22.47 0.87 47.40
N LEU D 697 -21.80 0.15 48.31
CA LEU D 697 -22.49 -0.83 49.14
C LEU D 697 -23.46 -0.17 50.10
N VAL D 698 -23.09 0.99 50.64
CA VAL D 698 -23.96 1.70 51.58
C VAL D 698 -25.19 2.21 50.85
N PRO D 699 -26.41 1.97 51.36
CA PRO D 699 -27.64 2.44 50.73
C PRO D 699 -28.08 3.81 51.23
N GLN D 759 -48.39 26.30 13.60
CA GLN D 759 -48.66 24.93 13.20
C GLN D 759 -47.41 24.04 13.20
N PRO D 760 -46.28 24.52 12.67
CA PRO D 760 -45.04 23.75 12.82
C PRO D 760 -44.33 24.09 14.13
N THR D 761 -43.75 23.06 14.72
CA THR D 761 -42.97 23.21 15.95
C THR D 761 -41.50 23.39 15.61
N ARG D 762 -40.75 23.96 16.58
CA ARG D 762 -39.38 24.36 16.33
C ARG D 762 -38.53 23.21 15.79
N TYR D 763 -38.78 21.98 16.25
CA TYR D 763 -38.05 20.84 15.72
C TYR D 763 -38.34 20.65 14.24
N GLN D 764 -39.60 20.76 13.84
CA GLN D 764 -39.96 20.62 12.43
C GLN D 764 -39.32 21.73 11.59
N GLN D 765 -39.32 22.96 12.09
CA GLN D 765 -38.69 24.07 11.38
C GLN D 765 -37.19 23.82 11.20
N ILE D 766 -36.54 23.34 12.26
CA ILE D 766 -35.10 23.11 12.19
C ILE D 766 -34.78 21.97 11.24
N MET D 767 -35.57 20.89 11.26
CA MET D 767 -35.37 19.81 10.32
C MET D 767 -35.59 20.27 8.89
N LYS D 768 -36.59 21.12 8.66
CA LYS D 768 -36.82 21.68 7.34
C LYS D 768 -35.60 22.47 6.87
N ARG D 769 -35.09 23.36 7.72
CA ARG D 769 -33.88 24.11 7.40
C ARG D 769 -32.73 23.18 7.03
N LEU D 770 -32.46 22.20 7.89
CA LEU D 770 -31.30 21.34 7.71
C LEU D 770 -31.43 20.50 6.44
N ILE D 771 -32.63 20.03 6.13
CA ILE D 771 -32.80 19.18 4.95
C ILE D 771 -32.77 20.01 3.66
N LYS D 772 -33.28 21.24 3.68
CA LYS D 772 -33.08 22.11 2.52
C LYS D 772 -31.60 22.40 2.30
N ARG D 773 -30.88 22.70 3.39
CA ARG D 773 -29.45 22.89 3.32
C ARG D 773 -28.76 21.66 2.74
N TYR D 774 -29.21 20.46 3.15
CA TYR D 774 -28.61 19.23 2.65
C TYR D 774 -28.87 19.04 1.17
N VAL D 775 -30.09 19.33 0.70
CA VAL D 775 -30.39 19.17 -0.72
C VAL D 775 -29.52 20.11 -1.55
N LEU D 776 -29.41 21.37 -1.11
CA LEU D 776 -28.59 22.32 -1.86
C LEU D 776 -27.12 21.91 -1.84
N LYS D 777 -26.61 21.49 -0.67
CA LYS D 777 -25.22 21.08 -0.56
C LYS D 777 -24.94 19.83 -1.40
N ALA D 778 -25.90 18.91 -1.46
CA ALA D 778 -25.70 17.68 -2.23
C ALA D 778 -25.71 17.97 -3.72
N GLN D 779 -26.56 18.89 -4.17
CA GLN D 779 -26.51 19.29 -5.57
C GLN D 779 -25.20 19.99 -5.89
N VAL D 780 -24.70 20.81 -4.97
CA VAL D 780 -23.39 21.45 -5.17
C VAL D 780 -22.28 20.41 -5.28
N ASP D 781 -22.30 19.42 -4.38
CA ASP D 781 -21.29 18.37 -4.42
C ASP D 781 -21.42 17.52 -5.68
N LYS D 782 -22.64 17.35 -6.20
CA LYS D 782 -22.81 16.69 -7.48
C LYS D 782 -22.18 17.52 -8.60
N GLU D 783 -22.26 18.85 -8.49
CA GLU D 783 -21.59 19.71 -9.46
C GLU D 783 -20.07 19.58 -9.38
N ASN D 784 -19.52 19.04 -8.29
CA ASN D 784 -18.08 18.87 -8.14
C ASN D 784 -17.59 17.55 -8.71
N ASP D 785 -18.48 16.71 -9.22
CA ASP D 785 -18.05 15.47 -9.86
C ASP D 785 -17.38 15.77 -11.20
N GLU D 786 -16.40 14.93 -11.55
CA GLU D 786 -15.80 15.01 -12.87
C GLU D 786 -16.87 14.86 -13.94
N VAL D 787 -16.73 15.62 -15.03
CA VAL D 787 -17.63 15.43 -16.16
C VAL D 787 -17.30 14.11 -16.84
N ASN D 788 -18.33 13.44 -17.34
CA ASN D 788 -18.15 12.21 -18.09
C ASN D 788 -18.52 12.45 -19.55
N GLU D 789 -18.27 11.42 -20.37
CA GLU D 789 -18.42 11.56 -21.82
C GLU D 789 -19.84 11.90 -22.23
N GLY D 790 -20.84 11.39 -21.49
CA GLY D 790 -22.22 11.65 -21.86
C GLY D 790 -22.64 13.10 -21.62
N GLU D 791 -22.19 13.68 -20.51
CA GLU D 791 -22.48 15.08 -20.23
C GLU D 791 -21.90 16.00 -21.30
N LEU D 792 -20.85 15.58 -21.99
CA LEU D 792 -20.27 16.35 -23.08
C LEU D 792 -20.95 16.08 -24.41
N LYS D 793 -21.35 14.84 -24.66
CA LYS D 793 -22.15 14.54 -25.84
C LYS D 793 -23.46 15.32 -25.81
N GLU D 794 -24.01 15.54 -24.62
CA GLU D 794 -25.22 16.36 -24.51
C GLU D 794 -24.99 17.77 -25.03
N ILE D 795 -23.86 18.38 -24.66
CA ILE D 795 -23.55 19.73 -25.13
C ILE D 795 -23.24 19.72 -26.62
N LYS D 796 -22.62 18.65 -27.12
CA LYS D 796 -22.42 18.54 -28.56
C LYS D 796 -23.74 18.53 -29.31
N GLN D 797 -24.73 17.78 -28.79
CA GLN D 797 -26.05 17.77 -29.42
C GLN D 797 -26.73 19.12 -29.31
N ASP D 798 -26.54 19.81 -28.19
CA ASP D 798 -26.99 21.20 -28.06
C ASP D 798 -26.48 22.03 -29.24
N ILE D 799 -25.15 21.97 -29.46
CA ILE D 799 -24.54 22.76 -30.53
C ILE D 799 -25.11 22.36 -31.88
N SER D 800 -25.31 21.06 -32.10
CA SER D 800 -25.80 20.59 -33.40
C SER D 800 -27.21 21.11 -33.69
N SER D 801 -28.12 20.96 -32.71
CA SER D 801 -29.48 21.42 -32.92
C SER D 801 -29.52 22.94 -33.10
N LEU D 802 -28.69 23.66 -32.33
CA LEU D 802 -28.60 25.11 -32.50
C LEU D 802 -28.16 25.48 -33.92
N ARG D 803 -27.16 24.76 -34.44
CA ARG D 803 -26.69 25.01 -35.80
C ARG D 803 -27.83 24.80 -36.81
N TYR D 804 -28.55 23.69 -36.69
CA TYR D 804 -29.66 23.43 -37.61
C TYR D 804 -30.68 24.56 -37.58
N GLU D 805 -31.10 24.96 -36.37
CA GLU D 805 -32.10 26.00 -36.26
C GLU D 805 -31.62 27.32 -36.87
N LEU D 806 -30.38 27.71 -36.60
CA LEU D 806 -29.89 28.99 -37.10
C LEU D 806 -29.77 28.98 -38.62
N LEU D 807 -29.27 27.88 -39.20
CA LEU D 807 -29.16 27.84 -40.65
C LEU D 807 -30.54 27.87 -41.31
N GLU D 808 -31.52 27.20 -40.71
CA GLU D 808 -32.87 27.29 -41.28
C GLU D 808 -33.44 28.70 -41.18
N ASP D 809 -33.13 29.42 -40.11
CA ASP D 809 -33.57 30.82 -40.00
C ASP D 809 -32.97 31.68 -41.10
N LYS D 810 -31.66 31.52 -41.36
CA LYS D 810 -31.03 32.26 -42.44
C LYS D 810 -31.68 31.93 -43.78
N SER D 811 -32.00 30.66 -44.01
CA SER D 811 -32.65 30.28 -45.26
C SER D 811 -34.03 30.93 -45.39
N GLN D 812 -34.77 31.01 -44.28
CA GLN D 812 -36.05 31.70 -44.28
C GLN D 812 -35.88 33.16 -44.72
N ALA D 813 -34.87 33.84 -44.15
CA ALA D 813 -34.62 35.22 -44.52
C ALA D 813 -34.34 35.35 -46.01
N THR D 814 -33.52 34.45 -46.56
CA THR D 814 -33.16 34.53 -47.97
C THR D 814 -34.38 34.34 -48.87
N GLU D 815 -35.21 33.34 -48.57
CA GLU D 815 -36.39 33.09 -49.41
C GLU D 815 -37.39 34.24 -49.30
N GLU D 816 -37.51 34.86 -48.13
CA GLU D 816 -38.38 36.02 -48.01
C GLU D 816 -37.88 37.19 -48.84
N LEU D 817 -36.56 37.41 -48.85
CA LEU D 817 -36.01 38.45 -49.72
C LEU D 817 -36.26 38.12 -51.20
N ALA D 818 -36.23 36.84 -51.55
CA ALA D 818 -36.50 36.45 -52.93
C ALA D 818 -37.94 36.79 -53.31
N ILE D 819 -38.90 36.48 -52.44
CA ILE D 819 -40.29 36.80 -52.77
C ILE D 819 -40.49 38.31 -52.79
N LEU D 820 -39.76 39.05 -51.95
CA LEU D 820 -39.86 40.51 -51.99
C LEU D 820 -39.34 41.06 -53.31
N ILE D 821 -38.25 40.48 -53.83
CA ILE D 821 -37.78 40.86 -55.16
C ILE D 821 -38.85 40.57 -56.21
N HIS D 822 -39.46 39.39 -56.12
CA HIS D 822 -40.50 39.03 -57.07
C HIS D 822 -41.65 40.04 -57.05
N LYS D 823 -42.02 40.51 -55.86
CA LYS D 823 -43.08 41.53 -55.78
C LYS D 823 -42.64 42.86 -56.38
N LEU D 824 -41.35 43.17 -56.32
CA LEU D 824 -40.83 44.42 -56.87
C LEU D 824 -41.09 44.49 -58.38
CAA Y01 E . 20.97 -33.32 -8.57
CBA Y01 E . 20.45 -31.91 -8.38
CAB Y01 E . 18.93 -31.87 -8.41
CAN Y01 E . 21.05 -30.97 -9.41
CAJ Y01 E . 20.69 -29.52 -9.10
CAO Y01 E . 21.37 -28.59 -10.09
CBB Y01 E . 21.00 -27.13 -9.88
CAC Y01 E . 21.53 -26.62 -8.54
CBE Y01 E . 21.51 -26.25 -11.03
CAP Y01 E . 22.51 -27.01 -11.89
CAQ Y01 E . 22.01 -26.96 -13.33
CBG Y01 E . 21.12 -25.74 -13.32
CBI Y01 E . 20.42 -25.75 -11.97
CAE Y01 E . 19.23 -26.71 -11.98
CAU Y01 E . 19.92 -24.35 -11.71
CAS Y01 E . 18.98 -23.93 -12.85
CBF Y01 E . 19.55 -24.15 -14.27
CBD Y01 E . 20.13 -25.54 -14.46
CAK Y01 E . 20.83 -25.62 -15.81
CAI Y01 E . 19.96 -25.04 -16.91
CAZ Y01 E . 18.88 -24.27 -16.69
CAV Y01 E . 18.01 -23.82 -17.85
CBH Y01 E . 18.46 -23.87 -15.30
CAD Y01 E . 17.19 -24.64 -14.95
CAT Y01 E . 18.23 -22.37 -15.26
CAR Y01 E . 17.28 -21.95 -16.36
CBC Y01 E . 17.80 -22.32 -17.74
OAW Y01 E . 16.93 -21.78 -18.76
CAY Y01 E . 15.50 -22.12 -18.74
OAG Y01 E . 14.78 -21.89 -17.79
CAM Y01 E . 14.89 -22.68 -19.99
CAL Y01 E . 14.58 -21.53 -20.93
CAX Y01 E . 15.88 -20.88 -21.36
OAH Y01 E . 17.05 -21.46 -21.14
OAF Y01 E . 15.86 -19.80 -21.95
ZN ZN F . 31.74 26.92 -20.96
CA CA G . -10.82 31.51 -30.07
CAA Y01 H . 38.26 3.11 12.25
CBA Y01 H . 36.77 3.26 12.00
CAB Y01 H . 36.39 2.76 10.61
CAN Y01 H . 36.33 4.70 12.19
CAJ Y01 H . 34.81 4.82 12.14
CAO Y01 H . 34.38 6.25 12.43
CBB Y01 H . 32.88 6.45 12.32
CAC Y01 H . 32.15 5.66 13.41
CBE Y01 H . 32.51 7.93 12.38
CAP Y01 H . 33.69 8.78 12.86
CAQ Y01 H . 33.95 9.85 11.81
CBG Y01 H . 32.60 9.95 11.13
CBI Y01 H . 32.06 8.54 11.05
CAE Y01 H . 32.69 7.77 9.88
CAU Y01 H . 30.57 8.64 10.84
CAS Y01 H . 30.30 9.43 9.56
CBF Y01 H . 31.04 10.77 9.46
CBD Y01 H . 32.52 10.65 9.78
CAK Y01 H . 33.15 12.04 9.84
CAI Y01 H . 32.72 12.88 8.66
CAZ Y01 H . 31.70 12.57 7.84
CAV Y01 H . 31.42 13.43 6.62
CBH Y01 H . 30.83 11.36 8.08
CAD Y01 H . 31.15 10.33 7.00
CAT Y01 H . 29.37 11.79 8.02
CAR Y01 H . 29.07 12.54 6.74
CBC Y01 H . 29.93 13.79 6.61
OAW Y01 H . 29.53 14.55 5.46
CAY Y01 H . 29.50 13.90 4.14
OAG Y01 H . 28.85 12.90 3.90
CAM Y01 H . 30.26 14.54 3.01
CAL Y01 H . 29.38 15.67 2.45
CAX Y01 H . 29.19 16.74 3.50
OAH Y01 H . 29.94 16.75 4.60
OAF Y01 H . 28.36 17.61 3.35
ZN ZN I . -11.75 39.06 22.54
CA CA J . -23.15 33.25 -19.31
CAA Y01 K . -14.92 -32.14 19.17
CBA Y01 K . -14.36 -31.14 18.18
CAB Y01 K . -14.73 -29.71 18.57
CAN Y01 K . -14.83 -31.46 16.77
CAJ Y01 K . -14.11 -30.58 15.75
CAO Y01 K . -14.51 -30.98 14.34
CBB Y01 K . -13.87 -30.10 13.27
CAC Y01 K . -12.36 -30.28 13.24
CBE Y01 K . -14.48 -30.36 11.90
CAP Y01 K . -15.31 -31.65 11.90
CAQ Y01 K . -16.71 -31.30 11.41
CBG Y01 K . -16.46 -30.04 10.61
CBI Y01 K . -15.40 -29.26 11.38
CAE Y01 K . -16.03 -28.50 12.55
CAU Y01 K . -14.78 -28.27 10.42
CAS Y01 K . -15.88 -27.37 9.86
CBF Y01 K . -17.11 -28.09 9.30
CBD Y01 K . -17.65 -29.16 10.24
CAK Y01 K . -18.75 -29.96 9.56
CAI Y01 K . -19.73 -29.05 8.84
CAZ Y01 K . -19.51 -27.75 8.59
CAV Y01 K . -20.58 -26.90 7.97
CBH Y01 K . -18.19 -27.09 8.94
CAD Y01 K . -18.44 -26.14 10.11
CAT Y01 K . -17.67 -26.33 7.73
CAR Y01 K . -18.73 -25.40 7.18
CBC Y01 K . -19.99 -26.15 6.77
OAW Y01 K . -20.93 -25.25 6.14
CAY Y01 K . -21.35 -24.05 6.84
OAG Y01 K . -20.57 -23.19 7.25
CAM Y01 K . -22.83 -23.79 7.00
CAL Y01 K . -23.33 -23.19 5.70
CAX Y01 K . -23.19 -24.20 4.59
OAH Y01 K . -22.93 -25.47 4.84
OAF Y01 K . -23.34 -23.85 3.41
ZN ZN L . -2.00 -21.95 -41.06
CA CA M . -18.35 18.40 -36.59
CAA Y01 N . 2.36 4.29 39.99
CBA Y01 N . 1.96 4.03 38.56
CAB Y01 N . 2.74 4.91 37.59
CAN Y01 N . 0.46 4.21 38.37
CAJ Y01 N . 0.02 3.75 36.99
CAO Y01 N . -1.49 3.85 36.86
CBB Y01 N . -2.00 3.48 35.47
CAC Y01 N . -1.74 2.00 35.19
CBE Y01 N . -3.48 3.82 35.30
CAP Y01 N . -4.13 4.13 36.65
CAQ Y01 N . -4.77 5.51 36.55
CBG Y01 N . -4.98 5.65 35.05
CBI Y01 N . -3.76 5.03 34.41
CAE Y01 N . -2.57 5.98 34.41
CAU Y01 N . -4.14 4.70 32.98
CAS Y01 N . -4.56 5.99 32.27
CBF Y01 N . -5.62 6.82 33.03
CBD Y01 N . -5.26 7.03 34.49
CAK Y01 N . -6.42 7.70 35.21
CAI Y01 N . -6.97 8.87 34.41
CAZ Y01 N . -6.68 9.10 33.12
CAV Y01 N . -7.19 10.35 32.44
CBH Y01 N . -5.82 8.15 32.32
CAD Y01 N . -4.48 8.82 32.06
CAT Y01 N . -6.53 7.82 31.01
CAR Y01 N . -6.93 9.08 30.29
CBC Y01 N . -7.86 9.95 31.12
OAW Y01 N . -8.32 11.08 30.36
CAY Y01 N . -7.35 11.97 29.72
OAG Y01 N . -6.50 11.59 28.93
CAM Y01 N . -7.46 13.44 30.00
CAL Y01 N . -8.54 14.01 29.07
CAX Y01 N . -9.88 13.42 29.45
OAH Y01 N . -10.04 12.74 30.58
OAF Y01 N . -10.84 13.56 28.71
ZN ZN O . -45.49 -9.81 2.44
CA CA P . -30.68 20.13 -25.83
#